data_4WKG
#
_entry.id   4WKG
#
_cell.length_a   106.720
_cell.length_b   112.820
_cell.length_c   113.610
_cell.angle_alpha   81.92
_cell.angle_beta   82.96
_cell.angle_gamma   83.80
#
_symmetry.space_group_name_H-M   'P 1'
#
loop_
_entity.id
_entity.type
_entity.pdbx_description
1 polymer 'Bifunctional polymyxin resistance protein ArnA'
2 non-polymer 2,3-DIHYDROXY-1,4-DITHIOBUTANE
3 non-polymer 'ACETATE ION'
4 water water
#
_entity_poly.entity_id   1
_entity_poly.type   'polypeptide(L)'
_entity_poly.pdbx_seq_one_letter_code
;MKTVVFAYHDMGCLGIEALLAAGYEISAIFTHTDNPGEKAFYGSVARLAAERGIPVYAPDNVNHPLWVERIAQLSPDVIF
SFYYRHLIYDEILQLAPAGAFNLHGSLLPKYRGRAPLNWVLVNGETETGVTLHRMVKRADAGAIVAQLRIAIAPDDIAIT
LHHKLCHAARQLLEQTLPAIKHGNILEIAQRENEATCFGRRTPDDSFLEWHKPASVLHNMVRAVADPWPGAFSYVGNQKF
TVWSSRVHPHASKAQPGSVISVAPLLIACGDGALEIVTGQAGDGITMQGSQLAQTLGLVQGSRLNSQPACTARRRTRVLI
LGVNGFIGNHLTERLLREDHYEVYGLDIGSDAISRFLNHPHFHFVEGDISIHSEWIEYHVKKCDVVLPLVAIATPIEYTR
NPLRVFELDFEENLRIIRYCVKYRKRIIFPSTSEVYGMCSDKYFDEDHSNLIVGPVNKPRWIYSVSKQLLDRVIWAYGEK
EGLQFTLFRPFNWMGPRLDNLNAARIGSSRAITQLILNLVEGSPIKLIDGGKQKRCFTDIRDGIEALYRIIENAGNRCDG
EIINIGNPENEASIEELGEMLLASFEKHPLRHHFPPFAGFRVVESSSYYGKGYQDVEHRKPSIRNAHRCLDWEPKIDMQE
TIDETLDFFLRTVDLTDKPS
;
_entity_poly.pdbx_strand_id   A,B,C,D,E,F
#
loop_
_chem_comp.id
_chem_comp.type
_chem_comp.name
_chem_comp.formula
ACT non-polymer 'ACETATE ION' 'C2 H3 O2 -1'
DTT non-polymer 2,3-DIHYDROXY-1,4-DITHIOBUTANE 'C4 H10 O2 S2'
#
# COMPACT_ATOMS: atom_id res chain seq x y z
N MET A 1 -68.70 20.26 -28.72
CA MET A 1 -67.37 20.93 -28.75
C MET A 1 -66.24 19.91 -28.73
N LYS A 2 -65.05 20.34 -29.08
CA LYS A 2 -63.84 19.52 -28.92
C LYS A 2 -63.01 20.05 -27.78
N THR A 3 -62.50 19.13 -26.97
CA THR A 3 -61.69 19.50 -25.82
C THR A 3 -60.45 18.64 -25.66
N VAL A 4 -59.41 19.27 -25.12
CA VAL A 4 -58.25 18.58 -24.58
C VAL A 4 -58.29 18.84 -23.08
N VAL A 5 -58.26 17.76 -22.30
CA VAL A 5 -58.46 17.86 -20.86
C VAL A 5 -57.16 17.63 -20.12
N PHE A 6 -56.92 18.44 -19.10
CA PHE A 6 -55.82 18.25 -18.18
C PHE A 6 -56.42 17.84 -16.85
N ALA A 7 -56.20 16.59 -16.47
CA ALA A 7 -56.95 16.01 -15.35
C ALA A 7 -56.13 15.06 -14.49
N TYR A 8 -56.46 15.04 -13.20
CA TYR A 8 -55.86 14.12 -12.25
C TYR A 8 -56.85 13.81 -11.11
N HIS A 9 -56.67 12.64 -10.50
CA HIS A 9 -57.44 12.24 -9.33
C HIS A 9 -58.97 12.17 -9.52
N ASP A 10 -59.71 12.41 -8.45
CA ASP A 10 -61.17 12.27 -8.43
C ASP A 10 -61.83 13.37 -9.24
N MET A 11 -61.37 14.59 -9.02
CA MET A 11 -61.86 15.74 -9.75
C MET A 11 -61.67 15.55 -11.25
N GLY A 12 -60.51 15.02 -11.61
CA GLY A 12 -60.24 14.69 -13.00
C GLY A 12 -61.23 13.67 -13.54
N CYS A 13 -61.40 12.57 -12.82
CA CYS A 13 -62.35 11.57 -13.24
C CYS A 13 -63.78 12.11 -13.41
N LEU A 14 -64.34 12.71 -12.35
CA LEU A 14 -65.71 13.21 -12.41
C LEU A 14 -65.84 14.32 -13.43
N GLY A 15 -64.79 15.14 -13.55
CA GLY A 15 -64.77 16.19 -14.56
C GLY A 15 -64.92 15.61 -15.94
N ILE A 16 -64.08 14.63 -16.26
CA ILE A 16 -64.13 13.96 -17.56
C ILE A 16 -65.50 13.31 -17.80
N GLU A 17 -66.02 12.60 -16.79
CA GLU A 17 -67.32 11.95 -16.92
C GLU A 17 -68.42 12.96 -17.23
N ALA A 18 -68.43 14.05 -16.47
CA ALA A 18 -69.39 15.13 -16.69
C ALA A 18 -69.22 15.72 -18.09
N LEU A 19 -67.97 15.85 -18.50
CA LEU A 19 -67.67 16.38 -19.84
C LEU A 19 -68.27 15.49 -20.92
N LEU A 20 -68.06 14.18 -20.80
CA LEU A 20 -68.62 13.24 -21.77
C LEU A 20 -70.14 13.24 -21.73
N ALA A 21 -70.71 13.25 -20.53
CA ALA A 21 -72.15 13.27 -20.36
C ALA A 21 -72.79 14.51 -20.99
N ALA A 22 -71.99 15.57 -21.16
CA ALA A 22 -72.48 16.81 -21.73
C ALA A 22 -72.33 16.83 -23.25
N GLY A 23 -71.83 15.74 -23.82
CA GLY A 23 -71.72 15.62 -25.26
C GLY A 23 -70.48 16.26 -25.84
N TYR A 24 -69.50 16.53 -24.99
CA TYR A 24 -68.21 17.01 -25.46
C TYR A 24 -67.44 15.90 -26.16
N GLU A 25 -66.57 16.28 -27.08
CA GLU A 25 -65.63 15.34 -27.69
C GLU A 25 -64.25 15.56 -27.11
N ILE A 26 -63.78 14.60 -26.33
CA ILE A 26 -62.46 14.70 -25.71
C ILE A 26 -61.44 14.08 -26.65
N SER A 27 -60.58 14.92 -27.21
CA SER A 27 -59.62 14.48 -28.21
C SER A 27 -58.43 13.78 -27.55
N ALA A 28 -58.00 14.33 -26.41
CA ALA A 28 -56.94 13.72 -25.63
C ALA A 28 -57.01 14.18 -24.19
N ILE A 29 -56.37 13.42 -23.32
CA ILE A 29 -56.30 13.75 -21.90
C ILE A 29 -54.83 13.75 -21.47
N PHE A 30 -54.44 14.79 -20.73
CA PHE A 30 -53.09 14.87 -20.17
C PHE A 30 -53.18 14.71 -18.67
N THR A 31 -52.33 13.83 -18.14
CA THR A 31 -52.40 13.45 -16.74
C THR A 31 -51.01 13.14 -16.19
N HIS A 32 -50.96 12.53 -15.00
CA HIS A 32 -49.70 12.20 -14.34
C HIS A 32 -49.57 10.72 -14.04
N THR A 33 -48.33 10.27 -13.87
CA THR A 33 -48.05 8.94 -13.34
C THR A 33 -48.32 8.95 -11.85
N ASP A 34 -48.52 7.77 -11.25
CA ASP A 34 -48.84 7.75 -9.82
C ASP A 34 -47.61 7.55 -8.95
N ASN A 35 -47.52 8.43 -7.94
CA ASN A 35 -46.48 8.39 -6.92
C ASN A 35 -46.82 7.28 -5.92
N PRO A 36 -45.83 6.80 -5.14
CA PRO A 36 -46.04 5.59 -4.32
C PRO A 36 -47.28 5.65 -3.42
N PHE A 41 -56.58 5.76 -2.93
CA PHE A 41 -57.91 6.30 -2.66
C PHE A 41 -58.51 6.96 -3.90
N TYR A 42 -57.66 7.67 -4.64
CA TYR A 42 -58.10 8.40 -5.82
C TYR A 42 -58.40 7.53 -7.03
N GLY A 43 -59.40 7.93 -7.81
CA GLY A 43 -59.68 7.30 -9.08
C GLY A 43 -58.60 7.68 -10.07
N SER A 44 -58.34 6.80 -11.03
CA SER A 44 -57.34 7.05 -12.06
C SER A 44 -57.93 7.70 -13.31
N VAL A 45 -57.37 8.84 -13.71
CA VAL A 45 -57.79 9.50 -14.93
C VAL A 45 -57.37 8.66 -16.13
N ALA A 46 -56.21 8.03 -16.01
CA ALA A 46 -55.66 7.19 -17.07
C ALA A 46 -56.55 5.95 -17.29
N ARG A 47 -56.91 5.29 -16.21
CA ARG A 47 -57.77 4.11 -16.26
C ARG A 47 -59.10 4.47 -16.93
N LEU A 48 -59.65 5.62 -16.56
CA LEU A 48 -60.90 6.10 -17.14
C LEU A 48 -60.74 6.40 -18.62
N ALA A 49 -59.70 7.17 -18.95
CA ALA A 49 -59.44 7.51 -20.34
C ALA A 49 -59.30 6.24 -21.16
N ALA A 50 -58.59 5.27 -20.59
CA ALA A 50 -58.36 4.00 -21.26
C ALA A 50 -59.67 3.27 -21.50
N GLU A 51 -60.52 3.19 -20.49
CA GLU A 51 -61.81 2.52 -20.64
C GLU A 51 -62.72 3.19 -21.68
N ARG A 52 -62.63 4.51 -21.80
CA ARG A 52 -63.49 5.27 -22.73
C ARG A 52 -62.88 5.40 -24.12
N GLY A 53 -61.73 4.78 -24.34
CA GLY A 53 -61.09 4.79 -25.65
C GLY A 53 -60.59 6.17 -26.05
N ILE A 54 -60.16 6.95 -25.07
CA ILE A 54 -59.60 8.27 -25.30
C ILE A 54 -58.06 8.23 -25.16
N PRO A 55 -57.33 8.75 -26.15
CA PRO A 55 -55.87 8.77 -25.95
C PRO A 55 -55.45 9.63 -24.75
N VAL A 56 -54.57 9.09 -23.91
CA VAL A 56 -54.13 9.76 -22.69
C VAL A 56 -52.60 9.78 -22.58
N TYR A 57 -52.04 10.92 -22.17
CA TYR A 57 -50.59 11.10 -22.08
C TYR A 57 -50.18 11.63 -20.71
N ALA A 58 -48.95 11.35 -20.29
CA ALA A 58 -48.44 11.87 -19.02
C ALA A 58 -46.99 12.34 -19.07
N PRO A 59 -46.71 13.34 -19.90
CA PRO A 59 -45.37 13.93 -19.88
C PRO A 59 -45.11 14.70 -18.57
N ASP A 60 -43.85 14.87 -18.20
CA ASP A 60 -43.51 15.61 -16.99
C ASP A 60 -43.78 17.08 -17.20
N ASN A 61 -43.43 17.59 -18.38
CA ASN A 61 -43.75 18.95 -18.77
C ASN A 61 -44.45 18.97 -20.14
N VAL A 62 -45.73 19.34 -20.14
CA VAL A 62 -46.53 19.33 -21.35
C VAL A 62 -46.22 20.55 -22.22
N ASN A 63 -45.51 21.51 -21.67
CA ASN A 63 -45.23 22.76 -22.37
C ASN A 63 -44.04 22.64 -23.31
N HIS A 64 -43.44 21.45 -23.35
CA HIS A 64 -42.40 21.12 -24.31
C HIS A 64 -42.99 21.35 -25.71
N PRO A 65 -42.24 22.01 -26.63
CA PRO A 65 -42.75 22.38 -27.95
C PRO A 65 -43.51 21.29 -28.70
N LEU A 66 -42.98 20.07 -28.60
CA LEU A 66 -43.56 18.89 -29.20
C LEU A 66 -45.04 18.69 -28.82
N TRP A 67 -45.30 18.69 -27.52
CA TRP A 67 -46.64 18.50 -27.00
C TRP A 67 -47.56 19.66 -27.38
N VAL A 68 -47.01 20.87 -27.40
CA VAL A 68 -47.76 22.04 -27.86
C VAL A 68 -48.22 21.80 -29.30
N GLU A 69 -47.29 21.38 -30.15
CA GLU A 69 -47.61 21.07 -31.54
C GLU A 69 -48.68 19.99 -31.61
N ARG A 70 -48.52 18.94 -30.81
CA ARG A 70 -49.46 17.82 -30.81
C ARG A 70 -50.88 18.29 -30.42
N ILE A 71 -50.96 19.08 -29.35
CA ILE A 71 -52.23 19.65 -28.93
C ILE A 71 -52.80 20.57 -30.01
N ALA A 72 -51.92 21.33 -30.67
CA ALA A 72 -52.35 22.18 -31.77
C ALA A 72 -53.00 21.33 -32.86
N GLN A 73 -52.34 20.23 -33.24
CA GLN A 73 -52.91 19.33 -34.24
C GLN A 73 -54.28 18.83 -33.79
N LEU A 74 -54.41 18.47 -32.51
CA LEU A 74 -55.73 18.08 -31.99
C LEU A 74 -56.78 19.19 -32.15
N SER A 75 -56.34 20.45 -32.13
CA SER A 75 -57.20 21.59 -32.42
C SER A 75 -58.47 21.64 -31.56
N PRO A 76 -58.31 21.86 -30.24
CA PRO A 76 -59.45 21.92 -29.33
C PRO A 76 -60.23 23.24 -29.41
N ASP A 77 -61.54 23.19 -29.17
CA ASP A 77 -62.35 24.41 -29.10
C ASP A 77 -62.18 25.09 -27.76
N VAL A 78 -62.21 24.28 -26.69
CA VAL A 78 -62.04 24.77 -25.33
C VAL A 78 -61.20 23.77 -24.56
N ILE A 79 -60.46 24.28 -23.56
CA ILE A 79 -59.60 23.46 -22.73
C ILE A 79 -60.13 23.44 -21.29
N PHE A 80 -60.00 22.29 -20.64
CA PHE A 80 -60.42 22.13 -19.26
C PHE A 80 -59.29 21.58 -18.39
N SER A 81 -59.16 22.17 -17.20
CA SER A 81 -58.20 21.70 -16.22
C SER A 81 -58.93 21.26 -14.94
N PHE A 82 -58.90 19.96 -14.68
CA PHE A 82 -59.44 19.45 -13.43
C PHE A 82 -58.33 18.85 -12.60
N TYR A 83 -57.90 19.58 -11.57
CA TYR A 83 -56.89 19.13 -10.62
C TYR A 83 -55.59 18.60 -11.23
N TYR A 84 -55.21 19.16 -12.37
CA TYR A 84 -53.90 18.91 -12.97
C TYR A 84 -52.84 19.59 -12.10
N ARG A 85 -51.89 18.82 -11.59
CA ARG A 85 -50.92 19.32 -10.62
C ARG A 85 -49.78 20.12 -11.25
N HIS A 86 -49.32 19.70 -12.41
CA HIS A 86 -48.26 20.43 -13.12
C HIS A 86 -48.86 21.71 -13.69
N LEU A 87 -48.00 22.69 -13.97
CA LEU A 87 -48.48 24.01 -14.33
C LEU A 87 -48.54 24.20 -15.85
N ILE A 88 -49.70 24.59 -16.35
CA ILE A 88 -49.90 24.82 -17.78
C ILE A 88 -49.79 26.30 -18.04
N TYR A 89 -48.83 26.71 -18.86
CA TYR A 89 -48.63 28.13 -19.12
C TYR A 89 -49.02 28.53 -20.55
N ASP A 90 -49.22 29.83 -20.71
CA ASP A 90 -50.00 30.44 -21.78
C ASP A 90 -49.85 29.92 -23.20
N GLU A 91 -48.62 29.57 -23.61
CA GLU A 91 -48.34 29.14 -24.98
C GLU A 91 -49.36 28.11 -25.47
N ILE A 92 -49.59 27.07 -24.67
CA ILE A 92 -50.56 26.03 -25.00
C ILE A 92 -51.97 26.50 -24.62
N LEU A 93 -52.03 27.34 -23.60
CA LEU A 93 -53.30 27.81 -23.04
C LEU A 93 -54.13 28.56 -24.07
N GLN A 94 -53.48 29.37 -24.88
CA GLN A 94 -54.18 30.22 -25.85
C GLN A 94 -54.54 29.53 -27.17
N LEU A 95 -54.27 28.24 -27.28
CA LEU A 95 -54.58 27.49 -28.51
C LEU A 95 -56.06 27.25 -28.76
N ALA A 96 -56.85 27.20 -27.69
CA ALA A 96 -58.28 26.95 -27.80
C ALA A 96 -59.05 28.27 -27.87
N PRO A 97 -59.78 28.50 -28.98
CA PRO A 97 -60.45 29.80 -29.15
C PRO A 97 -61.48 30.12 -28.07
N ALA A 98 -62.28 29.15 -27.66
CA ALA A 98 -63.30 29.39 -26.64
C ALA A 98 -62.67 29.57 -25.26
N GLY A 99 -61.37 29.33 -25.16
CA GLY A 99 -60.63 29.58 -23.93
C GLY A 99 -60.38 28.32 -23.12
N ALA A 100 -59.91 28.51 -21.89
CA ALA A 100 -59.61 27.40 -20.98
C ALA A 100 -60.16 27.64 -19.59
N PHE A 101 -60.79 26.63 -19.02
CA PHE A 101 -61.39 26.73 -17.68
C PHE A 101 -60.73 25.78 -16.70
N ASN A 102 -60.66 26.18 -15.43
CA ASN A 102 -60.08 25.39 -14.37
C ASN A 102 -61.08 25.20 -13.25
N LEU A 103 -61.11 23.98 -12.71
CA LEU A 103 -61.96 23.66 -11.56
C LEU A 103 -61.13 23.70 -10.29
N HIS A 104 -61.49 24.58 -9.37
CA HIS A 104 -60.73 24.77 -8.14
C HIS A 104 -61.57 24.51 -6.89
N GLY A 105 -60.91 24.00 -5.86
CA GLY A 105 -61.56 23.45 -4.68
C GLY A 105 -61.85 24.41 -3.54
N SER A 106 -62.02 25.70 -3.84
CA SER A 106 -62.36 26.67 -2.80
C SER A 106 -63.37 27.69 -3.28
N LEU A 107 -63.72 28.63 -2.40
CA LEU A 107 -64.52 29.78 -2.78
C LEU A 107 -63.56 30.86 -3.21
N LEU A 108 -63.48 31.11 -4.51
CA LEU A 108 -62.52 32.06 -5.01
C LEU A 108 -63.13 33.45 -4.89
N PRO A 109 -62.29 34.49 -4.74
CA PRO A 109 -60.82 34.52 -4.68
C PRO A 109 -60.15 33.93 -3.43
N LYS A 110 -60.89 33.64 -2.37
CA LYS A 110 -60.28 33.09 -1.16
C LYS A 110 -59.68 31.69 -1.37
N TYR A 111 -58.59 31.41 -0.68
CA TYR A 111 -57.93 30.10 -0.72
C TYR A 111 -57.56 29.69 -2.15
N ARG A 112 -57.12 30.64 -2.95
CA ARG A 112 -56.81 30.39 -4.36
C ARG A 112 -55.49 29.62 -4.54
N GLY A 113 -54.75 29.40 -3.47
CA GLY A 113 -53.50 28.67 -3.53
C GLY A 113 -53.72 27.18 -3.78
N ARG A 114 -52.81 26.34 -3.31
CA ARG A 114 -52.96 24.90 -3.52
C ARG A 114 -53.21 24.16 -2.21
N ALA A 115 -53.81 22.98 -2.31
CA ALA A 115 -54.31 22.22 -1.16
C ALA A 115 -55.31 23.03 -0.31
N PRO A 116 -56.34 23.62 -0.96
CA PRO A 116 -57.36 24.38 -0.22
C PRO A 116 -58.16 23.55 0.77
N LEU A 117 -58.41 22.28 0.43
CA LEU A 117 -59.15 21.35 1.28
C LEU A 117 -58.60 21.32 2.70
N ASN A 118 -57.29 21.16 2.81
CA ASN A 118 -56.65 21.05 4.10
C ASN A 118 -56.63 22.39 4.82
N TRP A 119 -56.33 23.43 4.07
CA TRP A 119 -56.21 24.78 4.63
C TRP A 119 -57.53 25.28 5.22
N VAL A 120 -58.64 25.04 4.54
CA VAL A 120 -59.93 25.47 5.09
C VAL A 120 -60.24 24.74 6.40
N LEU A 121 -59.72 23.53 6.58
CA LEU A 121 -59.87 22.85 7.87
C LEU A 121 -58.90 23.41 8.92
N VAL A 122 -57.64 23.60 8.55
CA VAL A 122 -56.65 24.14 9.49
C VAL A 122 -57.14 25.45 10.09
N ASN A 123 -57.69 26.33 9.24
CA ASN A 123 -58.12 27.66 9.66
C ASN A 123 -59.48 27.66 10.37
N GLY A 124 -60.15 26.51 10.39
CA GLY A 124 -61.40 26.38 11.11
C GLY A 124 -62.55 27.07 10.42
N GLU A 125 -62.56 27.00 9.08
CA GLU A 125 -63.59 27.63 8.29
C GLU A 125 -64.90 26.84 8.36
N THR A 126 -66.02 27.55 8.36
CA THR A 126 -67.35 26.91 8.43
C THR A 126 -67.94 26.59 7.07
N GLU A 127 -67.32 27.09 6.01
CA GLU A 127 -67.79 26.82 4.66
C GLU A 127 -66.67 26.90 3.64
N THR A 128 -66.90 26.25 2.51
CA THR A 128 -65.97 26.24 1.39
C THR A 128 -66.79 25.94 0.15
N GLY A 129 -66.13 25.63 -0.97
CA GLY A 129 -66.85 25.22 -2.16
C GLY A 129 -65.98 24.90 -3.36
N VAL A 130 -66.60 24.87 -4.53
CA VAL A 130 -65.90 24.62 -5.78
C VAL A 130 -66.17 25.75 -6.76
N THR A 131 -65.14 26.12 -7.53
CA THR A 131 -65.23 27.24 -8.46
C THR A 131 -64.75 26.82 -9.84
N LEU A 132 -65.55 27.12 -10.87
CA LEU A 132 -65.09 26.97 -12.24
C LEU A 132 -64.74 28.34 -12.78
N HIS A 133 -63.46 28.55 -13.10
CA HIS A 133 -63.03 29.87 -13.53
C HIS A 133 -62.18 29.79 -14.79
N ARG A 134 -61.98 30.94 -15.44
CA ARG A 134 -61.20 30.99 -16.66
C ARG A 134 -59.73 31.11 -16.32
N MET A 135 -58.88 30.36 -17.01
CA MET A 135 -57.45 30.39 -16.72
C MET A 135 -56.77 31.61 -17.34
N VAL A 136 -55.61 31.96 -16.78
CA VAL A 136 -54.83 33.15 -17.17
C VAL A 136 -53.47 33.10 -16.46
N LYS A 137 -52.63 34.10 -16.70
CA LYS A 137 -51.24 34.09 -16.22
C LYS A 137 -51.13 33.91 -14.70
N ARG A 138 -51.96 34.61 -13.94
CA ARG A 138 -51.94 34.48 -12.49
C ARG A 138 -52.74 33.26 -12.06
N ALA A 139 -52.17 32.49 -11.14
CA ALA A 139 -52.77 31.23 -10.74
C ALA A 139 -54.12 31.41 -10.07
N ASP A 140 -55.13 30.75 -10.62
CA ASP A 140 -56.47 30.72 -10.05
C ASP A 140 -57.09 32.11 -9.88
N ALA A 141 -56.62 33.07 -10.67
CA ALA A 141 -57.08 34.46 -10.56
C ALA A 141 -58.19 34.86 -11.53
N GLY A 142 -58.50 33.99 -12.50
CA GLY A 142 -59.38 34.38 -13.59
C GLY A 142 -60.85 34.52 -13.25
N ALA A 143 -61.63 35.01 -14.21
CA ALA A 143 -63.04 35.30 -14.00
C ALA A 143 -63.83 34.04 -13.65
N ILE A 144 -64.69 34.16 -12.64
CA ILE A 144 -65.49 33.04 -12.16
C ILE A 144 -66.71 32.79 -13.04
N VAL A 145 -66.76 31.62 -13.66
CA VAL A 145 -67.90 31.22 -14.49
C VAL A 145 -69.02 30.59 -13.65
N ALA A 146 -68.64 29.81 -12.64
CA ALA A 146 -69.59 29.11 -11.79
C ALA A 146 -69.03 28.87 -10.39
N GLN A 147 -69.90 28.85 -9.38
CA GLN A 147 -69.45 28.56 -8.03
C GLN A 147 -70.58 27.97 -7.18
N LEU A 148 -70.22 27.08 -6.27
CA LEU A 148 -71.18 26.42 -5.38
C LEU A 148 -70.64 26.28 -3.96
N ARG A 149 -71.38 26.78 -2.99
CA ARG A 149 -70.99 26.74 -1.60
C ARG A 149 -71.25 25.38 -0.95
N ILE A 150 -70.42 25.05 0.04
CA ILE A 150 -70.54 23.85 0.84
C ILE A 150 -70.37 24.19 2.32
N ALA A 151 -71.24 23.66 3.15
CA ALA A 151 -71.10 23.83 4.59
C ALA A 151 -70.05 22.83 5.09
N ILE A 152 -69.17 23.28 5.97
CA ILE A 152 -68.27 22.36 6.66
C ILE A 152 -68.85 22.04 8.02
N ALA A 153 -69.20 20.78 8.22
CA ALA A 153 -69.74 20.36 9.51
C ALA A 153 -68.59 20.32 10.51
N PRO A 154 -68.89 20.52 11.80
CA PRO A 154 -67.83 20.51 12.81
C PRO A 154 -67.06 19.18 12.82
N ASP A 155 -67.71 18.10 12.44
CA ASP A 155 -67.12 16.77 12.47
C ASP A 155 -66.48 16.35 11.14
N ASP A 156 -66.49 17.23 10.15
CA ASP A 156 -65.81 16.95 8.89
C ASP A 156 -64.31 16.84 9.07
N ILE A 157 -63.74 15.85 8.39
CA ILE A 157 -62.29 15.73 8.28
C ILE A 157 -61.96 15.79 6.80
N ALA A 158 -60.66 15.72 6.47
CA ALA A 158 -60.21 15.94 5.10
C ALA A 158 -60.97 15.09 4.08
N ILE A 159 -61.06 13.80 4.31
CA ILE A 159 -61.62 12.89 3.31
C ILE A 159 -63.12 13.12 3.10
N THR A 160 -63.87 13.31 4.18
CA THR A 160 -65.31 13.55 4.09
C THR A 160 -65.57 14.86 3.34
N LEU A 161 -64.80 15.89 3.68
CA LEU A 161 -64.93 17.17 3.01
C LEU A 161 -64.50 17.05 1.54
N HIS A 162 -63.47 16.25 1.28
CA HIS A 162 -63.04 15.98 -0.09
C HIS A 162 -64.18 15.39 -0.93
N HIS A 163 -64.86 14.38 -0.39
CA HIS A 163 -66.01 13.83 -1.10
C HIS A 163 -67.14 14.85 -1.26
N LYS A 164 -67.41 15.65 -0.23
CA LYS A 164 -68.36 16.76 -0.39
C LYS A 164 -67.96 17.68 -1.56
N LEU A 165 -66.68 18.02 -1.62
CA LEU A 165 -66.18 18.87 -2.69
C LEU A 165 -66.44 18.21 -4.05
N CYS A 166 -66.10 16.93 -4.15
CA CYS A 166 -66.34 16.18 -5.39
C CYS A 166 -67.82 16.18 -5.81
N HIS A 167 -68.72 15.90 -4.87
CA HIS A 167 -70.15 15.96 -5.16
C HIS A 167 -70.55 17.35 -5.68
N ALA A 168 -70.16 18.39 -4.94
CA ALA A 168 -70.48 19.75 -5.35
C ALA A 168 -69.94 20.06 -6.75
N ALA A 169 -68.73 19.59 -7.02
CA ALA A 169 -68.12 19.78 -8.34
C ALA A 169 -68.94 19.08 -9.41
N ARG A 170 -69.36 17.85 -9.12
CA ARG A 170 -70.19 17.09 -10.06
C ARG A 170 -71.50 17.85 -10.36
N GLN A 171 -72.16 18.37 -9.33
CA GLN A 171 -73.36 19.20 -9.57
C GLN A 171 -73.04 20.43 -10.42
N LEU A 172 -72.03 21.18 -9.98
CA LEU A 172 -71.60 22.41 -10.65
C LEU A 172 -71.40 22.16 -12.13
N LEU A 173 -70.56 21.18 -12.43
CA LEU A 173 -70.26 20.82 -13.80
C LEU A 173 -71.51 20.35 -14.53
N GLU A 174 -72.31 19.49 -13.90
CA GLU A 174 -73.52 19.00 -14.55
C GLU A 174 -74.37 20.16 -15.05
N GLN A 175 -74.64 21.16 -14.22
CA GLN A 175 -75.47 22.27 -14.69
C GLN A 175 -74.73 23.32 -15.55
N THR A 176 -73.48 23.66 -15.22
CA THR A 176 -72.80 24.75 -15.95
C THR A 176 -71.95 24.34 -17.17
N LEU A 177 -71.64 23.07 -17.34
CA LEU A 177 -70.87 22.63 -18.51
C LEU A 177 -71.67 22.79 -19.82
N PRO A 178 -72.97 22.43 -19.81
CA PRO A 178 -73.83 22.62 -21.00
C PRO A 178 -73.88 24.07 -21.47
N ALA A 179 -73.78 25.02 -20.55
CA ALA A 179 -73.80 26.43 -20.91
C ALA A 179 -72.55 26.81 -21.69
N ILE A 180 -71.41 26.24 -21.29
CA ILE A 180 -70.15 26.51 -21.94
C ILE A 180 -70.13 25.96 -23.37
N LYS A 181 -70.84 24.85 -23.59
CA LYS A 181 -70.88 24.22 -24.91
C LYS A 181 -71.54 25.15 -25.94
N HIS A 182 -72.15 26.21 -25.43
CA HIS A 182 -72.92 27.16 -26.22
C HIS A 182 -72.25 28.54 -26.18
N GLY A 183 -71.94 29.04 -24.98
CA GLY A 183 -71.52 30.42 -24.81
C GLY A 183 -72.54 31.25 -24.04
N ASN A 184 -73.42 30.54 -23.33
CA ASN A 184 -74.45 31.14 -22.49
C ASN A 184 -73.95 31.48 -21.09
N ILE A 185 -72.63 31.62 -20.94
CA ILE A 185 -71.99 31.89 -19.66
C ILE A 185 -71.76 33.38 -19.37
N LEU A 186 -71.95 33.76 -18.12
CA LEU A 186 -71.51 35.07 -17.63
C LEU A 186 -70.12 34.90 -17.01
N GLU A 187 -69.29 35.92 -17.13
CA GLU A 187 -67.98 35.92 -16.47
C GLU A 187 -67.90 37.04 -15.45
N ILE A 188 -67.86 36.64 -14.18
CA ILE A 188 -67.71 37.58 -13.07
C ILE A 188 -66.26 37.65 -12.59
N ALA A 189 -65.65 38.81 -12.79
CA ALA A 189 -64.25 39.02 -12.44
C ALA A 189 -64.05 38.91 -10.93
N GLN A 190 -62.90 38.40 -10.54
CA GLN A 190 -62.56 38.22 -9.12
C GLN A 190 -62.13 39.53 -8.48
N ARG A 191 -62.49 39.71 -7.20
CA ARG A 191 -62.12 40.91 -6.47
C ARG A 191 -60.75 40.65 -5.84
N GLU A 192 -59.75 41.34 -6.38
CA GLU A 192 -58.36 41.02 -6.08
C GLU A 192 -57.91 41.39 -4.67
N ASN A 193 -58.53 42.39 -4.07
CA ASN A 193 -58.13 42.82 -2.73
C ASN A 193 -58.76 41.98 -1.61
N GLU A 194 -59.73 41.14 -1.97
CA GLU A 194 -60.37 40.24 -1.02
C GLU A 194 -59.75 38.83 -1.07
N ALA A 195 -58.77 38.64 -1.95
CA ALA A 195 -58.19 37.33 -2.20
C ALA A 195 -57.30 36.85 -1.06
N THR A 196 -57.24 35.53 -0.87
CA THR A 196 -56.36 34.90 0.11
C THR A 196 -55.70 33.67 -0.52
N CYS A 197 -54.40 33.48 -0.27
CA CYS A 197 -53.62 32.42 -0.91
C CYS A 197 -52.73 31.61 0.04
N PHE A 198 -52.68 30.29 -0.16
CA PHE A 198 -51.86 29.39 0.65
C PHE A 198 -50.96 28.46 -0.19
N GLY A 199 -49.83 28.04 0.37
CA GLY A 199 -48.86 27.24 -0.37
C GLY A 199 -48.95 25.76 -0.06
N ARG A 200 -47.94 25.00 -0.49
CA ARG A 200 -47.93 23.55 -0.29
C ARG A 200 -47.57 23.20 1.15
N ARG A 201 -48.34 22.28 1.73
CA ARG A 201 -48.11 21.81 3.09
C ARG A 201 -47.06 20.70 3.14
N THR A 202 -46.21 20.74 4.16
CA THR A 202 -45.26 19.66 4.42
C THR A 202 -45.72 19.00 5.72
N PRO A 203 -45.40 17.70 5.91
CA PRO A 203 -45.85 17.03 7.13
C PRO A 203 -45.44 17.78 8.41
N ASP A 204 -44.32 18.49 8.34
CA ASP A 204 -43.84 19.28 9.47
C ASP A 204 -44.82 20.39 9.87
N ASP A 205 -45.75 20.71 8.97
CA ASP A 205 -46.78 21.72 9.25
C ASP A 205 -47.84 21.17 10.21
N SER A 206 -47.84 19.85 10.39
CA SER A 206 -48.86 19.19 11.19
C SER A 206 -48.44 18.98 12.65
N PHE A 207 -47.29 19.53 13.03
CA PHE A 207 -46.81 19.39 14.39
C PHE A 207 -47.77 20.05 15.36
N LEU A 208 -48.15 19.33 16.41
CA LEU A 208 -49.07 19.86 17.41
C LEU A 208 -48.32 20.66 18.47
N GLU A 209 -48.64 21.95 18.56
CA GLU A 209 -48.05 22.84 19.55
C GLU A 209 -49.07 23.10 20.65
N TRP A 210 -48.80 22.56 21.84
CA TRP A 210 -49.81 22.50 22.90
C TRP A 210 -50.11 23.85 23.57
N HIS A 211 -49.30 24.86 23.30
CA HIS A 211 -49.55 26.19 23.85
C HIS A 211 -50.70 26.89 23.11
N LYS A 212 -51.08 26.35 21.96
CA LYS A 212 -52.17 26.92 21.16
C LYS A 212 -53.52 26.51 21.71
N PRO A 213 -54.59 27.19 21.27
CA PRO A 213 -55.94 26.80 21.69
C PRO A 213 -56.31 25.37 21.27
N ALA A 214 -57.16 24.72 22.06
CA ALA A 214 -57.58 23.36 21.77
C ALA A 214 -58.31 23.31 20.43
N SER A 215 -59.00 24.40 20.10
CA SER A 215 -59.76 24.48 18.86
C SER A 215 -58.87 24.35 17.63
N VAL A 216 -57.77 25.09 17.65
CA VAL A 216 -56.81 25.09 16.55
C VAL A 216 -56.23 23.70 16.34
N LEU A 217 -55.90 23.06 17.45
CA LEU A 217 -55.32 21.71 17.42
C LEU A 217 -56.33 20.65 16.94
N HIS A 218 -57.55 20.73 17.46
CA HIS A 218 -58.62 19.85 16.97
C HIS A 218 -58.74 19.99 15.46
N ASN A 219 -58.81 21.24 15.02
CA ASN A 219 -58.84 21.54 13.59
C ASN A 219 -57.61 20.97 12.88
N MET A 220 -56.45 21.07 13.52
CA MET A 220 -55.22 20.49 12.97
C MET A 220 -55.41 19.01 12.66
N VAL A 221 -55.84 18.24 13.64
CA VAL A 221 -56.00 16.81 13.41
C VAL A 221 -57.13 16.55 12.41
N ARG A 222 -58.16 17.39 12.41
CA ARG A 222 -59.22 17.27 11.41
C ARG A 222 -58.69 17.47 9.99
N ALA A 223 -57.78 18.43 9.81
CA ALA A 223 -57.25 18.75 8.49
C ALA A 223 -56.43 17.63 7.84
N VAL A 224 -55.53 17.03 8.60
CA VAL A 224 -54.63 15.98 8.10
C VAL A 224 -55.04 14.53 8.45
N ALA A 225 -56.25 14.33 8.96
CA ALA A 225 -56.68 13.01 9.40
C ALA A 225 -56.58 11.96 8.28
N ASP A 226 -56.42 10.71 8.69
CA ASP A 226 -56.29 9.56 7.78
C ASP A 226 -57.37 9.60 6.72
N PRO A 227 -57.03 9.36 5.44
CA PRO A 227 -55.77 8.89 4.81
C PRO A 227 -54.56 9.85 4.84
N TRP A 228 -54.74 11.11 5.19
CA TRP A 228 -53.61 12.04 5.24
C TRP A 228 -52.62 11.67 6.35
N PRO A 229 -51.41 12.26 6.31
CA PRO A 229 -50.32 11.84 7.21
C PRO A 229 -50.62 11.95 8.70
N GLY A 230 -51.60 12.76 9.08
CA GLY A 230 -52.00 12.87 10.48
C GLY A 230 -51.20 13.89 11.27
N ALA A 231 -51.83 14.45 12.30
CA ALA A 231 -51.18 15.40 13.20
C ALA A 231 -50.40 14.62 14.25
N PHE A 232 -49.24 15.13 14.62
CA PHE A 232 -48.33 14.40 15.51
C PHE A 232 -47.69 15.25 16.59
N SER A 233 -47.17 14.57 17.61
CA SER A 233 -46.41 15.23 18.67
C SER A 233 -45.44 14.21 19.23
N TYR A 234 -44.73 14.56 20.30
CA TYR A 234 -43.71 13.68 20.87
C TYR A 234 -43.90 13.48 22.36
N VAL A 235 -43.72 12.25 22.83
CA VAL A 235 -43.57 11.97 24.25
C VAL A 235 -42.10 11.67 24.46
N GLY A 236 -41.38 12.61 25.08
CA GLY A 236 -39.94 12.50 25.13
C GLY A 236 -39.40 12.39 23.72
N ASN A 237 -38.64 11.33 23.47
CA ASN A 237 -38.10 11.07 22.14
C ASN A 237 -39.06 10.32 21.22
N GLN A 238 -40.12 9.74 21.80
CA GLN A 238 -41.05 8.93 21.02
C GLN A 238 -42.14 9.76 20.33
N LYS A 239 -42.23 9.61 19.02
CA LYS A 239 -43.22 10.32 18.22
C LYS A 239 -44.55 9.57 18.21
N PHE A 240 -45.65 10.31 18.30
CA PHE A 240 -46.97 9.71 18.19
C PHE A 240 -47.92 10.57 17.36
N THR A 241 -48.91 9.91 16.77
CA THR A 241 -49.86 10.53 15.85
C THR A 241 -51.26 10.52 16.45
N VAL A 242 -51.92 11.68 16.40
CA VAL A 242 -53.30 11.85 16.82
C VAL A 242 -54.23 11.74 15.61
N TRP A 243 -54.99 10.65 15.52
CA TRP A 243 -55.91 10.44 14.40
C TRP A 243 -57.28 11.11 14.56
N SER A 244 -57.82 11.08 15.78
CA SER A 244 -59.10 11.71 16.08
C SER A 244 -59.05 12.38 17.45
N SER A 245 -59.68 13.55 17.56
CA SER A 245 -59.60 14.34 18.80
C SER A 245 -60.95 14.94 19.24
N ARG A 246 -60.98 15.40 20.48
CA ARG A 246 -62.19 15.98 21.08
C ARG A 246 -61.84 17.21 21.93
N VAL A 247 -62.48 18.34 21.67
CA VAL A 247 -62.19 19.55 22.45
C VAL A 247 -62.90 19.50 23.81
N HIS A 248 -62.18 19.89 24.86
CA HIS A 248 -62.76 19.97 26.20
C HIS A 248 -62.77 21.41 26.71
N PRO A 249 -63.96 22.05 26.70
CA PRO A 249 -64.02 23.43 27.19
C PRO A 249 -63.69 23.51 28.68
N HIS A 250 -63.93 22.41 29.39
CA HIS A 250 -63.58 22.33 30.81
C HIS A 250 -62.08 22.58 30.96
N ALA A 251 -61.74 23.58 31.77
CA ALA A 251 -60.35 24.00 31.91
C ALA A 251 -59.59 23.07 32.84
N SER A 252 -58.29 23.34 33.00
CA SER A 252 -57.47 22.66 33.97
C SER A 252 -56.38 23.60 34.47
N LYS A 253 -56.09 23.55 35.76
CA LYS A 253 -55.04 24.37 36.33
C LYS A 253 -53.68 23.91 35.82
N ALA A 254 -53.66 22.69 35.27
CA ALA A 254 -52.43 22.12 34.73
C ALA A 254 -51.93 22.98 33.57
N GLN A 255 -50.63 23.20 33.51
CA GLN A 255 -50.05 24.02 32.46
C GLN A 255 -50.08 23.27 31.14
N PRO A 256 -50.09 24.02 30.01
CA PRO A 256 -50.19 23.42 28.67
C PRO A 256 -49.17 22.33 28.38
N GLY A 257 -49.65 21.21 27.84
CA GLY A 257 -48.79 20.10 27.45
C GLY A 257 -48.74 18.94 28.42
N SER A 258 -49.17 19.17 29.66
CA SER A 258 -49.16 18.12 30.65
C SER A 258 -50.36 17.18 30.46
N VAL A 259 -50.22 15.93 30.89
CA VAL A 259 -51.30 14.95 30.79
C VAL A 259 -52.21 15.01 32.01
N ILE A 260 -53.48 15.35 31.78
CA ILE A 260 -54.46 15.46 32.85
C ILE A 260 -54.93 14.07 33.32
N SER A 261 -55.25 13.21 32.36
CA SER A 261 -55.68 11.84 32.65
C SER A 261 -55.34 10.93 31.48
N VAL A 262 -55.17 9.64 31.76
CA VAL A 262 -54.89 8.67 30.70
C VAL A 262 -56.15 7.98 30.18
N ALA A 263 -57.25 8.12 30.90
CA ALA A 263 -58.50 7.46 30.54
C ALA A 263 -59.72 8.35 30.80
N PRO A 264 -60.09 9.22 29.84
CA PRO A 264 -59.53 9.37 28.50
C PRO A 264 -58.17 10.06 28.51
N LEU A 265 -57.44 9.95 27.41
CA LEU A 265 -56.17 10.64 27.30
C LEU A 265 -56.48 12.09 27.01
N LEU A 266 -56.08 12.97 27.93
CA LEU A 266 -56.44 14.38 27.88
C LEU A 266 -55.21 15.26 28.06
N ILE A 267 -54.94 16.08 27.05
CA ILE A 267 -53.80 16.99 27.10
C ILE A 267 -54.28 18.43 27.33
N ALA A 268 -53.65 19.09 28.31
CA ALA A 268 -53.93 20.48 28.60
C ALA A 268 -53.41 21.35 27.47
N CYS A 269 -54.23 22.30 27.02
CA CYS A 269 -53.84 23.21 25.96
C CYS A 269 -53.77 24.65 26.47
N GLY A 270 -53.47 25.58 25.58
CA GLY A 270 -53.45 26.99 25.93
C GLY A 270 -54.83 27.48 26.36
N ASP A 271 -55.85 26.98 25.67
CA ASP A 271 -57.23 27.23 26.05
C ASP A 271 -58.00 25.91 25.91
N GLY A 272 -58.64 25.48 27.00
CA GLY A 272 -59.32 24.20 27.04
C GLY A 272 -58.31 23.08 27.02
N ALA A 273 -58.80 21.84 26.89
CA ALA A 273 -57.94 20.68 26.79
C ALA A 273 -58.36 19.87 25.57
N LEU A 274 -57.43 19.08 25.02
CA LEU A 274 -57.73 18.22 23.88
C LEU A 274 -57.65 16.76 24.27
N GLU A 275 -58.76 16.04 24.05
CA GLU A 275 -58.79 14.60 24.21
C GLU A 275 -58.31 13.94 22.93
N ILE A 276 -57.42 12.97 23.08
CA ILE A 276 -56.99 12.12 21.98
C ILE A 276 -57.87 10.87 21.96
N VAL A 277 -58.75 10.78 20.97
CA VAL A 277 -59.72 9.68 20.90
C VAL A 277 -59.06 8.42 20.36
N THR A 278 -58.34 8.56 19.25
CA THR A 278 -57.54 7.49 18.69
C THR A 278 -56.23 8.07 18.19
N GLY A 279 -55.22 7.22 18.10
CA GLY A 279 -53.92 7.64 17.63
C GLY A 279 -53.02 6.43 17.51
N GLN A 280 -51.75 6.66 17.19
CA GLN A 280 -50.80 5.56 17.12
C GLN A 280 -49.41 6.00 17.56
N ALA A 281 -48.64 5.05 18.08
CA ALA A 281 -47.26 5.29 18.49
C ALA A 281 -46.32 4.92 17.36
N GLY A 282 -45.66 5.91 16.78
CA GLY A 282 -44.75 5.66 15.67
C GLY A 282 -45.46 5.06 14.48
N ASP A 283 -44.91 3.95 13.98
CA ASP A 283 -45.49 3.23 12.85
C ASP A 283 -46.41 2.09 13.30
N GLY A 284 -46.66 2.00 14.59
CA GLY A 284 -47.52 0.95 15.12
C GLY A 284 -48.97 1.15 14.72
N ILE A 285 -49.85 0.27 15.19
CA ILE A 285 -51.26 0.33 14.82
C ILE A 285 -52.05 1.38 15.61
N THR A 286 -53.14 1.85 15.01
CA THR A 286 -54.08 2.74 15.67
C THR A 286 -54.72 2.03 16.85
N MET A 287 -55.01 2.79 17.91
CA MET A 287 -55.67 2.25 19.08
C MET A 287 -56.40 3.38 19.78
N GLN A 288 -57.32 3.07 20.70
CA GLN A 288 -58.01 4.12 21.43
C GLN A 288 -56.99 4.84 22.30
N GLY A 289 -57.35 6.06 22.70
CA GLY A 289 -56.45 6.93 23.45
C GLY A 289 -55.81 6.31 24.68
N SER A 290 -56.61 5.65 25.50
CA SER A 290 -56.12 5.06 26.75
C SER A 290 -55.00 4.06 26.51
N GLN A 291 -55.19 3.18 25.53
CA GLN A 291 -54.17 2.20 25.20
C GLN A 291 -52.93 2.88 24.65
N LEU A 292 -53.13 3.93 23.86
CA LEU A 292 -52.04 4.70 23.30
C LEU A 292 -51.24 5.34 24.45
N ALA A 293 -51.96 5.84 25.45
CA ALA A 293 -51.33 6.38 26.64
C ALA A 293 -50.48 5.31 27.30
N GLN A 294 -51.05 4.13 27.53
CA GLN A 294 -50.28 3.04 28.13
C GLN A 294 -49.04 2.64 27.32
N THR A 295 -49.17 2.44 26.01
CA THR A 295 -48.03 1.99 25.21
C THR A 295 -46.97 3.09 25.02
N LEU A 296 -47.39 4.35 25.07
CA LEU A 296 -46.42 5.45 25.02
C LEU A 296 -45.76 5.72 26.37
N GLY A 297 -46.31 5.16 27.45
CA GLY A 297 -45.76 5.34 28.77
C GLY A 297 -46.19 6.61 29.48
N LEU A 298 -47.36 7.13 29.12
CA LEU A 298 -47.88 8.32 29.75
C LEU A 298 -48.50 7.99 31.10
N VAL A 299 -48.46 8.97 32.00
CA VAL A 299 -49.12 8.88 33.28
C VAL A 299 -49.70 10.27 33.57
N GLN A 300 -50.52 10.38 34.61
CA GLN A 300 -51.06 11.69 34.95
C GLN A 300 -49.92 12.60 35.41
N GLY A 301 -49.78 13.74 34.74
CA GLY A 301 -48.69 14.67 35.00
C GLY A 301 -47.59 14.71 33.94
N SER A 302 -47.50 13.67 33.10
CA SER A 302 -46.50 13.64 32.02
C SER A 302 -46.58 14.82 31.05
N ARG A 303 -45.43 15.22 30.51
CA ARG A 303 -45.33 16.33 29.56
C ARG A 303 -44.76 15.90 28.21
N LEU A 304 -44.72 16.83 27.27
CA LEU A 304 -44.27 16.57 25.89
C LEU A 304 -43.19 17.55 25.44
N ARG A 314 -24.19 18.69 21.75
CA ARG A 314 -22.75 18.86 21.53
C ARG A 314 -22.50 19.96 20.51
N ARG A 315 -21.26 20.43 20.41
CA ARG A 315 -20.90 21.50 19.50
C ARG A 315 -20.58 20.91 18.13
N THR A 316 -20.95 21.61 17.06
CA THR A 316 -20.58 21.16 15.71
C THR A 316 -19.07 21.34 15.52
N ARG A 317 -18.40 20.28 15.10
CA ARG A 317 -16.96 20.33 14.89
C ARG A 317 -16.64 20.71 13.46
N VAL A 318 -16.01 21.86 13.27
CA VAL A 318 -15.68 22.36 11.94
C VAL A 318 -14.20 22.18 11.67
N LEU A 319 -13.89 21.39 10.65
CA LEU A 319 -12.50 21.17 10.24
C LEU A 319 -12.16 22.06 9.06
N ILE A 320 -11.25 23.01 9.29
CA ILE A 320 -10.75 23.89 8.25
C ILE A 320 -9.33 23.49 7.85
N LEU A 321 -9.19 22.98 6.63
CA LEU A 321 -7.89 22.64 6.06
C LEU A 321 -7.32 23.85 5.34
N GLY A 322 -6.11 24.25 5.70
CA GLY A 322 -5.55 25.50 5.22
C GLY A 322 -6.05 26.70 6.01
N VAL A 323 -6.12 26.54 7.33
CA VAL A 323 -6.68 27.58 8.19
C VAL A 323 -5.79 28.83 8.28
N ASN A 324 -4.54 28.75 7.85
CA ASN A 324 -3.61 29.81 8.15
C ASN A 324 -3.66 30.87 7.06
N GLY A 325 -4.41 31.93 7.29
CA GLY A 325 -4.73 32.84 6.22
C GLY A 325 -6.09 33.50 6.34
N PHE A 326 -6.47 34.15 5.25
CA PHE A 326 -7.64 35.02 5.17
C PHE A 326 -8.96 34.38 5.65
N ILE A 327 -9.45 33.42 4.87
CA ILE A 327 -10.74 32.78 5.17
C ILE A 327 -10.66 32.04 6.50
N GLY A 328 -9.52 31.41 6.77
CA GLY A 328 -9.34 30.72 8.02
C GLY A 328 -9.51 31.66 9.20
N ASN A 329 -8.82 32.79 9.15
CA ASN A 329 -8.88 33.79 10.21
C ASN A 329 -10.30 34.28 10.44
N HIS A 330 -10.91 34.81 9.39
CA HIS A 330 -12.21 35.44 9.55
C HIS A 330 -13.31 34.43 9.87
N LEU A 331 -13.25 33.25 9.24
CA LEU A 331 -14.24 32.24 9.51
C LEU A 331 -14.10 31.76 10.95
N THR A 332 -12.87 31.54 11.41
CA THR A 332 -12.65 31.14 12.79
C THR A 332 -13.21 32.18 13.76
N GLU A 333 -12.86 33.45 13.56
CA GLU A 333 -13.40 34.52 14.39
C GLU A 333 -14.92 34.45 14.44
N ARG A 334 -15.53 34.41 13.26
CA ARG A 334 -16.98 34.34 13.15
C ARG A 334 -17.57 33.13 13.89
N LEU A 335 -16.98 31.96 13.70
CA LEU A 335 -17.49 30.73 14.32
C LEU A 335 -17.34 30.75 15.84
N LEU A 336 -16.23 31.29 16.32
CA LEU A 336 -15.98 31.33 17.76
C LEU A 336 -16.79 32.41 18.47
N ARG A 337 -17.17 33.46 17.74
CA ARG A 337 -18.12 34.43 18.27
C ARG A 337 -19.36 33.72 18.83
N GLU A 338 -19.85 32.73 18.08
CA GLU A 338 -21.00 31.92 18.47
C GLU A 338 -20.66 30.86 19.52
N ASP A 339 -21.66 30.35 20.22
CA ASP A 339 -21.47 29.42 21.32
C ASP A 339 -21.35 27.93 20.93
N HIS A 340 -21.88 27.55 19.78
CA HIS A 340 -22.04 26.13 19.41
C HIS A 340 -20.99 25.47 18.48
N TYR A 341 -19.89 26.16 18.18
CA TYR A 341 -18.87 25.59 17.28
C TYR A 341 -17.54 25.25 17.95
N GLU A 342 -16.94 24.15 17.47
CA GLU A 342 -15.57 23.77 17.81
C GLU A 342 -14.75 23.78 16.53
N VAL A 343 -13.71 24.62 16.48
CA VAL A 343 -12.95 24.81 15.25
C VAL A 343 -11.62 24.07 15.28
N TYR A 344 -11.39 23.18 14.31
CA TYR A 344 -10.08 22.55 14.13
C TYR A 344 -9.39 23.12 12.91
N GLY A 345 -8.43 24.02 13.14
CA GLY A 345 -7.58 24.53 12.09
C GLY A 345 -6.47 23.58 11.71
N LEU A 346 -6.38 23.21 10.42
CA LEU A 346 -5.29 22.36 9.96
C LEU A 346 -4.44 23.08 8.93
N ASP A 347 -3.13 23.11 9.16
CA ASP A 347 -2.22 23.78 8.24
C ASP A 347 -0.79 23.47 8.64
N ILE A 348 0.16 23.98 7.86
CA ILE A 348 1.58 23.73 8.10
C ILE A 348 2.22 24.82 8.97
N GLY A 349 1.48 25.88 9.26
CA GLY A 349 1.94 26.92 10.16
C GLY A 349 0.77 27.66 10.79
N SER A 350 1.01 28.20 11.99
CA SER A 350 0.00 28.95 12.73
C SER A 350 0.17 30.47 12.67
N ASP A 351 1.19 30.96 11.97
CA ASP A 351 1.61 32.35 12.10
C ASP A 351 0.45 33.33 11.88
N ALA A 352 -0.38 33.10 10.87
CA ALA A 352 -1.50 33.99 10.56
C ALA A 352 -2.68 33.93 11.55
N ILE A 353 -2.94 32.75 12.12
CA ILE A 353 -4.07 32.56 13.06
C ILE A 353 -3.70 32.60 14.55
N SER A 354 -2.45 32.97 14.85
CA SER A 354 -1.88 32.83 16.19
C SER A 354 -2.74 33.35 17.37
N ARG A 355 -3.60 34.33 17.12
CA ARG A 355 -4.36 34.91 18.23
C ARG A 355 -5.48 33.98 18.71
N PHE A 356 -5.76 32.92 17.95
CA PHE A 356 -6.77 31.94 18.35
C PHE A 356 -6.19 30.70 19.02
N LEU A 357 -4.86 30.61 19.10
CA LEU A 357 -4.22 29.38 19.59
C LEU A 357 -4.59 29.04 21.04
N ASN A 358 -4.87 30.05 21.87
CA ASN A 358 -5.23 29.82 23.26
C ASN A 358 -6.72 29.66 23.49
N HIS A 359 -7.52 29.93 22.47
CA HIS A 359 -8.97 29.88 22.62
C HIS A 359 -9.41 28.45 22.89
N PRO A 360 -10.25 28.23 23.92
CA PRO A 360 -10.61 26.87 24.34
C PRO A 360 -11.23 26.03 23.22
N HIS A 361 -12.02 26.68 22.39
CA HIS A 361 -12.74 26.02 21.31
C HIS A 361 -12.06 26.07 19.93
N PHE A 362 -10.84 26.58 19.88
CA PHE A 362 -9.99 26.44 18.69
C PHE A 362 -8.92 25.39 18.94
N HIS A 363 -8.70 24.54 17.94
CA HIS A 363 -7.65 23.52 18.01
C HIS A 363 -6.80 23.55 16.75
N PHE A 364 -5.53 23.92 16.90
CA PHE A 364 -4.62 23.87 15.77
C PHE A 364 -4.05 22.48 15.62
N VAL A 365 -4.18 21.93 14.40
CA VAL A 365 -3.60 20.63 14.09
C VAL A 365 -2.61 20.80 12.96
N GLU A 366 -1.36 20.42 13.20
CA GLU A 366 -0.32 20.51 12.19
C GLU A 366 -0.50 19.42 11.15
N GLY A 367 -0.47 19.79 9.88
CA GLY A 367 -0.62 18.81 8.83
C GLY A 367 -0.48 19.38 7.44
N ASP A 368 -0.15 18.48 6.51
CA ASP A 368 0.13 18.83 5.12
C ASP A 368 -0.59 17.79 4.29
N ILE A 369 -1.55 18.21 3.48
CA ILE A 369 -2.41 17.26 2.82
C ILE A 369 -1.72 16.49 1.69
N SER A 370 -0.56 16.95 1.24
CA SER A 370 0.18 16.22 0.21
C SER A 370 1.00 15.07 0.80
N ILE A 371 1.47 15.26 2.02
CA ILE A 371 2.23 14.23 2.75
C ILE A 371 1.30 13.39 3.62
N HIS A 372 0.84 13.95 4.74
CA HIS A 372 -0.13 13.31 5.63
C HIS A 372 -1.35 12.77 4.91
N SER A 373 -1.61 11.48 5.06
CA SER A 373 -2.85 10.90 4.56
C SER A 373 -3.72 10.53 5.77
N GLU A 374 -3.22 9.63 6.61
CA GLU A 374 -3.99 9.14 7.74
C GLU A 374 -4.34 10.20 8.79
N TRP A 375 -3.46 11.18 8.97
CA TRP A 375 -3.70 12.26 9.91
C TRP A 375 -4.90 13.08 9.44
N ILE A 376 -4.94 13.31 8.13
CA ILE A 376 -6.03 14.05 7.52
C ILE A 376 -7.34 13.27 7.61
N GLU A 377 -7.29 12.01 7.16
CA GLU A 377 -8.45 11.12 7.21
C GLU A 377 -9.00 11.05 8.63
N TYR A 378 -8.09 10.87 9.57
CA TYR A 378 -8.43 10.82 10.97
C TYR A 378 -9.19 12.07 11.40
N HIS A 379 -8.63 13.24 11.09
CA HIS A 379 -9.30 14.48 11.46
C HIS A 379 -10.63 14.71 10.72
N VAL A 380 -10.76 14.20 9.50
CA VAL A 380 -12.08 14.24 8.85
C VAL A 380 -13.07 13.38 9.61
N LYS A 381 -12.67 12.16 9.98
CA LYS A 381 -13.55 11.32 10.80
C LYS A 381 -13.92 12.02 12.10
N LYS A 382 -12.94 12.64 12.74
CA LYS A 382 -13.15 13.26 14.04
C LYS A 382 -14.18 14.40 14.00
N CYS A 383 -14.24 15.12 12.89
CA CYS A 383 -15.08 16.31 12.79
C CYS A 383 -16.41 16.04 12.10
N ASP A 384 -17.20 17.11 11.94
CA ASP A 384 -18.56 17.05 11.40
C ASP A 384 -18.64 17.63 10.01
N VAL A 385 -18.27 18.90 9.89
CA VAL A 385 -18.26 19.61 8.62
C VAL A 385 -16.82 19.94 8.23
N VAL A 386 -16.51 19.84 6.94
CA VAL A 386 -15.14 19.95 6.44
C VAL A 386 -15.01 21.05 5.39
N LEU A 387 -13.97 21.87 5.53
CA LEU A 387 -13.76 23.02 4.66
C LEU A 387 -12.33 22.99 4.04
N PRO A 388 -12.19 22.41 2.84
CA PRO A 388 -10.89 22.28 2.15
C PRO A 388 -10.40 23.54 1.43
N LEU A 389 -9.67 24.41 2.12
CA LEU A 389 -9.19 25.66 1.52
C LEU A 389 -7.79 25.60 0.88
N VAL A 390 -7.13 24.45 0.92
CA VAL A 390 -5.81 24.32 0.31
C VAL A 390 -5.89 24.12 -1.20
N ALA A 391 -5.23 25.00 -1.97
CA ALA A 391 -5.09 24.85 -3.42
C ALA A 391 -4.27 25.99 -4.02
N ILE A 392 -3.70 25.78 -5.20
CA ILE A 392 -2.96 26.84 -5.87
C ILE A 392 -3.89 27.57 -6.82
N ALA A 393 -4.22 28.81 -6.46
CA ALA A 393 -5.13 29.65 -7.24
C ALA A 393 -4.40 30.66 -8.12
N THR A 394 -3.07 30.57 -8.16
CA THR A 394 -2.24 31.57 -8.83
C THR A 394 -2.11 31.34 -10.34
N PRO A 395 -2.64 32.27 -11.16
CA PRO A 395 -2.69 32.07 -12.62
C PRO A 395 -1.37 31.68 -13.28
N ILE A 396 -0.27 32.35 -12.97
CA ILE A 396 1.01 32.04 -13.60
C ILE A 396 1.38 30.58 -13.35
N GLU A 397 0.95 30.07 -12.20
CA GLU A 397 1.27 28.69 -11.81
C GLU A 397 0.49 27.66 -12.62
N TYR A 398 -0.64 28.05 -13.19
CA TYR A 398 -1.41 27.13 -14.03
C TYR A 398 -0.54 26.69 -15.20
N THR A 399 0.08 27.67 -15.85
CA THR A 399 0.96 27.42 -16.99
C THR A 399 2.39 27.05 -16.58
N ARG A 400 2.88 27.61 -15.47
CA ARG A 400 4.26 27.36 -15.07
C ARG A 400 4.42 25.96 -14.48
N ASN A 401 3.45 25.54 -13.66
CA ASN A 401 3.48 24.22 -13.04
C ASN A 401 2.11 23.55 -13.06
N PRO A 402 1.60 23.27 -14.27
CA PRO A 402 0.26 22.69 -14.42
C PRO A 402 0.09 21.39 -13.65
N LEU A 403 1.10 20.53 -13.69
CA LEU A 403 1.01 19.22 -13.08
C LEU A 403 0.93 19.32 -11.55
N ARG A 404 1.66 20.26 -10.95
CA ARG A 404 1.59 20.45 -9.51
C ARG A 404 0.23 21.03 -9.11
N VAL A 405 -0.24 22.00 -9.89
CA VAL A 405 -1.56 22.58 -9.69
C VAL A 405 -2.60 21.46 -9.75
N PHE A 406 -2.49 20.60 -10.76
CA PHE A 406 -3.44 19.50 -10.93
C PHE A 406 -3.35 18.54 -9.75
N GLU A 407 -2.14 18.17 -9.38
CA GLU A 407 -1.93 17.24 -8.27
C GLU A 407 -2.54 17.76 -6.97
N LEU A 408 -2.26 19.01 -6.62
CA LEU A 408 -2.78 19.57 -5.37
C LEU A 408 -4.26 19.93 -5.43
N ASP A 409 -4.65 20.68 -6.46
CA ASP A 409 -6.01 21.21 -6.52
C ASP A 409 -7.03 20.12 -6.79
N PHE A 410 -6.64 19.14 -7.60
CA PHE A 410 -7.57 18.06 -7.96
C PHE A 410 -7.38 16.80 -7.10
N GLU A 411 -6.22 16.15 -7.22
CA GLU A 411 -6.06 14.81 -6.65
C GLU A 411 -6.14 14.78 -5.11
N GLU A 412 -5.42 15.67 -4.43
CA GLU A 412 -5.42 15.68 -2.97
C GLU A 412 -6.77 16.07 -2.41
N ASN A 413 -7.41 17.04 -3.04
CA ASN A 413 -8.71 17.49 -2.61
C ASN A 413 -9.75 16.42 -2.90
N LEU A 414 -9.53 15.65 -3.97
CA LEU A 414 -10.40 14.52 -4.26
C LEU A 414 -10.27 13.46 -3.16
N ARG A 415 -9.04 13.19 -2.74
CA ARG A 415 -8.85 12.32 -1.57
C ARG A 415 -9.67 12.82 -0.38
N ILE A 416 -9.56 14.11 -0.07
CA ILE A 416 -10.35 14.69 1.03
C ILE A 416 -11.88 14.52 0.81
N ILE A 417 -12.36 14.81 -0.38
CA ILE A 417 -13.77 14.60 -0.70
C ILE A 417 -14.17 13.16 -0.39
N ARG A 418 -13.34 12.21 -0.84
CA ARG A 418 -13.62 10.80 -0.58
C ARG A 418 -13.56 10.44 0.91
N TYR A 419 -12.67 11.06 1.68
CA TYR A 419 -12.78 10.92 3.14
C TYR A 419 -14.19 11.33 3.61
N CYS A 420 -14.63 12.50 3.14
CA CYS A 420 -15.96 12.99 3.50
C CYS A 420 -17.07 12.04 3.07
N VAL A 421 -16.97 11.46 1.89
CA VAL A 421 -17.95 10.47 1.45
C VAL A 421 -17.90 9.24 2.36
N LYS A 422 -16.70 8.76 2.65
CA LYS A 422 -16.59 7.54 3.42
C LYS A 422 -17.19 7.69 4.83
N TYR A 423 -16.85 8.77 5.50
CA TYR A 423 -17.27 8.95 6.89
C TYR A 423 -18.58 9.72 7.06
N ARG A 424 -19.23 10.01 5.94
CA ARG A 424 -20.55 10.65 5.94
C ARG A 424 -20.50 11.98 6.67
N LYS A 425 -19.60 12.84 6.23
CA LYS A 425 -19.45 14.17 6.79
C LYS A 425 -19.88 15.17 5.75
N ARG A 426 -20.29 16.34 6.21
CA ARG A 426 -20.71 17.40 5.33
C ARG A 426 -19.47 18.12 4.80
N ILE A 427 -19.43 18.36 3.49
CA ILE A 427 -18.31 19.08 2.90
C ILE A 427 -18.82 20.39 2.32
N ILE A 428 -18.18 21.49 2.72
CA ILE A 428 -18.43 22.79 2.12
C ILE A 428 -17.20 23.14 1.30
N PHE A 429 -17.36 23.06 -0.02
CA PHE A 429 -16.22 23.06 -0.92
C PHE A 429 -16.08 24.35 -1.72
N PRO A 430 -14.87 24.95 -1.72
CA PRO A 430 -14.59 26.14 -2.51
C PRO A 430 -14.41 25.88 -4.00
N SER A 431 -15.49 25.93 -4.74
CA SER A 431 -15.42 25.97 -6.21
C SER A 431 -14.83 27.33 -6.57
N THR A 432 -14.72 27.65 -7.85
CA THR A 432 -14.10 28.89 -8.29
C THR A 432 -14.96 29.64 -9.29
N SER A 433 -14.86 30.97 -9.28
CA SER A 433 -15.59 31.80 -10.23
C SER A 433 -15.04 31.58 -11.64
N GLU A 434 -13.82 31.08 -11.72
CA GLU A 434 -13.18 30.81 -13.00
C GLU A 434 -13.85 29.66 -13.74
N VAL A 435 -14.68 28.91 -13.03
CA VAL A 435 -15.37 27.79 -13.63
C VAL A 435 -16.27 28.29 -14.76
N TYR A 436 -16.78 29.51 -14.62
CA TYR A 436 -17.63 30.10 -15.65
C TYR A 436 -16.84 30.44 -16.90
N GLY A 437 -15.58 30.79 -16.72
CA GLY A 437 -14.72 31.11 -17.84
C GLY A 437 -15.24 32.23 -18.70
N MET A 438 -15.41 31.92 -19.98
CA MET A 438 -15.74 32.89 -21.02
C MET A 438 -17.25 33.06 -21.20
N CYS A 439 -18.03 32.50 -20.28
CA CYS A 439 -19.50 32.59 -20.36
C CYS A 439 -19.97 34.01 -20.61
N SER A 440 -20.92 34.16 -21.52
CA SER A 440 -21.33 35.47 -22.01
C SER A 440 -22.53 36.07 -21.28
N ASP A 441 -23.15 35.33 -20.36
CA ASP A 441 -24.30 35.82 -19.60
C ASP A 441 -23.98 37.07 -18.79
N LYS A 442 -24.95 37.97 -18.64
CA LYS A 442 -24.75 39.19 -17.85
C LYS A 442 -24.51 38.84 -16.38
N TYR A 443 -25.25 37.84 -15.89
CA TYR A 443 -25.08 37.34 -14.53
C TYR A 443 -24.69 35.87 -14.57
N PHE A 444 -23.57 35.52 -13.93
CA PHE A 444 -23.16 34.12 -13.88
C PHE A 444 -24.04 33.34 -12.91
N ASP A 445 -24.76 32.35 -13.45
CA ASP A 445 -25.78 31.64 -12.68
C ASP A 445 -25.32 30.22 -12.40
N GLU A 446 -25.26 29.89 -11.11
CA GLU A 446 -24.76 28.63 -10.64
C GLU A 446 -25.53 27.48 -11.27
N ASP A 447 -26.83 27.68 -11.43
CA ASP A 447 -27.73 26.62 -11.87
C ASP A 447 -28.01 26.59 -13.37
N HIS A 448 -27.60 27.64 -14.09
CA HIS A 448 -28.04 27.85 -15.47
C HIS A 448 -26.92 28.15 -16.47
N SER A 449 -26.09 29.15 -16.19
CA SER A 449 -25.02 29.54 -17.12
C SER A 449 -24.19 28.36 -17.62
N ASN A 450 -23.95 28.35 -18.94
CA ASN A 450 -23.02 27.41 -19.55
C ASN A 450 -21.59 27.81 -19.20
N LEU A 451 -20.69 26.83 -19.26
CA LEU A 451 -19.29 27.06 -18.93
C LEU A 451 -18.45 26.96 -20.20
N ILE A 452 -17.73 28.03 -20.51
CA ILE A 452 -16.97 28.12 -21.75
C ILE A 452 -15.49 28.31 -21.47
N VAL A 453 -14.69 27.40 -22.02
CA VAL A 453 -13.23 27.48 -21.92
C VAL A 453 -12.63 27.36 -23.32
N GLY A 454 -11.35 27.69 -23.44
CA GLY A 454 -10.67 27.60 -24.72
C GLY A 454 -10.24 26.17 -25.04
N PRO A 455 -9.54 26.00 -26.16
CA PRO A 455 -8.96 24.71 -26.58
C PRO A 455 -7.91 24.16 -25.61
N VAL A 456 -7.61 22.88 -25.73
CA VAL A 456 -6.60 22.22 -24.92
C VAL A 456 -5.25 22.93 -24.99
N ASN A 457 -4.94 23.55 -26.13
CA ASN A 457 -3.67 24.26 -26.32
C ASN A 457 -3.59 25.60 -25.56
N LYS A 458 -4.64 25.94 -24.81
CA LYS A 458 -4.62 27.12 -23.96
C LYS A 458 -4.63 26.67 -22.50
N PRO A 459 -3.45 26.30 -21.98
CA PRO A 459 -3.33 25.56 -20.72
C PRO A 459 -3.76 26.31 -19.47
N ARG A 460 -3.89 27.63 -19.53
CA ARG A 460 -4.29 28.41 -18.38
C ARG A 460 -5.64 27.92 -17.84
N TRP A 461 -6.40 27.28 -18.72
CA TRP A 461 -7.73 26.76 -18.39
C TRP A 461 -7.68 25.48 -17.58
N ILE A 462 -6.49 24.90 -17.41
CA ILE A 462 -6.37 23.64 -16.67
C ILE A 462 -6.92 23.80 -15.25
N TYR A 463 -6.73 24.97 -14.68
CA TYR A 463 -7.23 25.25 -13.33
C TYR A 463 -8.75 25.28 -13.30
N SER A 464 -9.34 26.06 -14.19
CA SER A 464 -10.79 26.20 -14.26
C SER A 464 -11.47 24.86 -14.46
N VAL A 465 -10.95 24.07 -15.40
CA VAL A 465 -11.56 22.77 -15.73
C VAL A 465 -11.33 21.75 -14.61
N SER A 466 -10.16 21.81 -13.96
CA SER A 466 -9.92 20.94 -12.82
C SER A 466 -10.94 21.16 -11.73
N LYS A 467 -11.18 22.42 -11.41
CA LYS A 467 -12.12 22.77 -10.35
C LYS A 467 -13.53 22.35 -10.76
N GLN A 468 -13.85 22.50 -12.04
CA GLN A 468 -15.17 22.14 -12.53
C GLN A 468 -15.44 20.65 -12.38
N LEU A 469 -14.47 19.83 -12.77
CA LEU A 469 -14.66 18.39 -12.73
C LEU A 469 -14.85 17.94 -11.28
N LEU A 470 -14.15 18.60 -10.37
CA LEU A 470 -14.31 18.34 -8.94
C LEU A 470 -15.74 18.65 -8.49
N ASP A 471 -16.29 19.77 -8.94
CA ASP A 471 -17.68 20.11 -8.62
C ASP A 471 -18.58 18.98 -9.08
N ARG A 472 -18.29 18.44 -10.27
CA ARG A 472 -19.09 17.37 -10.85
C ARG A 472 -18.93 16.05 -10.11
N VAL A 473 -17.73 15.75 -9.62
CA VAL A 473 -17.53 14.53 -8.85
C VAL A 473 -18.25 14.67 -7.51
N ILE A 474 -18.11 15.82 -6.87
CA ILE A 474 -18.80 16.07 -5.62
C ILE A 474 -20.30 15.94 -5.85
N TRP A 475 -20.76 16.45 -6.99
CA TRP A 475 -22.17 16.37 -7.36
C TRP A 475 -22.63 14.92 -7.41
N ALA A 476 -21.89 14.12 -8.17
CA ALA A 476 -22.20 12.70 -8.34
C ALA A 476 -22.27 12.00 -7.00
N TYR A 477 -21.26 12.22 -6.17
CA TYR A 477 -21.26 11.64 -4.83
C TYR A 477 -22.51 12.07 -4.07
N GLY A 478 -23.02 13.26 -4.39
CA GLY A 478 -24.19 13.75 -3.71
C GLY A 478 -25.39 12.94 -4.17
N GLU A 479 -25.45 12.73 -5.48
CA GLU A 479 -26.56 12.04 -6.11
C GLU A 479 -26.57 10.55 -5.79
N LYS A 480 -25.46 9.87 -6.07
CA LYS A 480 -25.38 8.41 -5.97
C LYS A 480 -25.04 7.86 -4.58
N GLU A 481 -24.08 8.47 -3.88
CA GLU A 481 -23.68 7.99 -2.55
C GLU A 481 -24.18 8.80 -1.34
N GLY A 482 -24.99 9.83 -1.59
CA GLY A 482 -25.63 10.57 -0.52
C GLY A 482 -24.74 11.54 0.25
N LEU A 483 -23.68 12.02 -0.39
CA LEU A 483 -22.80 13.02 0.22
C LEU A 483 -23.56 14.33 0.50
N GLN A 484 -23.46 14.83 1.73
CA GLN A 484 -24.01 16.14 2.03
C GLN A 484 -22.98 17.20 1.69
N PHE A 485 -23.31 18.08 0.74
CA PHE A 485 -22.36 19.10 0.29
C PHE A 485 -23.01 20.43 -0.01
N THR A 486 -22.19 21.48 0.05
CA THR A 486 -22.54 22.77 -0.53
C THR A 486 -21.29 23.31 -1.20
N LEU A 487 -21.44 23.76 -2.45
CA LEU A 487 -20.35 24.39 -3.17
C LEU A 487 -20.53 25.89 -3.08
N PHE A 488 -19.45 26.62 -2.85
CA PHE A 488 -19.52 28.08 -2.88
C PHE A 488 -18.42 28.62 -3.77
N ARG A 489 -18.76 29.65 -4.54
CA ARG A 489 -17.81 30.30 -5.42
C ARG A 489 -17.58 31.74 -4.99
N PRO A 490 -16.43 32.02 -4.37
CA PRO A 490 -16.17 33.40 -3.95
C PRO A 490 -15.78 34.29 -5.12
N PHE A 491 -16.28 35.54 -5.12
CA PHE A 491 -15.88 36.52 -6.13
C PHE A 491 -15.06 37.63 -5.47
N ASN A 492 -13.76 37.59 -5.69
CA ASN A 492 -12.83 38.61 -5.21
C ASN A 492 -13.11 39.09 -3.79
N TRP A 493 -13.06 38.19 -2.82
CA TRP A 493 -13.18 38.57 -1.42
C TRP A 493 -11.99 39.43 -1.03
N MET A 494 -12.21 40.48 -0.23
CA MET A 494 -11.11 41.33 0.21
C MET A 494 -11.42 41.92 1.58
N GLY A 495 -10.37 42.25 2.32
CA GLY A 495 -10.51 42.74 3.68
C GLY A 495 -9.17 42.68 4.37
N PRO A 496 -9.16 42.68 5.71
CA PRO A 496 -7.91 42.53 6.46
C PRO A 496 -7.27 41.14 6.30
N ARG A 497 -5.96 41.07 6.51
CA ARG A 497 -5.23 39.79 6.55
C ARG A 497 -5.29 39.03 5.24
N LEU A 498 -4.95 39.71 4.14
CA LEU A 498 -4.94 39.09 2.83
C LEU A 498 -3.94 37.94 2.85
N ASP A 499 -4.21 36.89 2.09
CA ASP A 499 -3.22 35.83 1.90
C ASP A 499 -2.00 36.39 1.17
N ASN A 500 -0.82 35.84 1.45
CA ASN A 500 0.34 36.13 0.63
C ASN A 500 0.09 35.66 -0.79
N LEU A 501 0.72 36.35 -1.73
CA LEU A 501 0.54 36.07 -3.15
C LEU A 501 1.05 34.68 -3.56
N ASN A 502 2.04 34.16 -2.83
CA ASN A 502 2.59 32.85 -3.15
C ASN A 502 1.93 31.72 -2.38
N ALA A 503 0.89 32.07 -1.62
CA ALA A 503 0.24 31.14 -0.70
C ALA A 503 -0.70 30.16 -1.41
N ALA A 504 -0.73 28.94 -0.89
CA ALA A 504 -1.50 27.83 -1.45
C ALA A 504 -2.93 27.76 -0.90
N ARG A 505 -3.41 28.84 -0.29
CA ARG A 505 -4.78 28.88 0.25
C ARG A 505 -5.72 29.72 -0.59
N ILE A 506 -6.99 29.32 -0.58
CA ILE A 506 -8.05 29.98 -1.34
C ILE A 506 -8.62 31.23 -0.64
N GLY A 507 -9.09 32.18 -1.44
CA GLY A 507 -9.92 33.27 -0.94
C GLY A 507 -9.56 34.74 -0.99
N SER A 508 -8.30 35.13 -1.04
CA SER A 508 -8.00 36.56 -1.17
C SER A 508 -7.95 36.96 -2.62
N SER A 509 -8.54 38.10 -2.97
CA SER A 509 -8.42 38.61 -4.33
C SER A 509 -6.95 38.94 -4.57
N ARG A 510 -6.37 38.37 -5.61
CA ARG A 510 -4.96 38.57 -5.90
C ARG A 510 -4.71 39.96 -6.47
N ALA A 511 -5.66 40.44 -7.26
CA ALA A 511 -5.52 41.74 -7.91
C ALA A 511 -5.29 42.84 -6.89
N ILE A 512 -6.15 42.89 -5.86
CA ILE A 512 -6.07 43.96 -4.87
C ILE A 512 -4.79 43.83 -4.09
N THR A 513 -4.40 42.60 -3.76
CA THR A 513 -3.17 42.35 -3.04
C THR A 513 -2.02 42.93 -3.86
N GLN A 514 -2.04 42.63 -5.15
CA GLN A 514 -1.01 43.08 -6.07
C GLN A 514 -0.95 44.62 -6.14
N LEU A 515 -2.09 45.26 -6.33
CA LEU A 515 -2.15 46.72 -6.39
C LEU A 515 -1.66 47.37 -5.09
N ILE A 516 -2.15 46.86 -3.96
CA ILE A 516 -1.71 47.37 -2.67
C ILE A 516 -0.21 47.17 -2.50
N LEU A 517 0.30 46.00 -2.88
CA LEU A 517 1.73 45.73 -2.76
C LEU A 517 2.48 46.66 -3.68
N ASN A 518 1.90 46.98 -4.84
CA ASN A 518 2.50 47.96 -5.75
C ASN A 518 2.62 49.32 -5.08
N LEU A 519 1.54 49.81 -4.50
CA LEU A 519 1.58 51.09 -3.81
C LEU A 519 2.54 51.06 -2.62
N VAL A 520 2.60 49.94 -1.92
CA VAL A 520 3.52 49.81 -0.79
C VAL A 520 4.98 49.76 -1.26
N GLU A 521 5.25 49.04 -2.33
CA GLU A 521 6.61 48.84 -2.82
C GLU A 521 7.10 49.97 -3.71
N GLY A 522 6.19 50.82 -4.16
CA GLY A 522 6.54 51.89 -5.06
C GLY A 522 6.78 51.42 -6.48
N SER A 523 6.24 50.25 -6.81
CA SER A 523 6.25 49.77 -8.20
C SER A 523 4.98 50.24 -8.92
N PRO A 524 5.02 50.29 -10.25
CA PRO A 524 3.86 50.79 -10.99
C PRO A 524 2.66 49.83 -10.97
N ILE A 525 1.46 50.38 -11.16
CA ILE A 525 0.27 49.56 -11.29
C ILE A 525 0.13 49.21 -12.76
N LYS A 526 0.27 47.93 -13.06
CA LYS A 526 0.18 47.47 -14.44
C LYS A 526 -1.27 47.23 -14.82
N LEU A 527 -1.74 47.94 -15.84
CA LEU A 527 -3.07 47.72 -16.38
C LEU A 527 -2.90 46.88 -17.63
N ILE A 528 -3.27 45.61 -17.52
CA ILE A 528 -3.03 44.65 -18.59
C ILE A 528 -4.10 44.83 -19.66
N ASP A 529 -3.64 45.11 -20.87
CA ASP A 529 -4.50 45.48 -21.99
C ASP A 529 -5.39 46.67 -21.65
N GLY A 530 -4.84 47.59 -20.86
CA GLY A 530 -5.53 48.83 -20.52
C GLY A 530 -6.34 48.76 -19.23
N GLY A 531 -6.50 47.57 -18.69
CA GLY A 531 -7.23 47.38 -17.45
C GLY A 531 -8.68 47.82 -17.53
N LYS A 532 -9.31 47.58 -18.68
CA LYS A 532 -10.71 47.96 -18.89
C LYS A 532 -11.67 46.82 -18.52
N GLN A 533 -11.12 45.62 -18.29
CA GLN A 533 -11.94 44.47 -17.92
C GLN A 533 -12.44 44.65 -16.49
N LYS A 534 -13.72 44.39 -16.29
CA LYS A 534 -14.35 44.67 -14.99
C LYS A 534 -14.55 43.41 -14.14
N ARG A 535 -14.34 43.59 -12.83
CA ARG A 535 -14.48 42.52 -11.84
C ARG A 535 -15.40 42.99 -10.73
N CYS A 536 -15.98 42.04 -10.00
CA CYS A 536 -16.81 42.35 -8.84
C CYS A 536 -16.08 41.99 -7.54
N PHE A 537 -16.12 42.90 -6.58
CA PHE A 537 -15.36 42.75 -5.32
C PHE A 537 -16.30 42.70 -4.12
N THR A 538 -15.88 42.00 -3.08
CA THR A 538 -16.74 41.70 -1.94
C THR A 538 -16.02 41.93 -0.61
N ASP A 539 -16.61 42.74 0.26
CA ASP A 539 -16.04 42.89 1.59
C ASP A 539 -16.17 41.56 2.31
N ILE A 540 -15.11 41.17 3.01
CA ILE A 540 -15.07 39.87 3.62
C ILE A 540 -16.11 39.73 4.74
N ARG A 541 -16.57 40.85 5.29
CA ARG A 541 -17.64 40.79 6.27
C ARG A 541 -18.89 40.18 5.67
N ASP A 542 -19.25 40.66 4.49
CA ASP A 542 -20.39 40.12 3.76
C ASP A 542 -20.13 38.67 3.34
N GLY A 543 -18.99 38.42 2.72
CA GLY A 543 -18.61 37.09 2.26
C GLY A 543 -18.61 36.05 3.37
N ILE A 544 -17.93 36.38 4.46
CA ILE A 544 -17.79 35.45 5.58
C ILE A 544 -19.15 35.30 6.27
N GLU A 545 -19.95 36.36 6.29
CA GLU A 545 -21.34 36.21 6.73
C GLU A 545 -22.03 35.13 5.90
N ALA A 546 -21.99 35.25 4.57
CA ALA A 546 -22.60 34.25 3.69
C ALA A 546 -22.07 32.84 3.97
N LEU A 547 -20.75 32.70 4.02
CA LEU A 547 -20.15 31.38 4.27
C LEU A 547 -20.55 30.80 5.63
N TYR A 548 -20.58 31.66 6.64
CA TYR A 548 -21.04 31.26 7.96
C TYR A 548 -22.49 30.79 7.90
N ARG A 549 -23.31 31.53 7.15
CA ARG A 549 -24.71 31.15 6.95
C ARG A 549 -24.75 29.77 6.28
N ILE A 550 -23.84 29.52 5.34
CA ILE A 550 -23.74 28.19 4.73
C ILE A 550 -23.41 27.13 5.77
N ILE A 551 -22.45 27.40 6.64
CA ILE A 551 -22.16 26.44 7.71
C ILE A 551 -23.37 26.17 8.60
N GLU A 552 -24.09 27.22 8.98
CA GLU A 552 -25.29 27.08 9.80
C GLU A 552 -26.33 26.13 9.19
N ASN A 553 -26.57 26.29 7.90
CA ASN A 553 -27.49 25.43 7.14
C ASN A 553 -28.90 25.38 7.73
N ALA A 554 -29.46 26.56 8.03
CA ALA A 554 -30.82 26.67 8.56
C ALA A 554 -31.83 26.06 7.59
N GLY A 555 -32.66 25.16 8.10
CA GLY A 555 -33.68 24.53 7.28
C GLY A 555 -33.09 23.61 6.22
N ASN A 556 -31.80 23.30 6.33
CA ASN A 556 -31.09 22.46 5.37
C ASN A 556 -31.26 22.96 3.94
N ARG A 557 -31.37 24.27 3.78
CA ARG A 557 -31.63 24.87 2.48
C ARG A 557 -30.39 24.87 1.59
N CYS A 558 -29.23 24.57 2.18
CA CYS A 558 -27.97 24.57 1.42
C CYS A 558 -27.59 23.22 0.86
N ASP A 559 -28.38 22.19 1.14
CA ASP A 559 -28.00 20.84 0.74
C ASP A 559 -28.03 20.70 -0.78
N GLY A 560 -26.90 20.32 -1.34
CA GLY A 560 -26.77 20.14 -2.78
C GLY A 560 -26.70 21.43 -3.57
N GLU A 561 -26.60 22.55 -2.87
CA GLU A 561 -26.62 23.88 -3.48
C GLU A 561 -25.25 24.38 -3.93
N ILE A 562 -25.24 25.13 -5.03
CA ILE A 562 -24.07 25.87 -5.47
C ILE A 562 -24.36 27.36 -5.35
N ILE A 563 -23.58 28.06 -4.53
CA ILE A 563 -23.89 29.44 -4.18
C ILE A 563 -22.74 30.41 -4.47
N ASN A 564 -22.95 31.31 -5.42
CA ASN A 564 -22.04 32.41 -5.60
C ASN A 564 -22.07 33.29 -4.37
N ILE A 565 -20.90 33.67 -3.86
CA ILE A 565 -20.82 34.70 -2.84
C ILE A 565 -19.98 35.83 -3.39
N GLY A 566 -20.65 36.93 -3.70
CA GLY A 566 -20.00 38.08 -4.30
C GLY A 566 -20.93 39.26 -4.26
N ASN A 567 -20.40 40.45 -4.54
CA ASN A 567 -21.20 41.66 -4.59
C ASN A 567 -21.22 42.24 -6.00
N PRO A 568 -22.35 42.10 -6.71
CA PRO A 568 -22.45 42.63 -8.08
C PRO A 568 -22.50 44.16 -8.15
N GLU A 569 -22.80 44.81 -7.04
CA GLU A 569 -22.86 46.28 -6.98
C GLU A 569 -21.47 46.92 -6.98
N ASN A 570 -20.49 46.12 -6.63
CA ASN A 570 -19.11 46.57 -6.48
C ASN A 570 -18.25 46.44 -7.75
N GLU A 571 -18.90 46.19 -8.88
CA GLU A 571 -18.18 46.06 -10.15
C GLU A 571 -17.27 47.25 -10.45
N ALA A 572 -16.01 46.96 -10.76
CA ALA A 572 -15.02 47.98 -11.10
C ALA A 572 -13.92 47.42 -11.99
N SER A 573 -13.39 48.25 -12.89
CA SER A 573 -12.21 47.89 -13.67
C SER A 573 -10.95 47.98 -12.83
N ILE A 574 -9.87 47.35 -13.29
CA ILE A 574 -8.58 47.43 -12.60
C ILE A 574 -8.13 48.89 -12.53
N GLU A 575 -8.44 49.65 -13.57
CA GLU A 575 -8.12 51.07 -13.63
C GLU A 575 -8.82 51.83 -12.50
N GLU A 576 -10.13 51.65 -12.41
CA GLU A 576 -10.94 52.31 -11.38
C GLU A 576 -10.47 51.93 -9.98
N LEU A 577 -10.20 50.64 -9.82
CA LEU A 577 -9.67 50.10 -8.57
C LEU A 577 -8.36 50.78 -8.20
N GLY A 578 -7.47 50.87 -9.19
CA GLY A 578 -6.23 51.61 -9.03
C GLY A 578 -6.50 53.03 -8.57
N GLU A 579 -7.41 53.71 -9.25
CA GLU A 579 -7.75 55.09 -8.93
C GLU A 579 -8.25 55.20 -7.48
N MET A 580 -9.14 54.30 -7.09
CA MET A 580 -9.69 54.28 -5.73
C MET A 580 -8.61 54.04 -4.68
N LEU A 581 -7.81 52.99 -4.86
CA LEU A 581 -6.76 52.68 -3.90
C LEU A 581 -5.75 53.82 -3.80
N LEU A 582 -5.40 54.40 -4.94
CA LEU A 582 -4.48 55.53 -4.95
C LEU A 582 -5.08 56.71 -4.18
N ALA A 583 -6.35 57.01 -4.44
CA ALA A 583 -7.03 58.08 -3.73
C ALA A 583 -7.01 57.85 -2.23
N SER A 584 -7.41 56.65 -1.80
CA SER A 584 -7.36 56.28 -0.39
C SER A 584 -5.92 56.30 0.16
N PHE A 585 -4.98 55.89 -0.68
CA PHE A 585 -3.57 55.80 -0.31
C PHE A 585 -2.97 57.17 0.01
N GLU A 586 -3.14 58.12 -0.91
CA GLU A 586 -2.53 59.44 -0.77
C GLU A 586 -2.95 60.17 0.51
N LYS A 587 -4.18 59.97 0.95
CA LYS A 587 -4.72 60.67 2.13
C LYS A 587 -4.49 59.91 3.43
N HIS A 588 -3.82 58.77 3.37
CA HIS A 588 -3.71 57.89 4.54
C HIS A 588 -2.62 58.39 5.49
N PRO A 589 -2.84 58.27 6.81
CA PRO A 589 -1.87 58.78 7.79
C PRO A 589 -0.47 58.18 7.67
N LEU A 590 -0.38 56.96 7.12
CA LEU A 590 0.89 56.25 7.05
C LEU A 590 1.58 56.46 5.70
N ARG A 591 0.99 57.29 4.84
CA ARG A 591 1.48 57.51 3.48
C ARG A 591 2.97 57.78 3.41
N HIS A 592 3.48 58.54 4.37
CA HIS A 592 4.87 59.02 4.33
C HIS A 592 5.90 57.90 4.44
N HIS A 593 5.45 56.70 4.80
CA HIS A 593 6.34 55.55 4.94
C HIS A 593 6.68 54.84 3.63
N PHE A 594 6.00 55.23 2.55
CA PHE A 594 6.11 54.53 1.28
C PHE A 594 6.55 55.43 0.13
N PRO A 595 7.13 54.85 -0.93
CA PRO A 595 7.70 55.63 -2.03
C PRO A 595 6.65 56.42 -2.81
N PRO A 596 7.08 57.36 -3.66
CA PRO A 596 6.13 58.03 -4.55
C PRO A 596 5.46 57.05 -5.51
N PHE A 597 4.26 57.38 -5.95
CA PHE A 597 3.51 56.53 -6.85
C PHE A 597 4.22 56.42 -8.21
N ALA A 598 4.48 55.18 -8.63
CA ALA A 598 5.26 54.94 -9.84
C ALA A 598 4.45 55.14 -11.12
N GLY A 599 3.14 55.24 -10.99
CA GLY A 599 2.28 55.54 -12.12
C GLY A 599 1.60 54.31 -12.72
N PHE A 600 0.59 54.56 -13.55
CA PHE A 600 -0.10 53.51 -14.30
C PHE A 600 0.65 53.20 -15.60
N ARG A 601 0.80 51.92 -15.92
CA ARG A 601 1.53 51.51 -17.12
C ARG A 601 0.77 50.45 -17.92
N VAL A 602 0.42 50.78 -19.16
CA VAL A 602 -0.31 49.89 -20.06
C VAL A 602 0.57 48.75 -20.58
N VAL A 603 0.03 47.52 -20.54
CA VAL A 603 0.79 46.31 -20.88
C VAL A 603 0.01 45.39 -21.84
N GLU A 604 0.75 44.62 -22.63
CA GLU A 604 0.19 43.64 -23.57
C GLU A 604 -0.33 42.42 -22.82
N SER A 605 -1.24 41.67 -23.45
CA SER A 605 -1.82 40.49 -22.83
C SER A 605 -0.73 39.56 -22.32
N SER A 606 0.00 38.91 -23.22
CA SER A 606 1.08 38.02 -22.79
C SER A 606 2.22 38.90 -22.29
N SER A 607 2.58 38.76 -21.03
CA SER A 607 3.68 39.51 -20.44
C SER A 607 3.96 39.04 -19.02
N ASP A 615 -8.57 36.37 -21.49
CA ASP A 615 -9.08 36.80 -20.18
C ASP A 615 -10.58 37.02 -20.24
N VAL A 616 -11.19 37.14 -19.07
CA VAL A 616 -12.63 37.31 -18.95
C VAL A 616 -13.00 38.80 -19.00
N GLU A 617 -13.97 39.13 -19.86
CA GLU A 617 -14.34 40.52 -20.10
C GLU A 617 -15.19 41.11 -18.97
N HIS A 618 -15.97 40.26 -18.31
CA HIS A 618 -16.77 40.68 -17.17
C HIS A 618 -16.91 39.49 -16.24
N ARG A 619 -16.90 39.71 -14.94
CA ARG A 619 -17.27 38.66 -14.00
C ARG A 619 -18.29 39.25 -13.04
N LYS A 620 -19.56 38.90 -13.27
CA LYS A 620 -20.68 39.34 -12.43
C LYS A 620 -21.53 38.19 -11.90
N PRO A 621 -21.52 37.96 -10.57
CA PRO A 621 -22.28 36.83 -10.04
C PRO A 621 -23.79 37.04 -9.94
N SER A 622 -24.57 35.99 -10.17
CA SER A 622 -25.94 35.93 -9.72
C SER A 622 -25.92 35.52 -8.25
N ILE A 623 -26.43 36.38 -7.38
CA ILE A 623 -26.51 36.07 -5.95
C ILE A 623 -27.91 35.60 -5.50
N ARG A 624 -28.78 35.35 -6.47
CA ARG A 624 -30.12 34.79 -6.19
C ARG A 624 -30.06 33.60 -5.23
N ASN A 625 -29.20 32.62 -5.51
CA ASN A 625 -29.08 31.44 -4.65
C ASN A 625 -28.69 31.78 -3.21
N ALA A 626 -27.77 32.72 -3.04
CA ALA A 626 -27.37 33.15 -1.71
C ALA A 626 -28.57 33.77 -0.99
N HIS A 627 -29.32 34.59 -1.71
CA HIS A 627 -30.52 35.20 -1.15
C HIS A 627 -31.53 34.14 -0.73
N ARG A 628 -31.79 33.20 -1.64
CA ARG A 628 -32.77 32.15 -1.40
C ARG A 628 -32.38 31.24 -0.23
N CYS A 629 -31.15 30.73 -0.25
CA CYS A 629 -30.68 29.76 0.73
C CYS A 629 -30.24 30.39 2.03
N LEU A 630 -29.52 31.51 1.94
CA LEU A 630 -28.95 32.16 3.11
C LEU A 630 -29.71 33.39 3.62
N ASP A 631 -30.76 33.81 2.90
CA ASP A 631 -31.43 35.07 3.20
C ASP A 631 -30.41 36.20 3.30
N TRP A 632 -29.46 36.20 2.37
CA TRP A 632 -28.25 37.03 2.46
C TRP A 632 -28.13 38.07 1.34
N GLU A 633 -27.69 39.26 1.72
CA GLU A 633 -27.34 40.29 0.75
C GLU A 633 -26.12 41.06 1.23
N PRO A 634 -25.21 41.43 0.31
CA PRO A 634 -24.07 42.22 0.78
C PRO A 634 -24.48 43.64 1.20
N LYS A 635 -24.10 44.04 2.42
CA LYS A 635 -24.52 45.33 2.96
C LYS A 635 -23.51 46.46 2.80
N ILE A 636 -22.28 46.13 2.40
CA ILE A 636 -21.18 47.10 2.48
C ILE A 636 -20.80 47.67 1.12
N ASP A 637 -20.84 49.00 1.03
CA ASP A 637 -20.46 49.72 -0.19
C ASP A 637 -18.95 49.64 -0.45
N MET A 638 -18.58 49.75 -1.72
CA MET A 638 -17.21 49.60 -2.21
C MET A 638 -16.16 50.40 -1.42
N GLN A 639 -16.46 51.67 -1.16
CA GLN A 639 -15.47 52.59 -0.60
C GLN A 639 -14.93 52.15 0.76
N GLU A 640 -15.83 51.73 1.65
CA GLU A 640 -15.43 51.29 2.97
C GLU A 640 -14.55 50.05 2.87
N THR A 641 -14.88 49.18 1.92
CA THR A 641 -14.10 47.97 1.67
C THR A 641 -12.67 48.32 1.25
N ILE A 642 -12.57 49.16 0.22
CA ILE A 642 -11.27 49.65 -0.24
C ILE A 642 -10.48 50.23 0.93
N ASP A 643 -11.10 51.16 1.66
CA ASP A 643 -10.44 51.87 2.75
C ASP A 643 -9.98 50.94 3.88
N GLU A 644 -10.86 50.05 4.31
CA GLU A 644 -10.52 49.15 5.42
C GLU A 644 -9.42 48.18 5.02
N THR A 645 -9.53 47.62 3.82
CA THR A 645 -8.52 46.68 3.32
C THR A 645 -7.16 47.37 3.28
N LEU A 646 -7.10 48.50 2.59
CA LEU A 646 -5.84 49.23 2.48
C LEU A 646 -5.33 49.63 3.86
N ASP A 647 -6.21 50.16 4.71
CA ASP A 647 -5.81 50.59 6.04
C ASP A 647 -5.14 49.45 6.80
N PHE A 648 -5.83 48.34 6.95
CA PHE A 648 -5.26 47.22 7.69
C PHE A 648 -3.93 46.79 7.06
N PHE A 649 -3.90 46.68 5.74
CA PHE A 649 -2.67 46.29 5.07
C PHE A 649 -1.50 47.24 5.41
N LEU A 650 -1.70 48.54 5.21
CA LEU A 650 -0.63 49.50 5.47
C LEU A 650 -0.19 49.50 6.92
N ARG A 651 -1.16 49.39 7.84
CA ARG A 651 -0.82 49.34 9.26
C ARG A 651 -0.14 48.03 9.62
N THR A 652 -0.38 46.98 8.85
CA THR A 652 0.26 45.69 9.06
C THR A 652 1.72 45.61 8.56
N VAL A 653 2.06 46.36 7.52
CA VAL A 653 3.41 46.35 6.95
C VAL A 653 4.48 46.71 7.98
N ASP A 654 5.56 45.94 8.00
CA ASP A 654 6.71 46.22 8.86
C ASP A 654 7.57 47.32 8.25
N LEU A 655 7.91 48.31 9.08
CA LEU A 655 8.70 49.46 8.64
C LEU A 655 10.03 49.59 9.37
N THR A 656 11.04 50.12 8.66
CA THR A 656 12.39 50.37 9.18
C THR A 656 13.35 50.47 7.99
N MET B 1 -0.15 -63.21 43.36
CA MET B 1 -1.10 -62.15 42.91
C MET B 1 -0.79 -61.69 41.49
N LYS B 2 -1.74 -61.00 40.87
CA LYS B 2 -1.51 -60.38 39.55
C LYS B 2 -1.48 -58.88 39.78
N THR B 3 -0.56 -58.17 39.12
CA THR B 3 -0.44 -56.72 39.33
C THR B 3 -0.22 -55.92 38.05
N VAL B 4 -0.75 -54.70 38.08
CA VAL B 4 -0.39 -53.68 37.11
C VAL B 4 0.37 -52.60 37.86
N VAL B 5 1.59 -52.33 37.41
CA VAL B 5 2.52 -51.46 38.13
C VAL B 5 2.73 -50.12 37.44
N PHE B 6 2.78 -49.06 38.25
CA PHE B 6 3.15 -47.73 37.78
C PHE B 6 4.51 -47.39 38.36
N ALA B 7 5.54 -47.32 37.50
CA ALA B 7 6.91 -47.23 37.98
C ALA B 7 7.76 -46.29 37.13
N TYR B 8 8.70 -45.63 37.79
CA TYR B 8 9.68 -44.78 37.13
C TYR B 8 10.95 -44.71 37.98
N HIS B 9 12.06 -44.41 37.33
CA HIS B 9 13.35 -44.22 37.99
C HIS B 9 13.91 -45.44 38.76
N ASP B 10 14.72 -45.15 39.79
CA ASP B 10 15.40 -46.18 40.56
C ASP B 10 14.39 -46.90 41.44
N MET B 11 13.55 -46.10 42.09
CA MET B 11 12.51 -46.63 42.96
C MET B 11 11.60 -47.54 42.15
N GLY B 12 11.28 -47.12 40.93
CA GLY B 12 10.50 -47.94 40.02
C GLY B 12 11.18 -49.26 39.74
N CYS B 13 12.44 -49.20 39.33
CA CYS B 13 13.20 -50.43 39.08
C CYS B 13 13.22 -51.36 40.31
N LEU B 14 13.70 -50.87 41.45
CA LEU B 14 13.82 -51.72 42.64
C LEU B 14 12.44 -52.21 43.07
N GLY B 15 11.43 -51.37 42.85
CA GLY B 15 10.05 -51.75 43.12
C GLY B 15 9.67 -52.98 42.31
N ILE B 16 9.87 -52.91 41.00
CA ILE B 16 9.58 -54.05 40.12
C ILE B 16 10.37 -55.29 40.54
N GLU B 17 11.66 -55.12 40.82
CA GLU B 17 12.49 -56.25 41.24
C GLU B 17 11.96 -56.87 42.54
N ALA B 18 11.68 -56.05 43.54
CA ALA B 18 11.13 -56.53 44.80
C ALA B 18 9.80 -57.22 44.59
N LEU B 19 8.99 -56.66 43.69
CA LEU B 19 7.70 -57.24 43.35
C LEU B 19 7.88 -58.64 42.76
N LEU B 20 8.78 -58.77 41.79
CA LEU B 20 9.04 -60.08 41.19
C LEU B 20 9.63 -61.06 42.21
N ALA B 21 10.57 -60.59 43.02
CA ALA B 21 11.20 -61.43 44.04
C ALA B 21 10.18 -61.89 45.09
N ALA B 22 9.10 -61.14 45.23
CA ALA B 22 8.07 -61.48 46.20
C ALA B 22 7.02 -62.42 45.60
N GLY B 23 7.24 -62.79 44.34
CA GLY B 23 6.39 -63.76 43.67
C GLY B 23 5.13 -63.19 43.06
N TYR B 24 5.08 -61.88 42.86
CA TYR B 24 3.97 -61.25 42.15
C TYR B 24 4.07 -61.54 40.66
N GLU B 25 2.94 -61.56 39.97
CA GLU B 25 2.93 -61.66 38.51
C GLU B 25 2.58 -60.29 37.93
N ILE B 26 3.55 -59.68 37.25
CA ILE B 26 3.34 -58.35 36.71
C ILE B 26 2.80 -58.45 35.28
N SER B 27 1.53 -58.05 35.12
CA SER B 27 0.83 -58.18 33.86
C SER B 27 1.20 -57.07 32.87
N ALA B 28 1.38 -55.87 33.39
CA ALA B 28 1.82 -54.73 32.58
C ALA B 28 2.48 -53.67 33.46
N ILE B 29 3.31 -52.82 32.85
CA ILE B 29 3.99 -51.74 33.57
C ILE B 29 3.76 -50.40 32.86
N PHE B 30 3.43 -49.37 33.65
CA PHE B 30 3.28 -48.02 33.12
C PHE B 30 4.40 -47.10 33.61
N THR B 31 4.98 -46.36 32.66
CA THR B 31 6.14 -45.53 32.95
C THR B 31 6.13 -44.27 32.08
N HIS B 32 7.25 -43.55 32.07
CA HIS B 32 7.38 -42.33 31.30
C HIS B 32 8.52 -42.42 30.31
N THR B 33 8.49 -41.57 29.29
CA THR B 33 9.65 -41.37 28.43
C THR B 33 10.67 -40.52 29.16
N ASP B 34 11.92 -40.59 28.73
CA ASP B 34 13.00 -39.83 29.36
C ASP B 34 13.20 -38.53 28.59
N ASN B 35 13.40 -37.42 29.32
CA ASN B 35 13.60 -36.13 28.66
C ASN B 35 14.96 -36.10 27.97
N PRO B 36 15.05 -35.35 26.85
CA PRO B 36 16.24 -35.36 26.00
C PRO B 36 17.52 -34.97 26.75
N PHE B 41 21.44 -40.59 35.13
CA PHE B 41 21.80 -41.12 36.44
C PHE B 41 20.86 -42.24 36.88
N TYR B 42 19.57 -42.05 36.62
CA TYR B 42 18.55 -43.00 37.03
C TYR B 42 18.54 -44.25 36.16
N GLY B 43 18.23 -45.40 36.76
CA GLY B 43 18.03 -46.63 36.03
C GLY B 43 16.72 -46.56 35.25
N SER B 44 16.65 -47.28 34.14
CA SER B 44 15.46 -47.29 33.29
C SER B 44 14.47 -48.38 33.67
N VAL B 45 13.22 -47.98 33.89
CA VAL B 45 12.16 -48.94 34.17
C VAL B 45 11.83 -49.68 32.88
N ALA B 46 11.91 -48.99 31.75
CA ALA B 46 11.58 -49.57 30.46
C ALA B 46 12.52 -50.73 30.12
N ARG B 47 13.83 -50.49 30.24
CA ARG B 47 14.82 -51.52 29.94
C ARG B 47 14.61 -52.73 30.83
N LEU B 48 14.32 -52.48 32.10
CA LEU B 48 14.10 -53.54 33.06
C LEU B 48 12.87 -54.34 32.63
N ALA B 49 11.77 -53.65 32.34
CA ALA B 49 10.55 -54.29 31.88
C ALA B 49 10.80 -55.12 30.61
N ALA B 50 11.58 -54.57 29.68
CA ALA B 50 11.91 -55.25 28.42
C ALA B 50 12.74 -56.51 28.66
N GLU B 51 13.76 -56.39 29.51
CA GLU B 51 14.63 -57.52 29.82
C GLU B 51 13.88 -58.67 30.49
N ARG B 52 12.87 -58.34 31.29
CA ARG B 52 12.10 -59.37 32.01
C ARG B 52 10.88 -59.85 31.22
N GLY B 53 10.72 -59.35 30.00
CA GLY B 53 9.62 -59.77 29.14
C GLY B 53 8.25 -59.34 29.61
N ILE B 54 8.18 -58.17 30.24
CA ILE B 54 6.92 -57.60 30.73
C ILE B 54 6.45 -56.49 29.80
N PRO B 55 5.20 -56.56 29.32
CA PRO B 55 4.74 -55.44 28.48
C PRO B 55 4.75 -54.11 29.23
N VAL B 56 5.29 -53.08 28.59
CA VAL B 56 5.46 -51.77 29.21
C VAL B 56 4.89 -50.67 28.31
N TYR B 57 4.17 -49.73 28.91
CA TYR B 57 3.51 -48.64 28.19
C TYR B 57 3.90 -47.29 28.79
N ALA B 58 3.90 -46.24 27.97
CA ALA B 58 4.19 -44.90 28.46
C ALA B 58 3.32 -43.81 27.84
N PRO B 59 1.99 -43.89 28.05
CA PRO B 59 1.12 -42.81 27.61
C PRO B 59 1.36 -41.52 28.40
N ASP B 60 1.02 -40.37 27.82
CA ASP B 60 1.20 -39.11 28.51
C ASP B 60 0.18 -39.01 29.65
N ASN B 61 -1.05 -39.42 29.35
CA ASN B 61 -2.09 -39.52 30.36
C ASN B 61 -2.74 -40.90 30.32
N VAL B 62 -2.52 -41.65 31.40
CA VAL B 62 -2.97 -43.03 31.52
C VAL B 62 -4.47 -43.10 31.81
N ASN B 63 -5.08 -41.96 32.13
CA ASN B 63 -6.48 -41.94 32.55
C ASN B 63 -7.52 -41.92 31.41
N HIS B 64 -7.05 -41.90 30.17
CA HIS B 64 -7.94 -42.04 29.01
C HIS B 64 -8.71 -43.38 29.11
N PRO B 65 -10.02 -43.38 28.80
CA PRO B 65 -10.84 -44.59 28.92
C PRO B 65 -10.23 -45.87 28.35
N LEU B 66 -9.50 -45.77 27.23
CA LEU B 66 -8.82 -46.95 26.68
C LEU B 66 -7.94 -47.64 27.71
N TRP B 67 -7.07 -46.87 28.34
CA TRP B 67 -6.15 -47.42 29.33
C TRP B 67 -6.85 -47.97 30.55
N VAL B 68 -7.90 -47.28 30.99
CA VAL B 68 -8.74 -47.74 32.09
C VAL B 68 -9.33 -49.11 31.72
N GLU B 69 -9.89 -49.17 30.52
CA GLU B 69 -10.48 -50.39 30.00
C GLU B 69 -9.44 -51.51 29.92
N ARG B 70 -8.27 -51.20 29.38
CA ARG B 70 -7.20 -52.17 29.23
C ARG B 70 -6.68 -52.69 30.57
N ILE B 71 -6.45 -51.79 31.52
CA ILE B 71 -6.05 -52.20 32.86
C ILE B 71 -7.16 -53.07 33.47
N ALA B 72 -8.41 -52.68 33.24
CA ALA B 72 -9.54 -53.47 33.69
C ALA B 72 -9.55 -54.87 33.06
N GLN B 73 -9.34 -54.93 31.75
CA GLN B 73 -9.29 -56.21 31.04
C GLN B 73 -8.19 -57.09 31.62
N LEU B 74 -7.03 -56.49 31.84
CA LEU B 74 -5.91 -57.19 32.48
C LEU B 74 -6.31 -57.73 33.84
N SER B 75 -7.25 -57.03 34.48
CA SER B 75 -7.87 -57.47 35.73
C SER B 75 -6.85 -57.75 36.84
N PRO B 76 -6.15 -56.70 37.29
CA PRO B 76 -5.13 -56.90 38.33
C PRO B 76 -5.75 -57.12 39.70
N ASP B 77 -5.07 -57.89 40.54
CA ASP B 77 -5.53 -58.12 41.90
C ASP B 77 -5.21 -56.90 42.77
N VAL B 78 -4.00 -56.37 42.64
CA VAL B 78 -3.58 -55.17 43.38
C VAL B 78 -2.71 -54.29 42.47
N ILE B 79 -2.73 -52.98 42.73
CA ILE B 79 -1.95 -52.02 41.95
C ILE B 79 -0.82 -51.40 42.79
N PHE B 80 0.31 -51.16 42.15
CA PHE B 80 1.47 -50.54 42.81
C PHE B 80 1.97 -49.33 42.04
N SER B 81 2.30 -48.27 42.78
CA SER B 81 2.92 -47.07 42.21
C SER B 81 4.27 -46.79 42.85
N PHE B 82 5.33 -46.94 42.05
CA PHE B 82 6.68 -46.59 42.49
C PHE B 82 7.24 -45.39 41.71
N TYR B 83 7.23 -44.23 42.35
CA TYR B 83 7.75 -42.99 41.77
C TYR B 83 7.23 -42.66 40.37
N TYR B 84 6.00 -43.07 40.08
CA TYR B 84 5.31 -42.62 38.88
C TYR B 84 4.97 -41.14 39.06
N ARG B 85 5.48 -40.27 38.19
CA ARG B 85 5.30 -38.83 38.37
C ARG B 85 3.96 -38.27 37.88
N HIS B 86 3.41 -38.83 36.80
CA HIS B 86 2.10 -38.37 36.32
C HIS B 86 1.07 -38.82 37.33
N LEU B 87 -0.07 -38.16 37.36
CA LEU B 87 -1.02 -38.37 38.45
C LEU B 87 -2.13 -39.37 38.09
N ILE B 88 -2.30 -40.38 38.93
CA ILE B 88 -3.33 -41.41 38.73
C ILE B 88 -4.51 -41.09 39.63
N TYR B 89 -5.69 -40.93 39.05
CA TYR B 89 -6.89 -40.59 39.81
C TYR B 89 -7.90 -41.75 39.90
N ASP B 90 -8.79 -41.65 40.89
CA ASP B 90 -9.55 -42.76 41.47
C ASP B 90 -10.14 -43.79 40.51
N GLU B 91 -10.62 -43.33 39.36
CA GLU B 91 -11.26 -44.20 38.37
C GLU B 91 -10.43 -45.46 38.15
N ILE B 92 -9.12 -45.29 38.00
CA ILE B 92 -8.20 -46.42 37.83
C ILE B 92 -7.86 -47.07 39.17
N LEU B 93 -7.79 -46.28 40.23
CA LEU B 93 -7.38 -46.78 41.54
C LEU B 93 -8.34 -47.84 42.08
N GLN B 94 -9.64 -47.64 41.88
CA GLN B 94 -10.63 -48.55 42.45
C GLN B 94 -10.82 -49.81 41.59
N LEU B 95 -10.04 -49.95 40.53
CA LEU B 95 -10.13 -51.12 39.66
C LEU B 95 -9.60 -52.39 40.34
N ALA B 96 -8.64 -52.22 41.24
CA ALA B 96 -8.04 -53.36 41.93
C ALA B 96 -8.73 -53.62 43.26
N PRO B 97 -9.30 -54.84 43.43
CA PRO B 97 -10.03 -55.12 44.67
C PRO B 97 -9.15 -55.04 45.91
N ALA B 98 -7.94 -55.59 45.82
CA ALA B 98 -7.00 -55.57 46.95
C ALA B 98 -6.45 -54.16 47.18
N GLY B 99 -6.77 -53.26 46.25
CA GLY B 99 -6.43 -51.85 46.39
C GLY B 99 -5.22 -51.44 45.56
N ALA B 100 -4.75 -50.22 45.82
CA ALA B 100 -3.59 -49.68 45.14
C ALA B 100 -2.68 -48.99 46.15
N PHE B 101 -1.39 -49.29 46.06
CA PHE B 101 -0.41 -48.76 47.00
C PHE B 101 0.61 -47.87 46.31
N ASN B 102 1.09 -46.86 47.04
CA ASN B 102 2.11 -45.95 46.54
C ASN B 102 3.30 -45.92 47.47
N LEU B 103 4.49 -45.95 46.87
CA LEU B 103 5.75 -45.85 47.61
C LEU B 103 6.21 -44.40 47.51
N HIS B 104 6.35 -43.74 48.66
CA HIS B 104 6.70 -42.33 48.73
C HIS B 104 8.00 -42.11 49.49
N GLY B 105 8.73 -41.07 49.11
CA GLY B 105 10.10 -40.85 49.53
C GLY B 105 10.33 -40.02 50.79
N SER B 106 9.34 -40.00 51.69
CA SER B 106 9.49 -39.26 52.94
C SER B 106 8.87 -39.98 54.14
N LEU B 107 8.92 -39.34 55.30
CA LEU B 107 8.23 -39.84 56.47
C LEU B 107 6.84 -39.21 56.46
N LEU B 108 5.83 -39.99 56.13
CA LEU B 108 4.49 -39.43 56.02
C LEU B 108 3.82 -39.43 57.41
N PRO B 109 2.90 -38.48 57.65
CA PRO B 109 2.35 -37.42 56.79
C PRO B 109 3.30 -36.27 56.41
N LYS B 110 4.46 -36.14 57.04
CA LYS B 110 5.41 -35.07 56.66
C LYS B 110 5.92 -35.18 55.23
N TYR B 111 6.15 -34.04 54.59
CA TYR B 111 6.74 -33.96 53.26
C TYR B 111 6.01 -34.81 52.22
N ARG B 112 4.68 -34.84 52.31
CA ARG B 112 3.87 -35.67 51.41
C ARG B 112 3.83 -35.11 49.98
N GLY B 113 4.38 -33.92 49.80
CA GLY B 113 4.41 -33.28 48.50
C GLY B 113 5.39 -33.98 47.55
N ARG B 114 5.95 -33.23 46.60
CA ARG B 114 6.87 -33.81 45.63
C ARG B 114 8.29 -33.33 45.81
N ALA B 115 9.23 -34.13 45.31
CA ALA B 115 10.65 -33.92 45.51
C ALA B 115 11.03 -33.86 47.00
N PRO B 116 10.55 -34.83 47.79
CA PRO B 116 10.86 -34.81 49.22
C PRO B 116 12.37 -34.90 49.49
N LEU B 117 13.04 -35.65 48.63
CA LEU B 117 14.49 -35.85 48.69
C LEU B 117 15.24 -34.52 48.83
N ASN B 118 14.93 -33.58 47.96
CA ASN B 118 15.59 -32.29 47.94
C ASN B 118 15.14 -31.40 49.10
N TRP B 119 13.83 -31.39 49.33
CA TRP B 119 13.22 -30.53 50.34
C TRP B 119 13.69 -30.82 51.76
N VAL B 120 13.78 -32.10 52.14
CA VAL B 120 14.24 -32.43 53.48
C VAL B 120 15.68 -31.96 53.68
N LEU B 121 16.45 -31.88 52.60
CA LEU B 121 17.80 -31.34 52.67
C LEU B 121 17.80 -29.81 52.72
N VAL B 122 16.97 -29.16 51.91
CA VAL B 122 16.89 -27.70 51.95
C VAL B 122 16.59 -27.20 53.37
N ASN B 123 15.63 -27.86 54.03
CA ASN B 123 15.17 -27.45 55.35
C ASN B 123 16.09 -27.88 56.50
N GLY B 124 17.09 -28.69 56.20
CA GLY B 124 18.05 -29.11 57.20
C GLY B 124 17.53 -30.15 58.16
N GLU B 125 16.67 -31.04 57.67
CA GLU B 125 16.11 -32.09 58.49
C GLU B 125 17.22 -33.10 58.76
N THR B 126 17.20 -33.67 59.96
CA THR B 126 18.21 -34.64 60.34
C THR B 126 17.78 -36.05 59.97
N GLU B 127 16.53 -36.21 59.56
CA GLU B 127 16.01 -37.50 59.15
C GLU B 127 14.80 -37.41 58.21
N THR B 128 14.55 -38.52 57.51
CA THR B 128 13.45 -38.68 56.57
C THR B 128 13.21 -40.19 56.48
N GLY B 129 12.48 -40.65 55.46
CA GLY B 129 12.35 -42.08 55.24
C GLY B 129 11.53 -42.44 54.02
N VAL B 130 11.08 -43.68 53.96
CA VAL B 130 10.24 -44.17 52.87
C VAL B 130 8.93 -44.73 53.42
N THR B 131 7.83 -44.47 52.73
CA THR B 131 6.50 -44.87 53.18
C THR B 131 5.70 -45.58 52.09
N LEU B 132 5.13 -46.74 52.42
CA LEU B 132 4.17 -47.41 51.55
C LEU B 132 2.74 -47.22 52.05
N HIS B 133 1.91 -46.52 51.26
CA HIS B 133 0.55 -46.23 51.70
C HIS B 133 -0.50 -46.51 50.63
N ARG B 134 -1.77 -46.53 51.04
CA ARG B 134 -2.89 -46.82 50.15
C ARG B 134 -3.33 -45.55 49.42
N MET B 135 -3.16 -45.49 48.11
CA MET B 135 -3.53 -44.30 47.36
C MET B 135 -5.01 -43.95 47.57
N VAL B 136 -5.35 -42.68 47.38
CA VAL B 136 -6.71 -42.16 47.62
C VAL B 136 -6.85 -40.80 46.95
N LYS B 137 -8.03 -40.19 47.08
CA LYS B 137 -8.35 -38.95 46.39
C LYS B 137 -7.36 -37.83 46.71
N ARG B 138 -6.99 -37.69 47.99
CA ARG B 138 -6.03 -36.67 48.40
C ARG B 138 -4.62 -37.22 48.16
N ALA B 139 -3.76 -36.39 47.57
CA ALA B 139 -2.43 -36.84 47.16
C ALA B 139 -1.57 -37.23 48.35
N ASP B 140 -1.07 -38.47 48.32
CA ASP B 140 -0.15 -39.00 49.31
C ASP B 140 -0.73 -38.96 50.74
N ALA B 141 -2.05 -38.94 50.84
CA ALA B 141 -2.74 -38.81 52.13
C ALA B 141 -3.19 -40.12 52.79
N GLY B 142 -3.09 -41.23 52.07
CA GLY B 142 -3.69 -42.47 52.51
C GLY B 142 -3.05 -43.16 53.69
N ALA B 143 -3.70 -44.23 54.16
CA ALA B 143 -3.25 -44.96 55.34
C ALA B 143 -1.89 -45.61 55.13
N ILE B 144 -1.01 -45.45 56.11
CA ILE B 144 0.34 -45.99 56.02
C ILE B 144 0.35 -47.48 56.31
N VAL B 145 0.78 -48.25 55.31
CA VAL B 145 0.92 -49.70 55.47
C VAL B 145 2.27 -50.04 56.09
N ALA B 146 3.30 -49.31 55.69
CA ALA B 146 4.66 -49.54 56.18
C ALA B 146 5.50 -48.27 56.13
N GLN B 147 6.46 -48.16 57.04
CA GLN B 147 7.37 -47.02 57.05
C GLN B 147 8.72 -47.38 57.67
N LEU B 148 9.77 -46.76 57.16
CA LEU B 148 11.13 -47.00 57.63
C LEU B 148 11.92 -45.69 57.69
N ARG B 149 12.49 -45.38 58.85
CA ARG B 149 13.25 -44.14 59.09
C ARG B 149 14.71 -44.18 58.60
N ILE B 150 15.21 -43.02 58.22
CA ILE B 150 16.61 -42.85 57.82
C ILE B 150 17.21 -41.61 58.48
N ALA B 151 18.42 -41.73 59.01
CA ALA B 151 19.15 -40.58 59.52
C ALA B 151 19.78 -39.84 58.34
N ILE B 152 19.68 -38.52 58.34
CA ILE B 152 20.38 -37.71 57.34
C ILE B 152 21.66 -37.15 57.95
N ALA B 153 22.79 -37.56 57.39
CA ALA B 153 24.09 -37.13 57.87
C ALA B 153 24.39 -35.69 57.47
N PRO B 154 25.24 -35.00 58.24
CA PRO B 154 25.61 -33.61 57.94
C PRO B 154 26.26 -33.40 56.57
N ASP B 155 27.01 -34.38 56.09
CA ASP B 155 27.73 -34.25 54.82
C ASP B 155 26.95 -34.84 53.65
N ASP B 156 25.75 -35.33 53.91
CA ASP B 156 24.91 -35.87 52.85
C ASP B 156 24.50 -34.79 51.83
N ILE B 157 24.54 -35.17 50.55
CA ILE B 157 23.96 -34.35 49.49
C ILE B 157 22.89 -35.20 48.83
N ALA B 158 22.21 -34.64 47.84
CA ALA B 158 21.05 -35.29 47.24
C ALA B 158 21.28 -36.75 46.83
N ILE B 159 22.35 -37.01 46.07
CA ILE B 159 22.57 -38.32 45.46
C ILE B 159 22.81 -39.43 46.50
N THR B 160 23.62 -39.13 47.52
CA THR B 160 23.91 -40.10 48.57
C THR B 160 22.65 -40.45 49.35
N LEU B 161 21.87 -39.42 49.71
CA LEU B 161 20.63 -39.61 50.43
C LEU B 161 19.63 -40.36 49.54
N HIS B 162 19.67 -40.07 48.25
CA HIS B 162 18.84 -40.79 47.28
C HIS B 162 19.14 -42.28 47.32
N HIS B 163 20.41 -42.63 47.25
CA HIS B 163 20.79 -44.04 47.34
C HIS B 163 20.34 -44.66 48.67
N LYS B 164 20.53 -43.93 49.76
CA LYS B 164 20.03 -44.39 51.05
C LYS B 164 18.51 -44.66 51.03
N LEU B 165 17.75 -43.73 50.45
CA LEU B 165 16.30 -43.90 50.33
C LEU B 165 15.96 -45.14 49.53
N CYS B 166 16.60 -45.32 48.37
CA CYS B 166 16.39 -46.51 47.56
C CYS B 166 16.68 -47.79 48.33
N HIS B 167 17.80 -47.81 49.05
CA HIS B 167 18.16 -48.96 49.89
C HIS B 167 17.04 -49.26 50.90
N ALA B 168 16.65 -48.24 51.66
CA ALA B 168 15.59 -48.39 52.66
C ALA B 168 14.30 -48.87 52.01
N ALA B 169 14.01 -48.35 50.83
CA ALA B 169 12.81 -48.75 50.08
C ALA B 169 12.89 -50.23 49.68
N ARG B 170 14.06 -50.64 49.21
CA ARG B 170 14.28 -52.02 48.82
C ARG B 170 13.99 -52.92 50.01
N GLN B 171 14.52 -52.53 51.17
CA GLN B 171 14.24 -53.25 52.42
C GLN B 171 12.74 -53.30 52.79
N LEU B 172 12.13 -52.11 52.85
CA LEU B 172 10.71 -51.97 53.19
C LEU B 172 9.84 -52.86 52.31
N LEU B 173 10.00 -52.73 51.00
CA LEU B 173 9.23 -53.55 50.07
C LEU B 173 9.56 -55.02 50.30
N GLU B 174 10.86 -55.32 50.45
CA GLU B 174 11.29 -56.69 50.68
C GLU B 174 10.52 -57.34 51.82
N GLN B 175 10.38 -56.66 52.96
CA GLN B 175 9.63 -57.25 54.07
C GLN B 175 8.10 -57.16 53.93
N THR B 176 7.57 -56.02 53.46
CA THR B 176 6.11 -55.83 53.47
C THR B 176 5.33 -56.26 52.21
N LEU B 177 6.00 -56.53 51.09
CA LEU B 177 5.28 -56.94 49.89
C LEU B 177 4.64 -58.33 50.03
N PRO B 178 5.39 -59.31 50.58
CA PRO B 178 4.81 -60.64 50.83
C PRO B 178 3.55 -60.58 51.68
N ALA B 179 3.49 -59.61 52.59
CA ALA B 179 2.33 -59.46 53.48
C ALA B 179 1.09 -59.06 52.68
N ILE B 180 1.26 -58.20 51.68
CA ILE B 180 0.15 -57.76 50.85
C ILE B 180 -0.35 -58.92 49.99
N LYS B 181 0.57 -59.80 49.59
CA LYS B 181 0.24 -60.96 48.75
C LYS B 181 -0.67 -61.94 49.50
N HIS B 182 -0.84 -61.68 50.80
CA HIS B 182 -1.59 -62.53 51.72
C HIS B 182 -2.86 -61.78 52.15
N GLY B 183 -2.71 -60.53 52.61
CA GLY B 183 -3.82 -59.79 53.21
C GLY B 183 -3.63 -59.55 54.70
N ASN B 184 -2.39 -59.69 55.13
CA ASN B 184 -1.98 -59.52 56.53
C ASN B 184 -1.63 -58.08 56.92
N ILE B 185 -2.13 -57.11 56.16
CA ILE B 185 -1.77 -55.71 56.36
C ILE B 185 -2.65 -54.91 57.33
N LEU B 186 -1.98 -54.05 58.12
CA LEU B 186 -2.63 -53.06 58.96
C LEU B 186 -2.74 -51.75 58.22
N GLU B 187 -3.80 -50.99 58.50
CA GLU B 187 -3.95 -49.65 57.95
C GLU B 187 -3.95 -48.64 59.10
N ILE B 188 -2.86 -47.88 59.19
CA ILE B 188 -2.76 -46.80 60.17
C ILE B 188 -3.05 -45.46 59.49
N ALA B 189 -4.16 -44.84 59.85
CA ALA B 189 -4.57 -43.59 59.24
C ALA B 189 -3.56 -42.49 59.51
N GLN B 190 -3.43 -41.58 58.56
CA GLN B 190 -2.49 -40.46 58.68
C GLN B 190 -3.07 -39.36 59.56
N ARG B 191 -2.18 -38.71 60.30
CA ARG B 191 -2.54 -37.61 61.19
C ARG B 191 -2.44 -36.31 60.37
N GLU B 192 -3.59 -35.73 60.04
CA GLU B 192 -3.66 -34.63 59.05
C GLU B 192 -3.13 -33.30 59.56
N ASN B 193 -3.16 -33.09 60.88
CA ASN B 193 -2.68 -31.82 61.42
C ASN B 193 -1.17 -31.88 61.49
N GLU B 194 -0.62 -33.05 61.22
CA GLU B 194 0.82 -33.19 61.13
C GLU B 194 1.36 -33.15 59.74
N ALA B 195 0.46 -33.00 58.79
CA ALA B 195 0.84 -33.10 57.41
C ALA B 195 1.58 -31.85 56.97
N THR B 196 2.53 -32.05 56.09
CA THR B 196 3.26 -30.96 55.45
C THR B 196 3.39 -31.33 53.98
N CYS B 197 3.22 -30.34 53.11
CA CYS B 197 3.22 -30.59 51.68
C CYS B 197 4.12 -29.60 50.97
N PHE B 198 4.89 -30.10 50.00
CA PHE B 198 5.79 -29.27 49.21
C PHE B 198 5.56 -29.47 47.73
N GLY B 199 5.82 -28.40 46.98
CA GLY B 199 5.52 -28.39 45.57
C GLY B 199 6.71 -28.66 44.67
N ARG B 200 6.51 -28.35 43.40
CA ARG B 200 7.52 -28.57 42.40
C ARG B 200 8.59 -27.51 42.57
N ARG B 201 9.85 -27.93 42.57
CA ARG B 201 10.93 -26.97 42.69
C ARG B 201 11.19 -26.42 41.29
N THR B 202 11.31 -25.10 41.23
CA THR B 202 11.68 -24.41 39.99
C THR B 202 13.05 -23.82 40.24
N PRO B 203 13.83 -23.58 39.17
CA PRO B 203 15.19 -23.08 39.36
C PRO B 203 15.25 -21.87 40.29
N ASP B 204 14.18 -21.08 40.34
CA ASP B 204 14.13 -19.93 41.23
C ASP B 204 14.21 -20.35 42.71
N ASP B 205 13.94 -21.62 42.99
CA ASP B 205 14.05 -22.14 44.36
C ASP B 205 15.50 -22.40 44.73
N SER B 206 16.36 -22.50 43.73
CA SER B 206 17.77 -22.83 43.97
C SER B 206 18.63 -21.58 44.02
N PHE B 207 18.00 -20.41 43.91
CA PHE B 207 18.71 -19.14 44.00
C PHE B 207 19.21 -18.88 45.41
N LEU B 208 20.50 -18.57 45.52
CA LEU B 208 21.12 -18.27 46.80
C LEU B 208 20.97 -16.80 47.15
N GLU B 209 20.28 -16.54 48.26
CA GLU B 209 20.12 -15.18 48.79
C GLU B 209 21.02 -15.01 50.00
N TRP B 210 22.07 -14.19 49.84
CA TRP B 210 23.15 -14.13 50.81
C TRP B 210 22.80 -13.45 52.12
N HIS B 211 21.62 -12.83 52.19
CA HIS B 211 21.18 -12.23 53.44
C HIS B 211 20.73 -13.31 54.42
N LYS B 212 20.56 -14.54 53.93
CA LYS B 212 20.19 -15.67 54.78
C LYS B 212 21.38 -16.23 55.55
N PRO B 213 21.13 -17.06 56.57
CA PRO B 213 22.22 -17.70 57.31
C PRO B 213 23.08 -18.61 56.44
N ALA B 214 24.36 -18.75 56.78
CA ALA B 214 25.26 -19.59 56.01
C ALA B 214 24.79 -21.05 56.01
N SER B 215 24.18 -21.48 57.11
CA SER B 215 23.68 -22.86 57.24
C SER B 215 22.57 -23.18 56.24
N VAL B 216 21.62 -22.26 56.11
CA VAL B 216 20.49 -22.43 55.20
C VAL B 216 20.98 -22.53 53.76
N LEU B 217 21.93 -21.67 53.41
CA LEU B 217 22.53 -21.65 52.08
C LEU B 217 23.35 -22.91 51.83
N HIS B 218 24.13 -23.32 52.82
CA HIS B 218 24.86 -24.58 52.73
C HIS B 218 23.90 -25.74 52.45
N ASN B 219 22.81 -25.79 53.20
CA ASN B 219 21.76 -26.77 52.93
C ASN B 219 21.23 -26.63 51.51
N MET B 220 21.05 -25.38 51.06
CA MET B 220 20.64 -25.14 49.68
C MET B 220 21.58 -25.80 48.69
N VAL B 221 22.88 -25.52 48.78
CA VAL B 221 23.81 -26.08 47.80
C VAL B 221 23.88 -27.60 47.97
N ARG B 222 23.75 -28.09 49.20
CA ARG B 222 23.70 -29.55 49.41
C ARG B 222 22.47 -30.20 48.76
N ALA B 223 21.33 -29.53 48.85
CA ALA B 223 20.07 -30.07 48.34
C ALA B 223 20.07 -30.28 46.83
N VAL B 224 20.55 -29.28 46.09
CA VAL B 224 20.57 -29.31 44.63
C VAL B 224 21.92 -29.69 44.00
N ALA B 225 22.88 -30.16 44.81
CA ALA B 225 24.23 -30.50 44.33
C ALA B 225 24.22 -31.54 43.21
N ASP B 226 25.28 -31.51 42.39
CA ASP B 226 25.44 -32.40 41.23
C ASP B 226 25.16 -33.84 41.63
N PRO B 227 24.40 -34.58 40.80
CA PRO B 227 23.84 -34.36 39.45
C PRO B 227 22.72 -33.30 39.30
N TRP B 228 22.12 -32.83 40.39
CA TRP B 228 21.06 -31.82 40.28
C TRP B 228 21.64 -30.50 39.77
N PRO B 229 20.76 -29.58 39.30
CA PRO B 229 21.19 -28.34 38.63
C PRO B 229 22.06 -27.39 39.47
N GLY B 230 22.10 -27.58 40.78
CA GLY B 230 22.99 -26.80 41.61
C GLY B 230 22.41 -25.47 42.07
N ALA B 231 22.93 -24.97 43.19
CA ALA B 231 22.55 -23.66 43.71
C ALA B 231 23.35 -22.59 42.98
N PHE B 232 22.74 -21.44 42.73
CA PHE B 232 23.36 -20.41 41.90
C PHE B 232 23.22 -18.99 42.46
N SER B 233 24.06 -18.11 41.95
CA SER B 233 24.00 -16.69 42.27
C SER B 233 24.55 -15.88 41.10
N TYR B 234 24.69 -14.56 41.30
CA TYR B 234 25.14 -13.67 40.23
C TYR B 234 26.27 -12.73 40.63
N VAL B 235 27.23 -12.58 39.74
CA VAL B 235 28.19 -11.49 39.78
C VAL B 235 27.82 -10.56 38.63
N GLY B 236 27.27 -9.40 38.96
CA GLY B 236 26.69 -8.55 37.94
C GLY B 236 25.66 -9.34 37.16
N ASN B 237 25.81 -9.39 35.84
CA ASN B 237 24.90 -10.14 34.98
C ASN B 237 25.28 -11.61 34.87
N GLN B 238 26.49 -11.94 35.32
CA GLN B 238 27.03 -13.29 35.14
C GLN B 238 26.55 -14.26 36.21
N LYS B 239 25.90 -15.33 35.77
CA LYS B 239 25.39 -16.35 36.67
C LYS B 239 26.47 -17.37 36.97
N PHE B 240 26.55 -17.80 38.23
CA PHE B 240 27.49 -18.85 38.60
C PHE B 240 26.84 -19.81 39.57
N THR B 241 27.35 -21.05 39.55
CA THR B 241 26.77 -22.14 40.33
C THR B 241 27.75 -22.60 41.39
N VAL B 242 27.24 -22.74 42.62
CA VAL B 242 27.99 -23.26 43.74
C VAL B 242 27.72 -24.76 43.89
N TRP B 243 28.73 -25.57 43.57
CA TRP B 243 28.62 -27.02 43.62
C TRP B 243 28.86 -27.63 44.99
N SER B 244 29.86 -27.12 45.70
CA SER B 244 30.16 -27.59 47.06
C SER B 244 30.55 -26.41 47.91
N SER B 245 30.09 -26.41 49.16
CA SER B 245 30.34 -25.28 50.06
C SER B 245 30.70 -25.74 51.47
N ARG B 246 31.19 -24.80 52.27
CA ARG B 246 31.55 -25.08 53.67
C ARG B 246 31.17 -23.90 54.57
N VAL B 247 30.43 -24.15 55.65
CA VAL B 247 30.02 -23.04 56.52
C VAL B 247 31.21 -22.68 57.42
N HIS B 248 31.44 -21.38 57.58
CA HIS B 248 32.47 -20.87 58.45
C HIS B 248 31.83 -20.06 59.58
N PRO B 249 31.79 -20.62 60.81
CA PRO B 249 31.15 -19.90 61.91
C PRO B 249 31.85 -18.59 62.23
N HIS B 250 33.13 -18.49 61.86
CA HIS B 250 33.87 -17.25 62.04
C HIS B 250 33.13 -16.12 61.33
N ALA B 251 32.81 -15.08 62.09
CA ALA B 251 31.98 -14.00 61.59
C ALA B 251 32.79 -13.03 60.73
N SER B 252 32.09 -12.03 60.20
CA SER B 252 32.73 -10.93 59.51
C SER B 252 31.88 -9.68 59.69
N LYS B 253 32.54 -8.54 59.90
CA LYS B 253 31.83 -7.27 60.01
C LYS B 253 31.27 -6.90 58.63
N ALA B 254 31.80 -7.58 57.61
CA ALA B 254 31.38 -7.37 56.22
C ALA B 254 29.91 -7.68 56.00
N GLN B 255 29.26 -6.88 55.17
CA GLN B 255 27.84 -7.03 54.90
C GLN B 255 27.56 -8.30 54.11
N PRO B 256 26.35 -8.86 54.27
CA PRO B 256 25.95 -10.06 53.53
C PRO B 256 26.08 -9.92 52.01
N GLY B 257 26.71 -10.90 51.37
CA GLY B 257 26.86 -10.91 49.93
C GLY B 257 28.23 -10.44 49.48
N SER B 258 28.98 -9.79 50.36
CA SER B 258 30.33 -9.32 50.03
C SER B 258 31.34 -10.45 50.11
N VAL B 259 32.42 -10.35 49.35
CA VAL B 259 33.45 -11.37 49.36
C VAL B 259 34.46 -11.06 50.46
N ILE B 260 34.58 -11.98 51.43
CA ILE B 260 35.49 -11.81 52.56
C ILE B 260 36.93 -12.06 52.10
N SER B 261 37.12 -13.15 51.36
CA SER B 261 38.43 -13.48 50.79
C SER B 261 38.24 -14.30 49.53
N VAL B 262 39.21 -14.21 48.61
CA VAL B 262 39.17 -15.02 47.38
C VAL B 262 39.95 -16.32 47.51
N ALA B 263 40.75 -16.46 48.55
CA ALA B 263 41.63 -17.62 48.71
C ALA B 263 41.71 -18.07 50.17
N PRO B 264 40.76 -18.89 50.64
CA PRO B 264 39.66 -19.50 49.89
C PRO B 264 38.56 -18.49 49.54
N LEU B 265 37.68 -18.85 48.62
CA LEU B 265 36.59 -17.95 48.26
C LEU B 265 35.55 -18.02 49.37
N LEU B 266 35.34 -16.88 50.03
CA LEU B 266 34.50 -16.83 51.22
C LEU B 266 33.50 -15.68 51.16
N ILE B 267 32.21 -16.01 51.21
CA ILE B 267 31.14 -15.03 51.15
C ILE B 267 30.50 -14.77 52.50
N ALA B 268 30.40 -13.51 52.88
CA ALA B 268 29.70 -13.12 54.10
C ALA B 268 28.21 -13.34 53.93
N CYS B 269 27.58 -13.93 54.94
CA CYS B 269 26.15 -14.23 54.91
C CYS B 269 25.46 -13.40 55.98
N GLY B 270 24.16 -13.60 56.15
CA GLY B 270 23.41 -12.91 57.18
C GLY B 270 24.02 -13.28 58.52
N ASP B 271 24.43 -14.54 58.63
CA ASP B 271 25.21 -15.01 59.75
C ASP B 271 26.32 -15.96 59.33
N GLY B 272 27.54 -15.65 59.75
CA GLY B 272 28.68 -16.45 59.37
C GLY B 272 29.02 -16.24 57.92
N ALA B 273 29.94 -17.05 57.41
CA ALA B 273 30.33 -16.99 56.01
C ALA B 273 30.22 -18.36 55.36
N LEU B 274 30.04 -18.35 54.04
CA LEU B 274 29.96 -19.56 53.25
C LEU B 274 31.19 -19.64 52.36
N GLU B 275 31.94 -20.72 52.51
CA GLU B 275 33.06 -21.01 51.63
C GLU B 275 32.52 -21.70 50.39
N ILE B 276 32.94 -21.20 49.24
CA ILE B 276 32.62 -21.82 47.97
C ILE B 276 33.79 -22.75 47.70
N VAL B 277 33.59 -24.05 47.83
CA VAL B 277 34.68 -25.01 47.66
C VAL B 277 34.93 -25.25 46.17
N THR B 278 33.85 -25.53 45.45
CA THR B 278 33.90 -25.63 44.00
C THR B 278 32.64 -25.01 43.43
N GLY B 279 32.73 -24.57 42.17
CA GLY B 279 31.61 -23.95 41.49
C GLY B 279 31.99 -23.67 40.05
N GLN B 280 31.08 -23.04 39.30
CA GLN B 280 31.38 -22.71 37.91
C GLN B 280 30.73 -21.41 37.47
N ALA B 281 31.36 -20.74 36.51
CA ALA B 281 30.86 -19.50 35.95
C ALA B 281 30.05 -19.81 34.71
N GLY B 282 28.74 -19.55 34.77
CA GLY B 282 27.84 -19.84 33.67
C GLY B 282 27.84 -21.31 33.31
N ASP B 283 28.04 -21.60 32.03
CA ASP B 283 28.06 -22.98 31.54
C ASP B 283 29.48 -23.55 31.45
N GLY B 284 30.46 -22.81 31.95
CA GLY B 284 31.85 -23.23 31.92
C GLY B 284 32.12 -24.43 32.81
N ILE B 285 33.39 -24.82 32.92
CA ILE B 285 33.75 -26.00 33.70
C ILE B 285 33.78 -25.71 35.20
N THR B 286 33.59 -26.76 35.99
CA THR B 286 33.77 -26.67 37.44
C THR B 286 35.22 -26.36 37.76
N MET B 287 35.44 -25.59 38.81
CA MET B 287 36.79 -25.27 39.26
C MET B 287 36.77 -24.93 40.75
N GLN B 288 37.94 -24.93 41.37
CA GLN B 288 38.05 -24.57 42.77
C GLN B 288 37.67 -23.11 42.99
N GLY B 289 37.29 -22.78 44.22
CA GLY B 289 36.76 -21.47 44.56
C GLY B 289 37.60 -20.27 44.14
N SER B 290 38.89 -20.32 44.44
CA SER B 290 39.81 -19.23 44.09
C SER B 290 39.87 -18.94 42.59
N GLN B 291 39.98 -19.99 41.80
CA GLN B 291 40.01 -19.85 40.36
C GLN B 291 38.67 -19.33 39.85
N LEU B 292 37.59 -19.82 40.46
CA LEU B 292 36.24 -19.39 40.10
C LEU B 292 36.11 -17.90 40.38
N ALA B 293 36.69 -17.47 41.51
CA ALA B 293 36.73 -16.05 41.86
C ALA B 293 37.48 -15.27 40.78
N GLN B 294 38.66 -15.75 40.38
CA GLN B 294 39.38 -15.08 39.30
C GLN B 294 38.57 -14.99 38.00
N THR B 295 37.96 -16.09 37.55
CA THR B 295 37.25 -16.02 36.28
C THR B 295 35.97 -15.19 36.41
N LEU B 296 35.40 -15.10 37.62
CA LEU B 296 34.23 -14.23 37.85
C LEU B 296 34.61 -12.75 38.05
N GLY B 297 35.89 -12.47 38.31
CA GLY B 297 36.36 -11.11 38.50
C GLY B 297 36.15 -10.55 39.90
N LEU B 298 35.99 -11.45 40.88
CA LEU B 298 35.85 -11.06 42.27
C LEU B 298 37.20 -10.76 42.95
N VAL B 299 37.14 -9.87 43.92
CA VAL B 299 38.27 -9.57 44.77
C VAL B 299 37.73 -9.37 46.18
N GLN B 300 38.61 -9.17 47.16
CA GLN B 300 38.16 -8.91 48.52
C GLN B 300 37.37 -7.60 48.62
N GLY B 301 36.21 -7.70 49.25
CA GLY B 301 35.16 -6.70 49.20
C GLY B 301 34.48 -6.49 47.86
N SER B 302 34.04 -7.58 47.24
CA SER B 302 33.22 -7.55 46.04
C SER B 302 31.81 -7.98 46.42
N ARG B 303 30.78 -7.47 45.75
CA ARG B 303 29.40 -7.83 46.11
C ARG B 303 28.70 -8.60 45.00
N LEU B 304 27.49 -9.05 45.31
CA LEU B 304 26.70 -9.88 44.40
C LEU B 304 25.28 -9.33 44.25
N ARG B 314 12.89 1.18 35.65
CA ARG B 314 12.02 2.29 35.25
C ARG B 314 10.58 1.79 35.15
N ARG B 315 9.68 2.69 34.76
CA ARG B 315 8.24 2.40 34.77
C ARG B 315 7.76 1.58 33.58
N THR B 316 6.80 0.68 33.86
CA THR B 316 6.13 -0.12 32.84
C THR B 316 5.18 0.74 32.02
N ARG B 317 5.30 0.68 30.70
CA ARG B 317 4.45 1.48 29.81
C ARG B 317 3.20 0.71 29.37
N VAL B 318 2.03 1.22 29.77
CA VAL B 318 0.76 0.60 29.43
C VAL B 318 0.07 1.40 28.33
N LEU B 319 -0.18 0.74 27.20
CA LEU B 319 -0.89 1.36 26.08
C LEU B 319 -2.36 0.95 26.14
N ILE B 320 -3.25 1.91 26.37
CA ILE B 320 -4.68 1.62 26.40
C ILE B 320 -5.33 2.20 25.14
N LEU B 321 -5.80 1.32 24.27
CA LEU B 321 -6.49 1.72 23.04
C LEU B 321 -7.99 1.81 23.29
N GLY B 322 -8.58 2.97 23.02
CA GLY B 322 -9.96 3.23 23.39
C GLY B 322 -10.07 3.65 24.85
N VAL B 323 -9.14 4.50 25.28
CA VAL B 323 -9.03 4.94 26.67
C VAL B 323 -10.18 5.83 27.14
N ASN B 324 -10.96 6.38 26.22
CA ASN B 324 -11.92 7.41 26.61
C ASN B 324 -13.25 6.76 26.97
N GLY B 325 -13.47 6.54 28.26
CA GLY B 325 -14.56 5.70 28.68
C GLY B 325 -14.30 4.92 29.96
N PHE B 326 -15.21 4.01 30.24
CA PHE B 326 -15.31 3.31 31.53
C PHE B 326 -14.01 2.64 32.01
N ILE B 327 -13.61 1.58 31.32
CA ILE B 327 -12.45 0.81 31.73
C ILE B 327 -11.20 1.67 31.64
N GLY B 328 -11.11 2.50 30.60
CA GLY B 328 -9.96 3.37 30.45
C GLY B 328 -9.81 4.27 31.66
N ASN B 329 -10.91 4.90 32.05
CA ASN B 329 -10.93 5.81 33.17
C ASN B 329 -10.48 5.12 34.46
N HIS B 330 -11.17 4.04 34.81
CA HIS B 330 -10.87 3.39 36.09
C HIS B 330 -9.47 2.75 36.09
N LEU B 331 -9.08 2.13 34.99
CA LEU B 331 -7.77 1.50 34.93
C LEU B 331 -6.67 2.55 35.00
N THR B 332 -6.84 3.66 34.28
CA THR B 332 -5.88 4.75 34.32
C THR B 332 -5.74 5.26 35.76
N GLU B 333 -6.87 5.54 36.39
CA GLU B 333 -6.86 5.96 37.79
C GLU B 333 -6.05 5.01 38.68
N ARG B 334 -6.39 3.73 38.60
CA ARG B 334 -5.73 2.70 39.38
C ARG B 334 -4.22 2.64 39.12
N LEU B 335 -3.83 2.62 37.85
CA LEU B 335 -2.41 2.51 37.49
C LEU B 335 -1.63 3.74 37.92
N LEU B 336 -2.24 4.91 37.80
CA LEU B 336 -1.54 6.13 38.16
C LEU B 336 -1.44 6.29 39.68
N ARG B 337 -2.36 5.69 40.43
CA ARG B 337 -2.20 5.59 41.88
C ARG B 337 -0.81 5.04 42.28
N GLU B 338 -0.37 3.99 41.60
CA GLU B 338 0.92 3.33 41.86
C GLU B 338 2.14 4.11 41.34
N ASP B 339 3.32 3.77 41.85
CA ASP B 339 4.53 4.52 41.50
C ASP B 339 5.20 4.07 40.20
N HIS B 340 4.96 2.84 39.76
CA HIS B 340 5.72 2.26 38.65
C HIS B 340 5.09 2.25 37.23
N TYR B 341 3.94 2.88 37.01
CA TYR B 341 3.33 2.85 35.67
C TYR B 341 3.30 4.17 34.88
N GLU B 342 3.49 4.05 33.57
CA GLU B 342 3.31 5.13 32.61
C GLU B 342 2.20 4.78 31.63
N VAL B 343 1.14 5.59 31.59
CA VAL B 343 -0.05 5.27 30.81
C VAL B 343 -0.14 6.06 29.50
N TYR B 344 -0.25 5.36 28.38
CA TYR B 344 -0.56 6.00 27.10
C TYR B 344 -2.00 5.70 26.68
N GLY B 345 -2.87 6.67 26.87
CA GLY B 345 -4.24 6.62 26.39
C GLY B 345 -4.37 6.92 24.90
N LEU B 346 -4.99 6.02 24.15
CA LEU B 346 -5.25 6.28 22.72
C LEU B 346 -6.74 6.32 22.42
N ASP B 347 -7.18 7.37 21.74
CA ASP B 347 -8.60 7.51 21.38
C ASP B 347 -8.83 8.74 20.51
N ILE B 348 -10.06 8.89 20.03
CA ILE B 348 -10.42 9.99 19.16
C ILE B 348 -10.97 11.18 19.96
N GLY B 349 -11.12 11.01 21.27
CA GLY B 349 -11.50 12.12 22.15
C GLY B 349 -11.03 11.90 23.57
N SER B 350 -10.80 12.99 24.29
CA SER B 350 -10.35 12.91 25.68
C SER B 350 -11.37 13.24 26.78
N ASP B 351 -12.61 13.61 26.42
CA ASP B 351 -13.51 14.19 27.41
C ASP B 351 -13.70 13.32 28.65
N ALA B 352 -13.91 12.02 28.46
CA ALA B 352 -14.19 11.13 29.58
C ALA B 352 -12.98 11.04 30.51
N ILE B 353 -11.79 11.19 29.94
CA ILE B 353 -10.55 11.18 30.71
C ILE B 353 -9.99 12.58 31.04
N SER B 354 -10.77 13.65 30.79
CA SER B 354 -10.20 15.03 30.87
C SER B 354 -9.35 15.32 32.11
N ARG B 355 -9.66 14.68 33.23
CA ARG B 355 -8.97 14.96 34.48
C ARG B 355 -7.54 14.40 34.55
N PHE B 356 -7.19 13.50 33.64
CA PHE B 356 -5.83 12.94 33.60
C PHE B 356 -4.89 13.59 32.60
N LEU B 357 -5.38 14.53 31.80
CA LEU B 357 -4.57 15.10 30.73
C LEU B 357 -3.34 15.85 31.24
N ASN B 358 -3.42 16.42 32.45
CA ASN B 358 -2.29 17.15 33.02
C ASN B 358 -1.36 16.28 33.87
N HIS B 359 -1.78 15.04 34.12
CA HIS B 359 -1.03 14.15 34.99
C HIS B 359 0.31 13.80 34.33
N PRO B 360 1.43 13.92 35.07
CA PRO B 360 2.76 13.75 34.45
C PRO B 360 2.98 12.39 33.78
N HIS B 361 2.45 11.33 34.38
CA HIS B 361 2.63 9.99 33.85
C HIS B 361 1.50 9.48 32.96
N PHE B 362 0.53 10.35 32.64
CA PHE B 362 -0.46 10.06 31.61
C PHE B 362 -0.14 10.81 30.34
N HIS B 363 -0.29 10.13 29.20
CA HIS B 363 -0.07 10.73 27.90
C HIS B 363 -1.22 10.39 26.97
N PHE B 364 -1.97 11.41 26.55
CA PHE B 364 -3.04 11.17 25.60
C PHE B 364 -2.46 11.08 24.21
N VAL B 365 -2.82 10.01 23.50
CA VAL B 365 -2.37 9.80 22.15
C VAL B 365 -3.57 9.89 21.25
N GLU B 366 -3.53 10.86 20.35
CA GLU B 366 -4.64 11.09 19.47
C GLU B 366 -4.59 9.98 18.41
N GLY B 367 -5.66 9.21 18.24
CA GLY B 367 -5.62 8.10 17.29
C GLY B 367 -6.86 7.23 17.14
N ASP B 368 -6.91 6.52 16.01
CA ASP B 368 -8.04 5.67 15.63
C ASP B 368 -7.51 4.36 15.02
N ILE B 369 -7.86 3.22 15.60
CA ILE B 369 -7.25 1.96 15.16
C ILE B 369 -7.75 1.51 13.78
N SER B 370 -8.83 2.10 13.28
CA SER B 370 -9.27 1.80 11.93
C SER B 370 -8.54 2.64 10.87
N ILE B 371 -8.26 3.90 11.19
CA ILE B 371 -7.54 4.79 10.28
C ILE B 371 -6.02 4.75 10.37
N HIS B 372 -5.49 4.78 11.59
CA HIS B 372 -4.04 4.74 11.80
C HIS B 372 -3.46 3.34 11.78
N SER B 373 -2.35 3.21 11.06
CA SER B 373 -1.61 1.96 11.04
C SER B 373 -0.30 2.14 11.80
N GLU B 374 0.60 2.90 11.18
CA GLU B 374 1.96 3.11 11.64
C GLU B 374 2.09 3.87 12.96
N TRP B 375 1.15 4.79 13.22
CA TRP B 375 1.09 5.53 14.47
C TRP B 375 0.78 4.56 15.64
N ILE B 376 -0.14 3.65 15.38
CA ILE B 376 -0.51 2.60 16.34
C ILE B 376 0.69 1.67 16.54
N GLU B 377 1.25 1.19 15.43
CA GLU B 377 2.43 0.32 15.45
C GLU B 377 3.53 0.96 16.26
N TYR B 378 3.80 2.24 15.99
CA TYR B 378 4.80 3.00 16.72
C TYR B 378 4.55 2.91 18.20
N HIS B 379 3.33 3.22 18.61
CA HIS B 379 3.02 3.15 20.03
C HIS B 379 3.05 1.72 20.61
N VAL B 380 2.74 0.70 19.82
CA VAL B 380 2.91 -0.67 20.32
C VAL B 380 4.38 -0.95 20.57
N LYS B 381 5.25 -0.59 19.62
CA LYS B 381 6.68 -0.74 19.82
C LYS B 381 7.15 0.05 21.05
N LYS B 382 6.65 1.29 21.16
CA LYS B 382 7.08 2.18 22.24
C LYS B 382 6.77 1.64 23.63
N CYS B 383 5.64 0.96 23.77
CA CYS B 383 5.16 0.57 25.09
C CYS B 383 5.47 -0.89 25.44
N ASP B 384 5.05 -1.29 26.62
CA ASP B 384 5.36 -2.62 27.18
C ASP B 384 4.13 -3.51 27.15
N VAL B 385 3.05 -3.06 27.79
CA VAL B 385 1.81 -3.81 27.84
C VAL B 385 0.75 -3.12 26.97
N VAL B 386 -0.08 -3.92 26.30
CA VAL B 386 -1.07 -3.40 25.36
C VAL B 386 -2.47 -3.92 25.69
N LEU B 387 -3.43 -2.98 25.74
CA LEU B 387 -4.82 -3.26 26.11
C LEU B 387 -5.81 -2.71 25.05
N PRO B 388 -6.21 -3.55 24.08
CA PRO B 388 -7.13 -3.18 22.99
C PRO B 388 -8.62 -3.14 23.37
N LEU B 389 -9.12 -2.00 23.83
CA LEU B 389 -10.51 -1.87 24.26
C LEU B 389 -11.51 -1.43 23.17
N VAL B 390 -11.04 -1.12 21.97
CA VAL B 390 -11.95 -0.69 20.91
C VAL B 390 -12.67 -1.91 20.32
N ALA B 391 -14.01 -1.86 20.31
CA ALA B 391 -14.84 -2.88 19.69
C ALA B 391 -16.33 -2.55 19.78
N ILE B 392 -17.13 -3.09 18.87
CA ILE B 392 -18.57 -2.88 18.93
C ILE B 392 -19.17 -4.03 19.69
N ALA B 393 -19.62 -3.76 20.91
CA ALA B 393 -20.24 -4.77 21.77
C ALA B 393 -21.77 -4.69 21.82
N THR B 394 -22.37 -3.80 21.04
CA THR B 394 -23.81 -3.55 21.14
C THR B 394 -24.60 -4.54 20.27
N PRO B 395 -25.39 -5.44 20.89
CA PRO B 395 -26.03 -6.56 20.17
C PRO B 395 -26.84 -6.21 18.92
N ILE B 396 -27.66 -5.17 18.96
CA ILE B 396 -28.50 -4.86 17.81
C ILE B 396 -27.61 -4.65 16.59
N GLU B 397 -26.40 -4.14 16.79
CA GLU B 397 -25.48 -3.90 15.70
C GLU B 397 -24.90 -5.17 15.09
N TYR B 398 -24.94 -6.29 15.81
CA TYR B 398 -24.44 -7.54 15.25
C TYR B 398 -25.22 -7.87 13.97
N THR B 399 -26.55 -7.75 14.06
CA THR B 399 -27.42 -8.01 12.92
C THR B 399 -27.52 -6.80 11.99
N ARG B 400 -27.43 -5.58 12.53
CA ARG B 400 -27.57 -4.38 11.70
C ARG B 400 -26.33 -4.10 10.86
N ASN B 401 -25.15 -4.29 11.43
CA ASN B 401 -23.89 -4.05 10.72
C ASN B 401 -22.88 -5.15 10.97
N PRO B 402 -23.21 -6.38 10.56
CA PRO B 402 -22.33 -7.52 10.80
C PRO B 402 -20.92 -7.32 10.23
N LEU B 403 -20.84 -6.76 9.04
CA LEU B 403 -19.55 -6.58 8.38
C LEU B 403 -18.67 -5.56 9.09
N ARG B 404 -19.26 -4.47 9.59
CA ARG B 404 -18.49 -3.47 10.32
C ARG B 404 -18.05 -4.01 11.67
N VAL B 405 -18.95 -4.73 12.32
CA VAL B 405 -18.61 -5.42 13.57
C VAL B 405 -17.44 -6.34 13.33
N PHE B 406 -17.51 -7.13 12.27
CA PHE B 406 -16.42 -8.04 11.94
C PHE B 406 -15.14 -7.29 11.61
N GLU B 407 -15.25 -6.25 10.78
CA GLU B 407 -14.10 -5.47 10.36
C GLU B 407 -13.36 -4.86 11.56
N LEU B 408 -14.09 -4.21 12.47
CA LEU B 408 -13.48 -3.58 13.63
C LEU B 408 -13.06 -4.57 14.71
N ASP B 409 -13.97 -5.46 15.10
CA ASP B 409 -13.73 -6.33 16.24
C ASP B 409 -12.71 -7.40 15.93
N PHE B 410 -12.71 -7.90 14.71
CA PHE B 410 -11.77 -8.96 14.32
C PHE B 410 -10.52 -8.43 13.62
N GLU B 411 -10.68 -7.83 12.43
CA GLU B 411 -9.53 -7.54 11.58
C GLU B 411 -8.56 -6.49 12.17
N GLU B 412 -9.09 -5.35 12.62
CA GLU B 412 -8.25 -4.27 13.15
C GLU B 412 -7.52 -4.73 14.41
N ASN B 413 -8.24 -5.47 15.24
CA ASN B 413 -7.65 -5.99 16.46
C ASN B 413 -6.60 -7.05 16.16
N LEU B 414 -6.80 -7.82 15.11
CA LEU B 414 -5.81 -8.79 14.68
C LEU B 414 -4.55 -8.04 14.24
N ARG B 415 -4.75 -6.95 13.52
CA ARG B 415 -3.66 -6.06 13.18
C ARG B 415 -2.84 -5.66 14.43
N ILE B 416 -3.54 -5.16 15.45
CA ILE B 416 -2.87 -4.82 16.73
C ILE B 416 -2.16 -6.03 17.41
N ILE B 417 -2.85 -7.17 17.46
CA ILE B 417 -2.26 -8.39 17.99
C ILE B 417 -0.95 -8.72 17.27
N ARG B 418 -0.97 -8.64 15.95
CA ARG B 418 0.23 -8.91 15.18
C ARG B 418 1.33 -7.87 15.44
N TYR B 419 0.98 -6.60 15.64
CA TYR B 419 2.00 -5.66 16.14
C TYR B 419 2.64 -6.22 17.40
N CYS B 420 1.80 -6.65 18.34
CA CYS B 420 2.33 -7.21 19.58
C CYS B 420 3.22 -8.43 19.39
N VAL B 421 2.85 -9.38 18.52
CA VAL B 421 3.75 -10.52 18.27
C VAL B 421 5.04 -10.01 17.63
N LYS B 422 4.92 -9.08 16.69
CA LYS B 422 6.08 -8.57 15.97
C LYS B 422 7.12 -7.92 16.89
N TYR B 423 6.67 -7.06 17.80
CA TYR B 423 7.60 -6.35 18.68
C TYR B 423 7.81 -7.02 20.04
N ARG B 424 7.26 -8.22 20.21
CA ARG B 424 7.44 -8.99 21.45
C ARG B 424 6.95 -8.21 22.65
N LYS B 425 5.70 -7.80 22.56
CA LYS B 425 5.04 -7.05 23.63
C LYS B 425 3.94 -7.91 24.23
N ARG B 426 3.61 -7.63 25.47
CA ARG B 426 2.56 -8.35 26.16
C ARG B 426 1.21 -7.74 25.79
N ILE B 427 0.25 -8.61 25.48
CA ILE B 427 -1.10 -8.17 25.14
C ILE B 427 -2.08 -8.71 26.17
N ILE B 428 -2.85 -7.81 26.77
CA ILE B 428 -3.95 -8.20 27.64
C ILE B 428 -5.23 -7.90 26.88
N PHE B 429 -5.89 -8.95 26.42
CA PHE B 429 -6.96 -8.82 25.46
C PHE B 429 -8.34 -9.07 26.07
N PRO B 430 -9.27 -8.12 25.87
CA PRO B 430 -10.65 -8.28 26.34
C PRO B 430 -11.46 -9.25 25.51
N SER B 431 -11.44 -10.53 25.87
CA SER B 431 -12.39 -11.49 25.31
C SER B 431 -13.79 -11.15 25.84
N THR B 432 -14.79 -11.96 25.47
CA THR B 432 -16.17 -11.69 25.87
C THR B 432 -16.84 -12.92 26.47
N SER B 433 -17.76 -12.70 27.40
CA SER B 433 -18.51 -13.80 27.99
C SER B 433 -19.45 -14.41 26.96
N GLU B 434 -19.74 -13.63 25.92
CA GLU B 434 -20.63 -14.07 24.86
C GLU B 434 -20.01 -15.24 24.10
N VAL B 435 -18.71 -15.48 24.33
CA VAL B 435 -18.01 -16.59 23.71
C VAL B 435 -18.61 -17.91 24.17
N TYR B 436 -19.12 -17.95 25.40
CA TYR B 436 -19.71 -19.19 25.91
C TYR B 436 -21.02 -19.50 25.20
N GLY B 437 -21.68 -18.45 24.74
CA GLY B 437 -22.92 -18.58 24.02
C GLY B 437 -23.99 -19.29 24.83
N MET B 438 -24.52 -20.36 24.25
CA MET B 438 -25.66 -21.09 24.81
C MET B 438 -25.24 -22.22 25.76
N CYS B 439 -23.96 -22.25 26.12
CA CYS B 439 -23.42 -23.27 27.01
C CYS B 439 -24.29 -23.45 28.24
N SER B 440 -24.55 -24.71 28.58
CA SER B 440 -25.52 -25.08 29.60
C SER B 440 -24.92 -25.31 30.99
N ASP B 441 -23.59 -25.27 31.11
CA ASP B 441 -22.95 -25.49 32.41
C ASP B 441 -23.42 -24.49 33.45
N LYS B 442 -23.48 -24.93 34.71
CA LYS B 442 -23.91 -24.07 35.80
C LYS B 442 -22.92 -22.92 35.96
N TYR B 443 -21.65 -23.24 35.79
CA TYR B 443 -20.58 -22.25 35.82
C TYR B 443 -19.83 -22.23 34.51
N PHE B 444 -19.72 -21.04 33.90
CA PHE B 444 -18.94 -20.92 32.68
C PHE B 444 -17.46 -21.00 33.04
N ASP B 445 -16.78 -22.01 32.51
CA ASP B 445 -15.41 -22.29 32.89
C ASP B 445 -14.48 -21.98 31.72
N GLU B 446 -13.53 -21.09 31.95
CA GLU B 446 -12.65 -20.62 30.90
C GLU B 446 -11.93 -21.79 30.22
N ASP B 447 -11.51 -22.77 31.02
CA ASP B 447 -10.66 -23.84 30.54
C ASP B 447 -11.40 -25.12 30.11
N HIS B 448 -12.69 -25.20 30.40
CA HIS B 448 -13.42 -26.46 30.31
C HIS B 448 -14.71 -26.37 29.51
N SER B 449 -15.58 -25.44 29.88
CA SER B 449 -16.88 -25.28 29.24
C SER B 449 -16.81 -25.25 27.72
N ASN B 450 -17.69 -26.02 27.07
CA ASN B 450 -17.84 -25.95 25.62
C ASN B 450 -18.52 -24.65 25.20
N LEU B 451 -18.32 -24.26 23.95
CA LEU B 451 -18.90 -23.03 23.43
C LEU B 451 -19.99 -23.37 22.42
N ILE B 452 -21.22 -22.93 22.67
CA ILE B 452 -22.36 -23.28 21.85
C ILE B 452 -22.97 -22.06 21.21
N VAL B 453 -23.06 -22.06 19.89
CA VAL B 453 -23.73 -21.00 19.14
C VAL B 453 -24.75 -21.60 18.19
N GLY B 454 -25.62 -20.77 17.65
CA GLY B 454 -26.64 -21.22 16.74
C GLY B 454 -26.15 -21.44 15.32
N PRO B 455 -27.05 -21.79 14.41
CA PRO B 455 -26.75 -21.93 12.98
C PRO B 455 -26.25 -20.64 12.37
N VAL B 456 -25.63 -20.75 11.20
CA VAL B 456 -25.15 -19.59 10.46
C VAL B 456 -26.29 -18.61 10.19
N ASN B 457 -27.51 -19.13 10.03
CA ASN B 457 -28.68 -18.30 9.72
C ASN B 457 -29.16 -17.47 10.92
N LYS B 458 -28.45 -17.58 12.05
CA LYS B 458 -28.73 -16.77 13.24
C LYS B 458 -27.58 -15.79 13.46
N PRO B 459 -27.58 -14.66 12.74
CA PRO B 459 -26.40 -13.79 12.64
C PRO B 459 -25.93 -13.08 13.90
N ARG B 460 -26.73 -12.99 14.96
CA ARG B 460 -26.26 -12.29 16.15
C ARG B 460 -24.97 -12.90 16.68
N TRP B 461 -24.76 -14.17 16.34
CA TRP B 461 -23.59 -14.91 16.82
C TRP B 461 -22.29 -14.50 16.13
N ILE B 462 -22.38 -13.66 15.09
CA ILE B 462 -21.18 -13.24 14.38
C ILE B 462 -20.21 -12.54 15.33
N TYR B 463 -20.74 -11.83 16.32
CA TYR B 463 -19.89 -11.17 17.29
C TYR B 463 -19.15 -12.20 18.15
N SER B 464 -19.91 -13.13 18.73
CA SER B 464 -19.36 -14.15 19.61
C SER B 464 -18.28 -14.98 18.92
N VAL B 465 -18.57 -15.43 17.71
CA VAL B 465 -17.66 -16.29 16.97
C VAL B 465 -16.41 -15.51 16.53
N SER B 466 -16.60 -14.25 16.16
CA SER B 466 -15.46 -13.39 15.83
C SER B 466 -14.52 -13.26 17.00
N LYS B 467 -15.08 -13.01 18.18
CA LYS B 467 -14.29 -12.87 19.39
C LYS B 467 -13.61 -14.18 19.76
N GLN B 468 -14.31 -15.29 19.54
CA GLN B 468 -13.75 -16.61 19.84
C GLN B 468 -12.53 -16.91 18.96
N LEU B 469 -12.67 -16.66 17.66
CA LEU B 469 -11.62 -17.00 16.71
C LEU B 469 -10.38 -16.16 17.01
N LEU B 470 -10.59 -14.92 17.45
CA LEU B 470 -9.47 -14.08 17.87
C LEU B 470 -8.75 -14.67 19.05
N ASP B 471 -9.51 -15.14 20.05
CA ASP B 471 -8.91 -15.76 21.22
C ASP B 471 -8.04 -16.93 20.78
N ARG B 472 -8.51 -17.68 19.79
CA ARG B 472 -7.78 -18.83 19.27
C ARG B 472 -6.53 -18.42 18.49
N VAL B 473 -6.60 -17.31 17.75
CA VAL B 473 -5.44 -16.82 17.01
C VAL B 473 -4.39 -16.34 18.02
N ILE B 474 -4.83 -15.62 19.04
CA ILE B 474 -3.94 -15.20 20.11
C ILE B 474 -3.32 -16.44 20.75
N TRP B 475 -4.14 -17.45 20.97
CA TRP B 475 -3.67 -18.70 21.55
C TRP B 475 -2.57 -19.32 20.69
N ALA B 476 -2.85 -19.45 19.39
CA ALA B 476 -1.89 -20.03 18.47
C ALA B 476 -0.56 -19.29 18.55
N TYR B 477 -0.63 -17.97 18.39
CA TYR B 477 0.56 -17.12 18.48
C TYR B 477 1.25 -17.34 19.81
N GLY B 478 0.48 -17.73 20.81
CA GLY B 478 1.03 -17.97 22.13
C GLY B 478 1.88 -19.20 22.08
N GLU B 479 1.37 -20.24 21.41
CA GLU B 479 2.06 -21.52 21.39
C GLU B 479 3.28 -21.46 20.49
N LYS B 480 3.02 -21.04 19.26
CA LYS B 480 4.00 -21.14 18.20
C LYS B 480 5.03 -20.00 18.13
N GLU B 481 4.59 -18.77 18.28
CA GLU B 481 5.49 -17.61 18.18
C GLU B 481 5.87 -16.91 19.51
N GLY B 482 5.43 -17.47 20.63
CA GLY B 482 5.86 -16.97 21.93
C GLY B 482 5.27 -15.65 22.38
N LEU B 483 4.09 -15.32 21.87
CA LEU B 483 3.36 -14.13 22.31
C LEU B 483 2.96 -14.23 23.79
N GLN B 484 3.32 -13.22 24.57
CA GLN B 484 2.88 -13.18 25.97
C GLN B 484 1.51 -12.52 26.05
N PHE B 485 0.52 -13.28 26.52
CA PHE B 485 -0.85 -12.78 26.54
C PHE B 485 -1.61 -13.21 27.77
N THR B 486 -2.65 -12.43 28.09
CA THR B 486 -3.66 -12.81 29.04
C THR B 486 -5.00 -12.40 28.47
N LEU B 487 -5.95 -13.33 28.48
CA LEU B 487 -7.32 -13.05 28.05
C LEU B 487 -8.16 -12.86 29.31
N PHE B 488 -9.04 -11.86 29.30
CA PHE B 488 -9.99 -11.70 30.38
C PHE B 488 -11.38 -11.46 29.83
N ARG B 489 -12.37 -12.06 30.48
CA ARG B 489 -13.76 -11.89 30.08
C ARG B 489 -14.56 -11.20 31.19
N PRO B 490 -14.89 -9.92 30.99
CA PRO B 490 -15.68 -9.22 32.01
C PRO B 490 -17.16 -9.62 31.98
N PHE B 491 -17.77 -9.75 33.15
CA PHE B 491 -19.21 -10.00 33.24
C PHE B 491 -19.95 -8.81 33.83
N ASN B 492 -20.65 -8.07 32.96
CA ASN B 492 -21.51 -6.95 33.34
C ASN B 492 -20.87 -6.02 34.37
N TRP B 493 -19.68 -5.51 34.06
CA TRP B 493 -19.06 -4.53 34.94
C TRP B 493 -19.90 -3.27 35.01
N MET B 494 -19.98 -2.69 36.19
CA MET B 494 -20.76 -1.47 36.39
C MET B 494 -20.16 -0.65 37.54
N GLY B 495 -20.39 0.66 37.51
CA GLY B 495 -19.82 1.56 38.49
C GLY B 495 -19.94 2.98 38.00
N PRO B 496 -19.11 3.89 38.51
CA PRO B 496 -19.12 5.25 37.95
C PRO B 496 -18.63 5.32 36.49
N ARG B 497 -19.02 6.37 35.78
CA ARG B 497 -18.48 6.72 34.46
C ARG B 497 -18.75 5.70 33.34
N LEU B 498 -20.00 5.28 33.20
CA LEU B 498 -20.39 4.35 32.14
C LEU B 498 -20.13 4.88 30.76
N ASP B 499 -19.78 3.98 29.83
CA ASP B 499 -19.67 4.32 28.43
C ASP B 499 -21.03 4.77 27.92
N ASN B 500 -21.05 5.70 26.96
CA ASN B 500 -22.28 6.00 26.26
C ASN B 500 -22.72 4.74 25.52
N LEU B 501 -24.02 4.58 25.34
CA LEU B 501 -24.57 3.39 24.71
C LEU B 501 -24.13 3.20 23.24
N ASN B 502 -23.81 4.29 22.56
CA ASN B 502 -23.41 4.19 21.16
C ASN B 502 -21.90 4.01 21.01
N ALA B 503 -21.19 3.91 22.13
CA ALA B 503 -19.73 3.86 22.12
C ALA B 503 -19.18 2.48 21.74
N ALA B 504 -18.12 2.52 20.95
CA ALA B 504 -17.45 1.34 20.41
C ALA B 504 -16.36 0.84 21.34
N ARG B 505 -16.40 1.23 22.60
CA ARG B 505 -15.41 0.76 23.57
C ARG B 505 -16.01 -0.30 24.50
N ILE B 506 -15.16 -1.22 24.95
CA ILE B 506 -15.52 -2.32 25.84
C ILE B 506 -15.64 -2.01 27.34
N GLY B 507 -16.53 -2.76 27.99
CA GLY B 507 -16.60 -2.83 29.44
C GLY B 507 -17.78 -2.45 30.34
N SER B 508 -18.57 -1.41 30.07
CA SER B 508 -19.71 -1.15 30.99
C SER B 508 -20.95 -1.90 30.51
N SER B 509 -21.70 -2.46 31.45
CA SER B 509 -22.94 -3.17 31.14
C SER B 509 -23.97 -2.26 30.46
N ARG B 510 -24.45 -2.71 29.30
CA ARG B 510 -25.41 -1.92 28.53
C ARG B 510 -26.76 -1.92 29.23
N ALA B 511 -27.10 -3.05 29.85
CA ALA B 511 -28.38 -3.22 30.51
C ALA B 511 -28.57 -2.17 31.61
N ILE B 512 -27.57 -2.05 32.46
CA ILE B 512 -27.65 -1.13 33.59
C ILE B 512 -27.75 0.29 33.09
N THR B 513 -26.98 0.59 32.04
CA THR B 513 -26.98 1.90 31.42
C THR B 513 -28.37 2.22 30.91
N GLN B 514 -28.95 1.24 30.23
CA GLN B 514 -30.27 1.38 29.64
C GLN B 514 -31.31 1.67 30.73
N LEU B 515 -31.31 0.87 31.79
CA LEU B 515 -32.24 1.06 32.89
C LEU B 515 -32.10 2.45 33.50
N ILE B 516 -30.87 2.86 33.80
CA ILE B 516 -30.64 4.19 34.37
C ILE B 516 -31.12 5.27 33.39
N LEU B 517 -30.85 5.09 32.10
CA LEU B 517 -31.35 6.06 31.13
C LEU B 517 -32.88 6.08 31.08
N ASN B 518 -33.50 4.93 31.29
CA ASN B 518 -34.95 4.91 31.38
C ASN B 518 -35.43 5.74 32.55
N LEU B 519 -34.84 5.52 33.72
CA LEU B 519 -35.24 6.31 34.88
C LEU B 519 -34.97 7.80 34.67
N VAL B 520 -33.84 8.16 34.08
CA VAL B 520 -33.51 9.58 33.86
C VAL B 520 -34.42 10.24 32.82
N GLU B 521 -34.71 9.53 31.73
CA GLU B 521 -35.49 10.10 30.63
C GLU B 521 -37.01 10.02 30.85
N GLY B 522 -37.43 9.23 31.82
CA GLY B 522 -38.85 9.03 32.08
C GLY B 522 -39.51 8.14 31.03
N SER B 523 -38.70 7.35 30.33
CA SER B 523 -39.22 6.33 29.44
C SER B 523 -39.38 5.03 30.22
N PRO B 524 -40.23 4.12 29.75
CA PRO B 524 -40.48 2.89 30.51
C PRO B 524 -39.29 1.93 30.49
N ILE B 525 -39.21 1.08 31.49
CA ILE B 525 -38.17 0.05 31.52
C ILE B 525 -38.67 -1.17 30.77
N LYS B 526 -38.00 -1.47 29.66
CA LYS B 526 -38.40 -2.59 28.81
C LYS B 526 -37.80 -3.88 29.35
N LEU B 527 -38.66 -4.81 29.72
CA LEU B 527 -38.25 -6.14 30.19
C LEU B 527 -38.48 -7.16 29.08
N ILE B 528 -37.40 -7.65 28.48
CA ILE B 528 -37.51 -8.53 27.32
C ILE B 528 -37.91 -9.95 27.74
N ASP B 529 -39.05 -10.40 27.24
CA ASP B 529 -39.65 -11.67 27.66
C ASP B 529 -39.80 -11.73 29.18
N GLY B 530 -40.08 -10.59 29.80
CA GLY B 530 -40.32 -10.53 31.23
C GLY B 530 -39.09 -10.25 32.04
N GLY B 531 -37.93 -10.27 31.40
CA GLY B 531 -36.68 -9.99 32.07
C GLY B 531 -36.37 -11.00 33.16
N LYS B 532 -36.65 -12.28 32.89
CA LYS B 532 -36.44 -13.34 33.88
C LYS B 532 -35.04 -13.96 33.80
N GLN B 533 -34.30 -13.66 32.73
CA GLN B 533 -32.95 -14.20 32.58
C GLN B 533 -32.03 -13.53 33.59
N LYS B 534 -31.23 -14.31 34.31
CA LYS B 534 -30.40 -13.72 35.35
C LYS B 534 -28.97 -13.55 34.85
N ARG B 535 -28.37 -12.44 35.26
CA ARG B 535 -27.02 -12.10 34.88
C ARG B 535 -26.22 -11.79 36.14
N CYS B 536 -24.90 -11.86 36.04
CA CYS B 536 -24.03 -11.55 37.16
C CYS B 536 -23.38 -10.20 36.95
N PHE B 537 -23.39 -9.37 37.99
CA PHE B 537 -22.94 -7.98 37.89
C PHE B 537 -21.76 -7.73 38.81
N THR B 538 -20.90 -6.82 38.39
CA THR B 538 -19.63 -6.62 39.07
C THR B 538 -19.34 -5.14 39.27
N ASP B 539 -19.06 -4.77 40.52
CA ASP B 539 -18.64 -3.42 40.82
C ASP B 539 -17.28 -3.18 40.17
N ILE B 540 -17.11 -2.01 39.57
CA ILE B 540 -15.90 -1.71 38.83
C ILE B 540 -14.67 -1.71 39.74
N ARG B 541 -14.86 -1.51 41.04
CA ARG B 541 -13.74 -1.60 41.97
C ARG B 541 -13.14 -3.00 41.94
N ASP B 542 -14.00 -4.00 42.06
CA ASP B 542 -13.58 -5.40 42.02
C ASP B 542 -12.98 -5.74 40.64
N GLY B 543 -13.72 -5.42 39.59
CA GLY B 543 -13.29 -5.69 38.24
C GLY B 543 -11.94 -5.08 37.91
N ILE B 544 -11.81 -3.78 38.17
CA ILE B 544 -10.58 -3.07 37.82
C ILE B 544 -9.46 -3.54 38.73
N GLU B 545 -9.79 -3.87 39.98
CA GLU B 545 -8.81 -4.51 40.85
C GLU B 545 -8.26 -5.75 40.16
N ALA B 546 -9.15 -6.64 39.71
CA ALA B 546 -8.73 -7.86 39.01
C ALA B 546 -7.87 -7.54 37.79
N LEU B 547 -8.33 -6.62 36.96
CA LEU B 547 -7.60 -6.27 35.74
C LEU B 547 -6.21 -5.72 36.06
N TYR B 548 -6.14 -4.87 37.10
CA TYR B 548 -4.86 -4.36 37.56
C TYR B 548 -3.97 -5.49 38.06
N ARG B 549 -4.56 -6.44 38.78
CA ARG B 549 -3.81 -7.60 39.23
C ARG B 549 -3.26 -8.33 38.02
N ILE B 550 -4.06 -8.41 36.96
CA ILE B 550 -3.58 -9.01 35.72
C ILE B 550 -2.41 -8.23 35.13
N ILE B 551 -2.50 -6.90 35.09
CA ILE B 551 -1.35 -6.11 34.62
C ILE B 551 -0.11 -6.34 35.50
N GLU B 552 -0.29 -6.39 36.82
CA GLU B 552 0.83 -6.66 37.73
C GLU B 552 1.53 -7.98 37.37
N ASN B 553 0.73 -9.02 37.10
CA ASN B 553 1.26 -10.32 36.68
C ASN B 553 2.27 -10.91 37.68
N ALA B 554 1.88 -10.94 38.95
CA ALA B 554 2.74 -11.50 39.99
C ALA B 554 3.11 -12.96 39.71
N GLY B 555 4.42 -13.24 39.72
CA GLY B 555 4.90 -14.60 39.51
C GLY B 555 4.65 -15.11 38.11
N ASN B 556 4.29 -14.20 37.20
CA ASN B 556 3.96 -14.56 35.81
C ASN B 556 2.87 -15.63 35.75
N ARG B 557 1.97 -15.59 36.73
CA ARG B 557 0.93 -16.61 36.86
C ARG B 557 -0.20 -16.41 35.87
N CYS B 558 -0.23 -15.25 35.21
CA CYS B 558 -1.29 -14.95 34.25
C CYS B 558 -0.94 -15.31 32.81
N ASP B 559 0.27 -15.81 32.58
CA ASP B 559 0.73 -16.06 31.22
C ASP B 559 -0.04 -17.21 30.58
N GLY B 560 -0.66 -16.94 29.44
CA GLY B 560 -1.45 -17.93 28.73
C GLY B 560 -2.81 -18.20 29.37
N GLU B 561 -3.13 -17.42 30.39
CA GLU B 561 -4.36 -17.63 31.15
C GLU B 561 -5.55 -16.93 30.53
N ILE B 562 -6.72 -17.56 30.65
CA ILE B 562 -7.99 -16.94 30.31
C ILE B 562 -8.77 -16.78 31.61
N ILE B 563 -9.09 -15.54 31.97
CA ILE B 563 -9.67 -15.26 33.27
C ILE B 563 -11.01 -14.54 33.20
N ASN B 564 -12.07 -15.21 33.63
CA ASN B 564 -13.34 -14.53 33.86
C ASN B 564 -13.20 -13.55 35.02
N ILE B 565 -13.68 -12.33 34.83
CA ILE B 565 -13.79 -11.39 35.94
C ILE B 565 -15.25 -11.00 36.09
N GLY B 566 -15.86 -11.49 37.16
CA GLY B 566 -17.28 -11.27 37.40
C GLY B 566 -17.60 -11.66 38.83
N ASN B 567 -18.78 -11.30 39.31
CA ASN B 567 -19.20 -11.68 40.64
C ASN B 567 -20.39 -12.64 40.59
N PRO B 568 -20.15 -13.94 40.85
CA PRO B 568 -21.25 -14.91 40.77
C PRO B 568 -22.29 -14.78 41.88
N GLU B 569 -21.95 -14.09 42.96
CA GLU B 569 -22.88 -13.88 44.08
C GLU B 569 -23.92 -12.81 43.76
N ASN B 570 -23.63 -12.00 42.75
CA ASN B 570 -24.48 -10.87 42.33
C ASN B 570 -25.52 -11.24 41.28
N GLU B 571 -25.72 -12.54 41.04
CA GLU B 571 -26.71 -12.99 40.08
C GLU B 571 -28.07 -12.34 40.32
N ALA B 572 -28.64 -11.73 39.27
CA ALA B 572 -29.95 -11.09 39.34
C ALA B 572 -30.63 -11.03 37.97
N SER B 573 -31.96 -11.11 37.95
CA SER B 573 -32.73 -10.90 36.72
C SER B 573 -32.83 -9.42 36.36
N ILE B 574 -33.14 -9.13 35.11
CA ILE B 574 -33.33 -7.75 34.66
C ILE B 574 -34.45 -7.06 35.42
N GLU B 575 -35.52 -7.81 35.74
CA GLU B 575 -36.63 -7.27 36.50
C GLU B 575 -36.18 -6.80 37.89
N GLU B 576 -35.47 -7.70 38.58
CA GLU B 576 -34.95 -7.39 39.91
C GLU B 576 -34.06 -6.15 39.84
N LEU B 577 -33.22 -6.13 38.82
CA LEU B 577 -32.31 -5.01 38.57
C LEU B 577 -33.10 -3.71 38.41
N GLY B 578 -34.15 -3.77 37.60
CA GLY B 578 -35.06 -2.66 37.44
C GLY B 578 -35.64 -2.19 38.76
N GLU B 579 -36.20 -3.12 39.52
CA GLU B 579 -36.79 -2.78 40.82
C GLU B 579 -35.78 -2.17 41.78
N MET B 580 -34.58 -2.76 41.86
CA MET B 580 -33.54 -2.25 42.73
C MET B 580 -33.18 -0.82 42.33
N LEU B 581 -32.93 -0.62 41.05
CA LEU B 581 -32.58 0.71 40.55
C LEU B 581 -33.70 1.70 40.82
N LEU B 582 -34.94 1.26 40.62
CA LEU B 582 -36.11 2.09 40.89
C LEU B 582 -36.15 2.48 42.36
N ALA B 583 -35.92 1.50 43.23
CA ALA B 583 -35.89 1.73 44.67
C ALA B 583 -34.84 2.77 45.05
N SER B 584 -33.62 2.60 44.55
CA SER B 584 -32.56 3.58 44.79
C SER B 584 -32.94 4.93 44.23
N PHE B 585 -33.60 4.92 43.07
CA PHE B 585 -34.01 6.15 42.38
C PHE B 585 -35.04 6.98 43.16
N GLU B 586 -36.14 6.34 43.56
CA GLU B 586 -37.23 7.04 44.22
C GLU B 586 -36.84 7.76 45.51
N LYS B 587 -35.93 7.17 46.28
CA LYS B 587 -35.54 7.73 47.57
C LYS B 587 -34.34 8.68 47.45
N HIS B 588 -33.90 8.91 46.21
CA HIS B 588 -32.68 9.67 45.95
C HIS B 588 -32.89 11.19 45.98
N PRO B 589 -31.90 11.95 46.50
CA PRO B 589 -32.01 13.41 46.61
C PRO B 589 -32.25 14.17 45.29
N LEU B 590 -31.84 13.62 44.16
CA LEU B 590 -31.99 14.31 42.88
C LEU B 590 -33.27 13.91 42.15
N ARG B 591 -34.08 13.07 42.79
CA ARG B 591 -35.27 12.50 42.16
C ARG B 591 -36.13 13.55 41.47
N HIS B 592 -36.26 14.71 42.11
CA HIS B 592 -37.19 15.74 41.66
C HIS B 592 -36.81 16.32 40.29
N HIS B 593 -35.58 16.09 39.83
CA HIS B 593 -35.16 16.58 38.52
C HIS B 593 -35.61 15.71 37.36
N PHE B 594 -36.16 14.54 37.66
CA PHE B 594 -36.50 13.58 36.63
C PHE B 594 -37.99 13.22 36.65
N PRO B 595 -38.52 12.78 35.50
CA PRO B 595 -39.97 12.55 35.35
C PRO B 595 -40.54 11.45 36.24
N PRO B 596 -41.86 11.28 36.23
CA PRO B 596 -42.50 10.14 36.90
C PRO B 596 -42.06 8.82 36.27
N PHE B 597 -42.07 7.73 37.03
CA PHE B 597 -41.67 6.44 36.49
C PHE B 597 -42.71 5.97 35.48
N ALA B 598 -42.26 5.66 34.27
CA ALA B 598 -43.16 5.30 33.19
C ALA B 598 -43.66 3.86 33.35
N GLY B 599 -43.02 3.09 34.22
CA GLY B 599 -43.46 1.75 34.53
C GLY B 599 -42.67 0.67 33.79
N PHE B 600 -42.82 -0.57 34.24
CA PHE B 600 -42.22 -1.71 33.56
C PHE B 600 -43.15 -2.21 32.46
N ARG B 601 -42.58 -2.50 31.29
CA ARG B 601 -43.35 -2.99 30.14
C ARG B 601 -42.70 -4.21 29.48
N VAL B 602 -43.43 -5.31 29.51
CA VAL B 602 -42.97 -6.59 28.93
C VAL B 602 -43.01 -6.54 27.41
N VAL B 603 -41.91 -6.97 26.80
CA VAL B 603 -41.72 -6.90 25.35
C VAL B 603 -41.19 -8.23 24.83
N GLU B 604 -41.53 -8.55 23.59
CA GLU B 604 -41.03 -9.77 22.94
C GLU B 604 -39.57 -9.58 22.52
N SER B 605 -38.87 -10.70 22.40
CA SER B 605 -37.47 -10.71 21.97
C SER B 605 -37.31 -9.96 20.65
N SER B 606 -38.33 -10.06 19.81
CA SER B 606 -38.31 -9.48 18.46
C SER B 606 -38.33 -7.95 18.41
N SER B 607 -38.25 -7.27 19.55
CA SER B 607 -38.25 -5.79 19.55
C SER B 607 -36.88 -5.12 19.78
N TYR B 608 -36.29 -5.33 20.95
CA TYR B 608 -35.07 -4.60 21.32
C TYR B 608 -33.89 -5.08 20.48
N TYR B 609 -33.77 -6.40 20.36
CA TYR B 609 -32.63 -7.03 19.69
C TYR B 609 -32.94 -7.36 18.22
N GLY B 610 -34.13 -7.00 17.76
CA GLY B 610 -34.60 -7.35 16.43
C GLY B 610 -35.09 -8.79 16.41
N LYS B 611 -35.28 -9.36 15.22
CA LYS B 611 -35.79 -10.73 15.10
C LYS B 611 -34.67 -11.76 14.96
N GLY B 612 -35.04 -13.04 14.94
CA GLY B 612 -34.08 -14.12 14.83
C GLY B 612 -33.02 -14.10 15.91
N TYR B 613 -33.40 -13.63 17.09
CA TYR B 613 -32.48 -13.46 18.22
C TYR B 613 -32.45 -14.67 19.16
N GLN B 614 -31.26 -15.01 19.65
CA GLN B 614 -31.06 -16.09 20.61
C GLN B 614 -30.20 -15.65 21.80
N ASP B 615 -30.78 -15.70 22.99
CA ASP B 615 -30.15 -15.19 24.19
C ASP B 615 -29.68 -16.32 25.10
N VAL B 616 -28.76 -16.00 26.01
CA VAL B 616 -28.19 -16.97 26.93
C VAL B 616 -29.05 -16.99 28.20
N GLU B 617 -29.39 -18.18 28.68
CA GLU B 617 -30.33 -18.32 29.78
C GLU B 617 -29.73 -17.93 31.13
N HIS B 618 -28.41 -18.07 31.26
CA HIS B 618 -27.72 -17.69 32.48
C HIS B 618 -26.28 -17.28 32.18
N ARG B 619 -25.75 -16.33 32.95
CA ARG B 619 -24.31 -16.13 32.94
C ARG B 619 -23.79 -16.09 34.35
N LYS B 620 -23.15 -17.18 34.75
CA LYS B 620 -22.48 -17.30 36.03
C LYS B 620 -21.03 -17.68 35.76
N PRO B 621 -20.08 -16.76 36.00
CA PRO B 621 -18.71 -17.12 35.66
C PRO B 621 -18.07 -18.06 36.67
N SER B 622 -17.21 -18.96 36.23
CA SER B 622 -16.29 -19.60 37.14
C SER B 622 -15.16 -18.61 37.33
N ILE B 623 -15.00 -18.16 38.56
CA ILE B 623 -13.93 -17.23 38.92
C ILE B 623 -12.74 -17.93 39.59
N ARG B 624 -12.74 -19.26 39.59
CA ARG B 624 -11.60 -20.01 40.10
C ARG B 624 -10.25 -19.51 39.56
N ASN B 625 -10.15 -19.35 38.24
CA ASN B 625 -8.92 -18.91 37.61
C ASN B 625 -8.44 -17.55 38.16
N ALA B 626 -9.40 -16.65 38.39
CA ALA B 626 -9.09 -15.35 38.95
C ALA B 626 -8.50 -15.50 40.34
N HIS B 627 -9.10 -16.38 41.15
CA HIS B 627 -8.58 -16.65 42.48
C HIS B 627 -7.17 -17.21 42.41
N ARG B 628 -6.98 -18.22 41.55
CA ARG B 628 -5.68 -18.87 41.43
C ARG B 628 -4.59 -17.92 40.98
N CYS B 629 -4.83 -17.20 39.88
CA CYS B 629 -3.80 -16.34 39.30
C CYS B 629 -3.67 -14.99 40.00
N LEU B 630 -4.80 -14.37 40.33
CA LEU B 630 -4.80 -13.01 40.88
C LEU B 630 -4.95 -12.92 42.39
N ASP B 631 -5.15 -14.05 43.06
CA ASP B 631 -5.47 -14.05 44.50
C ASP B 631 -6.65 -13.12 44.75
N TRP B 632 -7.64 -13.19 43.87
CA TRP B 632 -8.71 -12.19 43.80
C TRP B 632 -10.09 -12.74 44.13
N GLU B 633 -10.85 -11.96 44.88
CA GLU B 633 -12.24 -12.26 45.17
C GLU B 633 -13.04 -10.97 45.12
N PRO B 634 -14.27 -11.01 44.57
CA PRO B 634 -15.06 -9.78 44.61
C PRO B 634 -15.53 -9.47 46.03
N LYS B 635 -15.24 -8.26 46.52
CA LYS B 635 -15.55 -7.90 47.90
C LYS B 635 -16.84 -7.11 48.14
N ILE B 636 -17.46 -6.62 47.07
CA ILE B 636 -18.54 -5.63 47.19
C ILE B 636 -19.93 -6.17 46.93
N ASP B 637 -20.82 -5.94 47.90
CA ASP B 637 -22.21 -6.37 47.81
C ASP B 637 -22.98 -5.60 46.74
N MET B 638 -23.95 -6.28 46.14
CA MET B 638 -24.75 -5.74 45.03
C MET B 638 -25.34 -4.34 45.29
N GLN B 639 -25.93 -4.17 46.47
CA GLN B 639 -26.70 -2.96 46.80
C GLN B 639 -25.83 -1.71 46.70
N GLU B 640 -24.61 -1.81 47.22
CA GLU B 640 -23.67 -0.71 47.19
C GLU B 640 -23.30 -0.36 45.74
N THR B 641 -23.15 -1.39 44.89
CA THR B 641 -22.87 -1.21 43.48
C THR B 641 -24.01 -0.45 42.80
N ILE B 642 -25.23 -0.96 42.99
CA ILE B 642 -26.44 -0.31 42.49
C ILE B 642 -26.47 1.16 42.90
N ASP B 643 -26.32 1.40 44.20
CA ASP B 643 -26.41 2.74 44.74
C ASP B 643 -25.34 3.66 44.19
N GLU B 644 -24.09 3.20 44.19
CA GLU B 644 -22.98 4.04 43.74
C GLU B 644 -23.12 4.37 42.27
N THR B 645 -23.46 3.36 41.47
CA THR B 645 -23.63 3.55 40.03
C THR B 645 -24.73 4.59 39.76
N LEU B 646 -25.92 4.35 40.32
CA LEU B 646 -27.04 5.27 40.09
C LEU B 646 -26.68 6.65 40.58
N ASP B 647 -26.08 6.71 41.77
CA ASP B 647 -25.70 7.97 42.38
C ASP B 647 -24.81 8.79 41.45
N PHE B 648 -23.70 8.19 41.02
CA PHE B 648 -22.76 8.88 40.16
C PHE B 648 -23.44 9.34 38.88
N PHE B 649 -24.23 8.45 38.27
CA PHE B 649 -24.91 8.86 37.05
C PHE B 649 -25.82 10.06 37.29
N LEU B 650 -26.70 10.00 38.30
CA LEU B 650 -27.62 11.11 38.53
C LEU B 650 -26.90 12.41 38.84
N ARG B 651 -25.83 12.35 39.64
CA ARG B 651 -25.08 13.56 39.93
C ARG B 651 -24.30 14.03 38.70
N THR B 652 -24.00 13.11 37.80
CA THR B 652 -23.33 13.47 36.55
C THR B 652 -24.25 14.09 35.49
N VAL B 653 -25.53 13.72 35.49
CA VAL B 653 -26.46 14.22 34.45
C VAL B 653 -26.47 15.74 34.40
N ASP B 654 -26.37 16.26 33.19
CA ASP B 654 -26.46 17.71 32.97
C ASP B 654 -27.94 18.10 33.00
N LEU B 655 -28.25 19.15 33.76
CA LEU B 655 -29.63 19.62 33.91
C LEU B 655 -29.81 21.03 33.35
N THR B 656 -31.08 21.47 33.39
CA THR B 656 -31.56 22.79 32.93
C THR B 656 -32.67 22.58 31.91
N MET C 1 65.30 29.02 -31.40
CA MET C 1 64.85 28.19 -30.25
C MET C 1 63.60 27.37 -30.55
N LYS C 2 63.37 26.36 -29.73
CA LYS C 2 62.17 25.56 -29.78
C LYS C 2 61.29 25.90 -28.58
N THR C 3 59.99 25.99 -28.81
CA THR C 3 59.05 26.32 -27.75
C THR C 3 57.80 25.46 -27.76
N VAL C 4 57.26 25.25 -26.57
CA VAL C 4 55.90 24.77 -26.40
C VAL C 4 55.19 25.92 -25.73
N VAL C 5 54.08 26.35 -26.34
CA VAL C 5 53.35 27.54 -25.90
C VAL C 5 52.01 27.18 -25.28
N PHE C 6 51.69 27.86 -24.18
CA PHE C 6 50.37 27.79 -23.57
C PHE C 6 49.69 29.12 -23.80
N ALA C 7 48.65 29.13 -24.62
CA ALA C 7 48.08 30.37 -25.10
C ALA C 7 46.56 30.34 -25.23
N TYR C 8 45.94 31.49 -24.97
CA TYR C 8 44.51 31.64 -25.15
C TYR C 8 44.15 33.10 -25.44
N HIS C 9 43.07 33.27 -26.20
CA HIS C 9 42.51 34.59 -26.54
C HIS C 9 43.51 35.53 -27.26
N ASP C 10 43.38 36.84 -27.03
CA ASP C 10 44.16 37.84 -27.76
C ASP C 10 45.63 37.84 -27.40
N MET C 11 45.91 37.84 -26.10
CA MET C 11 47.28 37.80 -25.62
C MET C 11 47.98 36.55 -26.15
N GLY C 12 47.25 35.44 -26.15
CA GLY C 12 47.74 34.21 -26.73
C GLY C 12 48.07 34.33 -28.20
N CYS C 13 47.12 34.85 -28.98
CA CYS C 13 47.36 35.07 -30.40
C CYS C 13 48.58 35.95 -30.67
N LEU C 14 48.59 37.15 -30.07
CA LEU C 14 49.68 38.08 -30.30
C LEU C 14 51.01 37.50 -29.81
N GLY C 15 50.95 36.74 -28.72
CA GLY C 15 52.14 36.06 -28.22
C GLY C 15 52.69 35.11 -29.27
N ILE C 16 51.83 34.24 -29.78
CA ILE C 16 52.22 33.28 -30.80
C ILE C 16 52.80 33.98 -32.03
N GLU C 17 52.10 34.99 -32.54
CA GLU C 17 52.61 35.72 -33.71
C GLU C 17 53.96 36.37 -33.44
N ALA C 18 54.08 37.06 -32.32
CA ALA C 18 55.35 37.71 -31.96
C ALA C 18 56.47 36.69 -31.84
N LEU C 19 56.13 35.53 -31.28
CA LEU C 19 57.09 34.43 -31.13
C LEU C 19 57.56 33.95 -32.51
N LEU C 20 56.61 33.74 -33.42
CA LEU C 20 56.95 33.32 -34.78
C LEU C 20 57.78 34.37 -35.51
N ALA C 21 57.40 35.64 -35.35
CA ALA C 21 58.11 36.74 -35.98
C ALA C 21 59.55 36.87 -35.49
N ALA C 22 59.83 36.31 -34.30
CA ALA C 22 61.17 36.39 -33.72
C ALA C 22 62.07 35.21 -34.12
N GLY C 23 61.55 34.31 -34.95
CA GLY C 23 62.33 33.20 -35.44
C GLY C 23 62.33 32.00 -34.50
N TYR C 24 61.41 31.99 -33.55
CA TYR C 24 61.21 30.83 -32.67
C TYR C 24 60.55 29.69 -33.44
N GLU C 25 60.80 28.46 -33.01
CA GLU C 25 60.09 27.30 -33.54
C GLU C 25 59.06 26.80 -32.53
N ILE C 26 57.78 26.92 -32.88
CA ILE C 26 56.72 26.47 -32.00
C ILE C 26 56.40 25.02 -32.36
N SER C 27 56.73 24.12 -31.43
CA SER C 27 56.59 22.69 -31.65
C SER C 27 55.14 22.26 -31.46
N ALA C 28 54.50 22.83 -30.44
CA ALA C 28 53.08 22.60 -30.21
C ALA C 28 52.50 23.73 -29.37
N ILE C 29 51.18 23.91 -29.42
CA ILE C 29 50.50 24.92 -28.62
C ILE C 29 49.40 24.27 -27.81
N PHE C 30 49.32 24.64 -26.54
CA PHE C 30 48.26 24.14 -25.68
C PHE C 30 47.29 25.28 -25.36
N THR C 31 46.00 25.00 -25.49
CA THR C 31 44.96 26.03 -25.37
C THR C 31 43.69 25.46 -24.78
N HIS C 32 42.61 26.24 -24.83
CA HIS C 32 41.32 25.83 -24.28
C HIS C 32 40.20 25.85 -25.31
N THR C 33 39.16 25.09 -25.04
CA THR C 33 37.91 25.18 -25.78
C THR C 33 37.16 26.43 -25.30
N ASP C 34 36.21 26.88 -26.10
CA ASP C 34 35.42 28.06 -25.77
C ASP C 34 34.12 27.64 -25.12
N ASN C 35 33.71 28.35 -24.07
CA ASN C 35 32.47 28.04 -23.40
C ASN C 35 31.30 28.38 -24.32
N PRO C 36 30.20 27.61 -24.22
CA PRO C 36 29.09 27.76 -25.18
C PRO C 36 28.50 29.18 -25.22
N TYR C 42 37.04 37.68 -28.47
CA TYR C 42 38.44 37.29 -28.39
C TYR C 42 38.85 36.50 -29.63
N GLY C 43 40.08 36.71 -30.07
CA GLY C 43 40.66 35.95 -31.17
C GLY C 43 40.94 34.52 -30.76
N SER C 44 40.89 33.62 -31.74
CA SER C 44 41.11 32.20 -31.47
C SER C 44 42.57 31.81 -31.62
N VAL C 45 43.10 31.17 -30.59
CA VAL C 45 44.46 30.61 -30.63
C VAL C 45 44.47 29.35 -31.48
N ALA C 46 43.39 28.59 -31.40
CA ALA C 46 43.29 27.33 -32.14
C ALA C 46 43.29 27.57 -33.65
N ARG C 47 42.44 28.50 -34.11
CA ARG C 47 42.36 28.82 -35.53
C ARG C 47 43.72 29.31 -36.04
N LEU C 48 44.39 30.12 -35.23
CA LEU C 48 45.72 30.64 -35.58
C LEU C 48 46.72 29.50 -35.69
N ALA C 49 46.77 28.65 -34.67
CA ALA C 49 47.65 27.48 -34.67
C ALA C 49 47.39 26.59 -35.87
N ALA C 50 46.11 26.42 -36.19
CA ALA C 50 45.70 25.61 -37.32
C ALA C 50 46.19 26.21 -38.64
N GLU C 51 45.99 27.51 -38.80
CA GLU C 51 46.41 28.21 -40.00
C GLU C 51 47.92 28.18 -40.25
N ARG C 52 48.71 28.18 -39.17
CA ARG C 52 50.18 28.22 -39.29
C ARG C 52 50.79 26.83 -39.35
N GLY C 53 49.94 25.79 -39.34
CA GLY C 53 50.43 24.43 -39.42
C GLY C 53 51.20 23.99 -38.18
N ILE C 54 50.80 24.53 -37.03
CA ILE C 54 51.39 24.18 -35.75
C ILE C 54 50.42 23.25 -35.02
N PRO C 55 50.89 22.06 -34.60
CA PRO C 55 49.96 21.17 -33.88
C PRO C 55 49.47 21.80 -32.58
N VAL C 56 48.15 21.76 -32.36
CA VAL C 56 47.54 22.42 -31.22
C VAL C 56 46.66 21.45 -30.44
N TYR C 57 46.78 21.48 -29.12
CA TYR C 57 46.02 20.57 -28.25
C TYR C 57 45.30 21.36 -27.17
N ALA C 58 44.17 20.83 -26.70
CA ALA C 58 43.43 21.48 -25.61
C ALA C 58 42.88 20.49 -24.60
N PRO C 59 43.77 19.72 -23.94
CA PRO C 59 43.32 18.85 -22.85
C PRO C 59 42.84 19.67 -21.66
N ASP C 60 41.98 19.09 -20.83
CA ASP C 60 41.46 19.78 -19.66
C ASP C 60 42.53 19.94 -18.59
N ASN C 61 43.33 18.89 -18.39
CA ASN C 61 44.48 18.97 -17.51
C ASN C 61 45.74 18.48 -18.22
N VAL C 62 46.64 19.41 -18.50
CA VAL C 62 47.88 19.12 -19.23
C VAL C 62 48.93 18.50 -18.32
N ASN C 63 48.69 18.53 -17.01
CA ASN C 63 49.69 18.07 -16.05
C ASN C 63 49.67 16.56 -15.84
N HIS C 64 48.75 15.87 -16.53
CA HIS C 64 48.74 14.41 -16.57
C HIS C 64 50.09 13.91 -17.13
N PRO C 65 50.71 12.90 -16.49
CA PRO C 65 52.01 12.39 -16.98
C PRO C 65 52.11 12.13 -18.49
N LEU C 66 51.04 11.67 -19.13
CA LEU C 66 51.04 11.45 -20.58
C LEU C 66 51.49 12.71 -21.34
N TRP C 67 50.81 13.83 -21.05
CA TRP C 67 51.12 15.11 -21.68
C TRP C 67 52.49 15.63 -21.28
N VAL C 68 52.88 15.41 -20.03
CA VAL C 68 54.22 15.75 -19.58
C VAL C 68 55.22 14.99 -20.44
N GLU C 69 54.96 13.70 -20.64
CA GLU C 69 55.83 12.87 -21.47
C GLU C 69 55.90 13.43 -22.89
N ARG C 70 54.76 13.70 -23.52
CA ARG C 70 54.80 14.21 -24.90
C ARG C 70 55.48 15.57 -25.01
N ILE C 71 55.16 16.50 -24.11
CA ILE C 71 55.83 17.79 -24.10
C ILE C 71 57.33 17.61 -23.88
N ALA C 72 57.69 16.68 -23.00
CA ALA C 72 59.09 16.33 -22.77
C ALA C 72 59.74 15.83 -24.07
N GLN C 73 59.03 14.94 -24.77
CA GLN C 73 59.50 14.41 -26.05
C GLN C 73 59.74 15.52 -27.07
N LEU C 74 58.81 16.48 -27.15
CA LEU C 74 59.02 17.66 -28.00
C LEU C 74 60.31 18.41 -27.66
N SER C 75 60.72 18.32 -26.39
CA SER C 75 62.00 18.85 -25.94
C SER C 75 62.18 20.33 -26.26
N PRO C 76 61.37 21.20 -25.66
CA PRO C 76 61.45 22.65 -25.88
C PRO C 76 62.62 23.30 -25.16
N ASP C 77 63.16 24.37 -25.77
CA ASP C 77 64.24 25.14 -25.17
C ASP C 77 63.71 26.08 -24.10
N VAL C 78 62.60 26.74 -24.41
CA VAL C 78 61.94 27.65 -23.48
C VAL C 78 60.42 27.50 -23.62
N ILE C 79 59.70 27.75 -22.53
CA ILE C 79 58.25 27.67 -22.52
C ILE C 79 57.65 29.07 -22.31
N PHE C 80 56.53 29.33 -22.97
CA PHE C 80 55.83 30.59 -22.82
C PHE C 80 54.37 30.38 -22.48
N SER C 81 53.88 31.20 -21.55
CA SER C 81 52.47 31.19 -21.18
C SER C 81 51.88 32.57 -21.45
N PHE C 82 50.99 32.64 -22.43
CA PHE C 82 50.25 33.86 -22.68
C PHE C 82 48.77 33.63 -22.37
N TYR C 83 48.34 34.13 -21.22
CA TYR C 83 46.95 34.05 -20.79
C TYR C 83 46.34 32.62 -20.82
N TYR C 84 47.17 31.61 -20.54
CA TYR C 84 46.65 30.27 -20.33
C TYR C 84 45.96 30.19 -18.97
N ARG C 85 44.67 29.83 -18.98
CA ARG C 85 43.83 29.88 -17.78
C ARG C 85 44.01 28.72 -16.80
N HIS C 86 44.20 27.51 -17.29
CA HIS C 86 44.47 26.37 -16.42
C HIS C 86 45.89 26.51 -15.87
N LEU C 87 46.15 25.88 -14.74
CA LEU C 87 47.41 26.11 -14.03
C LEU C 87 48.47 25.07 -14.38
N ILE C 88 49.65 25.56 -14.77
CA ILE C 88 50.78 24.72 -15.15
C ILE C 88 51.72 24.63 -13.95
N TYR C 89 52.00 23.43 -13.46
CA TYR C 89 52.87 23.29 -12.28
C TYR C 89 54.24 22.70 -12.62
N ASP C 90 55.18 22.93 -11.71
CA ASP C 90 56.62 22.82 -11.93
C ASP C 90 57.09 21.59 -12.72
N GLU C 91 56.46 20.43 -12.45
CA GLU C 91 56.86 19.16 -13.06
C GLU C 91 57.05 19.30 -14.57
N ILE C 92 56.07 19.90 -15.22
CA ILE C 92 56.13 20.14 -16.66
C ILE C 92 56.93 21.42 -16.98
N LEU C 93 56.90 22.42 -16.09
CA LEU C 93 57.63 23.67 -16.33
C LEU C 93 59.14 23.51 -16.42
N GLN C 94 59.73 22.65 -15.60
CA GLN C 94 61.19 22.57 -15.55
C GLN C 94 61.78 21.74 -16.69
N LEU C 95 60.94 21.30 -17.62
CA LEU C 95 61.40 20.57 -18.80
C LEU C 95 62.23 21.45 -19.75
N ALA C 96 61.97 22.76 -19.73
CA ALA C 96 62.67 23.69 -20.60
C ALA C 96 63.88 24.31 -19.90
N PRO C 97 65.10 24.09 -20.44
CA PRO C 97 66.31 24.59 -19.77
C PRO C 97 66.38 26.12 -19.67
N ALA C 98 66.00 26.82 -20.73
CA ALA C 98 66.05 28.28 -20.73
C ALA C 98 64.97 28.87 -19.83
N GLY C 99 64.10 28.01 -19.33
CA GLY C 99 63.07 28.42 -18.37
C GLY C 99 61.72 28.58 -19.02
N ALA C 100 60.78 29.13 -18.25
CA ALA C 100 59.43 29.36 -18.73
C ALA C 100 58.98 30.77 -18.34
N PHE C 101 58.42 31.50 -19.29
CA PHE C 101 58.01 32.88 -19.07
C PHE C 101 56.50 33.07 -19.22
N ASN C 102 55.95 33.99 -18.44
CA ASN C 102 54.52 34.29 -18.46
C ASN C 102 54.24 35.76 -18.73
N LEU C 103 53.22 36.00 -19.55
CA LEU C 103 52.75 37.35 -19.83
C LEU C 103 51.56 37.70 -18.93
N HIS C 104 51.71 38.75 -18.12
CA HIS C 104 50.68 39.17 -17.16
C HIS C 104 50.21 40.60 -17.43
N GLY C 105 48.93 40.84 -17.18
CA GLY C 105 48.24 42.05 -17.60
C GLY C 105 48.26 43.22 -16.63
N SER C 106 49.27 43.30 -15.77
CA SER C 106 49.39 44.42 -14.85
C SER C 106 50.85 44.86 -14.68
N LEU C 107 51.06 45.86 -13.81
CA LEU C 107 52.40 46.22 -13.39
C LEU C 107 52.68 45.38 -12.17
N LEU C 108 53.53 44.37 -12.33
CA LEU C 108 53.81 43.48 -11.23
C LEU C 108 54.88 44.14 -10.38
N PRO C 109 54.91 43.83 -9.06
CA PRO C 109 54.08 42.92 -8.25
C PRO C 109 52.60 43.30 -8.04
N LYS C 110 52.17 44.51 -8.39
CA LYS C 110 50.76 44.87 -8.21
C LYS C 110 49.82 44.03 -9.09
N TYR C 111 48.64 43.74 -8.55
CA TYR C 111 47.58 43.05 -9.30
C TYR C 111 48.04 41.71 -9.86
N ARG C 112 48.82 40.97 -9.08
CA ARG C 112 49.34 39.68 -9.50
C ARG C 112 48.26 38.60 -9.53
N GLY C 113 47.07 38.94 -9.05
CA GLY C 113 45.94 38.02 -9.06
C GLY C 113 45.39 37.79 -10.46
N ARG C 114 44.08 37.54 -10.54
CA ARG C 114 43.44 37.31 -11.83
C ARG C 114 42.46 38.43 -12.14
N ALA C 115 42.14 38.58 -13.43
CA ALA C 115 41.35 39.70 -13.95
C ALA C 115 41.93 41.07 -13.60
N PRO C 116 43.23 41.28 -13.87
CA PRO C 116 43.83 42.57 -13.55
C PRO C 116 43.20 43.72 -14.35
N LEU C 117 42.81 43.43 -15.59
CA LEU C 117 42.16 44.40 -16.46
C LEU C 117 40.99 45.07 -15.77
N ASN C 118 40.11 44.25 -15.22
CA ASN C 118 38.91 44.77 -14.60
C ASN C 118 39.22 45.43 -13.27
N TRP C 119 40.07 44.79 -12.49
CA TRP C 119 40.40 45.25 -11.16
C TRP C 119 41.05 46.64 -11.16
N VAL C 120 41.97 46.90 -12.09
CA VAL C 120 42.57 48.23 -12.12
C VAL C 120 41.52 49.31 -12.47
N LEU C 121 40.49 48.94 -13.22
CA LEU C 121 39.40 49.87 -13.50
C LEU C 121 38.48 50.06 -12.29
N VAL C 122 38.12 48.96 -11.63
CA VAL C 122 37.29 49.04 -10.43
C VAL C 122 37.90 50.00 -9.42
N ASN C 123 39.21 49.88 -9.20
CA ASN C 123 39.92 50.66 -8.20
C ASN C 123 40.26 52.08 -8.63
N GLY C 124 40.00 52.42 -9.88
CA GLY C 124 40.19 53.79 -10.34
C GLY C 124 41.66 54.12 -10.53
N GLU C 125 42.41 53.15 -11.04
CA GLU C 125 43.84 53.32 -11.24
C GLU C 125 44.11 54.24 -12.44
N THR C 126 45.17 55.03 -12.35
CA THR C 126 45.53 55.94 -13.43
C THR C 126 46.47 55.28 -14.44
N GLU C 127 46.99 54.12 -14.08
CA GLU C 127 47.92 53.41 -14.94
C GLU C 127 47.94 51.90 -14.68
N THR C 128 48.44 51.18 -15.67
CA THR C 128 48.60 49.73 -15.58
C THR C 128 49.68 49.35 -16.59
N GLY C 129 49.85 48.06 -16.88
CA GLY C 129 50.76 47.68 -17.94
C GLY C 129 50.82 46.18 -18.14
N VAL C 130 51.86 45.75 -18.86
CA VAL C 130 52.07 44.33 -19.10
C VAL C 130 53.46 43.93 -18.64
N THR C 131 53.54 42.74 -18.06
CA THR C 131 54.79 42.23 -17.50
C THR C 131 55.09 40.84 -18.01
N LEU C 132 56.31 40.66 -18.49
CA LEU C 132 56.82 39.33 -18.84
C LEU C 132 57.70 38.89 -17.69
N HIS C 133 57.32 37.82 -17.01
CA HIS C 133 58.05 37.38 -15.85
C HIS C 133 58.34 35.88 -15.89
N ARG C 134 59.24 35.44 -15.03
CA ARG C 134 59.65 34.04 -14.96
C ARG C 134 58.67 33.25 -14.12
N MET C 135 58.15 32.16 -14.67
CA MET C 135 57.17 31.36 -13.93
C MET C 135 57.82 30.54 -12.83
N VAL C 136 57.16 30.52 -11.67
CA VAL C 136 57.66 29.82 -10.50
C VAL C 136 56.48 29.19 -9.76
N LYS C 137 56.77 28.51 -8.64
CA LYS C 137 55.75 27.79 -7.89
C LYS C 137 54.61 28.72 -7.47
N ARG C 138 54.97 29.92 -7.03
CA ARG C 138 53.99 30.90 -6.59
C ARG C 138 53.43 31.65 -7.80
N ALA C 139 52.11 31.80 -7.85
CA ALA C 139 51.45 32.40 -9.00
C ALA C 139 51.80 33.88 -9.19
N ASP C 140 52.31 34.21 -10.37
CA ASP C 140 52.63 35.57 -10.77
C ASP C 140 53.64 36.26 -9.84
N ALA C 141 54.42 35.46 -9.10
CA ALA C 141 55.40 36.00 -8.15
C ALA C 141 56.84 36.06 -8.69
N GLY C 142 57.07 35.49 -9.86
CA GLY C 142 58.42 35.29 -10.36
C GLY C 142 59.16 36.53 -10.82
N ALA C 143 60.43 36.34 -11.16
CA ALA C 143 61.30 37.46 -11.53
C ALA C 143 60.82 38.16 -12.80
N ILE C 144 60.81 39.49 -12.75
CA ILE C 144 60.36 40.31 -13.87
C ILE C 144 61.46 40.45 -14.93
N VAL C 145 61.21 39.95 -16.13
CA VAL C 145 62.16 40.10 -17.24
C VAL C 145 61.97 41.42 -17.97
N ALA C 146 60.70 41.79 -18.14
CA ALA C 146 60.35 43.01 -18.86
C ALA C 146 59.00 43.55 -18.36
N GLN C 147 58.83 44.86 -18.45
CA GLN C 147 57.59 45.52 -18.05
C GLN C 147 57.41 46.80 -18.86
N LEU C 148 56.16 47.13 -19.16
CA LEU C 148 55.88 48.33 -19.92
C LEU C 148 54.63 49.02 -19.35
N ARG C 149 54.76 50.28 -18.96
CA ARG C 149 53.63 51.01 -18.37
C ARG C 149 52.66 51.52 -19.42
N ILE C 150 51.39 51.59 -19.06
CA ILE C 150 50.38 52.15 -19.96
C ILE C 150 49.46 53.07 -19.15
N ALA C 151 49.14 54.23 -19.70
CA ALA C 151 48.22 55.15 -19.04
C ALA C 151 46.76 54.71 -19.22
N ILE C 152 45.98 54.80 -18.15
CA ILE C 152 44.54 54.56 -18.21
C ILE C 152 43.82 55.90 -18.29
N ALA C 153 43.12 56.12 -19.40
CA ALA C 153 42.38 57.36 -19.61
C ALA C 153 41.11 57.39 -18.75
N PRO C 154 40.64 58.60 -18.41
CA PRO C 154 39.40 58.73 -17.63
C PRO C 154 38.21 58.09 -18.35
N ASP C 155 38.22 58.10 -19.68
CA ASP C 155 37.13 57.57 -20.48
C ASP C 155 37.35 56.12 -20.95
N ASP C 156 38.47 55.51 -20.54
CA ASP C 156 38.72 54.11 -20.86
C ASP C 156 37.71 53.18 -20.18
N ILE C 157 37.25 52.17 -20.91
CA ILE C 157 36.43 51.10 -20.34
C ILE C 157 37.19 49.79 -20.55
N ALA C 158 36.62 48.68 -20.10
CA ALA C 158 37.33 47.41 -20.10
C ALA C 158 37.94 47.03 -21.47
N ILE C 159 37.11 47.08 -22.52
CA ILE C 159 37.53 46.63 -23.84
C ILE C 159 38.63 47.52 -24.44
N THR C 160 38.47 48.83 -24.29
CA THR C 160 39.45 49.77 -24.82
C THR C 160 40.80 49.57 -24.10
N LEU C 161 40.74 49.44 -22.78
CA LEU C 161 41.95 49.21 -22.00
C LEU C 161 42.55 47.85 -22.37
N HIS C 162 41.69 46.86 -22.63
CA HIS C 162 42.13 45.55 -23.08
C HIS C 162 42.95 45.64 -24.37
N HIS C 163 42.42 46.35 -25.36
CA HIS C 163 43.17 46.55 -26.61
C HIS C 163 44.47 47.31 -26.33
N LYS C 164 44.43 48.30 -25.46
CA LYS C 164 45.63 49.01 -25.02
C LYS C 164 46.69 48.04 -24.46
N LEU C 165 46.24 47.15 -23.59
CA LEU C 165 47.10 46.12 -22.98
C LEU C 165 47.71 45.23 -24.05
N CYS C 166 46.87 44.78 -24.99
CA CYS C 166 47.35 43.97 -26.12
C CYS C 166 48.43 44.69 -26.93
N HIS C 167 48.19 45.95 -27.27
CA HIS C 167 49.18 46.76 -27.99
C HIS C 167 50.51 46.79 -27.23
N ALA C 168 50.44 47.15 -25.96
CA ALA C 168 51.64 47.20 -25.13
C ALA C 168 52.34 45.84 -25.09
N ALA C 169 51.55 44.77 -25.02
CA ALA C 169 52.10 43.43 -25.00
C ALA C 169 52.86 43.12 -26.29
N ARG C 170 52.27 43.44 -27.44
CA ARG C 170 52.94 43.24 -28.72
C ARG C 170 54.26 44.00 -28.77
N GLN C 171 54.24 45.25 -28.33
CA GLN C 171 55.47 46.05 -28.25
C GLN C 171 56.53 45.36 -27.39
N LEU C 172 56.15 45.04 -26.16
CA LEU C 172 57.03 44.38 -25.20
C LEU C 172 57.66 43.14 -25.79
N LEU C 173 56.82 42.24 -26.28
CA LEU C 173 57.31 40.98 -26.83
C LEU C 173 58.22 41.24 -28.02
N GLU C 174 57.77 42.08 -28.94
CA GLU C 174 58.56 42.38 -30.14
C GLU C 174 59.97 42.82 -29.74
N GLN C 175 60.09 43.69 -28.74
CA GLN C 175 61.42 44.13 -28.33
C GLN C 175 62.21 43.13 -27.46
N THR C 176 61.58 42.46 -26.49
CA THR C 176 62.33 41.59 -25.57
C THR C 176 62.45 40.11 -25.95
N LEU C 177 61.67 39.64 -26.92
CA LEU C 177 61.73 38.23 -27.31
C LEU C 177 63.08 37.89 -27.94
N PRO C 178 63.61 38.76 -28.82
CA PRO C 178 64.94 38.53 -29.36
C PRO C 178 66.02 38.38 -28.28
N ALA C 179 65.88 39.07 -27.16
CA ALA C 179 66.85 38.97 -26.08
C ALA C 179 66.81 37.60 -25.41
N ILE C 180 65.60 37.05 -25.25
CA ILE C 180 65.44 35.74 -24.62
C ILE C 180 66.02 34.64 -25.52
N LYS C 181 65.93 34.85 -26.83
CA LYS C 181 66.42 33.91 -27.83
C LYS C 181 67.94 33.71 -27.77
N HIS C 182 68.58 34.60 -27.02
CA HIS C 182 70.03 34.68 -26.87
C HIS C 182 70.45 34.39 -25.42
N GLY C 183 69.79 35.02 -24.44
CA GLY C 183 70.25 34.97 -23.06
C GLY C 183 70.72 36.26 -22.45
N ASN C 184 70.33 37.38 -23.05
CA ASN C 184 70.64 38.71 -22.53
C ASN C 184 69.63 39.20 -21.51
N ILE C 185 68.75 38.31 -21.06
CA ILE C 185 67.70 38.69 -20.11
C ILE C 185 68.25 39.24 -18.79
N LEU C 186 67.64 40.30 -18.29
CA LEU C 186 67.85 40.72 -16.90
C LEU C 186 66.72 40.12 -16.08
N GLU C 187 67.01 39.74 -14.85
CA GLU C 187 65.98 39.27 -13.95
C GLU C 187 65.90 40.17 -12.72
N ILE C 188 64.81 40.92 -12.66
CA ILE C 188 64.52 41.78 -11.53
C ILE C 188 63.51 41.10 -10.62
N ALA C 189 63.94 40.74 -9.41
CA ALA C 189 63.06 40.07 -8.47
C ALA C 189 61.91 41.01 -8.08
N GLN C 190 60.75 40.42 -7.82
CA GLN C 190 59.57 41.18 -7.45
C GLN C 190 59.64 41.58 -5.99
N ARG C 191 59.10 42.75 -5.66
CA ARG C 191 59.12 43.21 -4.28
C ARG C 191 57.86 42.67 -3.61
N GLU C 192 58.06 41.71 -2.71
CA GLU C 192 56.96 40.93 -2.16
C GLU C 192 56.07 41.73 -1.21
N ASN C 193 56.63 42.74 -0.56
CA ASN C 193 55.87 43.53 0.39
C ASN C 193 54.99 44.61 -0.25
N GLU C 194 55.22 44.90 -1.52
CA GLU C 194 54.36 45.84 -2.25
C GLU C 194 53.33 45.12 -3.12
N ALA C 195 53.34 43.79 -3.10
CA ALA C 195 52.48 43.00 -3.98
C ALA C 195 51.02 43.07 -3.54
N THR C 196 50.13 43.00 -4.52
CA THR C 196 48.68 42.93 -4.27
C THR C 196 48.06 41.89 -5.21
N CYS C 197 47.14 41.09 -4.68
CA CYS C 197 46.58 39.97 -5.41
C CYS C 197 45.05 39.99 -5.30
N PHE C 198 44.37 39.71 -6.42
CA PHE C 198 42.91 39.70 -6.48
C PHE C 198 42.38 38.38 -7.06
N GLY C 199 41.18 37.98 -6.64
CA GLY C 199 40.61 36.70 -7.01
C GLY C 199 39.64 36.78 -8.17
N ARG C 200 38.88 35.71 -8.37
CA ARG C 200 37.93 35.64 -9.47
C ARG C 200 36.73 36.51 -9.17
N ARG C 201 36.34 37.30 -10.16
CA ARG C 201 35.20 38.18 -10.00
C ARG C 201 33.94 37.36 -10.27
N THR C 202 32.93 37.56 -9.43
CA THR C 202 31.64 36.94 -9.61
C THR C 202 30.68 38.06 -9.96
N PRO C 203 29.59 37.75 -10.67
CA PRO C 203 28.66 38.83 -11.02
C PRO C 203 28.25 39.66 -9.79
N ASP C 204 28.24 39.03 -8.62
CA ASP C 204 27.92 39.73 -7.38
C ASP C 204 28.91 40.85 -7.05
N ASP C 205 30.08 40.82 -7.68
CA ASP C 205 31.08 41.88 -7.51
C ASP C 205 30.68 43.13 -8.29
N SER C 206 29.72 43.00 -9.19
CA SER C 206 29.31 44.10 -10.06
C SER C 206 28.12 44.88 -9.49
N PHE C 207 27.71 44.52 -8.28
CA PHE C 207 26.61 45.19 -7.60
C PHE C 207 26.95 46.64 -7.24
N LEU C 208 26.09 47.57 -7.65
CA LEU C 208 26.29 49.00 -7.36
C LEU C 208 25.71 49.36 -5.99
N GLU C 209 26.58 49.84 -5.10
CA GLU C 209 26.18 50.28 -3.76
C GLU C 209 26.14 51.80 -3.70
N TRP C 210 24.93 52.34 -3.59
CA TRP C 210 24.72 53.77 -3.78
C TRP C 210 25.20 54.64 -2.61
N HIS C 211 25.52 54.00 -1.48
CA HIS C 211 26.06 54.75 -0.35
C HIS C 211 27.52 55.12 -0.58
N LYS C 212 28.13 54.52 -1.60
CA LYS C 212 29.52 54.80 -1.99
C LYS C 212 29.62 56.08 -2.81
N PRO C 213 30.84 56.62 -2.98
CA PRO C 213 31.03 57.79 -3.83
C PRO C 213 30.65 57.51 -5.29
N ALA C 214 30.18 58.54 -6.00
CA ALA C 214 29.77 58.40 -7.39
C ALA C 214 30.91 57.99 -8.30
N SER C 215 32.13 58.44 -7.96
CA SER C 215 33.32 58.13 -8.75
C SER C 215 33.58 56.63 -8.77
N VAL C 216 33.48 56.02 -7.59
CA VAL C 216 33.72 54.58 -7.43
C VAL C 216 32.73 53.76 -8.27
N LEU C 217 31.47 54.17 -8.22
CA LEU C 217 30.40 53.50 -8.95
C LEU C 217 30.59 53.68 -10.45
N HIS C 218 30.94 54.90 -10.85
CA HIS C 218 31.33 55.17 -12.23
C HIS C 218 32.46 54.24 -12.70
N ASN C 219 33.53 54.18 -11.91
CA ASN C 219 34.64 53.28 -12.17
C ASN C 219 34.17 51.84 -12.26
N MET C 220 33.25 51.50 -11.37
CA MET C 220 32.63 50.19 -11.35
C MET C 220 32.00 49.90 -12.71
N VAL C 221 31.16 50.81 -13.22
CA VAL C 221 30.51 50.54 -14.51
C VAL C 221 31.52 50.54 -15.64
N ARG C 222 32.56 51.37 -15.53
CA ARG C 222 33.61 51.36 -16.54
C ARG C 222 34.31 50.00 -16.58
N ALA C 223 34.53 49.41 -15.40
CA ALA C 223 35.26 48.15 -15.28
C ALA C 223 34.58 46.94 -15.94
N VAL C 224 33.29 46.78 -15.71
CA VAL C 224 32.54 45.64 -16.23
C VAL C 224 31.71 45.94 -17.48
N ALA C 225 31.92 47.10 -18.10
CA ALA C 225 31.12 47.50 -19.26
C ALA C 225 31.17 46.48 -20.41
N ASP C 226 30.11 46.48 -21.22
CA ASP C 226 29.96 45.56 -22.35
C ASP C 226 31.24 45.54 -23.18
N PRO C 227 31.70 44.37 -23.62
CA PRO C 227 31.18 42.98 -23.62
C PRO C 227 31.04 42.27 -22.26
N TRP C 228 31.62 42.81 -21.20
CA TRP C 228 31.50 42.21 -19.86
C TRP C 228 30.06 42.26 -19.31
N PRO C 229 29.77 41.51 -18.22
CA PRO C 229 28.38 41.37 -17.75
C PRO C 229 27.68 42.67 -17.33
N GLY C 230 28.44 43.74 -17.08
CA GLY C 230 27.86 45.02 -16.74
C GLY C 230 27.59 45.20 -15.25
N ALA C 231 27.61 46.45 -14.80
CA ALA C 231 27.31 46.78 -13.40
C ALA C 231 25.80 46.86 -13.21
N PHE C 232 25.30 46.39 -12.07
CA PHE C 232 23.85 46.30 -11.88
C PHE C 232 23.38 46.77 -10.51
N SER C 233 22.08 47.03 -10.44
CA SER C 233 21.41 47.40 -9.20
C SER C 233 19.97 46.94 -9.31
N TYR C 234 19.14 47.31 -8.32
CA TYR C 234 17.75 46.86 -8.29
C TYR C 234 16.73 47.96 -8.09
N VAL C 235 15.64 47.87 -8.84
CA VAL C 235 14.43 48.63 -8.56
C VAL C 235 13.41 47.65 -7.99
N GLY C 236 13.16 47.73 -6.69
CA GLY C 236 12.36 46.72 -6.04
C GLY C 236 12.95 45.34 -6.27
N ASN C 237 12.12 44.45 -6.82
CA ASN C 237 12.54 43.09 -7.14
C ASN C 237 13.26 42.99 -8.48
N GLN C 238 13.14 44.03 -9.30
CA GLN C 238 13.70 44.02 -10.65
C GLN C 238 15.17 44.40 -10.73
N LYS C 239 15.97 43.52 -11.34
CA LYS C 239 17.39 43.77 -11.54
C LYS C 239 17.61 44.58 -12.82
N PHE C 240 18.51 45.56 -12.78
CA PHE C 240 18.85 46.31 -13.99
C PHE C 240 20.35 46.62 -14.06
N THR C 241 20.82 46.79 -15.29
CA THR C 241 22.25 47.00 -15.58
C THR C 241 22.52 48.38 -16.15
N VAL C 242 23.54 49.04 -15.60
CA VAL C 242 24.06 50.32 -16.10
C VAL C 242 25.24 50.10 -17.03
N TRP C 243 25.04 50.37 -18.33
CA TRP C 243 26.09 50.16 -19.33
C TRP C 243 27.08 51.33 -19.45
N SER C 244 26.58 52.56 -19.36
CA SER C 244 27.43 53.75 -19.42
C SER C 244 26.92 54.78 -18.41
N SER C 245 27.85 55.45 -17.73
CA SER C 245 27.49 56.36 -16.65
C SER C 245 28.29 57.66 -16.68
N ARG C 246 27.83 58.64 -15.90
CA ARG C 246 28.49 59.94 -15.85
C ARG C 246 28.51 60.50 -14.42
N VAL C 247 29.68 60.88 -13.91
CA VAL C 247 29.74 61.43 -12.55
C VAL C 247 29.28 62.89 -12.53
N HIS C 248 28.48 63.22 -11.52
CA HIS C 248 27.97 64.57 -11.34
C HIS C 248 28.42 65.15 -10.00
N PRO C 249 29.51 65.94 -10.00
CA PRO C 249 29.99 66.52 -8.75
C PRO C 249 28.98 67.49 -8.15
N HIS C 250 28.11 68.05 -8.98
CA HIS C 250 27.04 68.90 -8.49
C HIS C 250 26.25 68.09 -7.47
N ALA C 251 26.10 68.62 -6.26
CA ALA C 251 25.55 67.85 -5.16
C ALA C 251 24.04 67.73 -5.22
N SER C 252 23.51 66.96 -4.28
CA SER C 252 22.07 66.83 -4.07
C SER C 252 21.80 66.53 -2.60
N LYS C 253 20.74 67.13 -2.06
CA LYS C 253 20.35 66.87 -0.68
C LYS C 253 19.75 65.47 -0.54
N ALA C 254 19.41 64.86 -1.68
CA ALA C 254 18.79 63.54 -1.71
C ALA C 254 19.66 62.44 -1.10
N GLN C 255 19.03 61.52 -0.39
CA GLN C 255 19.76 60.42 0.25
C GLN C 255 20.26 59.43 -0.81
N PRO C 256 21.33 58.68 -0.49
CA PRO C 256 21.88 57.71 -1.44
C PRO C 256 20.83 56.71 -1.96
N GLY C 257 20.79 56.53 -3.29
CA GLY C 257 19.89 55.56 -3.90
C GLY C 257 18.61 56.16 -4.44
N SER C 258 18.28 57.37 -4.00
CA SER C 258 17.08 58.04 -4.47
C SER C 258 17.30 58.69 -5.84
N VAL C 259 16.23 58.82 -6.61
CA VAL C 259 16.30 59.41 -7.96
C VAL C 259 16.19 60.93 -7.94
N ILE C 260 17.23 61.62 -8.38
CA ILE C 260 17.21 63.08 -8.44
C ILE C 260 16.36 63.55 -9.62
N SER C 261 16.60 62.95 -10.78
CA SER C 261 15.81 63.28 -11.97
C SER C 261 15.78 62.10 -12.94
N VAL C 262 14.70 62.01 -13.73
CA VAL C 262 14.55 60.96 -14.72
C VAL C 262 15.00 61.37 -16.12
N ALA C 263 15.26 62.67 -16.32
CA ALA C 263 15.61 63.19 -17.64
C ALA C 263 16.67 64.28 -17.55
N PRO C 264 17.96 63.90 -17.50
CA PRO C 264 18.51 62.55 -17.55
C PRO C 264 18.30 61.78 -16.26
N LEU C 265 18.50 60.45 -16.29
CA LEU C 265 18.34 59.62 -15.11
C LEU C 265 19.56 59.79 -14.20
N LEU C 266 19.31 60.27 -12.99
CA LEU C 266 20.37 60.63 -12.06
C LEU C 266 20.12 60.03 -10.69
N ILE C 267 21.05 59.20 -10.22
CA ILE C 267 20.91 58.58 -8.92
C ILE C 267 21.85 59.25 -7.93
N ALA C 268 21.30 59.67 -6.80
CA ALA C 268 22.09 60.27 -5.73
C ALA C 268 22.96 59.22 -5.04
N CYS C 269 24.22 59.57 -4.81
CA CYS C 269 25.16 58.68 -4.17
C CYS C 269 25.60 59.23 -2.81
N GLY C 270 26.53 58.53 -2.15
CA GLY C 270 27.06 58.98 -0.88
C GLY C 270 27.74 60.32 -1.00
N ASP C 271 28.43 60.51 -2.13
CA ASP C 271 28.99 61.81 -2.49
C ASP C 271 28.80 62.01 -3.99
N GLY C 272 28.21 63.14 -4.36
CA GLY C 272 27.90 63.43 -5.76
C GLY C 272 26.75 62.56 -6.25
N ALA C 273 26.48 62.62 -7.54
CA ALA C 273 25.44 61.79 -8.17
C ALA C 273 26.00 61.06 -9.38
N LEU C 274 25.38 59.93 -9.72
CA LEU C 274 25.74 59.16 -10.90
C LEU C 274 24.61 59.23 -11.91
N GLU C 275 24.93 59.72 -13.10
CA GLU C 275 24.01 59.68 -14.22
C GLU C 275 24.11 58.34 -14.91
N ILE C 276 22.97 57.71 -15.14
CA ILE C 276 22.88 56.49 -15.92
C ILE C 276 22.62 56.92 -17.36
N VAL C 277 23.63 56.79 -18.21
CA VAL C 277 23.53 57.25 -19.59
C VAL C 277 22.77 56.22 -20.43
N THR C 278 23.18 54.97 -20.32
CA THR C 278 22.49 53.86 -20.97
C THR C 278 22.47 52.69 -20.00
N GLY C 279 21.53 51.79 -20.21
CA GLY C 279 21.42 50.60 -19.38
C GLY C 279 20.30 49.74 -19.89
N GLN C 280 20.00 48.66 -19.17
CA GLN C 280 18.88 47.83 -19.56
C GLN C 280 18.18 47.24 -18.34
N ALA C 281 16.89 46.99 -18.50
CA ALA C 281 16.07 46.40 -17.46
C ALA C 281 16.02 44.89 -17.65
N GLY C 282 16.60 44.16 -16.70
CA GLY C 282 16.67 42.71 -16.78
C GLY C 282 17.44 42.26 -18.01
N ASP C 283 16.81 41.36 -18.77
CA ASP C 283 17.41 40.82 -19.99
C ASP C 283 16.97 41.58 -21.25
N GLY C 284 16.26 42.69 -21.05
CA GLY C 284 15.77 43.50 -22.16
C GLY C 284 16.87 44.20 -22.94
N ILE C 285 16.47 45.02 -23.91
CA ILE C 285 17.41 45.71 -24.78
C ILE C 285 18.02 46.94 -24.09
N THR C 286 19.20 47.33 -24.55
CA THR C 286 19.84 48.56 -24.11
C THR C 286 18.99 49.76 -24.55
N MET C 287 18.95 50.80 -23.73
CA MET C 287 18.23 52.03 -24.05
C MET C 287 18.82 53.21 -23.27
N GLN C 288 18.48 54.43 -23.69
CA GLN C 288 18.96 55.61 -22.97
C GLN C 288 18.36 55.67 -21.57
N GLY C 289 19.02 56.40 -20.69
CA GLY C 289 18.64 56.48 -19.29
C GLY C 289 17.19 56.82 -19.03
N SER C 290 16.69 57.84 -19.73
CA SER C 290 15.31 58.29 -19.54
C SER C 290 14.30 57.20 -19.85
N GLN C 291 14.49 56.50 -20.96
CA GLN C 291 13.61 55.42 -21.36
C GLN C 291 13.71 54.27 -20.36
N LEU C 292 14.92 54.00 -19.91
CA LEU C 292 15.16 52.94 -18.95
C LEU C 292 14.43 53.29 -17.64
N ALA C 293 14.48 54.57 -17.26
CA ALA C 293 13.74 55.06 -16.11
C ALA C 293 12.24 54.86 -16.31
N GLN C 294 11.74 55.25 -17.48
CA GLN C 294 10.32 55.07 -17.78
C GLN C 294 9.91 53.60 -17.67
N THR C 295 10.67 52.69 -18.29
CA THR C 295 10.31 51.28 -18.25
C THR C 295 10.54 50.64 -16.87
N LEU C 296 11.45 51.19 -16.09
CA LEU C 296 11.66 50.69 -14.72
C LEU C 296 10.60 51.22 -13.75
N GLY C 297 9.90 52.27 -14.15
CA GLY C 297 8.87 52.86 -13.32
C GLY C 297 9.38 53.83 -12.26
N LEU C 298 10.57 54.39 -12.50
CA LEU C 298 11.11 55.40 -11.60
C LEU C 298 10.54 56.79 -11.84
N VAL C 299 10.51 57.57 -10.76
CA VAL C 299 10.10 58.96 -10.79
C VAL C 299 11.01 59.73 -9.85
N GLN C 300 10.85 61.04 -9.79
CA GLN C 300 11.68 61.83 -8.88
C GLN C 300 11.46 61.41 -7.45
N GLY C 301 12.58 61.17 -6.77
CA GLY C 301 12.59 60.65 -5.41
C GLY C 301 12.04 59.25 -5.27
N SER C 302 12.51 58.34 -6.11
CA SER C 302 12.22 56.91 -5.96
C SER C 302 13.50 56.37 -5.40
N ARG C 303 13.45 55.33 -4.57
CA ARG C 303 14.66 54.83 -3.92
C ARG C 303 14.95 53.40 -4.34
N LEU C 304 16.18 52.96 -4.08
CA LEU C 304 16.65 51.64 -4.51
C LEU C 304 17.32 50.87 -3.37
N ARG C 314 13.98 34.68 9.38
CA ARG C 314 13.52 33.66 10.32
C ARG C 314 14.60 32.62 10.60
N ARG C 315 14.33 31.72 11.56
CA ARG C 315 15.33 30.77 12.06
C ARG C 315 15.47 29.50 11.22
N THR C 316 16.71 29.00 11.12
CA THR C 316 16.97 27.72 10.46
C THR C 316 16.44 26.55 11.31
N ARG C 317 15.66 25.69 10.69
CA ARG C 317 15.09 24.54 11.38
C ARG C 317 15.99 23.32 11.26
N VAL C 318 16.46 22.83 12.41
CA VAL C 318 17.35 21.67 12.45
C VAL C 318 16.60 20.43 12.93
N LEU C 319 16.53 19.41 12.07
CA LEU C 319 15.90 18.14 12.43
C LEU C 319 16.95 17.13 12.87
N ILE C 320 16.90 16.77 14.15
CA ILE C 320 17.81 15.77 14.70
C ILE C 320 17.07 14.47 14.93
N LEU C 321 17.41 13.45 14.14
CA LEU C 321 16.82 12.13 14.31
C LEU C 321 17.69 11.32 15.26
N GLY C 322 17.09 10.81 16.32
CA GLY C 322 17.85 10.20 17.40
C GLY C 322 18.42 11.23 18.37
N VAL C 323 17.61 12.23 18.69
CA VAL C 323 18.02 13.34 19.54
C VAL C 323 18.24 12.94 21.01
N ASN C 324 17.76 11.77 21.40
CA ASN C 324 17.77 11.44 22.81
C ASN C 324 19.06 10.72 23.18
N GLY C 325 20.01 11.46 23.73
CA GLY C 325 21.36 10.94 23.89
C GLY C 325 22.47 11.98 23.78
N PHE C 326 23.70 11.47 23.70
CA PHE C 326 24.93 12.25 23.77
C PHE C 326 24.98 13.42 22.79
N ILE C 327 25.07 13.11 21.49
CA ILE C 327 25.20 14.15 20.48
C ILE C 327 23.95 15.02 20.47
N GLY C 328 22.79 14.40 20.65
CA GLY C 328 21.55 15.14 20.70
C GLY C 328 21.58 16.18 21.79
N ASN C 329 21.98 15.77 23.00
CA ASN C 329 22.07 16.66 24.14
C ASN C 329 23.00 17.83 23.87
N HIS C 330 24.25 17.49 23.55
CA HIS C 330 25.27 18.53 23.41
C HIS C 330 24.98 19.44 22.21
N LEU C 331 24.54 18.85 21.11
CA LEU C 331 24.23 19.63 19.92
C LEU C 331 23.03 20.54 20.16
N THR C 332 21.99 20.01 20.78
CA THR C 332 20.81 20.82 21.11
C THR C 332 21.20 21.99 22.02
N GLU C 333 21.90 21.70 23.11
CA GLU C 333 22.34 22.74 24.02
C GLU C 333 23.10 23.83 23.23
N ARG C 334 24.06 23.39 22.43
CA ARG C 334 24.85 24.31 21.60
C ARG C 334 23.99 25.17 20.66
N LEU C 335 23.08 24.53 19.94
CA LEU C 335 22.24 25.24 18.98
C LEU C 335 21.29 26.22 19.67
N LEU C 336 20.77 25.83 20.84
CA LEU C 336 19.83 26.67 21.57
C LEU C 336 20.51 27.84 22.28
N ARG C 337 21.78 27.72 22.63
CA ARG C 337 22.54 28.90 23.07
C ARG C 337 22.41 30.05 22.05
N GLU C 338 22.50 29.73 20.76
CA GLU C 338 22.36 30.73 19.71
C GLU C 338 20.89 31.11 19.49
N ASP C 339 20.68 32.29 18.92
CA ASP C 339 19.32 32.80 18.73
C ASP C 339 18.68 32.38 17.41
N HIS C 340 19.47 31.94 16.44
CA HIS C 340 18.97 31.75 15.08
C HIS C 340 18.58 30.31 14.70
N TYR C 341 18.57 29.38 15.65
CA TYR C 341 18.18 27.99 15.38
C TYR C 341 16.89 27.54 16.05
N GLU C 342 16.13 26.72 15.32
CA GLU C 342 14.96 26.01 15.84
C GLU C 342 15.23 24.51 15.79
N VAL C 343 15.20 23.84 16.93
CA VAL C 343 15.58 22.43 17.01
C VAL C 343 14.37 21.50 17.07
N TYR C 344 14.30 20.57 16.10
CA TYR C 344 13.31 19.49 16.17
C TYR C 344 14.00 18.17 16.48
N GLY C 345 13.90 17.75 17.73
CA GLY C 345 14.35 16.44 18.17
C GLY C 345 13.39 15.31 17.84
N LEU C 346 13.87 14.27 17.17
CA LEU C 346 13.04 13.11 16.91
C LEU C 346 13.60 11.86 17.56
N ASP C 347 12.75 11.15 18.28
CA ASP C 347 13.16 9.92 18.95
C ASP C 347 11.97 9.24 19.59
N ILE C 348 12.20 8.05 20.13
CA ILE C 348 11.15 7.24 20.74
C ILE C 348 11.07 7.46 22.25
N GLY C 349 11.99 8.27 22.78
CA GLY C 349 11.96 8.65 24.18
C GLY C 349 12.65 9.99 24.35
N SER C 350 12.25 10.71 25.38
CA SER C 350 12.81 12.01 25.71
C SER C 350 13.79 12.04 26.89
N ASP C 351 14.02 10.89 27.53
CA ASP C 351 14.65 10.86 28.86
C ASP C 351 15.97 11.64 28.97
N ALA C 352 16.87 11.48 28.01
CA ALA C 352 18.18 12.12 28.08
C ALA C 352 18.12 13.64 27.85
N ILE C 353 17.21 14.08 27.00
CA ILE C 353 17.07 15.50 26.67
C ILE C 353 15.93 16.22 27.42
N SER C 354 15.34 15.55 28.41
CA SER C 354 14.10 16.03 29.04
C SER C 354 14.11 17.49 29.49
N ARG C 355 15.26 18.06 29.79
CA ARG C 355 15.30 19.43 30.30
C ARG C 355 15.06 20.46 29.18
N PHE C 356 15.10 20.01 27.93
CA PHE C 356 14.84 20.89 26.78
C PHE C 356 13.40 20.82 26.30
N LEU C 357 12.59 19.95 26.91
CA LEU C 357 11.21 19.76 26.47
C LEU C 357 10.38 21.04 26.66
N ASN C 358 10.77 21.86 27.64
CA ASN C 358 10.04 23.09 27.93
C ASN C 358 10.57 24.29 27.16
N HIS C 359 11.70 24.11 26.49
CA HIS C 359 12.37 25.21 25.80
C HIS C 359 11.51 25.66 24.62
N PRO C 360 11.28 26.98 24.51
CA PRO C 360 10.34 27.48 23.48
C PRO C 360 10.72 27.07 22.06
N HIS C 361 12.02 27.07 21.77
CA HIS C 361 12.52 26.74 20.44
C HIS C 361 12.99 25.29 20.26
N PHE C 362 12.77 24.44 21.25
CA PHE C 362 12.96 23.01 21.07
C PHE C 362 11.61 22.33 20.91
N HIS C 363 11.54 21.37 19.97
CA HIS C 363 10.32 20.62 19.71
C HIS C 363 10.59 19.13 19.64
N PHE C 364 10.05 18.38 20.60
CA PHE C 364 10.18 16.93 20.57
C PHE C 364 9.09 16.33 19.70
N VAL C 365 9.48 15.49 18.74
CA VAL C 365 8.53 14.81 17.89
C VAL C 365 8.71 13.29 18.05
N GLU C 366 7.62 12.60 18.34
CA GLU C 366 7.64 11.16 18.56
C GLU C 366 7.90 10.45 17.24
N GLY C 367 8.87 9.53 17.20
CA GLY C 367 9.11 8.79 15.98
C GLY C 367 10.21 7.76 16.01
N ASP C 368 10.09 6.80 15.09
CA ASP C 368 11.04 5.69 14.96
C ASP C 368 11.26 5.49 13.47
N ILE C 369 12.51 5.62 13.02
CA ILE C 369 12.78 5.59 11.59
C ILE C 369 12.59 4.19 11.01
N SER C 370 12.42 3.18 11.88
CA SER C 370 12.19 1.82 11.41
C SER C 370 10.75 1.63 10.94
N ILE C 371 9.83 2.39 11.54
CA ILE C 371 8.43 2.38 11.11
C ILE C 371 8.43 3.41 10.00
N HIS C 372 7.94 3.09 8.81
CA HIS C 372 8.02 4.10 7.75
C HIS C 372 6.81 4.99 7.94
N SER C 373 7.07 6.22 8.39
CA SER C 373 6.01 7.16 8.72
C SER C 373 5.92 8.43 7.88
N GLU C 374 4.68 8.86 7.66
CA GLU C 374 4.39 10.07 6.93
C GLU C 374 4.84 11.31 7.72
N TRP C 375 4.75 11.24 9.04
CA TRP C 375 5.15 12.37 9.87
C TRP C 375 6.66 12.62 9.83
N ILE C 376 7.46 11.55 9.71
CA ILE C 376 8.91 11.72 9.58
C ILE C 376 9.19 12.50 8.31
N GLU C 377 8.59 12.03 7.21
CA GLU C 377 8.70 12.70 5.93
C GLU C 377 8.26 14.16 6.01
N TYR C 378 7.11 14.39 6.63
CA TYR C 378 6.62 15.74 6.84
C TYR C 378 7.66 16.59 7.54
N HIS C 379 8.23 16.06 8.63
CA HIS C 379 9.23 16.81 9.36
C HIS C 379 10.51 17.02 8.55
N VAL C 380 10.83 16.11 7.63
CA VAL C 380 11.92 16.41 6.71
C VAL C 380 11.52 17.59 5.83
N LYS C 381 10.31 17.57 5.27
CA LYS C 381 9.83 18.70 4.49
C LYS C 381 9.88 20.00 5.29
N LYS C 382 9.44 19.94 6.54
CA LYS C 382 9.31 21.12 7.36
C LYS C 382 10.65 21.81 7.65
N CYS C 383 11.71 21.03 7.81
CA CYS C 383 12.96 21.59 8.31
C CYS C 383 13.95 21.94 7.20
N ASP C 384 15.09 22.47 7.61
CA ASP C 384 16.11 22.99 6.71
C ASP C 384 17.31 22.05 6.66
N VAL C 385 17.91 21.80 7.82
CA VAL C 385 19.04 20.91 7.93
C VAL C 385 18.61 19.64 8.67
N VAL C 386 19.15 18.48 8.24
CA VAL C 386 18.75 17.18 8.78
C VAL C 386 19.97 16.38 9.27
N LEU C 387 19.86 15.79 10.46
CA LEU C 387 20.95 15.02 11.06
C LEU C 387 20.49 13.60 11.47
N PRO C 388 20.68 12.61 10.59
CA PRO C 388 20.29 11.22 10.86
C PRO C 388 21.27 10.46 11.77
N LEU C 389 21.08 10.56 13.09
CA LEU C 389 21.97 9.93 14.06
C LEU C 389 21.58 8.51 14.47
N VAL C 390 20.49 7.98 13.94
CA VAL C 390 20.09 6.63 14.30
C VAL C 390 20.91 5.56 13.57
N ALA C 391 21.54 4.67 14.34
CA ALA C 391 22.27 3.52 13.80
C ALA C 391 22.83 2.64 14.91
N ILE C 392 23.08 1.38 14.60
CA ILE C 392 23.68 0.46 15.55
C ILE C 392 25.18 0.46 15.31
N ALA C 393 25.93 1.09 16.21
CA ALA C 393 27.39 1.20 16.08
C ALA C 393 28.15 0.19 16.94
N THR C 394 27.42 -0.68 17.64
CA THR C 394 28.06 -1.56 18.62
C THR C 394 28.62 -2.81 17.93
N PRO C 395 29.97 -2.98 17.95
CA PRO C 395 30.64 -4.02 17.15
C PRO C 395 30.12 -5.45 17.27
N ILE C 396 29.83 -5.94 18.46
CA ILE C 396 29.39 -7.32 18.62
C ILE C 396 28.15 -7.59 17.76
N GLU C 397 27.30 -6.57 17.64
CA GLU C 397 26.05 -6.70 16.91
C GLU C 397 26.30 -6.86 15.43
N TYR C 398 27.50 -6.48 14.98
CA TYR C 398 27.84 -6.70 13.59
C TYR C 398 27.77 -8.21 13.35
N THR C 399 28.31 -8.97 14.29
CA THR C 399 28.36 -10.42 14.14
C THR C 399 27.07 -11.11 14.59
N ARG C 400 26.46 -10.57 15.64
CA ARG C 400 25.29 -11.19 16.26
C ARG C 400 24.01 -10.97 15.46
N ASN C 401 23.82 -9.77 14.94
CA ASN C 401 22.64 -9.43 14.14
C ASN C 401 22.99 -8.58 12.92
N PRO C 402 23.78 -9.15 12.00
CA PRO C 402 24.25 -8.40 10.82
C PRO C 402 23.11 -7.82 10.00
N LEU C 403 22.04 -8.59 9.81
CA LEU C 403 20.93 -8.17 8.97
C LEU C 403 20.18 -7.01 9.58
N ARG C 404 20.05 -6.99 10.91
CA ARG C 404 19.39 -5.88 11.56
C ARG C 404 20.27 -4.63 11.46
N VAL C 405 21.56 -4.81 11.69
CA VAL C 405 22.54 -3.74 11.55
C VAL C 405 22.45 -3.15 10.15
N PHE C 406 22.42 -4.01 9.13
CA PHE C 406 22.31 -3.54 7.75
C PHE C 406 20.99 -2.83 7.51
N GLU C 407 19.90 -3.43 7.96
CA GLU C 407 18.58 -2.86 7.76
C GLU C 407 18.50 -1.45 8.33
N LEU C 408 18.93 -1.30 9.57
CA LEU C 408 18.82 -0.01 10.22
C LEU C 408 19.83 1.00 9.70
N ASP C 409 21.10 0.61 9.66
CA ASP C 409 22.17 1.55 9.35
C ASP C 409 22.14 1.96 7.88
N PHE C 410 21.76 1.04 7.00
CA PHE C 410 21.72 1.35 5.58
C PHE C 410 20.33 1.74 5.08
N GLU C 411 19.39 0.80 5.11
CA GLU C 411 18.10 1.00 4.42
C GLU C 411 17.24 2.14 4.98
N GLU C 412 17.04 2.17 6.29
CA GLU C 412 16.17 3.20 6.87
C GLU C 412 16.79 4.59 6.68
N ASN C 413 18.11 4.67 6.89
CA ASN C 413 18.80 5.93 6.72
C ASN C 413 18.83 6.33 5.24
N LEU C 414 18.87 5.35 4.34
CA LEU C 414 18.77 5.66 2.93
C LEU C 414 17.40 6.29 2.64
N ARG C 415 16.37 5.70 3.24
CA ARG C 415 15.03 6.28 3.18
C ARG C 415 15.02 7.76 3.59
N ILE C 416 15.64 8.05 4.73
CA ILE C 416 15.78 9.43 5.20
C ILE C 416 16.53 10.31 4.18
N ILE C 417 17.65 9.80 3.66
CA ILE C 417 18.40 10.52 2.64
C ILE C 417 17.52 10.87 1.45
N ARG C 418 16.76 9.89 0.98
CA ARG C 418 15.88 10.12 -0.16
C ARG C 418 14.80 11.14 0.17
N TYR C 419 14.27 11.14 1.39
CA TYR C 419 13.45 12.27 1.80
C TYR C 419 14.20 13.58 1.61
N CYS C 420 15.44 13.65 2.09
CA CYS C 420 16.24 14.88 1.92
C CYS C 420 16.47 15.24 0.45
N VAL C 421 16.68 14.26 -0.41
CA VAL C 421 16.80 14.54 -1.84
C VAL C 421 15.49 15.09 -2.41
N LYS C 422 14.39 14.43 -2.06
CA LYS C 422 13.09 14.78 -2.62
C LYS C 422 12.69 16.22 -2.34
N TYR C 423 12.87 16.65 -1.10
CA TYR C 423 12.45 17.99 -0.65
C TYR C 423 13.53 19.08 -0.70
N ARG C 424 14.68 18.77 -1.30
CA ARG C 424 15.75 19.74 -1.48
C ARG C 424 16.24 20.30 -0.15
N LYS C 425 16.58 19.42 0.79
CA LYS C 425 17.06 19.84 2.09
C LYS C 425 18.51 19.43 2.31
N ARG C 426 19.19 20.16 3.19
CA ARG C 426 20.59 19.88 3.50
C ARG C 426 20.70 18.77 4.51
N ILE C 427 21.59 17.81 4.24
CA ILE C 427 21.83 16.69 5.13
C ILE C 427 23.26 16.70 5.68
N ILE C 428 23.39 16.62 6.99
CA ILE C 428 24.70 16.43 7.61
C ILE C 428 24.72 15.01 8.15
N PHE C 429 25.47 14.14 7.48
CA PHE C 429 25.36 12.72 7.73
C PHE C 429 26.57 12.18 8.48
N PRO C 430 26.34 11.45 9.59
CA PRO C 430 27.41 10.83 10.38
C PRO C 430 28.03 9.60 9.73
N SER C 431 29.06 9.77 8.90
CA SER C 431 29.85 8.62 8.45
C SER C 431 30.63 8.09 9.65
N THR C 432 31.45 7.06 9.43
CA THR C 432 32.18 6.44 10.52
C THR C 432 33.66 6.31 10.18
N SER C 433 34.50 6.34 11.21
CA SER C 433 35.93 6.18 11.03
C SER C 433 36.25 4.76 10.59
N GLU C 434 35.32 3.84 10.82
CA GLU C 434 35.53 2.45 10.42
C GLU C 434 35.55 2.25 8.91
N VAL C 435 35.12 3.24 8.13
CA VAL C 435 35.15 3.10 6.67
C VAL C 435 36.59 2.95 6.18
N TYR C 436 37.55 3.56 6.89
CA TYR C 436 38.95 3.48 6.51
C TYR C 436 39.43 2.06 6.67
N GLY C 437 38.86 1.35 7.65
CA GLY C 437 39.20 -0.04 7.88
C GLY C 437 40.66 -0.27 8.17
N MET C 438 41.27 -1.12 7.35
CA MET C 438 42.63 -1.58 7.56
C MET C 438 43.67 -0.67 6.88
N CYS C 439 43.23 0.50 6.42
CA CYS C 439 44.11 1.45 5.74
C CYS C 439 45.39 1.73 6.55
N SER C 440 46.54 1.72 5.87
CA SER C 440 47.85 1.76 6.54
C SER C 440 48.44 3.17 6.66
N ASP C 441 47.79 4.16 6.06
CA ASP C 441 48.29 5.54 6.09
C ASP C 441 48.44 6.04 7.53
N LYS C 442 49.44 6.88 7.76
CA LYS C 442 49.71 7.42 9.08
C LYS C 442 48.55 8.27 9.56
N TYR C 443 47.96 9.03 8.64
CA TYR C 443 46.77 9.83 8.91
C TYR C 443 45.63 9.41 7.98
N PHE C 444 44.47 9.05 8.55
CA PHE C 444 43.34 8.69 7.71
C PHE C 444 42.80 9.97 7.09
N ASP C 445 42.84 10.02 5.76
CA ASP C 445 42.54 11.23 5.00
C ASP C 445 41.23 11.04 4.25
N GLU C 446 40.27 11.93 4.47
CA GLU C 446 38.95 11.81 3.86
C GLU C 446 39.03 11.74 2.33
N ASP C 447 39.92 12.55 1.75
CA ASP C 447 39.99 12.73 0.31
C ASP C 447 41.00 11.84 -0.43
N HIS C 448 41.83 11.13 0.31
CA HIS C 448 43.00 10.48 -0.27
C HIS C 448 43.11 9.01 0.13
N SER C 449 43.10 8.74 1.44
CA SER C 449 43.27 7.37 1.95
C SER C 449 42.36 6.36 1.26
N ASN C 450 42.94 5.24 0.83
CA ASN C 450 42.17 4.13 0.30
C ASN C 450 41.47 3.39 1.43
N LEU C 451 40.38 2.68 1.11
CA LEU C 451 39.59 1.97 2.10
C LEU C 451 39.79 0.47 1.94
N ILE C 452 40.25 -0.16 3.02
CA ILE C 452 40.62 -1.57 2.99
C ILE C 452 39.81 -2.37 3.99
N VAL C 453 39.12 -3.41 3.50
CA VAL C 453 38.39 -4.33 4.37
C VAL C 453 38.78 -5.77 4.07
N GLY C 454 38.42 -6.68 4.94
CA GLY C 454 38.73 -8.08 4.76
C GLY C 454 37.78 -8.74 3.78
N PRO C 455 37.94 -10.06 3.57
CA PRO C 455 37.05 -10.85 2.71
C PRO C 455 35.61 -10.89 3.23
N VAL C 456 34.69 -11.29 2.35
CA VAL C 456 33.28 -11.43 2.71
C VAL C 456 33.11 -12.35 3.91
N ASN C 457 34.00 -13.32 4.04
CA ASN C 457 33.94 -14.29 5.14
C ASN C 457 34.33 -13.69 6.49
N LYS C 458 34.63 -12.39 6.51
CA LYS C 458 34.93 -11.68 7.76
C LYS C 458 33.80 -10.68 8.00
N PRO C 459 32.68 -11.16 8.56
CA PRO C 459 31.42 -10.39 8.54
C PRO C 459 31.42 -9.09 9.34
N ARG C 460 32.38 -8.89 10.25
CA ARG C 460 32.38 -7.67 11.06
C ARG C 460 32.43 -6.43 10.17
N TRP C 461 32.90 -6.59 8.95
CA TRP C 461 33.03 -5.48 8.02
C TRP C 461 31.71 -5.02 7.44
N ILE C 462 30.63 -5.76 7.70
CA ILE C 462 29.33 -5.40 7.13
C ILE C 462 28.95 -3.97 7.55
N TYR C 463 29.31 -3.58 8.77
CA TYR C 463 29.02 -2.23 9.23
C TYR C 463 29.80 -1.20 8.44
N SER C 464 31.12 -1.40 8.38
CA SER C 464 32.02 -0.48 7.70
C SER C 464 31.62 -0.28 6.23
N VAL C 465 31.36 -1.38 5.53
CA VAL C 465 31.04 -1.34 4.11
C VAL C 465 29.66 -0.75 3.87
N SER C 466 28.73 -1.04 4.77
CA SER C 466 27.39 -0.45 4.69
C SER C 466 27.47 1.07 4.78
N LYS C 467 28.25 1.55 5.75
CA LYS C 467 28.39 2.98 5.97
C LYS C 467 29.08 3.65 4.79
N GLN C 468 30.06 2.95 4.20
CA GLN C 468 30.78 3.49 3.04
C GLN C 468 29.84 3.68 1.85
N LEU C 469 29.03 2.67 1.57
CA LEU C 469 28.15 2.71 0.41
C LEU C 469 27.14 3.83 0.55
N LEU C 470 26.67 4.08 1.78
CA LEU C 470 25.78 5.20 2.02
C LEU C 470 26.47 6.51 1.68
N ASP C 471 27.72 6.65 2.11
CA ASP C 471 28.49 7.84 1.80
C ASP C 471 28.56 8.02 0.29
N ARG C 472 28.73 6.91 -0.44
CA ARG C 472 28.81 6.94 -1.89
C ARG C 472 27.46 7.27 -2.54
N VAL C 473 26.36 6.78 -1.98
CA VAL C 473 25.04 7.09 -2.53
C VAL C 473 24.76 8.56 -2.28
N ILE C 474 25.06 9.03 -1.07
CA ILE C 474 24.91 10.44 -0.75
C ILE C 474 25.76 11.26 -1.71
N TRP C 475 26.97 10.76 -1.98
CA TRP C 475 27.89 11.40 -2.91
C TRP C 475 27.27 11.50 -4.30
N ALA C 476 26.72 10.39 -4.79
CA ALA C 476 26.06 10.38 -6.09
C ALA C 476 24.91 11.39 -6.15
N TYR C 477 23.99 11.31 -5.19
CA TYR C 477 22.85 12.22 -5.15
C TYR C 477 23.32 13.66 -5.16
N GLY C 478 24.49 13.88 -4.57
CA GLY C 478 25.06 15.21 -4.51
C GLY C 478 25.49 15.60 -5.91
N GLU C 479 26.10 14.64 -6.61
CA GLU C 479 26.67 14.91 -7.92
C GLU C 479 25.58 15.12 -8.95
N LYS C 480 24.70 14.13 -9.05
CA LYS C 480 23.69 14.08 -10.08
C LYS C 480 22.41 14.86 -9.77
N GLU C 481 21.90 14.75 -8.55
CA GLU C 481 20.65 15.41 -8.18
C GLU C 481 20.78 16.68 -7.33
N GLY C 482 22.01 17.10 -7.07
CA GLY C 482 22.21 18.38 -6.40
C GLY C 482 21.88 18.39 -4.93
N LEU C 483 21.98 17.23 -4.28
CA LEU C 483 21.79 17.16 -2.84
C LEU C 483 22.90 17.97 -2.14
N GLN C 484 22.50 18.87 -1.25
CA GLN C 484 23.47 19.60 -0.42
C GLN C 484 23.79 18.77 0.81
N PHE C 485 25.05 18.38 0.96
CA PHE C 485 25.44 17.50 2.06
C PHE C 485 26.81 17.80 2.66
N THR C 486 26.99 17.36 3.90
CA THR C 486 28.29 17.29 4.52
C THR C 486 28.39 15.97 5.28
N LEU C 487 29.47 15.23 5.06
CA LEU C 487 29.73 14.01 5.82
C LEU C 487 30.71 14.33 6.92
N PHE C 488 30.47 13.80 8.13
CA PHE C 488 31.43 13.96 9.21
C PHE C 488 31.70 12.62 9.88
N ARG C 489 32.95 12.37 10.24
CA ARG C 489 33.36 11.14 10.89
C ARG C 489 33.91 11.41 12.29
N PRO C 490 33.13 11.09 13.34
CA PRO C 490 33.64 11.32 14.69
C PRO C 490 34.64 10.26 15.12
N PHE C 491 35.71 10.65 15.83
CA PHE C 491 36.65 9.69 16.40
C PHE C 491 36.51 9.71 17.91
N ASN C 492 35.88 8.68 18.45
CA ASN C 492 35.71 8.46 19.89
C ASN C 492 35.39 9.72 20.68
N TRP C 493 34.27 10.35 20.36
CA TRP C 493 33.80 11.50 21.13
C TRP C 493 33.48 11.08 22.55
N MET C 494 33.82 11.95 23.51
CA MET C 494 33.55 11.66 24.91
C MET C 494 33.36 12.95 25.70
N GLY C 495 32.61 12.85 26.79
CA GLY C 495 32.25 14.00 27.59
C GLY C 495 31.13 13.64 28.55
N PRO C 496 30.37 14.62 29.03
CA PRO C 496 29.19 14.31 29.86
C PRO C 496 28.06 13.62 29.09
N ARG C 497 27.20 12.90 29.82
CA ARG C 497 25.96 12.38 29.26
C ARG C 497 26.19 11.35 28.14
N LEU C 498 27.02 10.36 28.43
CA LEU C 498 27.32 9.30 27.46
C LEU C 498 26.06 8.50 27.10
N ASP C 499 25.98 8.03 25.86
CA ASP C 499 24.92 7.09 25.46
C ASP C 499 25.04 5.77 26.21
N ASN C 500 23.92 5.11 26.47
CA ASN C 500 23.96 3.73 26.95
C ASN C 500 24.62 2.84 25.91
N LEU C 501 25.26 1.78 26.37
CA LEU C 501 25.96 0.88 25.46
C LEU C 501 25.00 0.19 24.49
N ASN C 502 23.73 0.06 24.88
CA ASN C 502 22.73 -0.62 24.06
C ASN C 502 22.00 0.32 23.10
N ALA C 503 22.39 1.58 23.09
CA ALA C 503 21.66 2.59 22.34
C ALA C 503 21.95 2.50 20.85
N ALA C 504 20.91 2.74 20.07
CA ALA C 504 20.94 2.69 18.61
C ALA C 504 21.32 4.05 18.05
N ARG C 505 21.89 4.91 18.89
CA ARG C 505 22.31 6.24 18.48
C ARG C 505 23.82 6.41 18.30
N ILE C 506 24.20 7.29 17.39
CA ILE C 506 25.59 7.60 17.06
C ILE C 506 26.25 8.54 18.09
N GLY C 507 27.56 8.39 18.27
CA GLY C 507 28.37 9.38 18.96
C GLY C 507 29.12 9.17 20.27
N SER C 508 28.73 8.26 21.14
CA SER C 508 29.54 8.04 22.34
C SER C 508 30.58 6.97 22.09
N SER C 509 31.81 7.21 22.54
CA SER C 509 32.84 6.18 22.45
C SER C 509 32.41 5.02 23.33
N ARG C 510 32.34 3.82 22.76
CA ARG C 510 31.90 2.66 23.53
C ARG C 510 32.99 2.19 24.51
N ALA C 511 34.23 2.32 24.09
CA ALA C 511 35.35 1.83 24.88
C ALA C 511 35.41 2.46 26.27
N ILE C 512 35.41 3.79 26.35
CA ILE C 512 35.48 4.44 27.65
C ILE C 512 34.20 4.24 28.45
N THR C 513 33.05 4.23 27.78
CA THR C 513 31.80 3.98 28.49
C THR C 513 31.94 2.64 29.19
N GLN C 514 32.47 1.67 28.44
CA GLN C 514 32.70 0.35 28.97
C GLN C 514 33.67 0.38 30.16
N LEU C 515 34.83 1.03 30.00
CA LEU C 515 35.82 1.12 31.08
C LEU C 515 35.26 1.80 32.34
N ILE C 516 34.58 2.93 32.15
CA ILE C 516 33.96 3.64 33.26
C ILE C 516 32.90 2.75 33.92
N LEU C 517 32.09 2.06 33.14
CA LEU C 517 31.09 1.17 33.72
C LEU C 517 31.78 0.05 34.48
N ASN C 518 32.94 -0.39 33.97
CA ASN C 518 33.75 -1.38 34.69
C ASN C 518 34.21 -0.85 36.05
N LEU C 519 34.78 0.35 36.07
CA LEU C 519 35.21 0.93 37.35
C LEU C 519 34.04 1.17 38.31
N VAL C 520 32.91 1.64 37.77
CA VAL C 520 31.74 1.92 38.60
C VAL C 520 31.10 0.63 39.13
N GLU C 521 31.00 -0.40 38.29
CA GLU C 521 30.34 -1.64 38.68
C GLU C 521 31.28 -2.58 39.44
N GLY C 522 32.57 -2.29 39.39
CA GLY C 522 33.57 -3.13 40.02
C GLY C 522 33.87 -4.42 39.28
N SER C 523 33.56 -4.46 37.99
CA SER C 523 33.97 -5.58 37.15
C SER C 523 35.34 -5.29 36.54
N PRO C 524 36.07 -6.34 36.12
CA PRO C 524 37.43 -6.11 35.62
C PRO C 524 37.46 -5.44 34.25
N ILE C 525 38.56 -4.75 33.95
CA ILE C 525 38.76 -4.14 32.65
C ILE C 525 39.38 -5.17 31.70
N LYS C 526 38.65 -5.52 30.65
CA LYS C 526 39.09 -6.52 29.70
C LYS C 526 39.97 -5.88 28.63
N LEU C 527 41.20 -6.34 28.53
CA LEU C 527 42.11 -5.90 27.48
C LEU C 527 42.19 -6.97 26.39
N ILE C 528 41.58 -6.67 25.25
CA ILE C 528 41.47 -7.63 24.16
C ILE C 528 42.78 -7.73 23.38
N ASP C 529 43.35 -8.93 23.34
CA ASP C 529 44.67 -9.17 22.76
C ASP C 529 45.70 -8.23 23.37
N GLY C 530 45.55 -7.94 24.66
CA GLY C 530 46.50 -7.12 25.38
C GLY C 530 46.12 -5.65 25.39
N GLY C 531 45.10 -5.30 24.60
CA GLY C 531 44.63 -3.93 24.53
C GLY C 531 45.71 -2.98 24.03
N LYS C 532 46.49 -3.43 23.06
CA LYS C 532 47.59 -2.64 22.53
C LYS C 532 47.21 -1.75 21.34
N GLN C 533 46.01 -1.95 20.79
CA GLN C 533 45.56 -1.16 19.66
C GLN C 533 45.24 0.27 20.12
N LYS C 534 45.74 1.26 19.37
CA LYS C 534 45.64 2.65 19.80
C LYS C 534 44.53 3.42 19.08
N ARG C 535 43.86 4.29 19.84
CA ARG C 535 42.74 5.08 19.34
C ARG C 535 42.94 6.57 19.63
N CYS C 536 42.23 7.43 18.89
CA CYS C 536 42.25 8.87 19.13
C CYS C 536 40.93 9.31 19.77
N PHE C 537 41.03 10.14 20.81
CA PHE C 537 39.86 10.56 21.59
C PHE C 537 39.63 12.06 21.56
N THR C 538 38.36 12.45 21.65
CA THR C 538 37.98 13.85 21.47
C THR C 538 36.96 14.31 22.52
N ASP C 539 37.28 15.41 23.21
CA ASP C 539 36.34 16.00 24.15
C ASP C 539 35.16 16.52 23.36
N ILE C 540 33.96 16.29 23.88
CA ILE C 540 32.74 16.61 23.14
C ILE C 540 32.61 18.11 22.88
N ARG C 541 33.28 18.93 23.68
CA ARG C 541 33.25 20.37 23.47
C ARG C 541 33.83 20.73 22.09
N ASP C 542 35.01 20.20 21.79
CA ASP C 542 35.64 20.39 20.48
C ASP C 542 34.81 19.76 19.36
N GLY C 543 34.44 18.50 19.53
CA GLY C 543 33.67 17.78 18.54
C GLY C 543 32.39 18.52 18.17
N ILE C 544 31.64 18.92 19.20
CA ILE C 544 30.38 19.61 18.99
C ILE C 544 30.61 21.00 18.43
N GLU C 545 31.69 21.66 18.85
CA GLU C 545 32.07 22.92 18.22
C GLU C 545 32.17 22.68 16.72
N ALA C 546 32.95 21.69 16.32
CA ALA C 546 33.12 21.36 14.90
C ALA C 546 31.77 21.07 14.21
N LEU C 547 30.96 20.21 14.81
CA LEU C 547 29.67 19.87 14.18
C LEU C 547 28.79 21.12 14.04
N TYR C 548 28.78 21.95 15.08
CA TYR C 548 28.05 23.21 15.03
C TYR C 548 28.60 24.09 13.91
N ARG C 549 29.93 24.15 13.78
CA ARG C 549 30.55 24.88 12.69
C ARG C 549 30.09 24.34 11.34
N ILE C 550 29.97 23.03 11.24
CA ILE C 550 29.44 22.40 10.03
C ILE C 550 28.01 22.84 9.78
N ILE C 551 27.17 22.86 10.83
CA ILE C 551 25.81 23.35 10.65
C ILE C 551 25.80 24.79 10.18
N GLU C 552 26.65 25.63 10.78
CA GLU C 552 26.78 27.03 10.36
C GLU C 552 27.10 27.15 8.87
N ASN C 553 28.05 26.36 8.41
CA ASN C 553 28.44 26.33 7.00
C ASN C 553 28.84 27.71 6.45
N ALA C 554 29.74 28.39 7.17
CA ALA C 554 30.22 29.70 6.74
C ALA C 554 30.85 29.63 5.36
N GLY C 555 30.38 30.50 4.47
CA GLY C 555 30.91 30.56 3.11
C GLY C 555 30.60 29.33 2.29
N ASN C 556 29.65 28.52 2.76
CA ASN C 556 29.28 27.27 2.10
C ASN C 556 30.51 26.38 1.86
N ARG C 557 31.48 26.47 2.76
CA ARG C 557 32.74 25.76 2.61
C ARG C 557 32.61 24.27 2.92
N CYS C 558 31.50 23.88 3.54
CA CYS C 558 31.27 22.48 3.89
C CYS C 558 30.49 21.71 2.82
N ASP C 559 30.08 22.40 1.76
CA ASP C 559 29.24 21.76 0.76
C ASP C 559 30.02 20.69 0.00
N GLY C 560 29.50 19.47 0.03
CA GLY C 560 30.13 18.34 -0.63
C GLY C 560 31.37 17.82 0.10
N GLU C 561 31.62 18.36 1.30
CA GLU C 561 32.81 18.01 2.07
C GLU C 561 32.62 16.80 2.98
N ILE C 562 33.71 16.04 3.13
CA ILE C 562 33.78 14.97 4.12
C ILE C 562 34.83 15.37 5.16
N ILE C 563 34.40 15.50 6.43
CA ILE C 563 35.27 16.06 7.47
C ILE C 563 35.44 15.13 8.67
N ASN C 564 36.65 14.65 8.89
CA ASN C 564 36.98 13.97 10.13
C ASN C 564 36.91 14.98 11.27
N ILE C 565 36.29 14.59 12.38
CA ILE C 565 36.35 15.38 13.60
C ILE C 565 36.97 14.52 14.69
N GLY C 566 38.20 14.87 15.06
CA GLY C 566 38.92 14.10 16.05
C GLY C 566 40.16 14.85 16.51
N ASN C 567 40.77 14.36 17.58
CA ASN C 567 42.02 14.93 18.06
C ASN C 567 43.16 13.94 17.90
N PRO C 568 44.06 14.17 16.93
CA PRO C 568 45.17 13.23 16.74
C PRO C 568 46.20 13.26 17.87
N GLU C 569 46.19 14.33 18.67
CA GLU C 569 47.10 14.48 19.79
C GLU C 569 46.72 13.63 21.00
N ASN C 570 45.49 13.14 21.00
CA ASN C 570 44.94 12.33 22.10
C ASN C 570 45.14 10.82 21.95
N GLU C 571 45.95 10.41 20.98
CA GLU C 571 46.21 8.99 20.73
C GLU C 571 46.59 8.20 21.99
N ALA C 572 45.88 7.10 22.23
CA ALA C 572 46.13 6.23 23.38
C ALA C 572 45.65 4.80 23.13
N SER C 573 46.36 3.83 23.69
CA SER C 573 45.91 2.44 23.72
C SER C 573 44.81 2.23 24.76
N ILE C 574 44.06 1.14 24.63
CA ILE C 574 43.01 0.81 25.58
C ILE C 574 43.63 0.61 26.98
N GLU C 575 44.83 0.05 27.01
CA GLU C 575 45.55 -0.16 28.26
C GLU C 575 45.88 1.17 28.93
N GLU C 576 46.47 2.08 28.17
CA GLU C 576 46.82 3.41 28.69
C GLU C 576 45.58 4.11 29.19
N LEU C 577 44.52 4.02 28.41
CA LEU C 577 43.23 4.59 28.75
C LEU C 577 42.72 4.01 30.07
N GLY C 578 42.82 2.70 30.20
CA GLY C 578 42.51 2.03 31.46
C GLY C 578 43.30 2.63 32.60
N GLU C 579 44.61 2.75 32.42
CA GLU C 579 45.48 3.32 33.45
C GLU C 579 45.07 4.74 33.83
N MET C 580 44.81 5.57 32.82
CA MET C 580 44.41 6.96 33.04
C MET C 580 43.09 7.05 33.80
N LEU C 581 42.07 6.34 33.32
CA LEU C 581 40.77 6.34 33.98
C LEU C 581 40.86 5.80 35.39
N LEU C 582 41.65 4.75 35.58
CA LEU C 582 41.87 4.20 36.92
C LEU C 582 42.53 5.26 37.81
N ALA C 583 43.53 5.94 37.27
CA ALA C 583 44.20 7.01 38.00
C ALA C 583 43.22 8.10 38.41
N SER C 584 42.41 8.58 37.47
CA SER C 584 41.38 9.57 37.77
C SER C 584 40.37 9.06 38.79
N PHE C 585 40.03 7.78 38.66
CA PHE C 585 39.05 7.15 39.56
C PHE C 585 39.57 7.16 40.99
N GLU C 586 40.79 6.67 41.16
CA GLU C 586 41.41 6.56 42.48
C GLU C 586 41.50 7.92 43.22
N LYS C 587 41.69 9.00 42.47
CA LYS C 587 41.90 10.32 43.09
C LYS C 587 40.58 11.08 43.32
N HIS C 588 39.45 10.47 42.93
CA HIS C 588 38.18 11.19 42.95
C HIS C 588 37.51 11.14 44.33
N PRO C 589 36.84 12.24 44.73
CA PRO C 589 36.20 12.30 46.06
C PRO C 589 35.09 11.27 46.32
N LEU C 590 34.45 10.79 45.26
CA LEU C 590 33.33 9.86 45.38
C LEU C 590 33.74 8.39 45.28
N ARG C 591 35.04 8.15 45.15
CA ARG C 591 35.58 6.80 44.94
C ARG C 591 35.03 5.74 45.89
N HIS C 592 34.91 6.07 47.17
CA HIS C 592 34.60 5.09 48.21
C HIS C 592 33.19 4.52 48.06
N HIS C 593 32.36 5.15 47.23
CA HIS C 593 30.99 4.69 47.04
C HIS C 593 30.91 3.52 46.06
N PHE C 594 32.03 3.19 45.44
CA PHE C 594 32.08 2.17 44.41
C PHE C 594 33.04 1.03 44.83
N PRO C 595 32.85 -0.16 44.25
CA PRO C 595 33.60 -1.34 44.69
C PRO C 595 35.11 -1.24 44.45
N PRO C 596 35.88 -2.16 45.05
CA PRO C 596 37.32 -2.25 44.77
C PRO C 596 37.59 -2.59 43.31
N PHE C 597 38.74 -2.16 42.81
CA PHE C 597 39.10 -2.40 41.42
C PHE C 597 39.36 -3.89 41.19
N ALA C 598 38.65 -4.47 40.22
CA ALA C 598 38.72 -5.90 39.96
C ALA C 598 39.98 -6.27 39.17
N GLY C 599 40.66 -5.26 38.62
CA GLY C 599 41.93 -5.47 37.94
C GLY C 599 41.81 -5.52 36.43
N PHE C 600 42.95 -5.44 35.76
CA PHE C 600 43.01 -5.61 34.31
C PHE C 600 43.11 -7.10 33.98
N ARG C 601 42.34 -7.54 33.00
CA ARG C 601 42.33 -8.95 32.61
C ARG C 601 42.47 -9.05 31.10
N VAL C 602 43.56 -9.66 30.66
CA VAL C 602 43.81 -9.84 29.23
C VAL C 602 42.89 -10.92 28.67
N VAL C 603 42.26 -10.62 27.54
CA VAL C 603 41.28 -11.52 26.93
C VAL C 603 41.61 -11.70 25.45
N GLU C 604 41.38 -12.91 24.94
CA GLU C 604 41.63 -13.18 23.53
C GLU C 604 40.48 -12.73 22.63
N SER C 605 40.84 -12.34 21.41
CA SER C 605 39.88 -11.92 20.39
C SER C 605 38.87 -13.01 20.03
N SER C 606 39.32 -14.26 20.04
CA SER C 606 38.50 -15.37 19.55
C SER C 606 37.23 -15.60 20.37
N SER C 607 37.06 -14.82 21.43
CA SER C 607 35.79 -14.80 22.15
C SER C 607 34.76 -14.33 21.13
N TYR C 608 35.05 -13.18 20.52
CA TYR C 608 34.15 -12.53 19.57
C TYR C 608 34.01 -13.33 18.27
N GLN C 614 38.42 -8.76 12.94
CA GLN C 614 39.70 -8.10 12.69
C GLN C 614 39.63 -6.61 13.02
N ASP C 615 40.44 -6.18 13.99
CA ASP C 615 40.40 -4.80 14.47
C ASP C 615 41.65 -4.10 13.96
N VAL C 616 41.59 -2.76 13.92
CA VAL C 616 42.68 -1.97 13.38
C VAL C 616 43.65 -1.58 14.49
N GLU C 617 44.94 -1.73 14.21
CA GLU C 617 46.00 -1.52 15.20
C GLU C 617 46.21 -0.05 15.51
N HIS C 618 45.87 0.81 14.56
CA HIS C 618 46.00 2.26 14.73
C HIS C 618 44.89 3.03 14.01
N ARG C 619 44.37 4.06 14.66
CA ARG C 619 43.46 5.00 14.04
C ARG C 619 43.87 6.44 14.33
N LYS C 620 44.42 7.15 13.34
CA LYS C 620 44.74 8.57 13.49
C LYS C 620 44.11 9.44 12.39
N PRO C 621 43.17 10.33 12.74
CA PRO C 621 42.52 11.15 11.71
C PRO C 621 43.37 12.31 11.18
N SER C 622 43.23 12.59 9.88
CA SER C 622 43.67 13.87 9.33
C SER C 622 42.59 14.92 9.57
N ILE C 623 42.95 15.97 10.30
CA ILE C 623 42.03 17.07 10.57
C ILE C 623 42.24 18.33 9.70
N ARG C 624 43.09 18.24 8.67
CA ARG C 624 43.26 19.37 7.74
C ARG C 624 41.93 19.89 7.21
N ASN C 625 41.07 19.00 6.74
CA ASN C 625 39.78 19.40 6.20
C ASN C 625 38.92 20.17 7.21
N ALA C 626 38.96 19.73 8.46
CA ALA C 626 38.24 20.42 9.51
C ALA C 626 38.77 21.84 9.65
N HIS C 627 40.10 21.99 9.61
CA HIS C 627 40.73 23.30 9.64
C HIS C 627 40.36 24.15 8.42
N ARG C 628 40.46 23.57 7.23
CA ARG C 628 40.21 24.30 6.00
C ARG C 628 38.77 24.80 5.97
N CYS C 629 37.83 23.90 6.23
CA CYS C 629 36.41 24.24 6.13
C CYS C 629 35.89 24.98 7.36
N LEU C 630 36.25 24.51 8.55
CA LEU C 630 35.72 25.07 9.80
C LEU C 630 36.63 26.03 10.54
N ASP C 631 37.86 26.24 10.05
CA ASP C 631 38.86 27.00 10.81
C ASP C 631 38.96 26.45 12.24
N TRP C 632 38.96 25.12 12.33
CA TRP C 632 38.79 24.43 13.62
C TRP C 632 40.01 23.60 14.02
N GLU C 633 40.36 23.67 15.30
CA GLU C 633 41.39 22.80 15.88
C GLU C 633 40.95 22.41 17.30
N PRO C 634 41.23 21.16 17.72
CA PRO C 634 40.85 20.77 19.08
C PRO C 634 41.66 21.45 20.19
N LYS C 635 40.97 22.02 21.17
CA LYS C 635 41.61 22.74 22.26
C LYS C 635 41.83 21.98 23.57
N ILE C 636 41.25 20.80 23.72
CA ILE C 636 41.20 20.18 25.05
C ILE C 636 42.20 19.06 25.21
N ASP C 637 43.03 19.19 26.24
CA ASP C 637 44.03 18.17 26.55
C ASP C 637 43.34 16.91 27.06
N MET C 638 43.94 15.75 26.77
CA MET C 638 43.39 14.44 27.12
C MET C 638 42.97 14.32 28.59
N GLN C 639 43.85 14.77 29.48
CA GLN C 639 43.66 14.57 30.92
C GLN C 639 42.40 15.26 31.42
N GLU C 640 42.17 16.49 30.94
CA GLU C 640 41.00 17.26 31.31
C GLU C 640 39.73 16.55 30.86
N THR C 641 39.79 15.97 29.67
CA THR C 641 38.68 15.20 29.11
C THR C 641 38.38 13.99 29.97
N ILE C 642 39.41 13.19 30.24
CA ILE C 642 39.27 12.02 31.11
C ILE C 642 38.62 12.42 32.44
N ASP C 643 39.20 13.43 33.09
CA ASP C 643 38.70 13.84 34.40
C ASP C 643 37.25 14.32 34.35
N GLU C 644 36.89 15.17 33.38
CA GLU C 644 35.52 15.64 33.33
C GLU C 644 34.53 14.52 33.03
N THR C 645 34.85 13.68 32.05
CA THR C 645 33.97 12.58 31.69
C THR C 645 33.74 11.66 32.89
N LEU C 646 34.83 11.20 33.51
CA LEU C 646 34.71 10.33 34.67
C LEU C 646 33.93 11.03 35.77
N ASP C 647 34.30 12.29 36.04
CA ASP C 647 33.65 13.07 37.09
C ASP C 647 32.14 13.12 36.92
N PHE C 648 31.69 13.59 35.76
CA PHE C 648 30.28 13.71 35.52
C PHE C 648 29.60 12.37 35.68
N PHE C 649 30.20 11.34 35.07
CA PHE C 649 29.60 10.02 35.16
C PHE C 649 29.44 9.57 36.61
N LEU C 650 30.51 9.69 37.41
CA LEU C 650 30.46 9.26 38.80
C LEU C 650 29.41 10.06 39.57
N ARG C 651 29.33 11.36 39.33
CA ARG C 651 28.34 12.18 40.02
C ARG C 651 26.91 11.88 39.58
N THR C 652 26.74 11.39 38.36
CA THR C 652 25.40 11.05 37.88
C THR C 652 24.89 9.74 38.50
N VAL C 653 25.76 8.83 38.89
CA VAL C 653 25.31 7.57 39.49
C VAL C 653 24.43 7.81 40.72
N ASP C 654 23.28 7.15 40.74
CA ASP C 654 22.37 7.19 41.89
C ASP C 654 22.89 6.23 42.95
N LEU C 655 22.91 6.68 44.21
CA LEU C 655 23.42 5.85 45.29
C LEU C 655 22.29 5.45 46.23
N THR C 656 22.32 4.19 46.67
CA THR C 656 21.36 3.57 47.59
C THR C 656 21.40 2.06 47.42
N MET D 1 12.98 65.67 -42.33
CA MET D 1 11.96 64.58 -42.31
C MET D 1 11.92 63.80 -41.00
N LYS D 2 10.84 63.05 -40.87
CA LYS D 2 10.59 62.17 -39.73
C LYS D 2 10.74 60.72 -40.15
N THR D 3 11.36 59.90 -39.30
CA THR D 3 11.53 58.48 -39.65
C THR D 3 11.21 57.52 -38.50
N VAL D 4 10.67 56.37 -38.87
CA VAL D 4 10.60 55.19 -38.01
C VAL D 4 11.41 54.08 -38.67
N VAL D 5 12.38 53.55 -37.94
CA VAL D 5 13.31 52.58 -38.48
C VAL D 5 13.09 51.20 -37.89
N PHE D 6 13.15 50.19 -38.75
CA PHE D 6 13.17 48.79 -38.33
C PHE D 6 14.56 48.26 -38.64
N ALA D 7 15.33 47.98 -37.60
CA ALA D 7 16.76 47.72 -37.77
C ALA D 7 17.29 46.62 -36.86
N TYR D 8 18.27 45.88 -37.38
CA TYR D 8 18.97 44.87 -36.60
C TYR D 8 20.38 44.68 -37.15
N HIS D 9 21.28 44.24 -36.28
CA HIS D 9 22.65 43.91 -36.64
C HIS D 9 23.46 45.08 -37.24
N ASP D 10 24.42 44.74 -38.10
CA ASP D 10 25.33 45.75 -38.64
C ASP D 10 24.60 46.62 -39.64
N MET D 11 23.85 46.00 -40.54
CA MET D 11 23.09 46.72 -41.55
C MET D 11 22.15 47.71 -40.87
N GLY D 12 21.57 47.29 -39.76
CA GLY D 12 20.74 48.16 -38.94
C GLY D 12 21.58 49.34 -38.50
N CYS D 13 22.76 49.05 -37.96
CA CYS D 13 23.66 50.14 -37.60
C CYS D 13 23.91 51.05 -38.82
N LEU D 14 24.31 50.50 -39.97
CA LEU D 14 24.63 51.31 -41.13
C LEU D 14 23.46 52.20 -41.53
N GLY D 15 22.27 51.65 -41.44
CA GLY D 15 21.06 52.38 -41.74
C GLY D 15 20.89 53.58 -40.83
N ILE D 16 20.92 53.34 -39.52
CA ILE D 16 20.76 54.41 -38.53
C ILE D 16 21.84 55.49 -38.67
N GLU D 17 23.10 55.07 -38.78
CA GLU D 17 24.24 55.99 -38.91
C GLU D 17 24.06 56.88 -40.14
N ALA D 18 23.82 56.25 -41.29
CA ALA D 18 23.58 56.98 -42.54
C ALA D 18 22.37 57.90 -42.45
N LEU D 19 21.29 57.42 -41.83
CA LEU D 19 20.08 58.23 -41.65
C LEU D 19 20.37 59.47 -40.82
N LEU D 20 21.02 59.28 -39.68
CA LEU D 20 21.35 60.40 -38.80
C LEU D 20 22.35 61.37 -39.45
N ALA D 21 23.37 60.82 -40.10
CA ALA D 21 24.37 61.68 -40.74
C ALA D 21 23.75 62.55 -41.84
N ALA D 22 22.62 62.13 -42.39
CA ALA D 22 21.96 62.88 -43.46
C ALA D 22 20.96 63.90 -42.92
N GLY D 23 20.84 63.98 -41.59
CA GLY D 23 19.98 64.96 -40.96
C GLY D 23 18.52 64.57 -40.84
N TYR D 24 18.22 63.28 -40.99
CA TYR D 24 16.86 62.80 -40.74
C TYR D 24 16.58 62.80 -39.24
N GLU D 25 15.32 62.95 -38.88
CA GLU D 25 14.88 62.84 -37.49
C GLU D 25 14.20 61.51 -37.26
N ILE D 26 14.83 60.64 -36.48
CA ILE D 26 14.28 59.32 -36.19
C ILE D 26 13.45 59.41 -34.92
N SER D 27 12.13 59.23 -35.07
CA SER D 27 11.19 59.37 -33.97
C SER D 27 11.25 58.14 -33.07
N ALA D 28 11.43 56.98 -33.68
CA ALA D 28 11.61 55.74 -32.94
C ALA D 28 12.32 54.70 -33.79
N ILE D 29 12.92 53.71 -33.11
CA ILE D 29 13.61 52.61 -33.77
C ILE D 29 13.06 51.30 -33.23
N PHE D 30 12.78 50.36 -34.14
CA PHE D 30 12.34 49.04 -33.75
C PHE D 30 13.40 48.01 -34.07
N THR D 31 13.67 47.15 -33.11
CA THR D 31 14.76 46.19 -33.21
C THR D 31 14.37 44.90 -32.50
N HIS D 32 15.36 44.03 -32.31
CA HIS D 32 15.12 42.74 -31.69
C HIS D 32 16.00 42.51 -30.46
N THR D 33 15.58 41.57 -29.63
CA THR D 33 16.42 41.08 -28.57
C THR D 33 17.50 40.19 -29.18
N ASP D 34 18.58 39.98 -28.46
CA ASP D 34 19.66 39.13 -28.95
C ASP D 34 19.44 37.74 -28.37
N ASN D 35 19.54 36.72 -29.21
CA ASN D 35 19.37 35.35 -28.75
C ASN D 35 20.59 34.93 -27.93
N PRO D 36 20.38 34.06 -26.93
CA PRO D 36 21.46 33.73 -25.99
C PRO D 36 22.71 33.16 -26.67
N PHE D 41 29.46 39.27 -32.93
CA PHE D 41 30.21 39.89 -34.02
C PHE D 41 29.54 41.19 -34.45
N TYR D 42 28.22 41.18 -34.48
CA TYR D 42 27.43 42.32 -34.92
C TYR D 42 27.40 43.46 -33.91
N GLY D 43 27.36 44.68 -34.43
CA GLY D 43 27.16 45.86 -33.58
C GLY D 43 25.72 45.85 -33.09
N SER D 44 25.50 46.47 -31.93
CA SER D 44 24.16 46.49 -31.34
C SER D 44 23.39 47.71 -31.85
N VAL D 45 22.20 47.46 -32.36
CA VAL D 45 21.33 48.53 -32.83
C VAL D 45 20.80 49.29 -31.62
N ALA D 46 20.54 48.55 -30.55
CA ALA D 46 20.02 49.13 -29.32
C ALA D 46 21.05 50.05 -28.67
N ARG D 47 22.30 49.58 -28.57
CA ARG D 47 23.37 50.39 -27.99
C ARG D 47 23.54 51.68 -28.78
N LEU D 48 23.48 51.57 -30.11
CA LEU D 48 23.59 52.75 -30.95
C LEU D 48 22.42 53.70 -30.71
N ALA D 49 21.20 53.16 -30.72
CA ALA D 49 20.02 53.97 -30.46
C ALA D 49 20.14 54.68 -29.10
N ALA D 50 20.60 53.93 -28.09
CA ALA D 50 20.74 54.46 -26.74
C ALA D 50 21.79 55.57 -26.68
N GLU D 51 22.94 55.34 -27.32
CA GLU D 51 24.01 56.32 -27.32
C GLU D 51 23.59 57.62 -28.01
N ARG D 52 22.74 57.51 -29.03
CA ARG D 52 22.28 58.69 -29.78
C ARG D 52 21.00 59.28 -29.21
N GLY D 53 20.52 58.72 -28.11
CA GLY D 53 19.35 59.24 -27.43
C GLY D 53 18.06 59.09 -28.23
N ILE D 54 17.98 58.02 -29.02
CA ILE D 54 16.78 57.72 -29.80
C ILE D 54 15.99 56.61 -29.11
N PRO D 55 14.69 56.84 -28.89
CA PRO D 55 13.90 55.76 -28.28
C PRO D 55 13.89 54.52 -29.14
N VAL D 56 14.16 53.38 -28.53
CA VAL D 56 14.26 52.11 -29.23
C VAL D 56 13.40 51.06 -28.53
N TYR D 57 12.67 50.28 -29.33
CA TYR D 57 11.78 49.26 -28.81
C TYR D 57 12.06 47.91 -29.46
N ALA D 58 11.78 46.84 -28.73
CA ALA D 58 11.95 45.48 -29.26
C ALA D 58 10.80 44.57 -28.85
N PRO D 59 9.57 44.90 -29.28
CA PRO D 59 8.45 43.99 -29.06
C PRO D 59 8.60 42.74 -29.92
N ASP D 60 7.99 41.63 -29.52
CA ASP D 60 8.08 40.39 -30.28
C ASP D 60 7.29 40.48 -31.56
N ASN D 61 6.09 41.03 -31.48
CA ASN D 61 5.26 41.28 -32.65
C ASN D 61 4.78 42.73 -32.67
N VAL D 62 5.25 43.50 -33.65
CA VAL D 62 4.94 44.91 -33.73
C VAL D 62 3.53 45.16 -34.27
N ASN D 63 2.91 44.12 -34.81
CA ASN D 63 1.62 44.28 -35.47
C ASN D 63 0.47 44.28 -34.47
N HIS D 64 0.82 44.12 -33.20
CA HIS D 64 -0.12 44.29 -32.10
C HIS D 64 -0.68 45.73 -32.18
N PRO D 65 -2.03 45.88 -32.14
CA PRO D 65 -2.69 47.19 -32.28
C PRO D 65 -2.15 48.35 -31.43
N LEU D 66 -1.78 48.09 -30.18
CA LEU D 66 -1.20 49.11 -29.32
C LEU D 66 -0.01 49.79 -30.03
N TRP D 67 0.91 48.95 -30.50
CA TRP D 67 2.10 49.43 -31.18
C TRP D 67 1.71 50.14 -32.47
N VAL D 68 0.68 49.63 -33.16
CA VAL D 68 0.18 50.29 -34.35
C VAL D 68 -0.26 51.72 -34.04
N GLU D 69 -1.06 51.86 -32.97
CA GLU D 69 -1.54 53.16 -32.54
C GLU D 69 -0.40 54.12 -32.17
N ARG D 70 0.54 53.64 -31.35
CA ARG D 70 1.66 54.48 -30.94
C ARG D 70 2.56 54.87 -32.12
N ILE D 71 2.87 53.91 -32.97
CA ILE D 71 3.64 54.17 -34.19
C ILE D 71 2.91 55.16 -35.06
N ALA D 72 1.59 55.03 -35.16
CA ALA D 72 0.76 55.98 -35.89
C ALA D 72 0.83 57.38 -35.31
N GLN D 73 0.68 57.49 -33.99
CA GLN D 73 0.76 58.78 -33.30
C GLN D 73 2.10 59.47 -33.53
N LEU D 74 3.20 58.70 -33.50
CA LEU D 74 4.51 59.30 -33.81
C LEU D 74 4.51 60.00 -35.17
N SER D 75 3.66 59.52 -36.08
CA SER D 75 3.44 60.17 -37.37
C SER D 75 4.73 60.37 -38.17
N PRO D 76 5.35 59.27 -38.61
CA PRO D 76 6.59 59.35 -39.39
C PRO D 76 6.31 59.77 -40.83
N ASP D 77 7.25 60.48 -41.44
CA ASP D 77 7.12 60.87 -42.85
C ASP D 77 7.48 59.71 -43.78
N VAL D 78 8.56 58.99 -43.47
CA VAL D 78 8.99 57.85 -44.27
C VAL D 78 9.50 56.73 -43.37
N ILE D 79 9.38 55.49 -43.84
CA ILE D 79 9.81 54.31 -43.08
C ILE D 79 10.97 53.60 -43.78
N PHE D 80 11.92 53.11 -42.98
CA PHE D 80 13.06 52.36 -43.49
C PHE D 80 13.21 51.05 -42.70
N SER D 81 13.47 49.95 -43.40
CA SER D 81 13.71 48.65 -42.76
C SER D 81 15.08 48.05 -43.10
N PHE D 82 15.93 47.88 -42.09
CA PHE D 82 17.24 47.24 -42.26
C PHE D 82 17.36 45.91 -41.52
N TYR D 83 17.30 44.81 -42.27
CA TYR D 83 17.46 43.46 -41.73
C TYR D 83 16.56 43.20 -40.52
N TYR D 84 15.38 43.81 -40.51
CA TYR D 84 14.38 43.49 -39.50
C TYR D 84 13.81 42.12 -39.86
N ARG D 85 13.97 41.14 -38.97
CA ARG D 85 13.63 39.77 -39.28
C ARG D 85 12.14 39.44 -39.17
N HIS D 86 11.45 40.00 -38.17
CA HIS D 86 10.00 39.79 -38.05
C HIS D 86 9.26 40.59 -39.12
N LEU D 87 8.07 40.12 -39.50
CA LEU D 87 7.33 40.71 -40.63
C LEU D 87 6.21 41.65 -40.19
N ILE D 88 6.13 42.79 -40.88
CA ILE D 88 5.23 43.89 -40.57
C ILE D 88 3.93 43.97 -41.39
N TYR D 89 2.79 44.05 -40.71
CA TYR D 89 1.48 44.14 -41.37
C TYR D 89 1.35 45.45 -42.14
N ASP D 90 0.56 45.41 -43.22
CA ASP D 90 0.40 46.56 -44.12
C ASP D 90 0.01 47.82 -43.34
N GLU D 91 -0.87 47.60 -42.35
CA GLU D 91 -1.44 48.65 -41.51
C GLU D 91 -0.38 49.59 -40.98
N ILE D 92 0.72 49.03 -40.49
CA ILE D 92 1.82 49.84 -39.96
C ILE D 92 2.65 50.42 -41.11
N LEU D 93 2.78 49.68 -42.21
CA LEU D 93 3.62 50.14 -43.31
C LEU D 93 3.07 51.43 -43.95
N GLN D 94 1.76 51.48 -44.14
CA GLN D 94 1.15 52.61 -44.86
C GLN D 94 0.88 53.84 -43.99
N LEU D 95 1.30 53.79 -42.72
CA LEU D 95 1.12 54.94 -41.82
C LEU D 95 2.01 56.10 -42.26
N ALA D 96 3.09 55.78 -42.97
CA ALA D 96 4.02 56.79 -43.46
C ALA D 96 3.60 57.24 -44.86
N PRO D 97 3.34 58.55 -45.04
CA PRO D 97 2.84 59.06 -46.33
C PRO D 97 3.80 58.82 -47.49
N ALA D 98 5.09 59.00 -47.25
CA ALA D 98 6.10 58.79 -48.30
C ALA D 98 6.29 57.30 -48.58
N GLY D 99 5.66 56.45 -47.78
CA GLY D 99 5.69 55.02 -48.00
C GLY D 99 6.66 54.34 -47.04
N ALA D 100 6.94 53.07 -47.29
CA ALA D 100 7.84 52.29 -46.46
C ALA D 100 8.86 51.51 -47.30
N PHE D 101 10.13 51.61 -46.93
CA PHE D 101 11.21 50.98 -47.69
C PHE D 101 11.99 49.91 -46.92
N ASN D 102 12.48 48.90 -47.66
CA ASN D 102 13.31 47.86 -47.09
C ASN D 102 14.62 47.69 -47.86
N LEU D 103 15.70 47.54 -47.09
CA LEU D 103 17.02 47.29 -47.62
C LEU D 103 17.36 45.80 -47.49
N HIS D 104 17.59 45.15 -48.63
CA HIS D 104 17.83 43.72 -48.64
C HIS D 104 19.20 43.40 -49.25
N GLY D 105 19.78 42.29 -48.79
CA GLY D 105 21.18 41.98 -49.03
C GLY D 105 21.51 41.20 -50.28
N SER D 106 20.66 41.31 -51.32
CA SER D 106 20.94 40.65 -52.59
C SER D 106 20.59 41.55 -53.77
N LEU D 107 20.78 41.03 -54.99
CA LEU D 107 20.37 41.73 -56.19
C LEU D 107 18.96 41.27 -56.55
N LEU D 108 17.98 42.12 -56.32
CA LEU D 108 16.59 41.75 -56.56
C LEU D 108 16.25 41.95 -58.03
N PRO D 109 15.30 41.17 -58.57
CA PRO D 109 14.47 40.14 -57.93
C PRO D 109 15.20 38.84 -57.53
N LYS D 110 16.42 38.63 -58.01
CA LYS D 110 17.20 37.44 -57.65
C LYS D 110 17.55 37.38 -56.15
N TYR D 111 17.64 36.16 -55.61
CA TYR D 111 18.06 35.93 -54.23
C TYR D 111 17.25 36.64 -53.14
N ARG D 112 15.93 36.74 -53.31
CA ARG D 112 15.10 37.35 -52.27
C ARG D 112 14.92 36.34 -51.13
N GLY D 113 14.07 36.65 -50.15
CA GLY D 113 13.87 35.77 -49.01
C GLY D 113 14.87 36.09 -47.91
N ARG D 114 15.28 35.09 -47.13
CA ARG D 114 16.26 35.31 -46.06
C ARG D 114 17.58 34.58 -46.27
N ALA D 115 18.61 35.05 -45.56
CA ALA D 115 19.99 34.58 -45.70
C ALA D 115 20.53 34.68 -47.12
N PRO D 116 20.37 35.85 -47.75
CA PRO D 116 20.89 36.04 -49.12
C PRO D 116 22.42 35.95 -49.19
N LEU D 117 23.07 36.49 -48.17
CA LEU D 117 24.53 36.51 -48.08
C LEU D 117 25.15 35.14 -48.30
N ASN D 118 24.66 34.14 -47.58
CA ASN D 118 25.19 32.79 -47.72
C ASN D 118 24.72 32.13 -49.01
N TRP D 119 23.46 32.32 -49.38
CA TRP D 119 22.91 31.67 -50.57
C TRP D 119 23.69 32.09 -51.82
N VAL D 120 24.05 33.36 -51.92
CA VAL D 120 24.85 33.80 -53.08
C VAL D 120 26.21 33.10 -53.09
N LEU D 121 26.71 32.71 -51.92
CA LEU D 121 27.95 31.94 -51.83
C LEU D 121 27.73 30.46 -52.15
N VAL D 122 26.66 29.88 -51.63
CA VAL D 122 26.34 28.47 -51.88
C VAL D 122 26.32 28.13 -53.37
N ASN D 123 25.67 28.96 -54.17
CA ASN D 123 25.53 28.69 -55.60
C ASN D 123 26.78 29.07 -56.39
N GLY D 124 27.71 29.75 -55.73
CA GLY D 124 28.99 30.10 -56.31
C GLY D 124 28.96 31.18 -57.36
N GLU D 125 28.03 32.13 -57.20
CA GLU D 125 27.92 33.25 -58.12
C GLU D 125 29.02 34.26 -57.84
N THR D 126 29.44 34.97 -58.88
CA THR D 126 30.51 35.96 -58.76
C THR D 126 29.95 37.33 -58.35
N GLU D 127 28.63 37.49 -58.33
CA GLU D 127 28.05 38.79 -57.93
C GLU D 127 26.64 38.72 -57.33
N THR D 128 26.31 39.78 -56.57
CA THR D 128 25.05 39.93 -55.86
C THR D 128 24.90 41.44 -55.56
N GLY D 129 24.06 41.83 -54.59
CA GLY D 129 24.05 43.24 -54.17
C GLY D 129 23.13 43.65 -53.03
N VAL D 130 22.86 44.95 -52.91
CA VAL D 130 21.94 45.45 -51.90
C VAL D 130 20.85 46.22 -52.62
N THR D 131 19.61 46.06 -52.15
CA THR D 131 18.46 46.67 -52.78
C THR D 131 17.59 47.43 -51.79
N LEU D 132 17.31 48.69 -52.09
CA LEU D 132 16.32 49.45 -51.34
C LEU D 132 15.03 49.54 -52.16
N HIS D 133 13.98 48.92 -51.65
CA HIS D 133 12.70 48.83 -52.38
C HIS D 133 11.50 49.15 -51.50
N ARG D 134 10.33 49.34 -52.10
CA ARG D 134 9.13 49.76 -51.39
C ARG D 134 8.34 48.63 -50.69
N MET D 135 8.66 47.39 -51.02
CA MET D 135 7.98 46.22 -50.47
C MET D 135 6.49 46.26 -50.86
N VAL D 136 5.62 45.99 -49.87
CA VAL D 136 4.14 45.92 -49.88
C VAL D 136 3.76 44.46 -49.66
N ALA D 139 6.77 40.06 -50.52
CA ALA D 139 8.09 40.21 -49.95
C ALA D 139 9.14 40.44 -51.04
N ASP D 140 9.89 41.53 -50.92
CA ASP D 140 10.95 41.86 -51.85
C ASP D 140 10.44 41.98 -53.28
N ALA D 141 9.14 42.22 -53.42
CA ALA D 141 8.51 42.31 -54.73
C ALA D 141 8.39 43.74 -55.24
N GLY D 142 8.66 44.71 -54.38
CA GLY D 142 8.38 46.09 -54.71
C GLY D 142 9.37 46.70 -55.70
N ALA D 143 9.05 47.89 -56.18
CA ALA D 143 9.88 48.57 -57.16
C ALA D 143 11.22 48.94 -56.54
N ILE D 144 12.32 48.69 -57.25
CA ILE D 144 13.65 48.99 -56.73
C ILE D 144 13.95 50.48 -56.87
N VAL D 145 14.17 51.14 -55.75
CA VAL D 145 14.54 52.55 -55.75
C VAL D 145 16.05 52.68 -55.94
N ALA D 146 16.81 51.75 -55.38
CA ALA D 146 18.26 51.77 -55.49
C ALA D 146 18.86 50.37 -55.45
N GLN D 147 19.95 50.18 -56.19
CA GLN D 147 20.66 48.90 -56.23
C GLN D 147 22.15 49.09 -56.60
N LEU D 148 22.99 48.22 -56.05
CA LEU D 148 24.43 48.26 -56.31
C LEU D 148 25.00 46.83 -56.42
N ARG D 149 25.76 46.59 -57.50
CA ARG D 149 26.38 45.29 -57.76
C ARG D 149 27.60 45.08 -56.87
N ILE D 150 27.90 43.83 -56.51
CA ILE D 150 29.06 43.54 -55.69
C ILE D 150 29.79 42.34 -56.29
N ALA D 151 31.10 42.44 -56.40
CA ALA D 151 31.91 41.31 -56.84
C ALA D 151 32.23 40.35 -55.69
N ILE D 152 32.11 39.04 -55.92
CA ILE D 152 32.57 38.05 -54.94
C ILE D 152 33.92 37.45 -55.37
N ALA D 153 34.96 37.66 -54.57
CA ALA D 153 36.27 37.09 -54.87
C ALA D 153 36.26 35.59 -54.59
N PRO D 154 37.11 34.81 -55.29
CA PRO D 154 37.12 33.35 -55.09
C PRO D 154 37.42 32.81 -53.69
N ASP D 155 38.29 33.45 -52.91
CA ASP D 155 38.65 32.93 -51.59
C ASP D 155 37.84 33.60 -50.48
N ASP D 156 36.93 34.50 -50.87
CA ASP D 156 36.08 35.19 -49.92
C ASP D 156 35.14 34.23 -49.21
N ILE D 157 34.94 34.45 -47.91
CA ILE D 157 33.96 33.72 -47.14
C ILE D 157 32.90 34.68 -46.62
N ALA D 158 31.93 34.14 -45.88
CA ALA D 158 30.74 34.89 -45.45
C ALA D 158 31.05 36.24 -44.80
N ILE D 159 31.98 36.24 -43.86
CA ILE D 159 32.26 37.43 -43.06
C ILE D 159 32.83 38.57 -43.92
N THR D 160 33.74 38.23 -44.81
CA THR D 160 34.36 39.22 -45.68
C THR D 160 33.32 39.83 -46.63
N LEU D 161 32.50 38.98 -47.23
CA LEU D 161 31.44 39.43 -48.12
C LEU D 161 30.41 40.23 -47.33
N HIS D 162 30.17 39.83 -46.08
CA HIS D 162 29.31 40.58 -45.17
C HIS D 162 29.83 42.00 -45.00
N HIS D 163 31.13 42.12 -44.71
CA HIS D 163 31.75 43.44 -44.60
C HIS D 163 31.65 44.22 -45.91
N LYS D 164 31.88 43.54 -47.03
CA LYS D 164 31.69 44.16 -48.35
C LYS D 164 30.28 44.70 -48.56
N LEU D 165 29.28 43.88 -48.25
CA LEU D 165 27.89 44.29 -48.35
C LEU D 165 27.62 45.47 -47.45
N CYS D 166 28.14 45.43 -46.23
CA CYS D 166 28.00 46.56 -45.33
C CYS D 166 28.60 47.85 -45.93
N HIS D 167 29.83 47.75 -46.43
CA HIS D 167 30.47 48.90 -47.08
C HIS D 167 29.63 49.45 -48.24
N ALA D 168 29.30 48.56 -49.18
CA ALA D 168 28.49 48.93 -50.35
C ALA D 168 27.14 49.49 -49.95
N ALA D 169 26.54 48.90 -48.92
CA ALA D 169 25.25 49.36 -48.42
C ALA D 169 25.40 50.76 -47.88
N ARG D 170 26.44 51.01 -47.10
CA ARG D 170 26.71 52.36 -46.61
C ARG D 170 26.89 53.34 -47.77
N GLN D 171 27.67 52.96 -48.78
CA GLN D 171 27.84 53.84 -49.95
C GLN D 171 26.51 54.17 -50.64
N LEU D 172 25.82 53.12 -51.10
CA LEU D 172 24.54 53.25 -51.78
C LEU D 172 23.56 54.06 -50.97
N LEU D 173 23.34 53.61 -49.74
CA LEU D 173 22.40 54.24 -48.84
C LEU D 173 22.81 55.70 -48.58
N GLU D 174 24.10 55.92 -48.32
CA GLU D 174 24.63 57.26 -48.08
C GLU D 174 24.24 58.22 -49.18
N GLN D 175 24.48 57.83 -50.43
CA GLN D 175 24.16 58.74 -51.53
C GLN D 175 22.66 58.76 -51.88
N THR D 176 21.96 57.64 -51.79
CA THR D 176 20.56 57.62 -52.23
C THR D 176 19.50 57.99 -51.17
N LEU D 177 19.86 58.02 -49.88
CA LEU D 177 18.89 58.44 -48.86
C LEU D 177 18.50 59.93 -48.94
N PRO D 178 19.50 60.81 -49.12
CA PRO D 178 19.21 62.25 -49.27
C PRO D 178 18.24 62.53 -50.42
N ALA D 179 18.27 61.69 -51.44
CA ALA D 179 17.38 61.84 -52.59
C ALA D 179 15.92 61.61 -52.19
N ILE D 180 15.70 60.67 -51.27
CA ILE D 180 14.35 60.34 -50.83
C ILE D 180 13.70 61.49 -50.08
N LYS D 181 14.50 62.28 -49.37
CA LYS D 181 13.97 63.41 -48.61
C LYS D 181 13.38 64.49 -49.52
N HIS D 182 13.59 64.31 -50.82
CA HIS D 182 13.27 65.30 -51.83
C HIS D 182 12.13 64.84 -52.75
N GLY D 183 12.29 63.64 -53.31
CA GLY D 183 11.45 63.17 -54.39
C GLY D 183 12.25 63.07 -55.68
N ASN D 184 13.57 63.06 -55.52
CA ASN D 184 14.49 62.92 -56.64
C ASN D 184 14.76 61.45 -56.99
N ILE D 185 14.00 60.55 -56.37
CA ILE D 185 14.19 59.12 -56.60
C ILE D 185 13.28 58.68 -57.72
N LEU D 186 13.81 57.82 -58.58
CA LEU D 186 12.98 57.17 -59.60
C LEU D 186 12.53 55.83 -59.03
N GLU D 187 11.56 55.20 -59.68
CA GLU D 187 11.20 53.83 -59.34
C GLU D 187 11.38 52.95 -60.57
N ILE D 188 12.39 52.07 -60.52
CA ILE D 188 12.58 51.10 -61.58
C ILE D 188 11.99 49.79 -61.10
N ALA D 189 10.89 49.40 -61.73
CA ALA D 189 10.14 48.21 -61.32
C ALA D 189 10.94 46.93 -61.49
N GLN D 190 10.67 45.97 -60.61
CA GLN D 190 11.33 44.68 -60.67
C GLN D 190 10.69 43.84 -61.77
N ARG D 191 11.51 43.03 -62.44
CA ARG D 191 11.00 42.17 -63.50
C ARG D 191 10.61 40.86 -62.83
N GLU D 192 9.32 40.60 -62.77
CA GLU D 192 8.77 39.54 -61.93
C GLU D 192 9.09 38.14 -62.44
N ASN D 193 9.35 38.02 -63.73
CA ASN D 193 9.66 36.72 -64.31
C ASN D 193 11.10 36.32 -64.03
N GLU D 194 11.88 37.24 -63.45
CA GLU D 194 13.26 36.96 -63.05
C GLU D 194 13.43 36.52 -61.60
N ALA D 195 12.36 36.45 -60.83
CA ALA D 195 12.51 36.25 -59.39
C ALA D 195 12.97 34.84 -59.01
N THR D 196 13.79 34.80 -57.97
CA THR D 196 14.25 33.56 -57.36
C THR D 196 14.19 33.75 -55.85
N CYS D 197 13.71 32.73 -55.14
CA CYS D 197 13.45 32.84 -53.70
C CYS D 197 14.05 31.67 -52.94
N PHE D 198 14.64 31.96 -51.79
CA PHE D 198 15.26 30.94 -50.95
C PHE D 198 14.70 31.06 -49.54
N GLY D 199 14.66 29.94 -48.82
CA GLY D 199 14.07 29.89 -47.49
C GLY D 199 15.10 29.97 -46.40
N ARG D 200 14.68 29.64 -45.17
CA ARG D 200 15.56 29.70 -44.02
C ARG D 200 16.53 28.53 -44.04
N ARG D 201 17.81 28.82 -43.83
CA ARG D 201 18.80 27.76 -43.77
C ARG D 201 18.82 27.21 -42.35
N THR D 202 18.82 25.90 -42.24
CA THR D 202 18.96 25.20 -40.97
C THR D 202 20.29 24.46 -41.03
N PRO D 203 20.90 24.17 -39.87
CA PRO D 203 22.20 23.48 -39.92
C PRO D 203 22.15 22.23 -40.80
N ASP D 204 20.99 21.58 -40.86
CA ASP D 204 20.84 20.40 -41.71
C ASP D 204 21.02 20.73 -43.19
N ASP D 205 20.87 22.01 -43.55
CA ASP D 205 21.08 22.44 -44.93
C ASP D 205 22.57 22.62 -45.24
N SER D 206 23.40 22.66 -44.20
CA SER D 206 24.83 22.91 -44.37
C SER D 206 25.62 21.61 -44.44
N PHE D 207 24.91 20.49 -44.45
CA PHE D 207 25.53 19.16 -44.53
C PHE D 207 26.26 18.95 -45.84
N LEU D 208 27.51 18.49 -45.76
CA LEU D 208 28.34 18.27 -46.95
C LEU D 208 28.06 16.92 -47.61
N GLU D 209 27.65 16.99 -48.87
CA GLU D 209 27.36 15.80 -49.67
C GLU D 209 28.48 15.51 -50.65
N TRP D 210 29.22 14.44 -50.38
CA TRP D 210 30.48 14.20 -51.08
C TRP D 210 30.30 13.75 -52.53
N HIS D 211 29.08 13.42 -52.92
CA HIS D 211 28.80 13.04 -54.30
C HIS D 211 28.79 14.24 -55.26
N LYS D 212 28.75 15.45 -54.71
CA LYS D 212 28.79 16.67 -55.52
C LYS D 212 30.21 17.03 -55.93
N PRO D 213 30.35 17.94 -56.92
CA PRO D 213 31.67 18.44 -57.32
C PRO D 213 32.39 19.16 -56.17
N ALA D 214 33.72 19.17 -56.19
CA ALA D 214 34.51 19.82 -55.15
C ALA D 214 34.20 21.31 -55.07
N SER D 215 33.85 21.90 -56.21
CA SER D 215 33.54 23.32 -56.26
C SER D 215 32.31 23.68 -55.42
N VAL D 216 31.24 22.90 -55.57
CA VAL D 216 30.00 23.15 -54.83
C VAL D 216 30.21 23.01 -53.32
N LEU D 217 30.95 21.99 -52.93
CA LEU D 217 31.25 21.76 -51.52
C LEU D 217 32.15 22.85 -50.98
N HIS D 218 33.16 23.22 -51.77
CA HIS D 218 34.02 24.34 -51.43
C HIS D 218 33.17 25.59 -51.20
N ASN D 219 32.24 25.85 -52.11
CA ASN D 219 31.29 26.94 -51.95
C ASN D 219 30.47 26.80 -50.68
N MET D 220 30.03 25.58 -50.38
CA MET D 220 29.33 25.31 -49.14
C MET D 220 30.17 25.70 -47.93
N VAL D 221 31.40 25.22 -47.82
CA VAL D 221 32.21 25.53 -46.63
C VAL D 221 32.58 27.01 -46.59
N ARG D 222 32.79 27.62 -47.76
CA ARG D 222 33.04 29.06 -47.82
C ARG D 222 31.81 29.82 -47.34
N ALA D 223 30.63 29.34 -47.70
CA ALA D 223 29.38 30.01 -47.36
C ALA D 223 29.12 30.06 -45.84
N VAL D 224 29.32 28.95 -45.14
CA VAL D 224 29.04 28.86 -43.70
C VAL D 224 30.28 29.02 -42.82
N ALA D 225 31.41 29.41 -43.41
CA ALA D 225 32.67 29.53 -42.65
C ALA D 225 32.52 30.47 -41.45
N ASP D 226 33.35 30.23 -40.43
CA ASP D 226 33.34 30.99 -39.18
C ASP D 226 33.32 32.49 -39.47
N PRO D 227 32.51 33.27 -38.71
CA PRO D 227 31.70 32.99 -37.50
C PRO D 227 30.50 32.06 -37.64
N TRP D 228 30.06 31.76 -38.86
CA TRP D 228 28.90 30.87 -39.04
C TRP D 228 29.22 29.44 -38.57
N PRO D 229 28.17 28.60 -38.40
CA PRO D 229 28.33 27.27 -37.79
C PRO D 229 29.26 26.31 -38.55
N GLY D 230 29.57 26.59 -39.80
CA GLY D 230 30.53 25.78 -40.55
C GLY D 230 29.91 24.59 -41.26
N ALA D 231 30.55 24.15 -42.34
CA ALA D 231 30.12 22.98 -43.09
C ALA D 231 30.61 21.72 -42.39
N PHE D 232 29.80 20.67 -42.40
CA PHE D 232 30.11 19.48 -41.60
C PHE D 232 29.84 18.16 -42.32
N SER D 233 30.42 17.10 -41.78
CA SER D 233 30.17 15.75 -42.25
C SER D 233 30.39 14.81 -41.06
N TYR D 234 30.35 13.51 -41.29
CA TYR D 234 30.44 12.53 -40.20
C TYR D 234 31.48 11.44 -40.45
N VAL D 235 32.20 11.03 -39.41
CA VAL D 235 32.98 9.80 -39.45
C VAL D 235 32.23 8.77 -38.60
N GLY D 236 31.62 7.79 -39.26
CA GLY D 236 30.68 6.92 -38.57
C GLY D 236 29.64 7.81 -37.95
N ASN D 237 29.44 7.70 -36.64
CA ASN D 237 28.52 8.56 -35.91
C ASN D 237 29.16 9.89 -35.48
N GLN D 238 30.48 9.98 -35.59
CA GLN D 238 31.20 11.16 -35.10
C GLN D 238 31.16 12.30 -36.11
N LYS D 239 30.64 13.43 -35.67
CA LYS D 239 30.49 14.64 -36.51
C LYS D 239 31.75 15.52 -36.50
N PHE D 240 32.09 16.06 -37.67
CA PHE D 240 33.20 17.02 -37.76
C PHE D 240 32.87 18.16 -38.74
N THR D 241 33.50 19.31 -38.52
CA THR D 241 33.26 20.52 -39.31
C THR D 241 34.50 20.95 -40.09
N VAL D 242 34.30 21.26 -41.37
CA VAL D 242 35.35 21.81 -42.24
C VAL D 242 35.27 23.35 -42.28
N TRP D 243 36.27 24.00 -41.69
CA TRP D 243 36.32 25.47 -41.62
C TRP D 243 36.91 26.11 -42.88
N SER D 244 37.95 25.47 -43.45
CA SER D 244 38.61 25.95 -44.66
C SER D 244 38.91 24.80 -45.58
N SER D 245 38.73 25.02 -46.88
CA SER D 245 38.92 23.98 -47.87
C SER D 245 39.66 24.49 -49.11
N ARG D 246 40.15 23.56 -49.92
CA ARG D 246 40.91 23.87 -51.13
C ARG D 246 40.50 22.97 -52.29
N VAL D 247 40.20 23.56 -53.43
CA VAL D 247 39.78 22.78 -54.59
C VAL D 247 41.02 22.16 -55.23
N HIS D 248 40.95 20.87 -55.51
CA HIS D 248 42.01 20.12 -56.18
C HIS D 248 41.48 19.47 -57.45
N PRO D 249 41.71 20.10 -58.62
CA PRO D 249 41.18 19.53 -59.87
C PRO D 249 41.77 18.16 -60.18
N HIS D 250 42.95 17.86 -59.62
CA HIS D 250 43.56 16.56 -59.80
C HIS D 250 42.61 15.46 -59.34
N ALA D 251 42.34 14.53 -60.25
CA ALA D 251 41.33 13.50 -60.01
C ALA D 251 41.86 12.41 -59.11
N SER D 252 41.00 11.44 -58.78
CA SER D 252 41.42 10.26 -58.04
C SER D 252 40.56 9.07 -58.43
N LYS D 253 41.18 7.91 -58.52
CA LYS D 253 40.45 6.68 -58.82
C LYS D 253 39.55 6.32 -57.65
N ALA D 254 39.80 6.94 -56.50
CA ALA D 254 39.01 6.70 -55.30
C ALA D 254 37.55 7.09 -55.51
N GLN D 255 36.65 6.27 -54.98
CA GLN D 255 35.22 6.51 -55.13
C GLN D 255 34.83 7.74 -54.30
N PRO D 256 33.76 8.45 -54.71
CA PRO D 256 33.34 9.64 -53.97
C PRO D 256 33.13 9.38 -52.48
N GLY D 257 33.70 10.25 -51.65
CA GLY D 257 33.57 10.14 -50.21
C GLY D 257 34.79 9.50 -49.56
N SER D 258 35.62 8.84 -50.36
CA SER D 258 36.81 8.19 -49.84
C SER D 258 37.93 9.20 -49.59
N VAL D 259 38.80 8.89 -48.62
CA VAL D 259 39.94 9.74 -48.32
C VAL D 259 41.16 9.36 -49.16
N ILE D 260 41.64 10.29 -49.96
CA ILE D 260 42.80 10.05 -50.82
C ILE D 260 44.09 10.04 -50.02
N SER D 261 44.27 11.06 -49.18
CA SER D 261 45.44 11.17 -48.32
C SER D 261 45.10 11.97 -47.06
N VAL D 262 45.82 11.69 -45.97
CA VAL D 262 45.60 12.39 -44.71
C VAL D 262 46.51 13.60 -44.47
N ALA D 263 47.54 13.77 -45.28
CA ALA D 263 48.51 14.86 -45.10
C ALA D 263 48.98 15.46 -46.43
N PRO D 264 48.22 16.42 -46.99
CA PRO D 264 47.00 17.05 -46.48
C PRO D 264 45.76 16.16 -46.57
N LEU D 265 44.71 16.54 -45.86
CA LEU D 265 43.47 15.78 -45.87
C LEU D 265 42.69 16.09 -47.14
N LEU D 266 42.46 15.06 -47.95
CA LEU D 266 41.84 15.20 -49.27
C LEU D 266 40.71 14.21 -49.43
N ILE D 267 39.51 14.72 -49.68
CA ILE D 267 38.33 13.87 -49.85
C ILE D 267 37.95 13.79 -51.33
N ALA D 268 37.76 12.57 -51.82
CA ALA D 268 37.32 12.34 -53.19
C ALA D 268 35.87 12.77 -53.33
N CYS D 269 35.58 13.51 -54.40
CA CYS D 269 34.23 14.00 -54.67
C CYS D 269 33.68 13.42 -55.96
N GLY D 270 32.48 13.85 -56.33
CA GLY D 270 31.86 13.44 -57.58
C GLY D 270 32.70 13.92 -58.75
N ASP D 271 33.27 15.11 -58.61
CA ASP D 271 34.26 15.63 -59.55
C ASP D 271 35.38 16.32 -58.77
N GLY D 272 36.61 15.88 -59.01
CA GLY D 272 37.75 16.42 -58.29
C GLY D 272 37.76 15.96 -56.84
N ALA D 273 38.69 16.53 -56.06
CA ALA D 273 38.78 16.24 -54.64
C ALA D 273 38.81 17.55 -53.86
N LEU D 274 38.41 17.50 -52.60
CA LEU D 274 38.44 18.68 -51.73
C LEU D 274 39.48 18.50 -50.62
N GLU D 275 40.42 19.43 -50.54
CA GLU D 275 41.37 19.45 -49.43
C GLU D 275 40.78 20.20 -48.24
N ILE D 276 40.88 19.59 -47.07
CA ILE D 276 40.51 20.24 -45.82
C ILE D 276 41.73 20.89 -45.18
N VAL D 277 41.77 22.21 -45.20
CA VAL D 277 42.90 22.96 -44.67
C VAL D 277 42.82 23.00 -43.14
N THR D 278 41.64 23.37 -42.65
CA THR D 278 41.36 23.34 -41.21
C THR D 278 39.94 22.86 -40.96
N GLY D 279 39.70 22.35 -39.76
CA GLY D 279 38.40 21.86 -39.37
C GLY D 279 38.45 21.44 -37.92
N GLN D 280 37.35 20.87 -37.42
CA GLN D 280 37.32 20.40 -36.04
C GLN D 280 36.48 19.15 -35.88
N ALA D 281 36.85 18.33 -34.89
CA ALA D 281 36.13 17.11 -34.57
C ALA D 281 35.10 17.36 -33.49
N GLY D 282 33.83 17.25 -33.84
CA GLY D 282 32.75 17.50 -32.90
C GLY D 282 32.78 18.92 -32.37
N ASP D 283 32.76 19.06 -31.05
CA ASP D 283 32.82 20.36 -30.39
C ASP D 283 34.25 20.75 -30.01
N GLY D 284 35.22 19.95 -30.43
CA GLY D 284 36.62 20.21 -30.11
C GLY D 284 37.18 21.44 -30.80
N ILE D 285 38.47 21.70 -30.59
CA ILE D 285 39.10 22.91 -31.14
C ILE D 285 39.44 22.75 -32.62
N THR D 286 39.53 23.88 -33.31
CA THR D 286 39.97 23.91 -34.69
C THR D 286 41.42 23.43 -34.77
N MET D 287 41.77 22.74 -35.85
CA MET D 287 43.14 22.27 -36.06
C MET D 287 43.41 22.05 -37.54
N GLN D 288 44.69 21.90 -37.88
CA GLN D 288 45.11 21.64 -39.25
C GLN D 288 44.59 20.30 -39.77
N GLY D 289 44.51 20.18 -41.09
CA GLY D 289 43.94 19.01 -41.74
C GLY D 289 44.54 17.69 -41.29
N SER D 290 45.87 17.64 -41.25
CA SER D 290 46.58 16.42 -40.87
C SER D 290 46.22 15.99 -39.46
N GLN D 291 46.23 16.95 -38.53
CA GLN D 291 45.89 16.66 -37.15
C GLN D 291 44.41 16.29 -37.03
N LEU D 292 43.56 16.95 -37.81
CA LEU D 292 42.12 16.65 -37.80
C LEU D 292 41.92 15.20 -38.25
N ALA D 293 42.66 14.82 -39.30
CA ALA D 293 42.65 13.45 -39.77
C ALA D 293 43.11 12.49 -38.69
N GLN D 294 44.24 12.78 -38.06
CA GLN D 294 44.76 11.93 -36.98
C GLN D 294 43.77 11.81 -35.81
N THR D 295 43.21 12.92 -35.35
CA THR D 295 42.31 12.90 -34.19
C THR D 295 40.94 12.28 -34.48
N LEU D 296 40.50 12.31 -35.73
CA LEU D 296 39.25 11.64 -36.08
C LEU D 296 39.41 10.12 -36.18
N GLY D 297 40.65 9.65 -36.21
CA GLY D 297 40.92 8.23 -36.33
C GLY D 297 40.81 7.85 -37.79
N LEU D 298 40.97 8.85 -38.65
CA LEU D 298 40.93 8.66 -40.08
C LEU D 298 42.25 8.12 -40.60
N VAL D 299 42.16 7.36 -41.69
CA VAL D 299 43.34 6.88 -42.39
C VAL D 299 43.08 6.90 -43.89
N GLN D 300 44.10 6.56 -44.67
CA GLN D 300 43.92 6.48 -46.12
C GLN D 300 42.92 5.40 -46.51
N GLY D 301 41.94 5.81 -47.31
CA GLY D 301 40.85 4.97 -47.75
C GLY D 301 39.82 4.65 -46.69
N SER D 302 39.38 5.69 -45.98
CA SER D 302 38.24 5.64 -45.06
C SER D 302 37.10 6.47 -45.65
N ARG D 303 35.87 6.08 -45.39
CA ARG D 303 34.69 6.77 -45.92
C ARG D 303 33.82 7.32 -44.78
N LEU D 304 32.70 7.93 -45.16
CA LEU D 304 31.83 8.63 -44.21
C LEU D 304 30.40 8.11 -44.25
N ARG D 313 15.66 -0.23 -38.30
CA ARG D 313 16.37 -0.90 -37.21
C ARG D 313 15.63 -2.15 -36.74
N ARG D 314 14.64 -1.94 -35.89
CA ARG D 314 13.87 -3.04 -35.32
C ARG D 314 12.38 -2.73 -35.41
N ARG D 315 11.55 -3.71 -35.07
CA ARG D 315 10.10 -3.59 -35.21
C ARG D 315 9.46 -2.77 -34.09
N THR D 316 8.51 -1.93 -34.45
CA THR D 316 7.77 -1.14 -33.47
C THR D 316 6.76 -1.98 -32.70
N ARG D 317 6.84 -1.94 -31.39
CA ARG D 317 5.91 -2.70 -30.56
C ARG D 317 4.73 -1.81 -30.20
N VAL D 318 3.54 -2.17 -30.68
CA VAL D 318 2.33 -1.39 -30.43
C VAL D 318 1.47 -2.09 -29.39
N LEU D 319 1.23 -1.42 -28.26
CA LEU D 319 0.39 -1.96 -27.19
C LEU D 319 -1.03 -1.41 -27.29
N ILE D 320 -2.00 -2.28 -27.58
CA ILE D 320 -3.40 -1.87 -27.65
C ILE D 320 -4.15 -2.35 -26.42
N LEU D 321 -4.57 -1.40 -25.58
CA LEU D 321 -5.36 -1.71 -24.39
C LEU D 321 -6.86 -1.67 -24.75
N GLY D 322 -7.57 -2.77 -24.50
CA GLY D 322 -8.93 -2.94 -24.97
C GLY D 322 -8.98 -3.39 -26.43
N VAL D 323 -8.11 -4.32 -26.79
CA VAL D 323 -7.96 -4.78 -28.18
C VAL D 323 -9.16 -5.58 -28.70
N ASN D 324 -10.04 -6.04 -27.82
CA ASN D 324 -11.07 -6.96 -28.26
C ASN D 324 -12.32 -6.19 -28.67
N GLY D 325 -12.48 -5.96 -29.97
CA GLY D 325 -13.48 -5.02 -30.44
C GLY D 325 -13.11 -4.31 -31.73
N PHE D 326 -13.92 -3.31 -32.06
CA PHE D 326 -13.90 -2.63 -33.35
C PHE D 326 -12.51 -2.08 -33.77
N ILE D 327 -12.04 -1.06 -33.05
CA ILE D 327 -10.80 -0.41 -33.41
C ILE D 327 -9.63 -1.37 -33.28
N GLY D 328 -9.65 -2.19 -32.24
CA GLY D 328 -8.59 -3.16 -32.02
C GLY D 328 -8.48 -4.09 -33.22
N ASN D 329 -9.61 -4.63 -33.64
CA ASN D 329 -9.67 -5.52 -34.77
C ASN D 329 -9.13 -4.86 -36.03
N HIS D 330 -9.72 -3.74 -36.42
CA HIS D 330 -9.32 -3.12 -37.69
C HIS D 330 -7.87 -2.63 -37.67
N LEU D 331 -7.45 -2.05 -36.54
CA LEU D 331 -6.09 -1.56 -36.38
C LEU D 331 -5.08 -2.71 -36.40
N THR D 332 -5.42 -3.79 -35.71
CA THR D 332 -4.57 -4.97 -35.72
C THR D 332 -4.42 -5.46 -37.16
N GLU D 333 -5.54 -5.63 -37.85
CA GLU D 333 -5.51 -6.02 -39.26
C GLU D 333 -4.59 -5.11 -40.07
N ARG D 334 -4.82 -3.81 -39.97
CA ARG D 334 -3.98 -2.84 -40.68
C ARG D 334 -2.50 -2.98 -40.35
N LEU D 335 -2.18 -3.04 -39.06
CA LEU D 335 -0.78 -3.11 -38.65
C LEU D 335 -0.11 -4.40 -39.09
N LEU D 336 -0.83 -5.51 -39.02
CA LEU D 336 -0.27 -6.80 -39.39
C LEU D 336 -0.16 -6.97 -40.90
N ARG D 337 -1.02 -6.29 -41.67
CA ARG D 337 -0.78 -6.22 -43.12
C ARG D 337 0.62 -5.76 -43.48
N GLU D 338 1.10 -4.70 -42.83
CA GLU D 338 2.46 -4.25 -43.02
C GLU D 338 3.32 -5.20 -42.21
N ASP D 339 4.60 -5.34 -42.54
CA ASP D 339 5.40 -6.32 -41.81
C ASP D 339 6.15 -5.81 -40.58
N HIS D 340 6.29 -4.50 -40.36
CA HIS D 340 7.23 -4.02 -39.33
C HIS D 340 6.62 -3.74 -37.94
N TYR D 341 5.39 -4.17 -37.72
CA TYR D 341 4.76 -3.98 -36.42
C TYR D 341 4.61 -5.27 -35.63
N GLU D 342 4.79 -5.14 -34.32
CA GLU D 342 4.51 -6.20 -33.37
C GLU D 342 3.40 -5.72 -32.46
N VAL D 343 2.28 -6.42 -32.49
CA VAL D 343 1.08 -5.99 -31.79
C VAL D 343 0.89 -6.77 -30.51
N TYR D 344 0.79 -6.06 -29.39
CA TYR D 344 0.37 -6.69 -28.14
C TYR D 344 -1.05 -6.22 -27.84
N GLY D 345 -2.02 -7.08 -28.13
CA GLY D 345 -3.41 -6.86 -27.78
C GLY D 345 -3.70 -7.18 -26.33
N LEU D 346 -4.24 -6.22 -25.59
CA LEU D 346 -4.60 -6.45 -24.19
C LEU D 346 -6.10 -6.31 -23.97
N ASP D 347 -6.68 -7.31 -23.31
CA ASP D 347 -8.10 -7.30 -23.03
C ASP D 347 -8.47 -8.49 -22.15
N ILE D 348 -9.73 -8.55 -21.72
CA ILE D 348 -10.19 -9.61 -20.84
C ILE D 348 -10.82 -10.75 -21.62
N GLY D 349 -10.93 -10.60 -22.94
CA GLY D 349 -11.38 -11.68 -23.80
C GLY D 349 -10.84 -11.51 -25.19
N SER D 350 -10.68 -12.62 -25.91
CA SER D 350 -10.16 -12.59 -27.27
C SER D 350 -11.20 -12.79 -28.39
N ASP D 351 -12.47 -13.00 -28.02
CA ASP D 351 -13.48 -13.49 -28.98
C ASP D 351 -13.57 -12.67 -30.27
N ALA D 352 -13.55 -11.34 -30.16
CA ALA D 352 -13.71 -10.49 -31.35
C ALA D 352 -12.49 -10.55 -32.29
N ILE D 353 -11.30 -10.74 -31.72
CA ILE D 353 -10.05 -10.79 -32.49
C ILE D 353 -9.52 -12.20 -32.81
N SER D 354 -10.31 -13.24 -32.58
CA SER D 354 -9.80 -14.63 -32.61
C SER D 354 -8.93 -15.01 -33.81
N ARG D 355 -9.13 -14.38 -34.96
CA ARG D 355 -8.37 -14.78 -36.14
C ARG D 355 -6.92 -14.31 -36.10
N PHE D 356 -6.58 -13.43 -35.15
CA PHE D 356 -5.20 -12.96 -35.03
C PHE D 356 -4.38 -13.72 -34.00
N LEU D 357 -5.01 -14.63 -33.27
CA LEU D 357 -4.33 -15.32 -32.17
C LEU D 357 -3.15 -16.19 -32.62
N ASN D 358 -3.20 -16.72 -33.83
CA ASN D 358 -2.13 -17.59 -34.33
C ASN D 358 -1.04 -16.83 -35.09
N HIS D 359 -1.29 -15.55 -35.36
CA HIS D 359 -0.38 -14.75 -36.16
C HIS D 359 0.92 -14.56 -35.37
N PRO D 360 2.07 -14.81 -36.00
CA PRO D 360 3.35 -14.80 -35.26
C PRO D 360 3.64 -13.47 -34.57
N HIS D 361 3.24 -12.37 -35.21
CA HIS D 361 3.51 -11.03 -34.72
C HIS D 361 2.37 -10.39 -33.92
N PHE D 362 1.31 -11.14 -33.64
CA PHE D 362 0.28 -10.73 -32.68
C PHE D 362 0.45 -11.46 -31.36
N HIS D 363 0.29 -10.73 -30.25
CA HIS D 363 0.36 -11.33 -28.92
C HIS D 363 -0.83 -10.87 -28.08
N PHE D 364 -1.69 -11.82 -27.72
CA PHE D 364 -2.80 -11.50 -26.82
C PHE D 364 -2.30 -11.57 -25.39
N VAL D 365 -2.51 -10.49 -24.64
CA VAL D 365 -2.12 -10.45 -23.24
C VAL D 365 -3.36 -10.27 -22.36
N GLU D 366 -3.53 -11.16 -21.39
CA GLU D 366 -4.68 -11.13 -20.51
C GLU D 366 -4.55 -9.94 -19.57
N GLY D 367 -5.60 -9.10 -19.51
CA GLY D 367 -5.55 -7.97 -18.60
C GLY D 367 -6.76 -7.05 -18.54
N ASP D 368 -6.86 -6.34 -17.42
CA ASP D 368 -7.93 -5.41 -17.13
C ASP D 368 -7.29 -4.20 -16.44
N ILE D 369 -7.45 -3.00 -17.01
CA ILE D 369 -6.72 -1.82 -16.53
C ILE D 369 -7.21 -1.31 -15.17
N SER D 370 -8.37 -1.77 -14.73
CA SER D 370 -8.87 -1.43 -13.41
C SER D 370 -8.27 -2.33 -12.32
N ILE D 371 -7.96 -3.57 -12.70
CA ILE D 371 -7.37 -4.54 -11.76
C ILE D 371 -5.84 -4.48 -11.79
N HIS D 372 -5.25 -5.09 -12.82
CA HIS D 372 -3.79 -5.06 -13.02
C HIS D 372 -3.09 -3.70 -12.94
N SER D 373 -2.03 -3.63 -12.14
CA SER D 373 -1.19 -2.45 -12.11
C SER D 373 0.15 -2.74 -12.79
N GLU D 374 0.93 -3.63 -12.16
CA GLU D 374 2.29 -3.96 -12.61
C GLU D 374 2.42 -4.67 -13.96
N TRP D 375 1.43 -5.50 -14.28
CA TRP D 375 1.39 -6.23 -15.56
C TRP D 375 1.28 -5.23 -16.72
N ILE D 376 0.43 -4.24 -16.52
CA ILE D 376 0.21 -3.16 -17.47
C ILE D 376 1.47 -2.32 -17.60
N GLU D 377 2.00 -1.90 -16.44
CA GLU D 377 3.22 -1.10 -16.40
C GLU D 377 4.34 -1.79 -17.16
N TYR D 378 4.51 -3.08 -16.87
CA TYR D 378 5.48 -3.89 -17.56
C TYR D 378 5.28 -3.81 -19.06
N HIS D 379 4.05 -4.07 -19.51
CA HIS D 379 3.82 -4.02 -20.95
C HIS D 379 4.00 -2.62 -21.55
N VAL D 380 3.77 -1.57 -20.79
CA VAL D 380 4.13 -0.23 -21.28
C VAL D 380 5.64 -0.09 -21.42
N LYS D 381 6.41 -0.51 -20.41
CA LYS D 381 7.87 -0.46 -20.52
C LYS D 381 8.35 -1.28 -21.74
N LYS D 382 7.75 -2.45 -21.93
CA LYS D 382 8.13 -3.35 -23.01
C LYS D 382 7.89 -2.79 -24.42
N CYS D 383 6.81 -2.03 -24.61
CA CYS D 383 6.40 -1.61 -25.94
C CYS D 383 6.86 -0.19 -26.28
N ASP D 384 6.51 0.27 -27.48
CA ASP D 384 6.96 1.57 -27.98
C ASP D 384 5.85 2.60 -27.98
N VAL D 385 4.78 2.33 -28.71
CA VAL D 385 3.65 3.25 -28.75
C VAL D 385 2.45 2.58 -28.08
N VAL D 386 1.63 3.39 -27.39
CA VAL D 386 0.54 2.87 -26.54
C VAL D 386 -0.81 3.46 -26.95
N LEU D 387 -1.82 2.60 -27.03
CA LEU D 387 -3.15 2.99 -27.48
C LEU D 387 -4.23 2.57 -26.45
N PRO D 388 -4.57 3.48 -25.52
CA PRO D 388 -5.55 3.22 -24.45
C PRO D 388 -7.00 3.34 -24.91
N LEU D 389 -7.60 2.26 -25.40
CA LEU D 389 -8.98 2.30 -25.88
C LEU D 389 -10.06 1.97 -24.84
N VAL D 390 -9.68 1.60 -23.61
CA VAL D 390 -10.69 1.24 -22.61
C VAL D 390 -11.36 2.48 -22.02
N ALA D 391 -12.69 2.52 -22.13
CA ALA D 391 -13.50 3.60 -21.53
C ALA D 391 -15.00 3.38 -21.75
N ILE D 392 -15.83 3.99 -20.88
CA ILE D 392 -17.27 3.91 -21.01
C ILE D 392 -17.73 5.13 -21.79
N ALA D 393 -18.14 4.92 -23.04
CA ALA D 393 -18.61 6.01 -23.91
C ALA D 393 -20.13 6.10 -24.04
N THR D 394 -20.87 5.25 -23.33
CA THR D 394 -22.31 5.17 -23.53
C THR D 394 -23.05 6.23 -22.69
N PRO D 395 -23.74 7.18 -23.34
CA PRO D 395 -24.34 8.35 -22.64
C PRO D 395 -25.21 8.06 -21.42
N ILE D 396 -26.08 7.06 -21.47
CA ILE D 396 -26.95 6.77 -20.33
C ILE D 396 -26.14 6.51 -19.06
N GLU D 397 -24.94 5.93 -19.22
CA GLU D 397 -24.12 5.60 -18.08
C GLU D 397 -23.50 6.83 -17.43
N TYR D 398 -23.38 7.93 -18.19
CA TYR D 398 -22.81 9.16 -17.64
C TYR D 398 -23.65 9.60 -16.46
N THR D 399 -24.97 9.60 -16.65
CA THR D 399 -25.90 9.98 -15.60
C THR D 399 -26.19 8.82 -14.65
N ARG D 400 -26.25 7.60 -15.19
CA ARG D 400 -26.62 6.45 -14.36
C ARG D 400 -25.48 5.97 -13.46
N ASN D 401 -24.24 6.01 -13.95
CA ASN D 401 -23.10 5.61 -13.13
C ASN D 401 -21.91 6.56 -13.31
N PRO D 402 -22.09 7.83 -12.93
CA PRO D 402 -21.07 8.87 -13.14
C PRO D 402 -19.71 8.56 -12.52
N LEU D 403 -19.72 8.03 -11.30
CA LEU D 403 -18.49 7.75 -10.58
C LEU D 403 -17.64 6.66 -11.25
N ARG D 404 -18.28 5.62 -11.80
CA ARG D 404 -17.56 4.57 -12.51
C ARG D 404 -17.00 5.12 -13.83
N VAL D 405 -17.81 5.91 -14.52
CA VAL D 405 -17.37 6.58 -15.74
C VAL D 405 -16.13 7.41 -15.42
N PHE D 406 -16.19 8.19 -14.34
CA PHE D 406 -15.05 9.00 -13.94
C PHE D 406 -13.84 8.14 -13.55
N GLU D 407 -14.08 7.12 -12.73
CA GLU D 407 -13.01 6.25 -12.26
C GLU D 407 -12.29 5.56 -13.41
N LEU D 408 -13.03 4.97 -14.34
CA LEU D 408 -12.43 4.25 -15.46
C LEU D 408 -11.89 5.17 -16.55
N ASP D 409 -12.69 6.13 -17.01
CA ASP D 409 -12.28 6.95 -18.14
C ASP D 409 -11.19 7.93 -17.78
N PHE D 410 -11.21 8.44 -16.55
CA PHE D 410 -10.21 9.41 -16.13
C PHE D 410 -9.06 8.77 -15.34
N GLU D 411 -9.34 8.20 -14.17
CA GLU D 411 -8.28 7.80 -13.24
C GLU D 411 -7.37 6.65 -13.73
N GLU D 412 -7.97 5.56 -14.22
CA GLU D 412 -7.18 4.41 -14.67
C GLU D 412 -6.31 4.79 -15.88
N ASN D 413 -6.90 5.58 -16.77
CA ASN D 413 -6.20 6.03 -17.95
C ASN D 413 -5.08 7.02 -17.59
N LEU D 414 -5.30 7.81 -16.53
CA LEU D 414 -4.25 8.70 -16.05
C LEU D 414 -3.08 7.85 -15.55
N ARG D 415 -3.39 6.78 -14.83
CA ARG D 415 -2.38 5.79 -14.44
C ARG D 415 -1.54 5.34 -15.67
N ILE D 416 -2.23 4.89 -16.71
CA ILE D 416 -1.51 4.49 -17.95
C ILE D 416 -0.67 5.62 -18.60
N ILE D 417 -1.25 6.80 -18.70
CA ILE D 417 -0.53 7.96 -19.23
C ILE D 417 0.75 8.18 -18.42
N ARG D 418 0.64 8.08 -17.11
CA ARG D 418 1.80 8.24 -16.26
C ARG D 418 2.84 7.12 -16.45
N TYR D 419 2.41 5.87 -16.71
CA TYR D 419 3.38 4.86 -17.16
C TYR D 419 4.14 5.34 -18.39
N CYS D 420 3.40 5.81 -19.39
CA CYS D 420 4.04 6.30 -20.61
C CYS D 420 5.01 7.45 -20.33
N VAL D 421 4.63 8.37 -19.44
CA VAL D 421 5.55 9.44 -19.06
C VAL D 421 6.79 8.88 -18.38
N LYS D 422 6.61 7.92 -17.48
CA LYS D 422 7.73 7.36 -16.73
C LYS D 422 8.74 6.66 -17.63
N TYR D 423 8.26 5.83 -18.55
CA TYR D 423 9.13 5.05 -19.41
C TYR D 423 9.42 5.68 -20.77
N ARG D 424 8.98 6.92 -20.97
CA ARG D 424 9.27 7.68 -22.18
C ARG D 424 8.78 6.95 -23.43
N LYS D 425 7.49 6.60 -23.43
CA LYS D 425 6.88 5.91 -24.56
C LYS D 425 5.88 6.84 -25.23
N ARG D 426 5.60 6.58 -26.49
CA ARG D 426 4.66 7.39 -27.23
C ARG D 426 3.23 6.93 -26.92
N ILE D 427 2.35 7.88 -26.65
CA ILE D 427 0.95 7.55 -26.39
C ILE D 427 0.09 8.16 -27.48
N ILE D 428 -0.75 7.33 -28.09
CA ILE D 428 -1.75 7.82 -29.03
C ILE D 428 -3.09 7.68 -28.32
N PHE D 429 -3.64 8.81 -27.91
CA PHE D 429 -4.77 8.80 -26.98
C PHE D 429 -6.09 9.18 -27.65
N PRO D 430 -7.12 8.34 -27.50
CA PRO D 430 -8.46 8.63 -28.02
C PRO D 430 -9.22 9.67 -27.19
N SER D 431 -9.06 10.94 -27.54
CA SER D 431 -9.90 12.00 -27.01
C SER D 431 -11.32 11.82 -27.58
N THR D 432 -12.24 12.74 -27.28
CA THR D 432 -13.61 12.59 -27.75
C THR D 432 -14.10 13.85 -28.44
N SER D 433 -14.98 13.66 -29.42
CA SER D 433 -15.58 14.78 -30.13
C SER D 433 -16.48 15.55 -29.18
N GLU D 434 -16.84 14.88 -28.09
CA GLU D 434 -17.70 15.45 -27.08
C GLU D 434 -17.06 16.58 -26.25
N VAL D 435 -15.74 16.75 -26.34
CA VAL D 435 -15.08 17.84 -25.60
C VAL D 435 -15.58 19.19 -26.09
N TYR D 436 -15.92 19.29 -27.37
CA TYR D 436 -16.38 20.55 -27.94
C TYR D 436 -17.74 20.93 -27.34
N GLY D 437 -18.52 19.92 -26.99
CA GLY D 437 -19.82 20.13 -26.39
C GLY D 437 -20.73 20.94 -27.29
N MET D 438 -21.22 22.04 -26.74
CA MET D 438 -22.22 22.87 -27.38
C MET D 438 -21.61 23.96 -28.24
N CYS D 439 -20.31 23.85 -28.50
CA CYS D 439 -19.60 24.84 -29.31
C CYS D 439 -20.36 25.14 -30.60
N SER D 440 -20.45 26.43 -30.92
CA SER D 440 -21.35 26.90 -31.98
C SER D 440 -20.68 27.04 -33.36
N ASP D 441 -19.38 26.84 -33.43
CA ASP D 441 -18.64 26.93 -34.70
C ASP D 441 -19.18 25.96 -35.74
N LYS D 442 -19.14 26.37 -37.01
CA LYS D 442 -19.60 25.52 -38.10
C LYS D 442 -18.70 24.30 -38.22
N TYR D 443 -17.41 24.50 -38.02
CA TYR D 443 -16.45 23.40 -38.02
C TYR D 443 -15.75 23.32 -36.67
N PHE D 444 -15.81 22.18 -36.00
CA PHE D 444 -15.11 22.02 -34.73
C PHE D 444 -13.62 21.90 -34.96
N ASP D 445 -12.88 22.86 -34.40
CA ASP D 445 -11.46 23.02 -34.68
C ASP D 445 -10.64 22.65 -33.45
N GLU D 446 -9.74 21.68 -33.63
CA GLU D 446 -8.93 21.16 -32.53
C GLU D 446 -8.13 22.26 -31.84
N ASP D 447 -7.61 23.19 -32.64
CA ASP D 447 -6.66 24.19 -32.15
C ASP D 447 -7.30 25.54 -31.80
N HIS D 448 -8.59 25.70 -32.11
CA HIS D 448 -9.23 27.01 -32.07
C HIS D 448 -10.54 27.07 -31.31
N SER D 449 -11.50 26.23 -31.70
CA SER D 449 -12.84 26.21 -31.10
C SER D 449 -12.86 26.19 -29.58
N ASN D 450 -13.70 27.04 -28.99
CA ASN D 450 -13.95 27.01 -27.56
C ASN D 450 -14.77 25.78 -27.21
N LEU D 451 -14.66 25.36 -25.95
CA LEU D 451 -15.36 24.18 -25.46
C LEU D 451 -16.47 24.59 -24.50
N ILE D 452 -17.70 24.18 -24.82
CA ILE D 452 -18.88 24.62 -24.07
C ILE D 452 -19.62 23.44 -23.45
N VAL D 453 -19.81 23.52 -22.12
CA VAL D 453 -20.59 22.52 -21.39
C VAL D 453 -21.66 23.21 -20.55
N GLY D 454 -22.60 22.43 -20.04
CA GLY D 454 -23.66 22.95 -19.20
C GLY D 454 -23.20 23.16 -17.78
N PRO D 455 -24.12 23.60 -16.91
CA PRO D 455 -23.86 23.76 -15.47
C PRO D 455 -23.52 22.43 -14.83
N VAL D 456 -22.94 22.46 -13.63
CA VAL D 456 -22.65 21.25 -12.90
C VAL D 456 -23.92 20.43 -12.68
N ASN D 457 -25.07 21.09 -12.57
CA ASN D 457 -26.35 20.38 -12.33
C ASN D 457 -26.85 19.63 -13.57
N LYS D 458 -26.08 19.69 -14.66
CA LYS D 458 -26.36 18.90 -15.87
C LYS D 458 -25.27 17.85 -16.03
N PRO D 459 -25.39 16.73 -15.30
CA PRO D 459 -24.31 15.75 -15.09
C PRO D 459 -23.85 14.97 -16.30
N ARG D 460 -24.61 14.93 -17.40
CA ARG D 460 -24.18 14.17 -18.57
C ARG D 460 -22.82 14.65 -19.06
N TRP D 461 -22.48 15.88 -18.72
CA TRP D 461 -21.22 16.48 -19.15
C TRP D 461 -20.01 15.94 -18.41
N ILE D 462 -20.23 15.11 -17.39
CA ILE D 462 -19.12 14.56 -16.64
C ILE D 462 -18.17 13.77 -17.56
N TYR D 463 -18.71 13.13 -18.58
CA TYR D 463 -17.88 12.40 -19.53
C TYR D 463 -17.01 13.38 -20.32
N SER D 464 -17.66 14.36 -20.92
CA SER D 464 -16.97 15.35 -21.75
C SER D 464 -15.86 16.08 -20.99
N VAL D 465 -16.16 16.55 -19.78
CA VAL D 465 -15.21 17.33 -19.00
C VAL D 465 -14.08 16.43 -18.47
N SER D 466 -14.41 15.20 -18.10
CA SER D 466 -13.40 14.24 -17.67
C SER D 466 -12.36 14.03 -18.77
N LYS D 467 -12.86 13.82 -19.99
CA LYS D 467 -12.00 13.56 -21.14
C LYS D 467 -11.18 14.79 -21.47
N GLN D 468 -11.79 15.97 -21.35
CA GLN D 468 -11.08 17.21 -21.64
C GLN D 468 -9.91 17.39 -20.68
N LEU D 469 -10.16 17.17 -19.40
CA LEU D 469 -9.13 17.39 -18.41
C LEU D 469 -7.96 16.45 -18.63
N LEU D 470 -8.22 15.22 -19.08
CA LEU D 470 -7.12 14.33 -19.42
C LEU D 470 -6.27 14.93 -20.53
N ASP D 471 -6.91 15.41 -21.59
CA ASP D 471 -6.19 16.01 -22.71
C ASP D 471 -5.25 17.09 -22.20
N ARG D 472 -5.73 17.86 -21.23
CA ARG D 472 -4.93 18.92 -20.64
C ARG D 472 -3.78 18.34 -19.82
N VAL D 473 -4.01 17.21 -19.14
CA VAL D 473 -2.94 16.63 -18.34
C VAL D 473 -1.87 16.05 -19.26
N ILE D 474 -2.32 15.37 -20.31
CA ILE D 474 -1.42 14.84 -21.32
C ILE D 474 -0.64 15.98 -21.93
N TRP D 475 -1.33 17.08 -22.20
CA TRP D 475 -0.71 18.27 -22.77
C TRP D 475 0.38 18.80 -21.86
N ALA D 476 0.05 18.98 -20.59
CA ALA D 476 0.99 19.48 -19.58
C ALA D 476 2.25 18.63 -19.57
N TYR D 477 2.06 17.32 -19.51
CA TYR D 477 3.18 16.39 -19.57
C TYR D 477 3.99 16.55 -20.85
N GLY D 478 3.32 16.95 -21.93
CA GLY D 478 4.00 17.10 -23.20
C GLY D 478 4.92 18.30 -23.12
N GLU D 479 4.38 19.37 -22.55
CA GLU D 479 5.07 20.64 -22.46
C GLU D 479 6.20 20.56 -21.44
N LYS D 480 5.87 20.15 -20.22
CA LYS D 480 6.81 20.18 -19.10
C LYS D 480 7.74 18.97 -18.97
N GLU D 481 7.22 17.76 -19.14
CA GLU D 481 8.03 16.53 -18.97
C GLU D 481 8.46 15.81 -20.26
N GLY D 482 8.12 16.37 -21.42
CA GLY D 482 8.59 15.83 -22.69
C GLY D 482 7.92 14.56 -23.19
N LEU D 483 6.68 14.32 -22.77
CA LEU D 483 5.90 13.18 -23.27
C LEU D 483 5.60 13.32 -24.76
N GLN D 484 5.88 12.26 -25.53
CA GLN D 484 5.49 12.23 -26.93
C GLN D 484 4.05 11.74 -27.07
N PHE D 485 3.17 12.57 -27.60
CA PHE D 485 1.76 12.22 -27.68
C PHE D 485 1.07 12.70 -28.95
N THR D 486 -0.01 12.00 -29.30
CA THR D 486 -0.96 12.46 -30.29
C THR D 486 -2.36 12.14 -29.77
N LEU D 487 -3.22 13.16 -29.79
CA LEU D 487 -4.63 12.98 -29.45
C LEU D 487 -5.45 12.90 -30.73
N PHE D 488 -6.38 11.96 -30.81
CA PHE D 488 -7.28 11.89 -31.95
C PHE D 488 -8.72 11.77 -31.51
N ARG D 489 -9.61 12.45 -32.22
CA ARG D 489 -11.03 12.44 -31.90
C ARG D 489 -11.84 11.82 -33.03
N PRO D 490 -12.31 10.57 -32.85
CA PRO D 490 -13.09 9.94 -33.91
C PRO D 490 -14.50 10.48 -33.97
N PHE D 491 -15.03 10.66 -35.18
CA PHE D 491 -16.43 11.05 -35.36
C PHE D 491 -17.21 9.90 -35.99
N ASN D 492 -18.01 9.23 -35.17
CA ASN D 492 -18.91 8.16 -35.62
C ASN D 492 -18.29 7.18 -36.61
N TRP D 493 -17.19 6.55 -36.23
CA TRP D 493 -16.58 5.51 -37.06
C TRP D 493 -17.57 4.35 -37.16
N MET D 494 -17.68 3.76 -38.34
CA MET D 494 -18.60 2.63 -38.56
C MET D 494 -18.09 1.71 -39.67
N GLY D 495 -18.50 0.46 -39.63
CA GLY D 495 -18.01 -0.54 -40.56
C GLY D 495 -18.35 -1.94 -40.10
N PRO D 496 -17.59 -2.95 -40.55
CA PRO D 496 -17.82 -4.29 -39.99
C PRO D 496 -17.38 -4.39 -38.52
N ARG D 497 -17.99 -5.33 -37.79
CA ARG D 497 -17.58 -5.69 -36.43
C ARG D 497 -17.68 -4.57 -35.37
N LEU D 498 -18.83 -3.91 -35.32
CA LEU D 498 -19.09 -2.89 -34.30
C LEU D 498 -19.03 -3.48 -32.90
N ASP D 499 -18.59 -2.65 -31.96
CA ASP D 499 -18.63 -3.01 -30.55
C ASP D 499 -20.09 -3.24 -30.14
N ASN D 500 -20.29 -4.11 -29.17
CA ASN D 500 -21.58 -4.24 -28.52
C ASN D 500 -21.91 -2.91 -27.82
N LEU D 501 -23.21 -2.61 -27.68
CA LEU D 501 -23.60 -1.34 -27.08
C LEU D 501 -23.16 -1.19 -25.62
N ASN D 502 -23.04 -2.28 -24.89
CA ASN D 502 -22.67 -2.18 -23.47
C ASN D 502 -21.15 -2.28 -23.25
N ALA D 503 -20.39 -2.34 -24.34
CA ALA D 503 -18.95 -2.55 -24.26
C ALA D 503 -18.19 -1.29 -23.86
N ALA D 504 -17.18 -1.49 -23.02
CA ALA D 504 -16.38 -0.44 -22.43
C ALA D 504 -15.20 -0.06 -23.32
N ARG D 505 -15.27 -0.42 -24.60
CA ARG D 505 -14.22 -0.05 -25.54
C ARG D 505 -14.68 1.06 -26.48
N ILE D 506 -13.75 1.93 -26.85
CA ILE D 506 -13.98 3.06 -27.75
C ILE D 506 -13.99 2.79 -29.26
N GLY D 507 -14.76 3.62 -29.96
CA GLY D 507 -14.69 3.75 -31.41
C GLY D 507 -15.82 3.48 -32.37
N SER D 508 -16.73 2.54 -32.11
CA SER D 508 -17.84 2.37 -33.07
C SER D 508 -19.01 3.26 -32.67
N SER D 509 -19.64 3.90 -33.65
CA SER D 509 -20.80 4.76 -33.43
C SER D 509 -21.98 4.04 -32.81
N ARG D 510 -22.48 4.56 -31.70
CA ARG D 510 -23.59 3.94 -30.99
C ARG D 510 -24.92 4.10 -31.73
N ALA D 511 -25.09 5.25 -32.37
CA ALA D 511 -26.32 5.54 -33.10
C ALA D 511 -26.56 4.47 -34.15
N ILE D 512 -25.53 4.19 -34.94
CA ILE D 512 -25.59 3.21 -36.01
C ILE D 512 -25.85 1.80 -35.47
N THR D 513 -25.17 1.46 -34.39
CA THR D 513 -25.36 0.17 -33.77
C THR D 513 -26.81 0.04 -33.30
N GLN D 514 -27.30 1.09 -32.65
CA GLN D 514 -28.64 1.09 -32.10
C GLN D 514 -29.68 0.91 -33.20
N LEU D 515 -29.59 1.72 -34.25
CA LEU D 515 -30.54 1.63 -35.36
C LEU D 515 -30.50 0.27 -36.06
N ILE D 516 -29.29 -0.22 -36.38
CA ILE D 516 -29.19 -1.53 -37.02
C ILE D 516 -29.78 -2.61 -36.10
N LEU D 517 -29.48 -2.55 -34.80
CA LEU D 517 -30.04 -3.52 -33.86
C LEU D 517 -31.56 -3.38 -33.79
N ASN D 518 -32.05 -2.15 -33.92
CA ASN D 518 -33.50 -1.92 -33.96
C ASN D 518 -34.11 -2.65 -35.17
N LEU D 519 -33.53 -2.45 -36.34
CA LEU D 519 -34.02 -3.13 -37.51
C LEU D 519 -33.91 -4.65 -37.37
N VAL D 520 -32.82 -5.12 -36.75
CA VAL D 520 -32.64 -6.56 -36.57
C VAL D 520 -33.64 -7.15 -35.56
N GLU D 521 -33.86 -6.44 -34.46
CA GLU D 521 -34.72 -6.96 -33.39
C GLU D 521 -36.19 -6.64 -33.63
N GLY D 522 -36.47 -5.76 -34.58
CA GLY D 522 -37.84 -5.36 -34.86
C GLY D 522 -38.44 -4.41 -33.85
N SER D 523 -37.59 -3.73 -33.09
CA SER D 523 -38.05 -2.66 -32.20
C SER D 523 -38.03 -1.33 -32.97
N PRO D 524 -38.82 -0.34 -32.51
CA PRO D 524 -38.89 0.93 -33.26
C PRO D 524 -37.62 1.75 -33.16
N ILE D 525 -37.40 2.61 -34.15
CA ILE D 525 -36.29 3.55 -34.15
C ILE D 525 -36.73 4.83 -33.46
N LYS D 526 -36.13 5.12 -32.31
CA LYS D 526 -36.50 6.30 -31.55
C LYS D 526 -35.76 7.54 -32.04
N LEU D 527 -36.52 8.54 -32.45
CA LEU D 527 -35.95 9.82 -32.84
C LEU D 527 -36.13 10.78 -31.69
N ILE D 528 -35.03 11.09 -31.01
CA ILE D 528 -35.09 11.86 -29.78
C ILE D 528 -35.27 13.34 -30.10
N ASP D 529 -36.37 13.90 -29.58
CA ASP D 529 -36.81 15.26 -29.93
C ASP D 529 -36.92 15.42 -31.45
N GLY D 530 -37.36 14.36 -32.12
CA GLY D 530 -37.57 14.38 -33.55
C GLY D 530 -36.38 13.90 -34.35
N GLY D 531 -35.26 13.69 -33.68
CA GLY D 531 -34.04 13.20 -34.32
C GLY D 531 -33.55 14.14 -35.41
N LYS D 532 -33.64 15.44 -35.15
CA LYS D 532 -33.24 16.46 -36.12
C LYS D 532 -31.77 16.87 -35.94
N GLN D 533 -31.15 16.44 -34.86
CA GLN D 533 -29.75 16.76 -34.60
C GLN D 533 -28.86 16.02 -35.59
N LYS D 534 -27.88 16.74 -36.14
CA LYS D 534 -27.05 16.26 -37.22
C LYS D 534 -25.70 15.73 -36.75
N ARG D 535 -25.26 14.62 -37.33
CA ARG D 535 -23.98 14.01 -37.00
C ARG D 535 -23.18 13.74 -38.27
N CYS D 536 -21.87 13.61 -38.13
CA CYS D 536 -21.01 13.23 -39.25
C CYS D 536 -20.52 11.80 -39.05
N PHE D 537 -20.56 11.01 -40.12
CA PHE D 537 -20.24 9.59 -40.05
C PHE D 537 -19.04 9.24 -40.90
N THR D 538 -18.28 8.23 -40.47
CA THR D 538 -17.01 7.90 -41.09
C THR D 538 -16.84 6.39 -41.29
N ASP D 539 -16.52 5.99 -42.52
CA ASP D 539 -16.22 4.60 -42.80
C ASP D 539 -14.93 4.20 -42.07
N ILE D 540 -14.93 3.01 -41.49
CA ILE D 540 -13.79 2.58 -40.69
C ILE D 540 -12.52 2.45 -41.53
N ARG D 541 -12.67 2.25 -42.83
CA ARG D 541 -11.51 2.20 -43.74
C ARG D 541 -10.74 3.52 -43.75
N ASP D 542 -11.47 4.62 -43.91
CA ASP D 542 -10.88 5.95 -43.86
C ASP D 542 -10.30 6.24 -42.47
N GLY D 543 -11.10 6.01 -41.44
CA GLY D 543 -10.69 6.25 -40.08
C GLY D 543 -9.41 5.51 -39.73
N ILE D 544 -9.38 4.22 -40.02
CA ILE D 544 -8.24 3.39 -39.68
C ILE D 544 -7.04 3.78 -40.53
N GLU D 545 -7.27 4.16 -41.78
CA GLU D 545 -6.18 4.73 -42.55
C GLU D 545 -5.56 5.89 -41.76
N ALA D 546 -6.39 6.84 -41.36
CA ALA D 546 -5.91 7.99 -40.58
C ALA D 546 -5.15 7.58 -39.31
N LEU D 547 -5.75 6.68 -38.53
CA LEU D 547 -5.13 6.25 -37.28
C LEU D 547 -3.79 5.56 -37.53
N TYR D 548 -3.74 4.73 -38.56
CA TYR D 548 -2.52 4.05 -38.93
C TYR D 548 -1.46 5.08 -39.29
N ARG D 549 -1.85 6.06 -40.10
CA ARG D 549 -0.95 7.15 -40.45
C ARG D 549 -0.48 7.90 -39.21
N ILE D 550 -1.35 8.07 -38.23
CA ILE D 550 -0.89 8.68 -36.97
C ILE D 550 0.19 7.81 -36.33
N ILE D 551 -0.04 6.49 -36.26
CA ILE D 551 0.98 5.59 -35.71
C ILE D 551 2.29 5.69 -36.50
N GLU D 552 2.21 5.74 -37.82
CA GLU D 552 3.40 5.88 -38.67
C GLU D 552 4.23 7.11 -38.29
N ASN D 553 3.53 8.22 -38.06
CA ASN D 553 4.15 9.49 -37.65
C ASN D 553 5.27 9.92 -38.60
N ALA D 554 4.96 9.93 -39.88
CA ALA D 554 5.92 10.38 -40.90
C ALA D 554 6.35 11.82 -40.63
N GLY D 555 7.66 12.03 -40.56
CA GLY D 555 8.22 13.35 -40.34
C GLY D 555 7.96 13.87 -38.94
N ASN D 556 7.52 12.98 -38.05
CA ASN D 556 7.19 13.35 -36.68
C ASN D 556 6.19 14.51 -36.63
N ARG D 557 5.33 14.58 -37.65
CA ARG D 557 4.41 15.69 -37.80
C ARG D 557 3.23 15.64 -36.83
N CYS D 558 3.04 14.50 -36.18
CA CYS D 558 1.94 14.30 -35.25
C CYS D 558 2.30 14.62 -33.81
N ASP D 559 3.56 14.99 -33.56
CA ASP D 559 4.02 15.21 -32.20
C ASP D 559 3.34 16.45 -31.61
N GLY D 560 2.66 16.27 -30.48
CA GLY D 560 1.96 17.35 -29.82
C GLY D 560 0.68 17.77 -30.53
N GLU D 561 0.29 17.03 -31.55
CA GLU D 561 -0.90 17.35 -32.35
C GLU D 561 -2.20 16.76 -31.82
N ILE D 562 -3.29 17.49 -32.00
CA ILE D 562 -4.65 17.00 -31.74
C ILE D 562 -5.40 16.90 -33.07
N ILE D 563 -5.85 15.71 -33.43
CA ILE D 563 -6.38 15.42 -34.77
C ILE D 563 -7.80 14.89 -34.80
N ASN D 564 -8.73 15.64 -35.36
CA ASN D 564 -10.05 15.10 -35.68
C ASN D 564 -9.93 14.05 -36.78
N ILE D 565 -10.59 12.92 -36.60
CA ILE D 565 -10.75 11.96 -37.68
C ILE D 565 -12.25 11.78 -37.92
N GLY D 566 -12.71 12.32 -39.04
CA GLY D 566 -14.12 12.29 -39.37
C GLY D 566 -14.34 12.69 -40.81
N ASN D 567 -15.54 12.45 -41.32
CA ASN D 567 -15.88 12.85 -42.67
C ASN D 567 -16.98 13.92 -42.66
N PRO D 568 -16.62 15.18 -42.93
CA PRO D 568 -17.61 16.25 -42.87
C PRO D 568 -18.68 16.23 -43.97
N GLU D 569 -18.42 15.57 -45.10
CA GLU D 569 -19.39 15.48 -46.18
C GLU D 569 -20.51 14.48 -45.87
N ASN D 570 -20.27 13.64 -44.87
CA ASN D 570 -21.21 12.58 -44.47
C ASN D 570 -22.24 13.05 -43.43
N GLU D 571 -22.40 14.36 -43.27
CA GLU D 571 -23.33 14.91 -42.30
C GLU D 571 -24.78 14.47 -42.58
N ALA D 572 -25.45 13.93 -41.56
CA ALA D 572 -26.85 13.50 -41.66
C ALA D 572 -27.53 13.53 -40.29
N SER D 573 -28.83 13.80 -40.28
CA SER D 573 -29.60 13.69 -39.04
C SER D 573 -29.89 12.23 -38.71
N ILE D 574 -30.24 11.97 -37.45
CA ILE D 574 -30.57 10.61 -37.01
C ILE D 574 -31.76 10.07 -37.80
N GLU D 575 -32.70 10.98 -38.11
CA GLU D 575 -33.88 10.64 -38.89
C GLU D 575 -33.46 10.14 -40.27
N GLU D 576 -32.64 10.96 -40.92
CA GLU D 576 -32.13 10.64 -42.25
C GLU D 576 -31.37 9.32 -42.20
N LEU D 577 -30.57 9.15 -41.15
CA LEU D 577 -29.84 7.91 -40.95
C LEU D 577 -30.81 6.74 -40.89
N GLY D 578 -31.87 6.90 -40.11
CA GLY D 578 -32.94 5.92 -40.05
C GLY D 578 -33.51 5.59 -41.42
N GLU D 579 -33.86 6.62 -42.17
CA GLU D 579 -34.41 6.43 -43.51
C GLU D 579 -33.45 5.69 -44.42
N MET D 580 -32.18 6.08 -44.41
CA MET D 580 -31.15 5.43 -45.23
C MET D 580 -31.01 3.96 -44.87
N LEU D 581 -30.84 3.70 -43.59
CA LEU D 581 -30.69 2.33 -43.10
C LEU D 581 -31.91 1.48 -43.43
N LEU D 582 -33.10 2.07 -43.24
CA LEU D 582 -34.34 1.38 -43.55
C LEU D 582 -34.39 1.03 -45.03
N ALA D 583 -34.04 2.00 -45.87
CA ALA D 583 -34.01 1.80 -47.32
C ALA D 583 -33.07 0.66 -47.68
N SER D 584 -31.86 0.71 -47.15
CA SER D 584 -30.88 -0.35 -47.37
C SER D 584 -31.38 -1.69 -46.84
N PHE D 585 -32.07 -1.66 -45.71
CA PHE D 585 -32.58 -2.86 -45.06
C PHE D 585 -33.63 -3.56 -45.91
N GLU D 586 -34.64 -2.81 -46.35
CA GLU D 586 -35.76 -3.39 -47.09
C GLU D 586 -35.31 -4.12 -48.36
N LYS D 587 -34.26 -3.62 -49.00
CA LYS D 587 -33.80 -4.19 -50.27
C LYS D 587 -32.74 -5.28 -50.12
N HIS D 588 -32.43 -5.65 -48.87
CA HIS D 588 -31.33 -6.58 -48.62
C HIS D 588 -31.84 -8.03 -48.80
N PRO D 589 -30.99 -8.92 -49.36
CA PRO D 589 -31.43 -10.30 -49.62
C PRO D 589 -31.87 -11.10 -48.39
N LEU D 590 -31.34 -10.75 -47.23
CA LEU D 590 -31.61 -11.50 -46.00
C LEU D 590 -32.76 -10.91 -45.18
N ARG D 591 -33.40 -9.86 -45.71
CA ARG D 591 -34.47 -9.14 -45.01
C ARG D 591 -35.55 -10.04 -44.41
N HIS D 592 -35.96 -11.06 -45.16
CA HIS D 592 -37.12 -11.87 -44.78
C HIS D 592 -36.89 -12.65 -43.49
N HIS D 593 -35.64 -12.71 -43.03
CA HIS D 593 -35.32 -13.41 -41.78
C HIS D 593 -35.57 -12.55 -40.54
N PHE D 594 -35.94 -11.28 -40.75
CA PHE D 594 -36.11 -10.33 -39.65
C PHE D 594 -37.53 -9.76 -39.58
N PRO D 595 -37.96 -9.31 -38.38
CA PRO D 595 -39.35 -8.88 -38.18
C PRO D 595 -39.73 -7.65 -38.98
N PRO D 596 -41.03 -7.33 -39.07
CA PRO D 596 -41.48 -6.10 -39.73
C PRO D 596 -40.99 -4.85 -39.03
N PHE D 597 -40.82 -3.77 -39.80
CA PHE D 597 -40.35 -2.51 -39.23
C PHE D 597 -41.40 -1.88 -38.32
N ALA D 598 -41.00 -1.60 -37.08
CA ALA D 598 -41.90 -1.09 -36.07
C ALA D 598 -42.21 0.40 -36.26
N GLY D 599 -41.41 1.08 -37.09
CA GLY D 599 -41.64 2.47 -37.44
C GLY D 599 -40.78 3.46 -36.67
N PHE D 600 -40.73 4.71 -37.15
CA PHE D 600 -40.02 5.76 -36.42
C PHE D 600 -40.96 6.30 -35.37
N ARG D 601 -40.46 6.49 -34.16
CA ARG D 601 -41.33 6.99 -33.11
C ARG D 601 -40.64 8.10 -32.33
N VAL D 602 -41.25 9.27 -32.37
CA VAL D 602 -40.71 10.47 -31.73
C VAL D 602 -40.84 10.42 -30.22
N VAL D 603 -39.73 10.71 -29.55
CA VAL D 603 -39.63 10.62 -28.11
C VAL D 603 -39.01 11.91 -27.58
N GLU D 604 -39.43 12.36 -26.40
CA GLU D 604 -38.84 13.55 -25.78
C GLU D 604 -37.51 13.16 -25.15
N SER D 605 -36.59 14.12 -25.07
CA SER D 605 -35.28 13.88 -24.47
C SER D 605 -35.38 13.35 -23.05
N SER D 606 -36.34 13.89 -22.29
CA SER D 606 -36.48 13.56 -20.88
C SER D 606 -36.89 12.10 -20.69
N SER D 607 -37.54 11.52 -21.69
CA SER D 607 -37.94 10.12 -21.65
C SER D 607 -36.74 9.17 -21.80
N TYR D 608 -36.01 9.31 -22.90
CA TYR D 608 -34.94 8.36 -23.23
C TYR D 608 -33.70 8.47 -22.34
N TYR D 609 -33.18 9.68 -22.17
CA TYR D 609 -31.95 9.89 -21.40
C TYR D 609 -32.18 10.33 -19.96
N GLY D 610 -33.45 10.41 -19.53
CA GLY D 610 -33.75 10.89 -18.20
C GLY D 610 -33.67 12.41 -18.14
N LYS D 611 -33.57 12.96 -16.94
CA LYS D 611 -33.53 14.41 -16.77
C LYS D 611 -32.09 14.90 -16.80
N GLY D 612 -31.92 16.22 -16.71
CA GLY D 612 -30.61 16.83 -16.78
C GLY D 612 -29.85 16.53 -18.06
N TYR D 613 -30.59 16.32 -19.15
CA TYR D 613 -29.99 16.04 -20.46
C TYR D 613 -29.84 17.32 -21.29
N GLN D 614 -28.68 17.45 -21.92
CA GLN D 614 -28.37 18.58 -22.78
C GLN D 614 -27.67 18.08 -24.06
N ASP D 615 -28.27 18.30 -25.24
CA ASP D 615 -27.76 17.71 -26.47
C ASP D 615 -27.07 18.69 -27.42
N VAL D 616 -26.24 18.14 -28.31
CA VAL D 616 -25.51 18.93 -29.29
C VAL D 616 -26.32 19.01 -30.59
N GLU D 617 -26.53 20.21 -31.10
CA GLU D 617 -27.38 20.40 -32.28
C GLU D 617 -26.67 20.03 -33.57
N HIS D 618 -25.35 20.21 -33.59
CA HIS D 618 -24.53 19.86 -34.75
C HIS D 618 -23.14 19.47 -34.31
N ARG D 619 -22.58 18.46 -34.95
CA ARG D 619 -21.17 18.14 -34.76
C ARG D 619 -20.50 17.93 -36.13
N LYS D 620 -19.71 18.92 -36.57
CA LYS D 620 -18.96 18.83 -37.82
C LYS D 620 -17.45 19.06 -37.62
N PRO D 621 -16.63 18.03 -37.88
CA PRO D 621 -15.19 18.18 -37.61
C PRO D 621 -14.44 19.02 -38.63
N SER D 622 -13.45 19.79 -38.17
CA SER D 622 -12.42 20.33 -39.05
C SER D 622 -11.36 19.25 -39.26
N ILE D 623 -11.15 18.84 -40.50
CA ILE D 623 -10.13 17.85 -40.83
C ILE D 623 -8.85 18.50 -41.36
N ARG D 624 -8.73 19.81 -41.24
CA ARG D 624 -7.50 20.52 -41.58
C ARG D 624 -6.22 19.88 -41.01
N ASN D 625 -6.23 19.63 -39.70
CA ASN D 625 -5.07 19.05 -39.02
C ASN D 625 -4.71 17.68 -39.58
N ALA D 626 -5.73 16.88 -39.88
CA ALA D 626 -5.53 15.57 -40.47
C ALA D 626 -4.87 15.68 -41.84
N HIS D 627 -5.33 16.62 -42.65
CA HIS D 627 -4.72 16.86 -43.96
C HIS D 627 -3.26 17.30 -43.80
N ARG D 628 -3.03 18.25 -42.91
CA ARG D 628 -1.68 18.77 -42.71
C ARG D 628 -0.73 17.67 -42.22
N CYS D 629 -1.13 16.96 -41.18
CA CYS D 629 -0.25 15.98 -40.56
C CYS D 629 -0.19 14.64 -41.31
N LEU D 630 -1.35 14.12 -41.69
CA LEU D 630 -1.41 12.78 -42.28
C LEU D 630 -1.52 12.73 -43.81
N ASP D 631 -1.63 13.89 -44.45
CA ASP D 631 -1.92 13.94 -45.88
C ASP D 631 -3.15 13.06 -46.17
N TRP D 632 -4.15 13.18 -45.30
CA TRP D 632 -5.29 12.26 -45.29
C TRP D 632 -6.61 12.93 -45.62
N GLU D 633 -7.43 12.24 -46.41
CA GLU D 633 -8.78 12.68 -46.72
C GLU D 633 -9.72 11.48 -46.76
N PRO D 634 -10.96 11.63 -46.29
CA PRO D 634 -11.88 10.49 -46.40
C PRO D 634 -12.28 10.20 -47.85
N LYS D 635 -12.12 8.94 -48.25
CA LYS D 635 -12.38 8.51 -49.62
C LYS D 635 -13.74 7.85 -49.89
N ILE D 636 -14.49 7.51 -48.84
CA ILE D 636 -15.65 6.62 -48.98
C ILE D 636 -16.99 7.37 -48.91
N ASP D 637 -17.83 7.15 -49.91
CA ASP D 637 -19.16 7.75 -49.95
C ASP D 637 -20.05 7.18 -48.85
N MET D 638 -20.96 8.01 -48.35
CA MET D 638 -21.87 7.64 -47.25
C MET D 638 -22.60 6.33 -47.52
N GLN D 639 -23.16 6.22 -48.73
CA GLN D 639 -24.03 5.10 -49.08
C GLN D 639 -23.30 3.76 -49.00
N GLU D 640 -22.05 3.73 -49.49
CA GLU D 640 -21.25 2.52 -49.44
C GLU D 640 -20.99 2.10 -47.99
N THR D 641 -20.74 3.09 -47.14
CA THR D 641 -20.52 2.87 -45.72
C THR D 641 -21.76 2.26 -45.06
N ILE D 642 -22.90 2.93 -45.26
CA ILE D 642 -24.18 2.43 -44.78
C ILE D 642 -24.42 0.98 -45.22
N ASP D 643 -24.31 0.77 -46.53
CA ASP D 643 -24.60 -0.55 -47.10
C ASP D 643 -23.65 -1.61 -46.58
N GLU D 644 -22.34 -1.32 -46.53
CA GLU D 644 -21.39 -2.32 -46.07
C GLU D 644 -21.60 -2.64 -44.59
N THR D 645 -21.78 -1.60 -43.77
CA THR D 645 -21.99 -1.80 -42.34
C THR D 645 -23.22 -2.68 -42.11
N LEU D 646 -24.33 -2.29 -42.71
CA LEU D 646 -25.55 -3.06 -42.57
C LEU D 646 -25.34 -4.49 -43.08
N ASP D 647 -24.73 -4.60 -44.26
CA ASP D 647 -24.52 -5.91 -44.87
C ASP D 647 -23.78 -6.82 -43.91
N PHE D 648 -22.60 -6.39 -43.47
CA PHE D 648 -21.81 -7.23 -42.58
C PHE D 648 -22.59 -7.59 -41.32
N PHE D 649 -23.25 -6.60 -40.70
CA PHE D 649 -24.00 -6.92 -39.49
C PHE D 649 -25.04 -8.00 -39.75
N LEU D 650 -25.85 -7.81 -40.79
CA LEU D 650 -26.88 -8.80 -41.09
C LEU D 650 -26.26 -10.16 -41.42
N ARG D 651 -25.11 -10.16 -42.10
CA ARG D 651 -24.45 -11.40 -42.46
C ARG D 651 -23.90 -12.12 -41.23
N THR D 652 -23.56 -11.38 -40.17
CA THR D 652 -23.13 -12.04 -38.92
C THR D 652 -24.26 -12.65 -38.09
N VAL D 653 -25.46 -12.09 -38.18
CA VAL D 653 -26.58 -12.57 -37.38
C VAL D 653 -26.85 -14.04 -37.64
N ASP D 654 -27.01 -14.81 -36.56
CA ASP D 654 -27.37 -16.21 -36.66
C ASP D 654 -28.88 -16.40 -36.88
N LEU D 655 -29.22 -17.21 -37.89
CA LEU D 655 -30.61 -17.52 -38.22
C LEU D 655 -30.86 -19.02 -38.06
N MET E 1 -71.69 -13.54 25.04
CA MET E 1 -70.42 -14.32 25.07
C MET E 1 -69.20 -13.40 25.12
N LYS E 2 -68.05 -13.98 25.46
CA LYS E 2 -66.78 -13.27 25.42
C LYS E 2 -65.98 -13.78 24.23
N THR E 3 -65.31 -12.85 23.55
CA THR E 3 -64.52 -13.21 22.37
C THR E 3 -63.15 -12.58 22.34
N VAL E 4 -62.21 -13.33 21.77
CA VAL E 4 -60.94 -12.78 21.32
C VAL E 4 -60.95 -12.97 19.81
N VAL E 5 -60.78 -11.88 19.08
CA VAL E 5 -60.92 -11.90 17.63
C VAL E 5 -59.57 -11.73 16.95
N PHE E 6 -59.34 -12.51 15.90
CA PHE E 6 -58.17 -12.35 15.05
C PHE E 6 -58.65 -11.85 13.70
N ALA E 7 -58.32 -10.61 13.35
CA ALA E 7 -58.96 -9.97 12.20
C ALA E 7 -58.01 -9.09 11.39
N TYR E 8 -58.27 -9.05 10.08
CA TYR E 8 -57.55 -8.14 9.21
C TYR E 8 -58.43 -7.78 8.02
N HIS E 9 -58.21 -6.59 7.47
CA HIS E 9 -58.90 -6.08 6.27
C HIS E 9 -60.44 -6.00 6.38
N ASP E 10 -61.12 -6.17 5.25
CA ASP E 10 -62.55 -5.97 5.14
C ASP E 10 -63.34 -7.06 5.85
N MET E 11 -62.94 -8.31 5.64
CA MET E 11 -63.58 -9.44 6.28
C MET E 11 -63.48 -9.30 7.79
N GLY E 12 -62.31 -8.85 8.25
CA GLY E 12 -62.10 -8.56 9.66
C GLY E 12 -63.05 -7.50 10.16
N CYS E 13 -63.11 -6.38 9.45
CA CYS E 13 -64.01 -5.30 9.82
C CYS E 13 -65.47 -5.78 9.90
N LEU E 14 -65.98 -6.35 8.82
CA LEU E 14 -67.38 -6.79 8.78
C LEU E 14 -67.60 -7.87 9.81
N GLY E 15 -66.59 -8.71 10.04
CA GLY E 15 -66.66 -9.74 11.06
C GLY E 15 -66.88 -9.14 12.43
N ILE E 16 -66.02 -8.21 12.82
CA ILE E 16 -66.15 -7.53 14.10
C ILE E 16 -67.50 -6.84 14.24
N GLU E 17 -67.91 -6.11 13.19
CA GLU E 17 -69.20 -5.42 13.22
C GLU E 17 -70.36 -6.39 13.40
N ALA E 18 -70.38 -7.45 12.62
CA ALA E 18 -71.40 -8.48 12.72
C ALA E 18 -71.38 -9.11 14.12
N LEU E 19 -70.18 -9.32 14.63
CA LEU E 19 -69.99 -9.87 15.97
C LEU E 19 -70.61 -8.97 17.03
N LEU E 20 -70.34 -7.67 16.94
CA LEU E 20 -70.92 -6.72 17.89
C LEU E 20 -72.43 -6.65 17.76
N ALA E 21 -72.93 -6.60 16.52
CA ALA E 21 -74.36 -6.54 16.27
C ALA E 21 -75.06 -7.79 16.81
N ALA E 22 -74.31 -8.88 16.98
CA ALA E 22 -74.85 -10.13 17.47
C ALA E 22 -74.80 -10.19 19.01
N GLY E 23 -74.28 -9.13 19.62
CA GLY E 23 -74.25 -9.05 21.08
C GLY E 23 -73.06 -9.71 21.75
N TYR E 24 -72.01 -10.02 20.99
CA TYR E 24 -70.79 -10.53 21.57
C TYR E 24 -70.02 -9.45 22.32
N GLU E 25 -69.25 -9.86 23.32
CA GLU E 25 -68.33 -8.96 24.00
C GLU E 25 -66.93 -9.28 23.54
N ILE E 26 -66.33 -8.34 22.81
CA ILE E 26 -64.99 -8.53 22.28
C ILE E 26 -63.97 -7.99 23.29
N SER E 27 -63.23 -8.90 23.90
CA SER E 27 -62.30 -8.55 24.97
C SER E 27 -61.02 -7.94 24.40
N ALA E 28 -60.55 -8.48 23.29
CA ALA E 28 -59.41 -7.93 22.58
C ALA E 28 -59.43 -8.37 21.12
N ILE E 29 -58.72 -7.63 20.28
CA ILE E 29 -58.62 -7.96 18.86
C ILE E 29 -57.15 -8.04 18.46
N PHE E 30 -56.81 -9.08 17.71
CA PHE E 30 -55.45 -9.25 17.20
C PHE E 30 -55.42 -9.06 15.69
N THR E 31 -54.46 -8.28 15.23
CA THR E 31 -54.39 -7.85 13.84
C THR E 31 -52.93 -7.71 13.41
N HIS E 32 -52.73 -7.08 12.25
CA HIS E 32 -51.40 -6.87 11.71
C HIS E 32 -51.12 -5.39 11.48
N THR E 33 -49.84 -5.05 11.37
CA THR E 33 -49.43 -3.74 10.94
C THR E 33 -49.73 -3.69 9.45
N ASP E 34 -49.81 -2.50 8.87
CA ASP E 34 -50.17 -2.39 7.47
C ASP E 34 -48.93 -2.37 6.60
N ASN E 35 -49.00 -3.13 5.51
CA ASN E 35 -47.90 -3.19 4.56
C ASN E 35 -47.84 -1.86 3.83
N PRO E 36 -46.63 -1.43 3.41
CA PRO E 36 -46.45 -0.08 2.87
C PRO E 36 -47.33 0.21 1.64
N PHE E 41 -56.77 0.45 0.22
CA PHE E 41 -58.05 0.04 -0.33
C PHE E 41 -58.90 -0.70 0.71
N TYR E 42 -58.24 -1.56 1.48
CA TYR E 42 -58.91 -2.36 2.52
C TYR E 42 -59.23 -1.50 3.74
N GLY E 43 -60.35 -1.79 4.41
CA GLY E 43 -60.67 -1.13 5.67
C GLY E 43 -59.77 -1.58 6.80
N SER E 44 -59.55 -0.70 7.78
CA SER E 44 -58.68 -1.00 8.91
C SER E 44 -59.39 -1.61 10.12
N VAL E 45 -58.90 -2.76 10.58
CA VAL E 45 -59.40 -3.42 11.78
C VAL E 45 -58.94 -2.66 13.02
N ALA E 46 -57.73 -2.12 12.97
CA ALA E 46 -57.17 -1.39 14.10
C ALA E 46 -57.96 -0.11 14.36
N ARG E 47 -58.18 0.67 13.31
CA ARG E 47 -58.95 1.92 13.42
C ARG E 47 -60.36 1.63 13.94
N LEU E 48 -60.97 0.57 13.43
CA LEU E 48 -62.32 0.19 13.86
C LEU E 48 -62.31 -0.19 15.34
N ALA E 49 -61.38 -1.06 15.72
CA ALA E 49 -61.24 -1.48 17.11
C ALA E 49 -61.04 -0.27 18.01
N ALA E 50 -60.22 0.67 17.53
CA ALA E 50 -59.93 1.88 18.26
C ALA E 50 -61.20 2.71 18.45
N GLU E 51 -61.97 2.87 17.37
CA GLU E 51 -63.22 3.64 17.46
C GLU E 51 -64.24 3.03 18.44
N ARG E 52 -64.25 1.70 18.56
CA ARG E 52 -65.21 1.03 19.43
C ARG E 52 -64.67 0.84 20.84
N GLY E 53 -63.48 1.37 21.10
CA GLY E 53 -62.87 1.28 22.41
C GLY E 53 -62.48 -0.15 22.77
N ILE E 54 -62.08 -0.92 21.77
CA ILE E 54 -61.62 -2.29 21.98
C ILE E 54 -60.10 -2.35 21.93
N PRO E 55 -59.45 -2.94 22.95
CA PRO E 55 -58.00 -3.04 22.86
C PRO E 55 -57.55 -3.88 21.66
N VAL E 56 -56.60 -3.36 20.88
CA VAL E 56 -56.16 -4.05 19.67
C VAL E 56 -54.64 -4.16 19.68
N TYR E 57 -54.13 -5.34 19.34
CA TYR E 57 -52.69 -5.63 19.34
C TYR E 57 -52.24 -6.21 18.01
N ALA E 58 -50.99 -5.98 17.65
CA ALA E 58 -50.45 -6.51 16.40
C ALA E 58 -49.03 -7.06 16.56
N PRO E 59 -48.88 -8.11 17.39
CA PRO E 59 -47.60 -8.80 17.52
C PRO E 59 -47.20 -9.54 16.25
N ASP E 60 -45.91 -9.81 16.07
CA ASP E 60 -45.44 -10.55 14.91
C ASP E 60 -45.81 -12.02 15.07
N ASN E 61 -45.63 -12.54 16.28
CA ASN E 61 -46.02 -13.92 16.59
C ASN E 61 -46.91 -13.98 17.83
N VAL E 62 -48.17 -14.35 17.63
CA VAL E 62 -49.12 -14.40 18.74
C VAL E 62 -48.89 -15.65 19.58
N ASN E 63 -48.15 -16.60 19.02
CA ASN E 63 -47.97 -17.88 19.68
C ASN E 63 -46.85 -17.85 20.70
N HIS E 64 -46.20 -16.70 20.82
CA HIS E 64 -45.22 -16.48 21.86
C HIS E 64 -45.92 -16.72 23.21
N PRO E 65 -45.30 -17.47 24.14
CA PRO E 65 -45.93 -17.85 25.42
C PRO E 65 -46.62 -16.71 26.18
N LEU E 66 -46.01 -15.53 26.16
CA LEU E 66 -46.57 -14.34 26.77
C LEU E 66 -48.00 -14.07 26.30
N TRP E 67 -48.16 -14.02 24.99
CA TRP E 67 -49.45 -13.75 24.38
C TRP E 67 -50.44 -14.88 24.69
N VAL E 68 -49.96 -16.11 24.74
CA VAL E 68 -50.79 -17.23 25.13
C VAL E 68 -51.33 -16.96 26.53
N GLU E 69 -50.43 -16.55 27.42
CA GLU E 69 -50.80 -16.20 28.80
C GLU E 69 -51.83 -15.06 28.84
N ARG E 70 -51.58 -14.00 28.08
CA ARG E 70 -52.48 -12.85 28.06
C ARG E 70 -53.89 -13.21 27.53
N ILE E 71 -53.92 -13.93 26.41
CA ILE E 71 -55.18 -14.41 25.85
C ILE E 71 -55.86 -15.31 26.86
N ALA E 72 -55.07 -16.14 27.56
CA ALA E 72 -55.61 -16.97 28.62
C ALA E 72 -56.26 -16.10 29.71
N GLN E 73 -55.55 -15.05 30.13
CA GLN E 73 -56.09 -14.13 31.13
C GLN E 73 -57.42 -13.52 30.73
N LEU E 74 -57.51 -13.07 29.47
CA LEU E 74 -58.80 -12.55 28.99
C LEU E 74 -59.95 -13.55 29.11
N SER E 75 -59.62 -14.84 29.08
CA SER E 75 -60.61 -15.89 29.31
C SER E 75 -61.81 -15.81 28.35
N PRO E 76 -61.57 -16.03 27.06
CA PRO E 76 -62.63 -15.98 26.04
C PRO E 76 -63.52 -17.22 26.05
N ASP E 77 -64.80 -17.05 25.73
CA ASP E 77 -65.72 -18.17 25.59
C ASP E 77 -65.54 -18.84 24.23
N VAL E 78 -65.44 -18.03 23.19
CA VAL E 78 -65.25 -18.52 21.82
C VAL E 78 -64.28 -17.60 21.08
N ILE E 79 -63.56 -18.17 20.11
CA ILE E 79 -62.60 -17.42 19.30
C ILE E 79 -63.08 -17.34 17.85
N PHE E 80 -62.82 -16.19 17.23
CA PHE E 80 -63.14 -15.99 15.82
C PHE E 80 -61.92 -15.46 15.07
N SER E 81 -61.70 -16.02 13.88
CA SER E 81 -60.64 -15.56 13.00
C SER E 81 -61.26 -15.12 11.67
N PHE E 82 -61.18 -13.82 11.39
CA PHE E 82 -61.60 -13.30 10.09
C PHE E 82 -60.41 -12.75 9.31
N TYR E 83 -59.96 -13.52 8.33
CA TYR E 83 -58.85 -13.15 7.44
C TYR E 83 -57.56 -12.69 8.15
N TYR E 84 -57.29 -13.28 9.31
CA TYR E 84 -56.00 -13.11 9.98
C TYR E 84 -54.93 -13.86 9.18
N ARG E 85 -53.90 -13.16 8.72
CA ARG E 85 -52.93 -13.73 7.78
C ARG E 85 -51.88 -14.66 8.42
N HIS E 86 -51.39 -14.32 9.61
CA HIS E 86 -50.45 -15.16 10.33
C HIS E 86 -51.17 -16.38 10.91
N LEU E 87 -50.43 -17.44 11.22
CA LEU E 87 -51.04 -18.71 11.63
C LEU E 87 -51.10 -18.89 13.13
N ILE E 88 -52.31 -19.23 13.62
CA ILE E 88 -52.55 -19.47 15.03
C ILE E 88 -52.54 -20.98 15.24
N TYR E 89 -51.68 -21.48 16.12
CA TYR E 89 -51.59 -22.92 16.35
C TYR E 89 -52.12 -23.33 17.74
N ASP E 90 -52.39 -24.63 17.85
CA ASP E 90 -53.32 -25.23 18.83
C ASP E 90 -53.26 -24.69 20.26
N GLU E 91 -52.06 -24.39 20.74
CA GLU E 91 -51.85 -23.93 22.12
C GLU E 91 -52.85 -22.83 22.50
N ILE E 92 -53.01 -21.84 21.61
CA ILE E 92 -53.95 -20.75 21.83
C ILE E 92 -55.39 -21.15 21.48
N LEU E 93 -55.53 -22.00 20.48
CA LEU E 93 -56.85 -22.40 19.99
C LEU E 93 -57.64 -23.14 21.04
N GLN E 94 -56.96 -23.96 21.85
CA GLN E 94 -57.67 -24.81 22.79
C GLN E 94 -58.10 -24.06 24.06
N LEU E 95 -57.82 -22.75 24.14
CA LEU E 95 -58.25 -21.94 25.28
C LEU E 95 -59.74 -21.63 25.36
N ALA E 96 -60.42 -21.60 24.21
CA ALA E 96 -61.85 -21.28 24.19
C ALA E 96 -62.70 -22.54 24.26
N PRO E 97 -63.54 -22.67 25.30
CA PRO E 97 -64.33 -23.90 25.45
C PRO E 97 -65.30 -24.16 24.30
N ALA E 98 -65.99 -23.11 23.85
CA ALA E 98 -66.94 -23.25 22.76
C ALA E 98 -66.24 -23.46 21.42
N GLY E 99 -64.91 -23.33 21.42
CA GLY E 99 -64.10 -23.58 20.25
C GLY E 99 -63.66 -22.31 19.56
N ALA E 100 -63.08 -22.47 18.38
CA ALA E 100 -62.59 -21.35 17.58
C ALA E 100 -63.03 -21.52 16.13
N PHE E 101 -63.56 -20.45 15.55
CA PHE E 101 -64.09 -20.50 14.19
C PHE E 101 -63.32 -19.59 13.24
N ASN E 102 -63.22 -20.01 11.98
CA ASN E 102 -62.53 -19.25 10.96
C ASN E 102 -63.42 -18.98 9.76
N LEU E 103 -63.32 -17.75 9.25
CA LEU E 103 -64.05 -17.33 8.05
C LEU E 103 -63.14 -17.43 6.83
N HIS E 104 -63.53 -18.25 5.86
CA HIS E 104 -62.71 -18.50 4.69
C HIS E 104 -63.45 -18.13 3.40
N GLY E 105 -62.69 -17.67 2.42
CA GLY E 105 -63.23 -17.02 1.22
C GLY E 105 -63.54 -17.90 0.03
N SER E 106 -63.81 -19.18 0.25
CA SER E 106 -64.17 -20.08 -0.85
C SER E 106 -65.27 -21.05 -0.45
N LEU E 107 -65.61 -21.95 -1.36
CA LEU E 107 -66.51 -23.04 -1.04
C LEU E 107 -65.62 -24.18 -0.58
N LEU E 108 -65.62 -24.42 0.73
CA LEU E 108 -64.74 -25.44 1.26
C LEU E 108 -65.45 -26.77 1.07
N PRO E 109 -64.69 -27.87 0.94
CA PRO E 109 -63.24 -28.05 0.98
C PRO E 109 -62.43 -27.48 -0.20
N LYS E 110 -63.07 -27.09 -1.31
CA LYS E 110 -62.33 -26.55 -2.44
C LYS E 110 -61.61 -25.26 -2.09
N TYR E 111 -60.42 -25.07 -2.66
CA TYR E 111 -59.65 -23.84 -2.51
C TYR E 111 -59.37 -23.50 -1.05
N ARG E 112 -59.07 -24.49 -0.20
CA ARG E 112 -58.91 -24.20 1.22
C ARG E 112 -57.61 -23.44 1.51
N GLY E 113 -56.77 -23.29 0.48
CA GLY E 113 -55.51 -22.57 0.64
C GLY E 113 -55.70 -21.08 0.86
N ARG E 114 -54.73 -20.29 0.43
CA ARG E 114 -54.78 -18.83 0.61
C ARG E 114 -54.91 -18.13 -0.75
N ALA E 115 -55.38 -16.89 -0.70
CA ALA E 115 -55.77 -16.12 -1.89
C ALA E 115 -56.83 -16.85 -2.73
N PRO E 116 -57.90 -17.35 -2.07
CA PRO E 116 -58.93 -18.07 -2.83
C PRO E 116 -59.61 -17.15 -3.84
N LEU E 117 -59.75 -15.89 -3.47
CA LEU E 117 -60.33 -14.88 -4.34
C LEU E 117 -59.70 -14.90 -5.71
N ASN E 118 -58.37 -14.86 -5.75
CA ASN E 118 -57.66 -14.82 -7.02
C ASN E 118 -57.67 -16.16 -7.73
N TRP E 119 -57.47 -17.22 -6.96
CA TRP E 119 -57.38 -18.56 -7.51
C TRP E 119 -58.68 -19.00 -8.20
N VAL E 120 -59.84 -18.71 -7.60
CA VAL E 120 -61.09 -19.08 -8.26
C VAL E 120 -61.28 -18.33 -9.59
N LEU E 121 -60.70 -17.14 -9.72
CA LEU E 121 -60.74 -16.44 -11.01
C LEU E 121 -59.75 -17.07 -11.98
N VAL E 122 -58.54 -17.37 -11.51
CA VAL E 122 -57.53 -18.01 -12.36
C VAL E 122 -58.07 -19.27 -13.02
N ASN E 123 -58.73 -20.11 -12.23
CA ASN E 123 -59.23 -21.39 -12.72
C ASN E 123 -60.52 -21.29 -13.52
N GLY E 124 -61.13 -20.11 -13.55
CA GLY E 124 -62.31 -19.91 -14.36
C GLY E 124 -63.54 -20.56 -13.75
N GLU E 125 -63.63 -20.51 -12.43
CA GLU E 125 -64.74 -21.12 -11.71
C GLU E 125 -66.01 -20.31 -11.94
N THR E 126 -67.15 -20.98 -12.02
CA THR E 126 -68.43 -20.30 -12.25
C THR E 126 -69.09 -19.90 -10.94
N GLU E 127 -68.58 -20.40 -9.83
CA GLU E 127 -69.11 -20.02 -8.53
C GLU E 127 -68.09 -20.20 -7.41
N THR E 128 -68.36 -19.54 -6.28
CA THR E 128 -67.53 -19.61 -5.09
C THR E 128 -68.42 -19.27 -3.91
N GLY E 129 -67.82 -19.01 -2.74
CA GLY E 129 -68.59 -18.56 -1.60
C GLY E 129 -67.76 -18.32 -0.36
N VAL E 130 -68.43 -18.24 0.78
CA VAL E 130 -67.77 -18.02 2.06
C VAL E 130 -68.13 -19.12 3.04
N THR E 131 -67.15 -19.55 3.84
CA THR E 131 -67.36 -20.65 4.78
C THR E 131 -66.89 -20.30 6.19
N LEU E 132 -67.76 -20.55 7.16
CA LEU E 132 -67.37 -20.46 8.57
C LEU E 132 -67.16 -21.87 9.10
N HIS E 133 -65.93 -22.18 9.50
CA HIS E 133 -65.63 -23.54 9.94
C HIS E 133 -64.86 -23.57 11.26
N ARG E 134 -64.82 -24.75 11.87
CA ARG E 134 -64.19 -24.94 13.17
C ARG E 134 -62.71 -25.25 13.01
N MET E 135 -61.86 -24.32 13.44
CA MET E 135 -60.42 -24.47 13.27
C MET E 135 -59.89 -25.74 13.94
N VAL E 136 -58.71 -26.19 13.49
CA VAL E 136 -58.08 -27.43 13.94
C VAL E 136 -56.62 -27.43 13.48
N LYS E 137 -55.88 -28.49 13.82
CA LYS E 137 -54.45 -28.56 13.55
C LYS E 137 -54.15 -28.32 12.08
N ARG E 138 -54.95 -28.93 11.22
CA ARG E 138 -54.80 -28.77 9.78
C ARG E 138 -55.49 -27.49 9.31
N ALA E 139 -54.81 -26.72 8.48
CA ALA E 139 -55.30 -25.42 8.03
C ALA E 139 -56.56 -25.56 7.18
N ASP E 140 -57.61 -24.87 7.59
CA ASP E 140 -58.86 -24.81 6.83
C ASP E 140 -59.47 -26.19 6.59
N ALA E 141 -59.10 -27.16 7.43
CA ALA E 141 -59.54 -28.53 7.26
C ALA E 141 -60.78 -28.88 8.09
N GLY E 142 -61.14 -27.98 8.99
CA GLY E 142 -62.17 -28.28 9.99
C GLY E 142 -63.61 -28.35 9.51
N ALA E 143 -64.48 -28.78 10.41
CA ALA E 143 -65.90 -28.98 10.11
C ALA E 143 -66.62 -27.68 9.74
N ILE E 144 -67.42 -27.74 8.69
CA ILE E 144 -68.15 -26.57 8.18
C ILE E 144 -69.39 -26.30 9.02
N VAL E 145 -69.44 -25.14 9.67
CA VAL E 145 -70.63 -24.77 10.43
C VAL E 145 -71.67 -24.11 9.54
N ALA E 146 -71.20 -23.30 8.59
CA ALA E 146 -72.06 -22.58 7.67
C ALA E 146 -71.34 -22.31 6.36
N GLN E 147 -72.09 -22.23 5.28
CA GLN E 147 -71.53 -21.96 3.96
C GLN E 147 -72.57 -21.27 3.10
N LEU E 148 -72.12 -20.37 2.22
CA LEU E 148 -73.02 -19.67 1.32
C LEU E 148 -72.42 -19.51 -0.07
N ARG E 149 -73.13 -20.00 -1.07
CA ARG E 149 -72.68 -19.91 -2.45
C ARG E 149 -72.99 -18.55 -3.07
N ILE E 150 -72.10 -18.12 -3.95
CA ILE E 150 -72.30 -16.91 -4.76
C ILE E 150 -71.83 -17.21 -6.17
N ALA E 151 -72.60 -16.76 -7.15
CA ALA E 151 -72.25 -16.93 -8.55
C ALA E 151 -71.16 -15.95 -8.96
N ILE E 152 -70.21 -16.45 -9.73
CA ILE E 152 -69.21 -15.59 -10.35
C ILE E 152 -69.66 -15.28 -11.76
N ALA E 153 -69.90 -14.00 -12.02
CA ALA E 153 -70.30 -13.55 -13.34
C ALA E 153 -69.10 -13.55 -14.27
N PRO E 154 -69.35 -13.71 -15.58
CA PRO E 154 -68.25 -13.68 -16.55
C PRO E 154 -67.48 -12.36 -16.52
N ASP E 155 -68.16 -11.27 -16.16
CA ASP E 155 -67.53 -9.96 -16.16
C ASP E 155 -66.97 -9.57 -14.79
N ASP E 156 -67.11 -10.44 -13.80
CA ASP E 156 -66.50 -10.20 -12.49
C ASP E 156 -64.98 -10.25 -12.57
N ILE E 157 -64.33 -9.31 -11.89
CA ILE E 157 -62.89 -9.33 -11.69
C ILE E 157 -62.63 -9.37 -10.20
N ALA E 158 -61.37 -9.37 -9.80
CA ALA E 158 -61.00 -9.57 -8.40
C ALA E 158 -61.75 -8.65 -7.42
N ILE E 159 -61.77 -7.36 -7.70
CA ILE E 159 -62.33 -6.40 -6.74
C ILE E 159 -63.86 -6.57 -6.58
N THR E 160 -64.56 -6.72 -7.70
CA THR E 160 -66.01 -6.87 -7.65
C THR E 160 -66.37 -8.15 -6.90
N LEU E 161 -65.64 -9.22 -7.21
CA LEU E 161 -65.87 -10.48 -6.53
C LEU E 161 -65.52 -10.36 -5.05
N HIS E 162 -64.47 -9.60 -4.74
CA HIS E 162 -64.11 -9.36 -3.35
C HIS E 162 -65.28 -8.75 -2.61
N HIS E 163 -65.86 -7.71 -3.19
CA HIS E 163 -67.04 -7.10 -2.58
C HIS E 163 -68.21 -8.08 -2.46
N LYS E 164 -68.46 -8.89 -3.49
CA LYS E 164 -69.51 -9.92 -3.34
C LYS E 164 -69.24 -10.86 -2.17
N LEU E 165 -68.00 -11.32 -2.06
CA LEU E 165 -67.60 -12.19 -0.96
C LEU E 165 -67.82 -11.54 0.41
N CYS E 166 -67.41 -10.27 0.52
CA CYS E 166 -67.66 -9.54 1.77
C CYS E 166 -69.16 -9.47 2.09
N HIS E 167 -69.98 -9.15 1.10
CA HIS E 167 -71.44 -9.12 1.28
C HIS E 167 -71.95 -10.48 1.82
N ALA E 168 -71.57 -11.55 1.12
CA ALA E 168 -71.95 -12.90 1.51
C ALA E 168 -71.48 -13.20 2.93
N ALA E 169 -70.28 -12.74 3.27
CA ALA E 169 -69.74 -12.93 4.61
C ALA E 169 -70.61 -12.23 5.67
N ARG E 170 -70.99 -10.98 5.41
CA ARG E 170 -71.86 -10.26 6.35
C ARG E 170 -73.15 -11.03 6.56
N GLN E 171 -73.75 -11.45 5.46
CA GLN E 171 -74.99 -12.22 5.52
C GLN E 171 -74.81 -13.52 6.34
N LEU E 172 -73.81 -14.31 5.98
CA LEU E 172 -73.51 -15.57 6.67
C LEU E 172 -73.39 -15.35 8.17
N LEU E 173 -72.50 -14.43 8.55
CA LEU E 173 -72.28 -14.15 9.96
C LEU E 173 -73.57 -13.67 10.60
N GLU E 174 -74.24 -12.74 9.92
CA GLU E 174 -75.49 -12.18 10.40
C GLU E 174 -76.48 -13.26 10.82
N GLN E 175 -76.70 -14.26 9.96
CA GLN E 175 -77.63 -15.33 10.35
C GLN E 175 -77.04 -16.40 11.28
N THR E 176 -75.77 -16.79 11.10
CA THR E 176 -75.23 -17.91 11.90
C THR E 176 -74.51 -17.54 13.21
N LEU E 177 -74.21 -16.26 13.43
CA LEU E 177 -73.52 -15.84 14.66
C LEU E 177 -74.39 -16.04 15.90
N PRO E 178 -75.68 -15.64 15.82
CA PRO E 178 -76.61 -15.87 16.93
C PRO E 178 -76.73 -17.35 17.31
N ALA E 179 -76.58 -18.23 16.32
CA ALA E 179 -76.68 -19.66 16.57
C ALA E 179 -75.52 -20.13 17.46
N ILE E 180 -74.34 -19.57 17.23
CA ILE E 180 -73.16 -19.92 18.03
C ILE E 180 -73.27 -19.38 19.46
N LYS E 181 -73.91 -18.21 19.62
CA LYS E 181 -74.07 -17.57 20.94
C LYS E 181 -74.94 -18.38 21.90
N HIS E 182 -75.57 -19.41 21.36
CA HIS E 182 -76.54 -20.25 22.05
C HIS E 182 -75.95 -21.65 22.21
N GLY E 183 -75.41 -22.19 21.12
CA GLY E 183 -75.01 -23.58 21.05
C GLY E 183 -75.80 -24.39 20.06
N ASN E 184 -76.52 -23.70 19.18
CA ASN E 184 -77.20 -24.37 18.09
C ASN E 184 -76.22 -24.43 16.94
N ILE E 185 -75.67 -25.60 16.65
CA ILE E 185 -74.70 -25.73 15.58
C ILE E 185 -74.76 -27.10 14.90
N LEU E 186 -74.72 -27.08 13.58
CA LEU E 186 -74.41 -28.28 12.82
C LEU E 186 -72.95 -28.25 12.42
N GLU E 187 -72.34 -29.42 12.39
CA GLU E 187 -71.01 -29.59 11.85
C GLU E 187 -71.09 -30.58 10.71
N ILE E 188 -70.90 -30.11 9.49
CA ILE E 188 -70.81 -31.01 8.36
C ILE E 188 -69.31 -31.17 8.17
N ALA E 189 -68.81 -32.36 8.49
CA ALA E 189 -67.38 -32.61 8.41
C ALA E 189 -66.94 -32.52 6.96
N GLN E 190 -65.70 -32.06 6.75
CA GLN E 190 -65.20 -31.91 5.40
C GLN E 190 -64.74 -33.23 4.81
N ARG E 191 -65.01 -33.39 3.52
CA ARG E 191 -64.61 -34.58 2.79
C ARG E 191 -63.22 -34.33 2.19
N GLU E 192 -62.23 -35.04 2.72
CA GLU E 192 -60.83 -34.73 2.43
C GLU E 192 -60.41 -35.05 1.00
N ASN E 193 -61.13 -35.96 0.36
CA ASN E 193 -60.80 -36.34 -1.01
C ASN E 193 -61.35 -35.32 -2.01
N GLU E 194 -62.19 -34.41 -1.53
CA GLU E 194 -62.72 -33.33 -2.36
C GLU E 194 -61.90 -32.06 -2.22
N ALA E 195 -60.90 -32.11 -1.35
CA ALA E 195 -60.15 -30.91 -0.98
C ALA E 195 -59.19 -30.44 -2.07
N THR E 196 -59.05 -29.13 -2.15
CA THR E 196 -58.10 -28.50 -3.05
C THR E 196 -57.42 -27.35 -2.32
N CYS E 197 -56.10 -27.24 -2.47
CA CYS E 197 -55.32 -26.25 -1.72
C CYS E 197 -54.35 -25.47 -2.60
N PHE E 198 -54.29 -24.15 -2.38
CA PHE E 198 -53.39 -23.28 -3.13
C PHE E 198 -52.56 -22.39 -2.20
N GLY E 199 -51.37 -22.01 -2.66
CA GLY E 199 -50.47 -21.22 -1.84
C GLY E 199 -50.51 -19.74 -2.16
N ARG E 200 -49.53 -19.00 -1.66
CA ARG E 200 -49.45 -17.57 -1.88
C ARG E 200 -48.99 -17.32 -3.30
N ARG E 201 -49.66 -16.39 -3.98
CA ARG E 201 -49.30 -16.05 -5.34
C ARG E 201 -48.12 -15.08 -5.34
N THR E 202 -47.21 -15.30 -6.27
CA THR E 202 -46.10 -14.39 -6.48
C THR E 202 -46.38 -13.72 -7.82
N PRO E 203 -45.87 -12.49 -8.02
CA PRO E 203 -46.18 -11.83 -9.29
C PRO E 203 -45.85 -12.69 -10.50
N ASP E 204 -44.85 -13.55 -10.35
CA ASP E 204 -44.47 -14.48 -11.41
C ASP E 204 -45.59 -15.46 -11.76
N ASP E 205 -46.58 -15.58 -10.87
CA ASP E 205 -47.72 -16.46 -11.11
C ASP E 205 -48.66 -15.82 -12.13
N SER E 206 -48.47 -14.53 -12.38
CA SER E 206 -49.32 -13.77 -13.29
C SER E 206 -48.73 -13.63 -14.68
N PHE E 207 -47.60 -14.29 -14.93
CA PHE E 207 -46.98 -14.22 -16.25
C PHE E 207 -47.87 -14.88 -17.29
N LEU E 208 -48.14 -14.15 -18.37
CA LEU E 208 -49.02 -14.65 -19.43
C LEU E 208 -48.26 -15.52 -20.42
N GLU E 209 -48.64 -16.79 -20.52
CA GLU E 209 -48.04 -17.71 -21.48
C GLU E 209 -49.04 -17.97 -22.60
N TRP E 210 -48.70 -17.48 -23.80
CA TRP E 210 -49.64 -17.40 -24.91
C TRP E 210 -49.97 -18.74 -25.57
N HIS E 211 -49.25 -19.80 -25.23
CA HIS E 211 -49.54 -21.11 -25.79
C HIS E 211 -50.81 -21.71 -25.17
N LYS E 212 -51.25 -21.12 -24.07
CA LYS E 212 -52.48 -21.57 -23.40
C LYS E 212 -53.72 -20.98 -24.09
N PRO E 213 -54.90 -21.54 -23.79
CA PRO E 213 -56.15 -21.01 -24.35
C PRO E 213 -56.40 -19.56 -23.96
N ALA E 214 -57.09 -18.83 -24.83
CA ALA E 214 -57.38 -17.42 -24.57
C ALA E 214 -58.26 -17.26 -23.31
N SER E 215 -59.12 -18.24 -23.07
CA SER E 215 -60.01 -18.19 -21.92
C SER E 215 -59.20 -18.17 -20.63
N VAL E 216 -58.18 -19.03 -20.56
CA VAL E 216 -57.32 -19.13 -19.39
C VAL E 216 -56.59 -17.81 -19.13
N LEU E 217 -56.08 -17.19 -20.20
CA LEU E 217 -55.37 -15.91 -20.08
C LEU E 217 -56.32 -14.79 -19.67
N HIS E 218 -57.49 -14.75 -20.30
CA HIS E 218 -58.55 -13.82 -19.93
C HIS E 218 -58.84 -13.93 -18.43
N ASN E 219 -59.02 -15.17 -17.98
CA ASN E 219 -59.20 -15.45 -16.57
C ASN E 219 -58.02 -14.94 -15.75
N MET E 220 -56.81 -15.14 -16.26
CA MET E 220 -55.63 -14.61 -15.60
C MET E 220 -55.76 -13.11 -15.40
N VAL E 221 -56.04 -12.36 -16.46
CA VAL E 221 -56.11 -10.90 -16.31
C VAL E 221 -57.30 -10.52 -15.42
N ARG E 222 -58.39 -11.27 -15.46
CA ARG E 222 -59.50 -11.02 -14.55
C ARG E 222 -59.10 -11.19 -13.08
N ALA E 223 -58.31 -12.23 -12.80
CA ALA E 223 -57.91 -12.54 -11.43
C ALA E 223 -57.03 -11.49 -10.74
N VAL E 224 -56.02 -10.99 -11.45
CA VAL E 224 -55.06 -10.03 -10.88
C VAL E 224 -55.32 -8.57 -11.27
N ALA E 225 -56.48 -8.29 -11.86
CA ALA E 225 -56.82 -6.94 -12.33
C ALA E 225 -56.75 -5.91 -11.20
N ASP E 226 -56.53 -4.65 -11.58
CA ASP E 226 -56.39 -3.53 -10.64
C ASP E 226 -57.52 -3.56 -9.62
N PRO E 227 -57.22 -3.34 -8.33
CA PRO E 227 -55.98 -2.94 -7.64
C PRO E 227 -54.81 -3.94 -7.60
N TRP E 228 -55.03 -5.21 -7.94
CA TRP E 228 -53.95 -6.20 -7.90
C TRP E 228 -52.87 -5.89 -8.94
N PRO E 229 -51.68 -6.52 -8.81
CA PRO E 229 -50.54 -6.15 -9.66
C PRO E 229 -50.73 -6.34 -11.16
N GLY E 230 -51.72 -7.14 -11.57
CA GLY E 230 -52.02 -7.29 -12.98
C GLY E 230 -51.20 -8.37 -13.66
N ALA E 231 -51.76 -8.92 -14.75
CA ALA E 231 -51.07 -9.90 -15.57
C ALA E 231 -50.15 -9.20 -16.56
N PHE E 232 -49.00 -9.81 -16.83
CA PHE E 232 -47.97 -9.15 -17.63
C PHE E 232 -47.32 -10.05 -18.68
N SER E 233 -46.67 -9.39 -19.62
CA SER E 233 -45.88 -10.05 -20.65
C SER E 233 -44.75 -9.11 -21.08
N TYR E 234 -44.01 -9.48 -22.13
CA TYR E 234 -42.87 -8.69 -22.58
C TYR E 234 -42.88 -8.41 -24.07
N VAL E 235 -42.52 -7.19 -24.45
CA VAL E 235 -42.18 -6.88 -25.83
C VAL E 235 -40.67 -6.69 -25.88
N GLY E 236 -39.97 -7.65 -26.46
CA GLY E 236 -38.53 -7.66 -26.36
C GLY E 236 -38.14 -7.64 -24.89
N ASN E 237 -37.34 -6.64 -24.53
CA ASN E 237 -36.88 -6.48 -23.16
C ASN E 237 -37.89 -5.74 -22.29
N GLN E 238 -38.88 -5.10 -22.92
CA GLN E 238 -39.86 -4.24 -22.23
C GLN E 238 -41.05 -5.00 -21.64
N LYS E 239 -41.28 -4.83 -20.34
CA LYS E 239 -42.41 -5.46 -19.65
C LYS E 239 -43.67 -4.61 -19.76
N PHE E 240 -44.82 -5.25 -19.99
CA PHE E 240 -46.08 -4.55 -20.03
C PHE E 240 -47.20 -5.36 -19.38
N THR E 241 -48.21 -4.63 -18.88
CA THR E 241 -49.31 -5.20 -18.11
C THR E 241 -50.64 -5.06 -18.83
N VAL E 242 -51.39 -6.17 -18.85
CA VAL E 242 -52.76 -6.19 -19.38
C VAL E 242 -53.77 -6.04 -18.24
N TRP E 243 -54.45 -4.91 -18.19
CA TRP E 243 -55.44 -4.63 -17.14
C TRP E 243 -56.84 -5.19 -17.42
N SER E 244 -57.27 -5.14 -18.68
CA SER E 244 -58.56 -5.67 -19.08
C SER E 244 -58.44 -6.35 -20.44
N SER E 245 -59.14 -7.47 -20.62
CA SER E 245 -59.01 -8.24 -21.84
C SER E 245 -60.36 -8.71 -22.38
N ARG E 246 -60.35 -9.18 -23.62
CA ARG E 246 -61.56 -9.66 -24.27
C ARG E 246 -61.23 -10.92 -25.08
N VAL E 247 -61.93 -12.03 -24.83
CA VAL E 247 -61.64 -13.25 -25.58
C VAL E 247 -62.28 -13.22 -26.96
N HIS E 248 -61.52 -13.62 -27.98
CA HIS E 248 -62.05 -13.71 -29.33
C HIS E 248 -61.99 -15.20 -29.73
N PRO E 249 -63.15 -15.88 -29.69
CA PRO E 249 -63.14 -17.32 -29.99
C PRO E 249 -62.73 -17.65 -31.42
N HIS E 250 -62.93 -16.70 -32.34
CA HIS E 250 -62.52 -16.88 -33.72
C HIS E 250 -61.04 -17.19 -33.80
N ALA E 251 -60.69 -18.30 -34.43
CA ALA E 251 -59.30 -18.76 -34.44
C ALA E 251 -58.48 -17.96 -35.45
N SER E 252 -57.18 -18.24 -35.49
CA SER E 252 -56.28 -17.63 -36.48
C SER E 252 -55.13 -18.57 -36.80
N LYS E 253 -54.72 -18.61 -38.06
CA LYS E 253 -53.59 -19.43 -38.46
C LYS E 253 -52.29 -18.91 -37.88
N ALA E 254 -52.30 -17.67 -37.38
CA ALA E 254 -51.12 -17.06 -36.78
C ALA E 254 -50.66 -17.85 -35.56
N GLN E 255 -49.35 -18.00 -35.39
CA GLN E 255 -48.82 -18.76 -34.27
C GLN E 255 -49.02 -18.02 -32.95
N PRO E 256 -49.09 -18.77 -31.83
CA PRO E 256 -49.28 -18.16 -30.51
C PRO E 256 -48.24 -17.11 -30.20
N GLY E 257 -48.71 -15.96 -29.72
CA GLY E 257 -47.85 -14.86 -29.36
C GLY E 257 -47.77 -13.81 -30.44
N SER E 258 -48.20 -14.13 -31.66
CA SER E 258 -48.13 -13.13 -32.72
C SER E 258 -49.26 -12.12 -32.60
N VAL E 259 -49.00 -10.92 -33.11
CA VAL E 259 -49.98 -9.83 -33.08
C VAL E 259 -50.81 -9.91 -34.35
N ILE E 260 -52.10 -10.18 -34.17
CA ILE E 260 -53.02 -10.30 -35.28
C ILE E 260 -53.39 -8.91 -35.83
N SER E 261 -53.72 -8.00 -34.92
CA SER E 261 -54.02 -6.61 -35.29
C SER E 261 -53.70 -5.68 -34.12
N VAL E 262 -53.38 -4.43 -34.42
CA VAL E 262 -53.11 -3.43 -33.39
C VAL E 262 -54.33 -2.58 -33.02
N ALA E 263 -55.39 -2.68 -33.82
CA ALA E 263 -56.59 -1.87 -33.62
C ALA E 263 -57.86 -2.66 -33.92
N PRO E 264 -58.37 -3.41 -32.94
CA PRO E 264 -57.91 -3.55 -31.54
C PRO E 264 -56.66 -4.40 -31.43
N LEU E 265 -55.99 -4.33 -30.29
CA LEU E 265 -54.78 -5.12 -30.07
C LEU E 265 -55.17 -6.56 -29.78
N LEU E 266 -54.72 -7.47 -30.64
CA LEU E 266 -55.11 -8.88 -30.58
C LEU E 266 -53.92 -9.82 -30.64
N ILE E 267 -53.77 -10.64 -29.61
CA ILE E 267 -52.70 -11.61 -29.53
C ILE E 267 -53.25 -13.01 -29.80
N ALA E 268 -52.62 -13.71 -30.72
CA ALA E 268 -53.00 -15.08 -31.02
C ALA E 268 -52.59 -15.98 -29.86
N CYS E 269 -53.49 -16.88 -29.46
CA CYS E 269 -53.20 -17.82 -28.38
C CYS E 269 -53.22 -19.24 -28.91
N GLY E 270 -53.03 -20.21 -28.03
CA GLY E 270 -53.08 -21.61 -28.41
C GLY E 270 -54.46 -21.98 -28.92
N ASP E 271 -55.48 -21.40 -28.31
CA ASP E 271 -56.85 -21.52 -28.77
C ASP E 271 -57.53 -20.15 -28.67
N GLY E 272 -58.07 -19.69 -29.78
CA GLY E 272 -58.67 -18.37 -29.85
C GLY E 272 -57.63 -17.27 -29.78
N ALA E 273 -58.09 -16.03 -29.67
CA ALA E 273 -57.20 -14.88 -29.53
C ALA E 273 -57.62 -14.04 -28.33
N LEU E 274 -56.67 -13.31 -27.76
CA LEU E 274 -56.96 -12.42 -26.65
C LEU E 274 -56.78 -10.97 -27.08
N GLU E 275 -57.84 -10.19 -26.94
CA GLU E 275 -57.78 -8.75 -27.15
C GLU E 275 -57.34 -8.09 -25.86
N ILE E 276 -56.36 -7.20 -25.96
CA ILE E 276 -55.91 -6.37 -24.85
C ILE E 276 -56.66 -5.03 -24.92
N VAL E 277 -57.60 -4.86 -24.00
CA VAL E 277 -58.49 -3.69 -24.02
C VAL E 277 -57.81 -2.46 -23.41
N THR E 278 -57.20 -2.66 -22.26
CA THR E 278 -56.40 -1.63 -21.61
C THR E 278 -55.16 -2.28 -21.02
N GLY E 279 -54.11 -1.50 -20.86
CA GLY E 279 -52.89 -2.00 -20.30
C GLY E 279 -51.88 -0.87 -20.12
N GLN E 280 -50.67 -1.21 -19.70
CA GLN E 280 -49.63 -0.19 -19.57
C GLN E 280 -48.26 -0.75 -19.91
N ALA E 281 -47.39 0.14 -20.38
CA ALA E 281 -46.01 -0.20 -20.69
C ALA E 281 -45.12 0.14 -19.51
N GLY E 282 -44.56 -0.88 -18.87
CA GLY E 282 -43.72 -0.66 -17.71
C GLY E 282 -44.45 0.03 -16.57
N ASP E 283 -43.86 1.11 -16.06
CA ASP E 283 -44.44 1.87 -14.95
C ASP E 283 -45.30 3.04 -15.44
N GLY E 284 -45.52 3.13 -16.74
CA GLY E 284 -46.32 4.19 -17.32
C GLY E 284 -47.79 4.11 -16.99
N ILE E 285 -48.57 5.04 -17.54
CA ILE E 285 -50.00 5.10 -17.26
C ILE E 285 -50.78 4.10 -18.08
N THR E 286 -51.96 3.73 -17.56
CA THR E 286 -52.88 2.90 -18.30
C THR E 286 -53.32 3.64 -19.56
N MET E 287 -53.59 2.90 -20.63
CA MET E 287 -54.07 3.47 -21.89
C MET E 287 -54.85 2.41 -22.66
N GLN E 288 -55.62 2.82 -23.65
CA GLN E 288 -56.35 1.86 -24.47
C GLN E 288 -55.35 1.00 -25.26
N GLY E 289 -55.79 -0.18 -25.66
CA GLY E 289 -54.93 -1.17 -26.30
C GLY E 289 -54.11 -0.68 -27.47
N SER E 290 -54.75 0.04 -28.38
CA SER E 290 -54.08 0.55 -29.57
C SER E 290 -52.90 1.45 -29.19
N GLN E 291 -53.14 2.34 -28.23
CA GLN E 291 -52.10 3.26 -27.78
C GLN E 291 -50.98 2.48 -27.11
N LEU E 292 -51.34 1.45 -26.35
CA LEU E 292 -50.36 0.58 -25.70
C LEU E 292 -49.50 -0.13 -26.75
N ALA E 293 -50.15 -0.59 -27.81
CA ALA E 293 -49.49 -1.22 -28.94
C ALA E 293 -48.50 -0.23 -29.55
N GLN E 294 -48.96 0.98 -29.80
CA GLN E 294 -48.11 2.04 -30.35
C GLN E 294 -46.89 2.37 -29.48
N THR E 295 -47.09 2.53 -28.17
CA THR E 295 -45.95 2.87 -27.31
C THR E 295 -45.01 1.69 -27.08
N LEU E 296 -45.51 0.46 -27.15
CA LEU E 296 -44.64 -0.72 -27.03
C LEU E 296 -43.90 -1.04 -28.32
N GLY E 297 -44.35 -0.47 -29.43
CA GLY E 297 -43.72 -0.69 -30.72
C GLY E 297 -44.18 -1.94 -31.44
N LEU E 298 -45.38 -2.43 -31.12
CA LEU E 298 -45.94 -3.58 -31.82
C LEU E 298 -46.59 -3.20 -33.14
N VAL E 299 -46.49 -4.10 -34.11
CA VAL E 299 -47.27 -4.03 -35.34
C VAL E 299 -47.58 -5.46 -35.76
N GLN E 300 -48.51 -5.62 -36.69
CA GLN E 300 -48.80 -6.92 -37.28
C GLN E 300 -47.65 -7.34 -38.20
N GLY E 301 -47.07 -8.54 -38.06
CA GLY E 301 -47.09 -9.37 -36.87
C GLY E 301 -45.78 -9.07 -36.16
N SER E 302 -45.74 -9.26 -34.84
CA SER E 302 -44.76 -9.19 -33.78
C SER E 302 -45.07 -10.24 -32.74
N ARG E 303 -44.03 -10.81 -32.13
CA ARG E 303 -44.19 -11.86 -31.13
C ARG E 303 -43.65 -11.38 -29.79
N LEU E 304 -43.78 -12.20 -28.74
CA LEU E 304 -43.38 -11.79 -27.40
C LEU E 304 -42.44 -12.81 -26.76
N ARG E 314 -24.15 -16.99 -24.27
CA ARG E 314 -22.85 -17.64 -24.23
C ARG E 314 -22.76 -18.58 -23.03
N ARG E 315 -21.67 -19.33 -22.94
CA ARG E 315 -21.55 -20.36 -21.90
C ARG E 315 -21.06 -19.78 -20.58
N THR E 316 -21.56 -20.37 -19.50
CA THR E 316 -21.22 -19.97 -18.14
C THR E 316 -19.77 -20.30 -17.79
N ARG E 317 -19.05 -19.30 -17.28
CA ARG E 317 -17.66 -19.46 -16.90
C ARG E 317 -17.55 -19.85 -15.44
N VAL E 318 -17.04 -21.06 -15.20
CA VAL E 318 -16.85 -21.59 -13.86
C VAL E 318 -15.36 -21.53 -13.51
N LEU E 319 -15.02 -20.76 -12.49
CA LEU E 319 -13.65 -20.64 -12.02
C LEU E 319 -13.41 -21.55 -10.83
N ILE E 320 -12.58 -22.57 -11.03
CA ILE E 320 -12.24 -23.50 -9.95
C ILE E 320 -10.83 -23.21 -9.45
N LEU E 321 -10.74 -22.75 -8.22
CA LEU E 321 -9.45 -22.53 -7.57
C LEU E 321 -9.07 -23.79 -6.82
N GLY E 322 -7.88 -24.32 -7.09
CA GLY E 322 -7.49 -25.63 -6.59
C GLY E 322 -8.02 -26.76 -7.47
N VAL E 323 -8.00 -26.55 -8.78
CA VAL E 323 -8.56 -27.51 -9.72
C VAL E 323 -7.77 -28.80 -9.79
N ASN E 324 -6.54 -28.82 -9.30
CA ASN E 324 -5.69 -29.98 -9.55
C ASN E 324 -5.88 -30.99 -8.43
N GLY E 325 -6.74 -31.97 -8.66
CA GLY E 325 -7.17 -32.84 -7.58
C GLY E 325 -8.58 -33.38 -7.75
N PHE E 326 -9.07 -34.01 -6.68
CA PHE E 326 -10.31 -34.79 -6.67
C PHE E 326 -11.54 -34.06 -7.23
N ILE E 327 -11.98 -33.03 -6.51
CA ILE E 327 -13.19 -32.31 -6.90
C ILE E 327 -12.98 -31.62 -8.24
N GLY E 328 -11.80 -31.06 -8.45
CA GLY E 328 -11.51 -30.40 -9.71
C GLY E 328 -11.67 -31.34 -10.89
N ASN E 329 -11.07 -32.52 -10.76
CA ASN E 329 -11.12 -33.55 -11.80
C ASN E 329 -12.55 -33.96 -12.10
N HIS E 330 -13.26 -34.41 -11.08
CA HIS E 330 -14.61 -34.93 -11.32
C HIS E 330 -15.58 -33.85 -11.76
N LEU E 331 -15.50 -32.67 -11.13
CA LEU E 331 -16.39 -31.57 -11.48
C LEU E 331 -16.10 -31.10 -12.90
N THR E 332 -14.83 -30.98 -13.25
CA THR E 332 -14.45 -30.60 -14.62
C THR E 332 -15.06 -31.59 -15.61
N GLU E 333 -14.85 -32.89 -15.38
CA GLU E 333 -15.44 -33.91 -16.25
C GLU E 333 -16.94 -33.68 -16.42
N ARG E 334 -17.64 -33.58 -15.29
CA ARG E 334 -19.09 -33.36 -15.28
C ARG E 334 -19.50 -32.11 -16.06
N LEU E 335 -18.84 -31.00 -15.79
CA LEU E 335 -19.17 -29.73 -16.44
C LEU E 335 -18.91 -29.78 -17.94
N LEU E 336 -17.83 -30.44 -18.34
CA LEU E 336 -17.48 -30.51 -19.75
C LEU E 336 -18.37 -31.49 -20.50
N ARG E 337 -18.93 -32.47 -19.80
CA ARG E 337 -19.98 -33.30 -20.40
C ARG E 337 -21.10 -32.45 -21.03
N GLU E 338 -21.54 -31.41 -20.31
CA GLU E 338 -22.58 -30.50 -20.78
C GLU E 338 -22.05 -29.49 -21.80
N ASP E 339 -22.93 -28.93 -22.61
CA ASP E 339 -22.50 -28.03 -23.68
C ASP E 339 -22.36 -26.55 -23.26
N HIS E 340 -23.00 -26.16 -22.16
CA HIS E 340 -23.12 -24.74 -21.81
C HIS E 340 -22.10 -24.20 -20.79
N TYR E 341 -21.08 -24.98 -20.44
CA TYR E 341 -20.05 -24.50 -19.51
C TYR E 341 -18.66 -24.30 -20.11
N GLU E 342 -18.00 -23.26 -19.63
CA GLU E 342 -16.58 -22.99 -19.90
C GLU E 342 -15.84 -23.03 -18.55
N VAL E 343 -14.89 -23.95 -18.42
CA VAL E 343 -14.23 -24.19 -17.13
C VAL E 343 -12.84 -23.56 -17.08
N TYR E 344 -12.59 -22.72 -16.08
CA TYR E 344 -11.24 -22.23 -15.81
C TYR E 344 -10.68 -22.87 -14.54
N GLY E 345 -9.80 -23.86 -14.72
CA GLY E 345 -9.06 -24.47 -13.63
C GLY E 345 -7.89 -23.61 -13.21
N LEU E 346 -7.82 -23.26 -11.92
CA LEU E 346 -6.69 -22.48 -11.41
C LEU E 346 -5.95 -23.28 -10.36
N ASP E 347 -4.63 -23.37 -10.50
CA ASP E 347 -3.80 -24.11 -9.56
C ASP E 347 -2.32 -23.96 -9.91
N ILE E 348 -1.47 -24.51 -9.06
CA ILE E 348 -0.02 -24.43 -9.26
C ILE E 348 0.56 -25.61 -10.04
N GLY E 349 -0.28 -26.59 -10.36
CA GLY E 349 0.14 -27.69 -11.21
C GLY E 349 -1.05 -28.30 -11.94
N SER E 350 -0.81 -28.87 -13.12
CA SER E 350 -1.89 -29.44 -13.93
C SER E 350 -1.99 -30.96 -13.93
N ASP E 351 -1.08 -31.66 -13.26
CA ASP E 351 -0.93 -33.10 -13.46
C ASP E 351 -2.23 -33.90 -13.26
N ALA E 352 -2.95 -33.64 -12.17
CA ALA E 352 -4.14 -34.45 -11.84
C ALA E 352 -5.24 -34.25 -12.88
N ILE E 353 -5.31 -33.06 -13.46
CA ILE E 353 -6.29 -32.74 -14.49
C ILE E 353 -5.71 -32.84 -15.91
N SER E 354 -4.49 -33.37 -16.05
CA SER E 354 -3.75 -33.28 -17.32
C SER E 354 -4.52 -33.66 -18.60
N ARG E 355 -5.51 -34.55 -18.52
CA ARG E 355 -6.21 -34.97 -19.74
C ARG E 355 -7.19 -33.91 -20.27
N PHE E 356 -7.48 -32.88 -19.47
CA PHE E 356 -8.39 -31.82 -19.92
C PHE E 356 -7.65 -30.64 -20.53
N LEU E 357 -6.32 -30.68 -20.48
CA LEU E 357 -5.50 -29.55 -20.94
C LEU E 357 -5.69 -29.28 -22.42
N ASN E 358 -6.03 -30.32 -23.19
CA ASN E 358 -6.19 -30.20 -24.63
C ASN E 358 -7.63 -29.87 -25.04
N HIS E 359 -8.55 -29.95 -24.08
CA HIS E 359 -9.97 -29.73 -24.32
C HIS E 359 -10.24 -28.25 -24.61
N PRO E 360 -11.00 -27.95 -25.68
CA PRO E 360 -11.23 -26.54 -26.08
C PRO E 360 -11.88 -25.66 -25.00
N HIS E 361 -12.79 -26.24 -24.23
CA HIS E 361 -13.52 -25.51 -23.20
C HIS E 361 -12.95 -25.58 -21.79
N PHE E 362 -11.78 -26.21 -21.64
CA PHE E 362 -11.03 -26.14 -20.39
C PHE E 362 -9.87 -25.18 -20.58
N HIS E 363 -9.61 -24.38 -19.55
CA HIS E 363 -8.48 -23.46 -19.55
C HIS E 363 -7.74 -23.59 -18.24
N PHE E 364 -6.50 -24.06 -18.31
CA PHE E 364 -5.68 -24.11 -17.11
C PHE E 364 -5.07 -22.74 -16.87
N VAL E 365 -5.23 -22.25 -15.64
CA VAL E 365 -4.66 -20.98 -15.23
C VAL E 365 -3.66 -21.21 -14.09
N GLU E 366 -2.40 -20.91 -14.34
CA GLU E 366 -1.41 -21.08 -13.30
C GLU E 366 -1.53 -19.96 -12.29
N GLY E 367 -1.60 -20.32 -11.01
CA GLY E 367 -1.71 -19.32 -9.97
C GLY E 367 -1.71 -19.89 -8.56
N ASP E 368 -1.38 -19.03 -7.62
CA ASP E 368 -1.22 -19.37 -6.21
C ASP E 368 -1.91 -18.29 -5.43
N ILE E 369 -2.96 -18.63 -4.68
CA ILE E 369 -3.80 -17.60 -4.09
C ILE E 369 -3.10 -16.88 -2.93
N SER E 370 -2.02 -17.45 -2.42
CA SER E 370 -1.26 -16.80 -1.37
C SER E 370 -0.28 -15.75 -1.92
N ILE E 371 0.24 -15.97 -3.11
CA ILE E 371 1.14 -15.01 -3.77
C ILE E 371 0.36 -14.06 -4.69
N HIS E 372 -0.07 -14.56 -5.84
CA HIS E 372 -0.90 -13.81 -6.79
C HIS E 372 -2.10 -13.11 -6.17
N SER E 373 -2.24 -11.80 -6.40
CA SER E 373 -3.43 -11.06 -5.97
C SER E 373 -4.28 -10.69 -7.16
N GLU E 374 -3.74 -9.82 -8.00
CA GLU E 374 -4.46 -9.28 -9.15
C GLU E 374 -4.81 -10.33 -10.21
N TRP E 375 -3.96 -11.35 -10.35
CA TRP E 375 -4.22 -12.42 -11.32
C TRP E 375 -5.51 -13.17 -10.93
N ILE E 376 -5.64 -13.39 -9.62
CA ILE E 376 -6.82 -14.04 -9.04
C ILE E 376 -8.05 -13.14 -9.21
N GLU E 377 -7.92 -11.89 -8.78
CA GLU E 377 -9.00 -10.91 -8.87
C GLU E 377 -9.50 -10.82 -10.31
N TYR E 378 -8.54 -10.71 -11.22
CA TYR E 378 -8.80 -10.66 -12.65
C TYR E 378 -9.62 -11.85 -13.11
N HIS E 379 -9.18 -13.04 -12.74
CA HIS E 379 -9.93 -14.22 -13.14
C HIS E 379 -11.31 -14.33 -12.47
N VAL E 380 -11.46 -13.81 -11.27
CA VAL E 380 -12.79 -13.74 -10.67
C VAL E 380 -13.69 -12.82 -11.51
N LYS E 381 -13.18 -11.63 -11.84
CA LYS E 381 -13.93 -10.74 -12.72
C LYS E 381 -14.23 -11.40 -14.06
N LYS E 382 -13.25 -12.10 -14.61
CA LYS E 382 -13.36 -12.71 -15.94
C LYS E 382 -14.50 -13.74 -15.99
N CYS E 383 -14.71 -14.46 -14.90
CA CYS E 383 -15.67 -15.57 -14.86
C CYS E 383 -17.02 -15.18 -14.27
N ASP E 384 -17.92 -16.15 -14.16
CA ASP E 384 -19.29 -15.94 -13.70
C ASP E 384 -19.49 -16.49 -12.29
N VAL E 385 -19.27 -17.79 -12.13
CA VAL E 385 -19.40 -18.46 -10.84
C VAL E 385 -18.01 -18.92 -10.35
N VAL E 386 -17.79 -18.88 -9.04
CA VAL E 386 -16.46 -19.13 -8.44
C VAL E 386 -16.48 -20.23 -7.37
N LEU E 387 -15.50 -21.14 -7.45
CA LEU E 387 -15.42 -22.30 -6.56
C LEU E 387 -14.05 -22.39 -5.87
N PRO E 388 -13.93 -21.83 -4.65
CA PRO E 388 -12.67 -21.81 -3.88
C PRO E 388 -12.34 -23.11 -3.15
N LEU E 389 -11.64 -24.04 -3.81
CA LEU E 389 -11.29 -25.32 -3.19
C LEU E 389 -9.93 -25.35 -2.47
N VAL E 390 -9.15 -24.27 -2.54
CA VAL E 390 -7.84 -24.28 -1.89
C VAL E 390 -7.98 -24.07 -0.39
N ALA E 391 -7.46 -25.01 0.40
CA ALA E 391 -7.43 -24.89 1.85
C ALA E 391 -6.75 -26.09 2.50
N ILE E 392 -6.25 -25.91 3.72
CA ILE E 392 -5.66 -27.03 4.45
C ILE E 392 -6.74 -27.65 5.32
N ALA E 393 -7.16 -28.84 4.91
CA ALA E 393 -8.19 -29.62 5.57
C ALA E 393 -7.60 -30.70 6.48
N THR E 394 -6.29 -30.69 6.62
CA THR E 394 -5.56 -31.75 7.30
C THR E 394 -5.55 -31.57 8.83
N PRO E 395 -6.23 -32.46 9.59
CA PRO E 395 -6.39 -32.27 11.03
C PRO E 395 -5.11 -32.03 11.81
N ILE E 396 -4.07 -32.82 11.53
CA ILE E 396 -2.80 -32.68 12.25
C ILE E 396 -2.26 -31.25 12.06
N GLU E 397 -2.54 -30.65 10.90
CA GLU E 397 -2.03 -29.31 10.60
C GLU E 397 -2.78 -28.23 11.40
N TYR E 398 -4.00 -28.53 11.85
CA TYR E 398 -4.75 -27.59 12.66
C TYR E 398 -3.95 -27.28 13.93
N THR E 399 -3.47 -28.34 14.57
CA THR E 399 -2.68 -28.21 15.78
C THR E 399 -1.20 -27.92 15.50
N ARG E 400 -0.67 -28.45 14.41
CA ARG E 400 0.76 -28.27 14.11
C ARG E 400 1.11 -26.89 13.54
N ASN E 401 0.26 -26.35 12.65
CA ASN E 401 0.49 -25.05 12.02
C ASN E 401 -0.76 -24.19 11.96
N PRO E 402 -1.30 -23.82 13.12
CA PRO E 402 -2.55 -23.06 13.19
C PRO E 402 -2.51 -21.73 12.43
N LEU E 403 -1.42 -21.00 12.53
CA LEU E 403 -1.32 -19.69 11.91
C LEU E 403 -1.32 -19.79 10.38
N ARG E 404 -0.67 -20.82 9.84
CA ARG E 404 -0.68 -21.04 8.40
C ARG E 404 -2.06 -21.50 7.92
N VAL E 405 -2.65 -22.43 8.66
CA VAL E 405 -4.00 -22.89 8.38
C VAL E 405 -4.95 -21.70 8.38
N PHE E 406 -4.82 -20.83 9.38
CA PHE E 406 -5.66 -19.66 9.49
C PHE E 406 -5.42 -18.70 8.33
N GLU E 407 -4.14 -18.42 8.05
CA GLU E 407 -3.81 -17.49 6.97
C GLU E 407 -4.38 -17.98 5.65
N LEU E 408 -4.18 -19.25 5.33
CA LEU E 408 -4.65 -19.78 4.05
C LEU E 408 -6.17 -20.00 4.02
N ASP E 409 -6.70 -20.70 5.02
CA ASP E 409 -8.11 -21.10 4.99
C ASP E 409 -9.06 -19.94 5.20
N PHE E 410 -8.66 -18.98 6.01
CA PHE E 410 -9.51 -17.85 6.33
C PHE E 410 -9.18 -16.60 5.51
N GLU E 411 -7.99 -16.04 5.68
CA GLU E 411 -7.67 -14.74 5.12
C GLU E 411 -7.64 -14.72 3.57
N GLU E 412 -6.96 -15.68 2.95
CA GLU E 412 -6.84 -15.72 1.49
C GLU E 412 -8.20 -15.96 0.83
N ASN E 413 -8.97 -16.85 1.46
CA ASN E 413 -10.29 -17.14 0.96
C ASN E 413 -11.23 -15.97 1.16
N LEU E 414 -11.00 -15.22 2.23
CA LEU E 414 -11.75 -13.99 2.46
C LEU E 414 -11.43 -12.98 1.36
N ARG E 415 -10.15 -12.88 1.00
CA ARG E 415 -9.73 -12.09 -0.16
C ARG E 415 -10.58 -12.47 -1.38
N ILE E 416 -10.63 -13.76 -1.68
CA ILE E 416 -11.45 -14.23 -2.82
C ILE E 416 -12.96 -13.93 -2.67
N ILE E 417 -13.52 -14.19 -1.50
CA ILE E 417 -14.92 -13.87 -1.24
C ILE E 417 -15.19 -12.40 -1.53
N ARG E 418 -14.30 -11.54 -1.05
CA ARG E 418 -14.46 -10.11 -1.27
C ARG E 418 -14.35 -9.73 -2.75
N TYR E 419 -13.46 -10.39 -3.49
CA TYR E 419 -13.48 -10.24 -4.95
C TYR E 419 -14.87 -10.55 -5.50
N CYS E 420 -15.42 -11.68 -5.07
CA CYS E 420 -16.75 -12.09 -5.53
C CYS E 420 -17.82 -11.06 -5.18
N VAL E 421 -17.74 -10.46 -3.99
CA VAL E 421 -18.67 -9.39 -3.65
C VAL E 421 -18.46 -8.17 -4.56
N LYS E 422 -17.22 -7.78 -4.77
CA LYS E 422 -16.92 -6.57 -5.55
C LYS E 422 -17.38 -6.67 -7.00
N TYR E 423 -17.10 -7.79 -7.65
CA TYR E 423 -17.43 -7.94 -9.07
C TYR E 423 -18.79 -8.62 -9.30
N ARG E 424 -19.55 -8.82 -8.22
CA ARG E 424 -20.91 -9.32 -8.30
C ARG E 424 -20.99 -10.66 -9.00
N LYS E 425 -20.22 -11.62 -8.51
CA LYS E 425 -20.16 -12.97 -9.05
C LYS E 425 -20.74 -13.93 -8.03
N ARG E 426 -21.23 -15.06 -8.50
CA ARG E 426 -21.79 -16.07 -7.62
C ARG E 426 -20.66 -16.89 -7.01
N ILE E 427 -20.72 -17.12 -5.70
CA ILE E 427 -19.70 -17.92 -5.04
C ILE E 427 -20.34 -19.18 -4.50
N ILE E 428 -19.78 -20.32 -4.87
CA ILE E 428 -20.19 -21.59 -4.30
C ILE E 428 -19.06 -22.04 -3.39
N PHE E 429 -19.29 -21.93 -2.09
CA PHE E 429 -18.21 -22.05 -1.13
C PHE E 429 -18.25 -23.38 -0.36
N PRO E 430 -17.12 -24.10 -0.34
CA PRO E 430 -17.04 -25.34 0.42
C PRO E 430 -16.92 -25.09 1.91
N SER E 431 -18.06 -24.99 2.59
CA SER E 431 -18.06 -25.02 4.05
C SER E 431 -17.67 -26.43 4.45
N THR E 432 -17.61 -26.70 5.75
CA THR E 432 -17.19 -28.01 6.24
C THR E 432 -18.16 -28.59 7.26
N SER E 433 -18.24 -29.92 7.27
CA SER E 433 -19.06 -30.65 8.23
C SER E 433 -18.47 -30.49 9.63
N GLU E 434 -17.22 -30.06 9.68
CA GLU E 434 -16.52 -29.83 10.93
C GLU E 434 -17.14 -28.67 11.71
N VAL E 435 -17.95 -27.86 11.02
CA VAL E 435 -18.59 -26.70 11.63
C VAL E 435 -19.58 -27.08 12.74
N TYR E 436 -20.21 -28.24 12.57
CA TYR E 436 -21.19 -28.72 13.54
C TYR E 436 -20.53 -29.10 14.84
N GLY E 437 -19.27 -29.51 14.75
CA GLY E 437 -18.50 -29.90 15.91
C GLY E 437 -19.16 -31.02 16.69
N MET E 438 -19.38 -30.77 17.98
CA MET E 438 -19.86 -31.80 18.90
C MET E 438 -21.39 -31.86 19.02
N CYS E 439 -22.08 -31.18 18.11
CA CYS E 439 -23.54 -31.14 18.10
C CYS E 439 -24.13 -32.54 18.24
N SER E 440 -25.13 -32.67 19.11
CA SER E 440 -25.65 -33.97 19.52
C SER E 440 -26.86 -34.46 18.72
N ASP E 441 -27.37 -33.63 17.82
CA ASP E 441 -28.52 -33.99 17.01
C ASP E 441 -28.26 -35.26 16.18
N LYS E 442 -29.30 -36.07 16.00
CA LYS E 442 -29.18 -37.29 15.22
C LYS E 442 -28.86 -36.93 13.78
N TYR E 443 -29.47 -35.85 13.29
CA TYR E 443 -29.19 -35.31 11.97
C TYR E 443 -28.67 -33.89 12.09
N PHE E 444 -27.49 -33.63 11.53
CA PHE E 444 -26.95 -32.28 11.53
C PHE E 444 -27.70 -31.48 10.49
N ASP E 445 -28.37 -30.42 10.95
CA ASP E 445 -29.27 -29.64 10.11
C ASP E 445 -28.65 -28.27 9.84
N GLU E 446 -28.50 -27.96 8.55
CA GLU E 446 -27.84 -26.74 8.12
C GLU E 446 -28.51 -25.51 8.71
N ASP E 447 -29.84 -25.54 8.78
CA ASP E 447 -30.64 -24.37 9.14
C ASP E 447 -31.02 -24.29 10.62
N HIS E 448 -30.77 -25.36 11.38
CA HIS E 448 -31.33 -25.52 12.73
C HIS E 448 -30.31 -25.88 13.80
N SER E 449 -29.56 -26.96 13.56
CA SER E 449 -28.58 -27.47 14.52
C SER E 449 -27.60 -26.42 15.07
N ASN E 450 -27.40 -26.45 16.39
CA ASN E 450 -26.39 -25.64 17.05
C ASN E 450 -24.99 -26.14 16.73
N LEU E 451 -24.02 -25.25 16.84
CA LEU E 451 -22.63 -25.56 16.56
C LEU E 451 -21.83 -25.56 17.86
N ILE E 452 -21.22 -26.68 18.20
CA ILE E 452 -20.53 -26.84 19.47
C ILE E 452 -19.05 -27.12 19.30
N VAL E 453 -18.21 -26.29 19.90
CA VAL E 453 -16.77 -26.51 19.92
C VAL E 453 -16.28 -26.46 21.35
N GLY E 454 -15.04 -26.90 21.56
CA GLY E 454 -14.45 -26.88 22.89
C GLY E 454 -13.91 -25.51 23.27
N PRO E 455 -13.26 -25.43 24.44
CA PRO E 455 -12.58 -24.24 24.94
C PRO E 455 -11.44 -23.79 24.03
N VAL E 456 -10.97 -22.57 24.22
CA VAL E 456 -9.85 -22.05 23.45
C VAL E 456 -8.62 -22.94 23.59
N ASN E 457 -8.46 -23.59 24.74
CA ASN E 457 -7.29 -24.44 25.00
C ASN E 457 -7.32 -25.76 24.23
N LYS E 458 -8.37 -25.96 23.43
CA LYS E 458 -8.47 -27.12 22.53
C LYS E 458 -8.38 -26.63 21.09
N PRO E 459 -7.15 -26.37 20.60
CA PRO E 459 -6.91 -25.65 19.36
C PRO E 459 -7.35 -26.35 18.07
N ARG E 460 -7.63 -27.65 18.11
CA ARG E 460 -8.06 -28.34 16.89
C ARG E 460 -9.29 -27.68 16.29
N TRP E 461 -10.04 -26.97 17.11
CA TRP E 461 -11.27 -26.31 16.68
C TRP E 461 -11.03 -25.04 15.87
N ILE E 462 -9.79 -24.59 15.76
CA ILE E 462 -9.49 -23.38 15.01
C ILE E 462 -9.95 -23.50 13.55
N TYR E 463 -9.84 -24.71 12.99
CA TYR E 463 -10.30 -24.94 11.63
C TYR E 463 -11.83 -24.81 11.55
N SER E 464 -12.52 -25.52 12.44
CA SER E 464 -13.97 -25.50 12.49
C SER E 464 -14.52 -24.09 12.68
N VAL E 465 -13.94 -23.35 13.62
CA VAL E 465 -14.40 -21.99 13.91
C VAL E 465 -14.05 -21.02 12.79
N SER E 466 -12.89 -21.22 12.18
CA SER E 466 -12.46 -20.43 11.04
C SER E 466 -13.44 -20.53 9.87
N LYS E 467 -13.82 -21.77 9.54
CA LYS E 467 -14.74 -22.02 8.45
C LYS E 467 -16.13 -21.49 8.82
N GLN E 468 -16.50 -21.61 10.09
CA GLN E 468 -17.79 -21.11 10.54
C GLN E 468 -17.87 -19.61 10.36
N LEU E 469 -16.81 -18.90 10.76
CA LEU E 469 -16.84 -17.45 10.66
C LEU E 469 -16.91 -17.03 9.20
N LEU E 470 -16.21 -17.74 8.32
CA LEU E 470 -16.27 -17.45 6.90
C LEU E 470 -17.70 -17.59 6.39
N ASP E 471 -18.37 -18.67 6.79
CA ASP E 471 -19.77 -18.88 6.40
C ASP E 471 -20.63 -17.69 6.83
N ARG E 472 -20.38 -17.18 8.03
CA ARG E 472 -21.13 -16.04 8.56
C ARG E 472 -20.80 -14.73 7.84
N VAL E 473 -19.54 -14.54 7.46
CA VAL E 473 -19.17 -13.32 6.74
C VAL E 473 -19.81 -13.35 5.36
N ILE E 474 -19.77 -14.50 4.70
CA ILE E 474 -20.44 -14.67 3.42
C ILE E 474 -21.93 -14.41 3.58
N TRP E 475 -22.49 -14.92 4.67
CA TRP E 475 -23.91 -14.73 4.97
C TRP E 475 -24.20 -13.23 5.07
N ALA E 476 -23.39 -12.53 5.86
CA ALA E 476 -23.54 -11.10 6.04
C ALA E 476 -23.52 -10.39 4.69
N TYR E 477 -22.53 -10.72 3.87
CA TYR E 477 -22.46 -10.17 2.52
C TYR E 477 -23.72 -10.49 1.74
N GLY E 478 -24.34 -11.62 2.07
CA GLY E 478 -25.54 -12.02 1.35
C GLY E 478 -26.67 -11.09 1.70
N GLU E 479 -26.81 -10.81 2.99
CA GLU E 479 -27.89 -9.98 3.49
C GLU E 479 -27.69 -8.53 3.10
N LYS E 480 -26.54 -7.98 3.48
CA LYS E 480 -26.29 -6.55 3.36
C LYS E 480 -25.79 -6.05 1.99
N GLU E 481 -24.85 -6.76 1.37
CA GLU E 481 -24.28 -6.32 0.10
C GLU E 481 -24.76 -7.07 -1.17
N GLY E 482 -25.69 -8.00 -1.01
CA GLY E 482 -26.28 -8.67 -2.17
C GLY E 482 -25.44 -9.73 -2.87
N LEU E 483 -24.52 -10.35 -2.14
CA LEU E 483 -23.72 -11.46 -2.66
C LEU E 483 -24.59 -12.68 -2.99
N GLN E 484 -24.47 -13.19 -4.22
CA GLN E 484 -25.12 -14.46 -4.54
C GLN E 484 -24.18 -15.60 -4.13
N PHE E 485 -24.64 -16.45 -3.22
CA PHE E 485 -23.78 -17.51 -2.69
C PHE E 485 -24.54 -18.80 -2.47
N THR E 486 -23.78 -19.90 -2.48
CA THR E 486 -24.27 -21.19 -2.00
C THR E 486 -23.16 -21.84 -1.18
N LEU E 487 -23.50 -22.29 0.02
CA LEU E 487 -22.56 -23.05 0.84
C LEU E 487 -22.91 -24.51 0.75
N PHE E 488 -21.90 -25.36 0.60
CA PHE E 488 -22.11 -26.80 0.66
C PHE E 488 -21.11 -27.45 1.61
N ARG E 489 -21.59 -28.43 2.35
CA ARG E 489 -20.75 -29.15 3.31
C ARG E 489 -20.65 -30.62 2.89
N PRO E 490 -19.50 -31.02 2.33
CA PRO E 490 -19.34 -32.42 1.92
C PRO E 490 -19.10 -33.33 3.11
N PHE E 491 -19.67 -34.53 3.09
CA PHE E 491 -19.39 -35.53 4.12
C PHE E 491 -18.62 -36.72 3.52
N ASN E 492 -17.33 -36.76 3.80
CA ASN E 492 -16.44 -37.86 3.37
C ASN E 492 -16.69 -38.34 1.95
N TRP E 493 -16.52 -37.44 0.98
CA TRP E 493 -16.61 -37.84 -0.42
C TRP E 493 -15.49 -38.82 -0.75
N MET E 494 -15.81 -39.81 -1.57
CA MET E 494 -14.84 -40.81 -1.98
C MET E 494 -15.18 -41.36 -3.35
N GLY E 495 -14.16 -41.85 -4.06
CA GLY E 495 -14.29 -42.33 -5.41
C GLY E 495 -12.91 -42.45 -5.99
N PRO E 496 -12.78 -42.44 -7.33
CA PRO E 496 -11.46 -42.42 -7.97
C PRO E 496 -10.70 -41.09 -7.76
N ARG E 497 -9.38 -41.13 -7.90
CA ARG E 497 -8.55 -39.93 -7.95
C ARG E 497 -8.54 -39.11 -6.66
N LEU E 498 -8.29 -39.79 -5.54
CA LEU E 498 -8.23 -39.16 -4.24
C LEU E 498 -7.11 -38.13 -4.18
N ASP E 499 -7.32 -37.04 -3.45
CA ASP E 499 -6.25 -36.09 -3.18
C ASP E 499 -5.15 -36.78 -2.39
N ASN E 500 -3.91 -36.34 -2.58
CA ASN E 500 -2.85 -36.78 -1.69
C ASN E 500 -3.15 -36.25 -0.28
N LEU E 501 -2.69 -36.98 0.72
CA LEU E 501 -2.93 -36.62 2.10
C LEU E 501 -2.28 -35.27 2.45
N ASN E 502 -1.21 -34.89 1.75
CA ASN E 502 -0.53 -33.64 2.06
C ASN E 502 -1.08 -32.46 1.26
N ALA E 503 -2.10 -32.72 0.46
CA ALA E 503 -2.61 -31.70 -0.47
C ALA E 503 -3.52 -30.68 0.20
N ALA E 504 -3.39 -29.44 -0.25
CA ALA E 504 -4.09 -28.28 0.30
C ALA E 504 -5.43 -28.04 -0.37
N ARG E 505 -5.98 -29.05 -1.03
CA ARG E 505 -7.30 -28.92 -1.67
C ARG E 505 -8.41 -29.66 -0.91
N ILE E 506 -9.62 -29.11 -1.04
CA ILE E 506 -10.82 -29.68 -0.40
C ILE E 506 -11.40 -30.88 -1.14
N GLY E 507 -12.01 -31.78 -0.37
CA GLY E 507 -12.87 -32.83 -0.90
C GLY E 507 -12.66 -34.32 -0.78
N SER E 508 -11.44 -34.87 -0.70
CA SER E 508 -11.31 -36.32 -0.53
C SER E 508 -11.31 -36.72 0.93
N SER E 509 -12.03 -37.79 1.27
CA SER E 509 -12.00 -38.28 2.63
C SER E 509 -10.58 -38.69 2.98
N ARG E 510 -10.04 -38.12 4.05
CA ARG E 510 -8.67 -38.41 4.43
C ARG E 510 -8.59 -39.79 5.04
N ALA E 511 -9.63 -40.16 5.79
CA ALA E 511 -9.65 -41.43 6.50
C ALA E 511 -9.51 -42.62 5.55
N ILE E 512 -10.33 -42.66 4.51
CA ILE E 512 -10.30 -43.81 3.62
C ILE E 512 -8.99 -43.83 2.86
N THR E 513 -8.50 -42.66 2.49
CA THR E 513 -7.22 -42.55 1.79
C THR E 513 -6.15 -43.16 2.67
N GLN E 514 -6.16 -42.77 3.94
CA GLN E 514 -5.19 -43.27 4.89
C GLN E 514 -5.29 -44.80 5.02
N LEU E 515 -6.51 -45.31 5.20
CA LEU E 515 -6.69 -46.77 5.32
C LEU E 515 -6.20 -47.52 4.08
N ILE E 516 -6.57 -47.03 2.90
CA ILE E 516 -6.14 -47.65 1.66
C ILE E 516 -4.62 -47.60 1.59
N LEU E 517 -4.04 -46.48 2.00
CA LEU E 517 -2.59 -46.34 2.02
C LEU E 517 -1.99 -47.32 3.02
N ASN E 518 -2.70 -47.57 4.12
CA ASN E 518 -2.25 -48.56 5.08
C ASN E 518 -2.18 -49.93 4.43
N LEU E 519 -3.26 -50.33 3.76
CA LEU E 519 -3.29 -51.62 3.08
C LEU E 519 -2.23 -51.72 1.98
N VAL E 520 -2.02 -50.63 1.23
CA VAL E 520 -1.04 -50.62 0.16
C VAL E 520 0.40 -50.67 0.71
N GLU E 521 0.66 -49.93 1.79
CA GLU E 521 2.01 -49.84 2.35
C GLU E 521 2.33 -51.00 3.29
N GLY E 522 1.29 -51.75 3.67
CA GLY E 522 1.44 -52.84 4.63
C GLY E 522 1.63 -52.34 6.05
N SER E 523 1.20 -51.10 6.30
CA SER E 523 1.15 -50.55 7.65
C SER E 523 -0.22 -50.83 8.29
N PRO E 524 -0.29 -50.78 9.63
CA PRO E 524 -1.54 -51.11 10.30
C PRO E 524 -2.63 -50.07 10.12
N ILE E 525 -3.88 -50.50 10.24
CA ILE E 525 -5.02 -49.60 10.23
C ILE E 525 -5.22 -49.12 11.66
N LYS E 526 -5.00 -47.83 11.87
CA LYS E 526 -5.08 -47.26 13.20
C LYS E 526 -6.51 -46.87 13.55
N LEU E 527 -7.02 -47.48 14.62
CA LEU E 527 -8.34 -47.14 15.14
C LEU E 527 -8.17 -46.22 16.33
N ILE E 528 -8.49 -44.95 16.11
CA ILE E 528 -8.22 -43.92 17.09
C ILE E 528 -9.29 -44.00 18.17
N ASP E 529 -8.84 -44.20 19.42
CA ASP E 529 -9.75 -44.47 20.54
C ASP E 529 -10.68 -45.64 20.21
N GLY E 530 -10.16 -46.62 19.48
CA GLY E 530 -10.91 -47.82 19.18
C GLY E 530 -11.67 -47.73 17.87
N GLY E 531 -11.68 -46.54 17.28
CA GLY E 531 -12.36 -46.34 16.01
C GLY E 531 -13.85 -46.59 16.12
N LYS E 532 -14.46 -46.19 17.24
CA LYS E 532 -15.88 -46.41 17.46
C LYS E 532 -16.72 -45.24 16.96
N GLN E 533 -16.08 -44.12 16.65
CA GLN E 533 -16.78 -42.95 16.14
C GLN E 533 -17.27 -43.21 14.72
N LYS E 534 -18.53 -42.88 14.46
CA LYS E 534 -19.17 -43.20 13.19
C LYS E 534 -19.19 -42.03 12.23
N ARG E 535 -18.97 -42.33 10.96
CA ARG E 535 -18.95 -41.34 9.90
C ARG E 535 -19.85 -41.78 8.76
N CYS E 536 -20.26 -40.82 7.93
CA CYS E 536 -21.04 -41.10 6.73
C CYS E 536 -20.19 -40.88 5.50
N PHE E 537 -20.26 -41.81 4.54
CA PHE E 537 -19.42 -41.78 3.36
C PHE E 537 -20.27 -41.63 2.11
N THR E 538 -19.70 -40.97 1.11
CA THR E 538 -20.46 -40.55 -0.06
C THR E 538 -19.70 -40.85 -1.34
N ASP E 539 -20.33 -41.58 -2.26
CA ASP E 539 -19.71 -41.83 -3.55
C ASP E 539 -19.62 -40.52 -4.32
N ILE E 540 -18.48 -40.30 -4.97
CA ILE E 540 -18.23 -39.03 -5.63
C ILE E 540 -19.21 -38.79 -6.77
N ARG E 541 -19.80 -39.87 -7.27
CA ARG E 541 -20.82 -39.79 -8.31
C ARG E 541 -22.00 -38.96 -7.82
N ASP E 542 -22.47 -39.33 -6.62
CA ASP E 542 -23.54 -38.62 -5.94
C ASP E 542 -23.14 -37.19 -5.57
N GLY E 543 -22.00 -37.05 -4.91
CA GLY E 543 -21.52 -35.75 -4.48
C GLY E 543 -21.41 -34.78 -5.63
N ILE E 544 -20.73 -35.21 -6.69
CA ILE E 544 -20.51 -34.35 -7.83
C ILE E 544 -21.82 -34.09 -8.56
N GLU E 545 -22.71 -35.09 -8.60
CA GLU E 545 -24.05 -34.81 -9.10
C GLU E 545 -24.67 -33.63 -8.34
N ALA E 546 -24.68 -33.72 -7.02
CA ALA E 546 -25.24 -32.64 -6.20
C ALA E 546 -24.58 -31.29 -6.49
N LEU E 547 -23.24 -31.28 -6.50
CA LEU E 547 -22.50 -30.05 -6.72
C LEU E 547 -22.81 -29.46 -8.10
N TYR E 548 -22.91 -30.34 -9.10
CA TYR E 548 -23.29 -29.91 -10.44
C TYR E 548 -24.69 -29.31 -10.40
N ARG E 549 -25.60 -29.95 -9.66
CA ARG E 549 -26.95 -29.43 -9.51
C ARG E 549 -26.93 -28.03 -8.89
N ILE E 550 -26.07 -27.83 -7.89
CA ILE E 550 -25.91 -26.51 -7.30
C ILE E 550 -25.40 -25.50 -8.33
N ILE E 551 -24.41 -25.88 -9.12
CA ILE E 551 -23.93 -24.98 -10.17
C ILE E 551 -25.07 -24.64 -11.14
N GLU E 552 -25.85 -25.64 -11.55
CA GLU E 552 -26.99 -25.41 -12.44
C GLU E 552 -27.96 -24.38 -11.85
N ASN E 553 -28.24 -24.51 -10.56
CA ASN E 553 -29.08 -23.55 -9.83
C ASN E 553 -30.45 -23.35 -10.48
N ALA E 554 -31.13 -24.44 -10.77
CA ALA E 554 -32.47 -24.39 -11.35
C ALA E 554 -33.43 -23.59 -10.48
N GLY E 555 -34.09 -22.60 -11.07
CA GLY E 555 -35.07 -21.81 -10.35
C GLY E 555 -34.45 -20.93 -9.27
N ASN E 556 -33.14 -20.79 -9.31
CA ASN E 556 -32.39 -20.04 -8.32
C ASN E 556 -32.68 -20.50 -6.90
N ARG E 557 -32.98 -21.79 -6.75
CA ARG E 557 -33.39 -22.35 -5.47
C ARG E 557 -32.25 -22.53 -4.48
N CYS E 558 -31.01 -22.39 -4.96
CA CYS E 558 -29.83 -22.51 -4.11
C CYS E 558 -29.37 -21.18 -3.54
N ASP E 559 -30.04 -20.09 -3.91
CA ASP E 559 -29.59 -18.77 -3.48
C ASP E 559 -29.76 -18.59 -1.98
N GLY E 560 -28.65 -18.27 -1.31
CA GLY E 560 -28.64 -18.07 0.13
C GLY E 560 -28.72 -19.36 0.92
N GLU E 561 -28.66 -20.49 0.22
CA GLU E 561 -28.79 -21.81 0.82
C GLU E 561 -27.47 -22.40 1.34
N ILE E 562 -27.59 -23.18 2.42
CA ILE E 562 -26.51 -24.00 2.92
C ILE E 562 -26.91 -25.48 2.78
N ILE E 563 -26.13 -26.25 2.02
CA ILE E 563 -26.53 -27.61 1.65
C ILE E 563 -25.53 -28.69 2.06
N ASN E 564 -25.92 -29.56 2.99
CA ASN E 564 -25.14 -30.76 3.24
C ASN E 564 -25.17 -31.65 2.01
N ILE E 565 -24.01 -32.17 1.62
CA ILE E 565 -23.97 -33.23 0.61
C ILE E 565 -23.30 -34.44 1.22
N GLY E 566 -24.09 -35.47 1.48
CA GLY E 566 -23.60 -36.67 2.12
C GLY E 566 -24.63 -37.76 1.99
N ASN E 567 -24.26 -38.99 2.29
CA ASN E 567 -25.20 -40.11 2.25
C ASN E 567 -25.41 -40.66 3.66
N PRO E 568 -26.56 -40.37 4.27
CA PRO E 568 -26.80 -40.85 5.64
C PRO E 568 -27.05 -42.35 5.74
N GLU E 569 -27.41 -43.01 4.64
CA GLU E 569 -27.66 -44.44 4.68
C GLU E 569 -26.34 -45.18 4.74
N ASN E 570 -25.27 -44.49 4.34
CA ASN E 570 -23.93 -45.03 4.43
C ASN E 570 -23.38 -44.55 5.75
N GLU E 571 -23.30 -45.43 6.74
CA GLU E 571 -22.81 -45.03 8.05
C GLU E 571 -21.92 -46.12 8.60
N ALA E 572 -20.73 -45.75 9.02
CA ALA E 572 -19.82 -46.74 9.55
C ALA E 572 -18.81 -46.16 10.53
N SER E 573 -18.44 -46.98 11.50
CA SER E 573 -17.35 -46.65 12.39
C SER E 573 -16.07 -46.85 11.59
N ILE E 574 -14.97 -46.26 12.04
CA ILE E 574 -13.70 -46.41 11.34
C ILE E 574 -13.31 -47.90 11.31
N GLU E 575 -13.65 -48.62 12.38
CA GLU E 575 -13.39 -50.05 12.47
C GLU E 575 -14.10 -50.81 11.36
N GLU E 576 -15.40 -50.56 11.24
CA GLU E 576 -16.22 -51.20 10.21
C GLU E 576 -15.68 -50.89 8.82
N LEU E 577 -15.30 -49.63 8.62
CA LEU E 577 -14.69 -49.21 7.37
C LEU E 577 -13.42 -50.00 7.07
N GLY E 578 -12.56 -50.11 8.08
CA GLY E 578 -11.37 -50.93 7.99
C GLY E 578 -11.71 -52.33 7.54
N GLU E 579 -12.66 -52.97 8.23
CA GLU E 579 -13.05 -54.32 7.87
C GLU E 579 -13.61 -54.44 6.44
N MET E 580 -14.47 -53.51 6.04
CA MET E 580 -15.03 -53.56 4.68
C MET E 580 -13.93 -53.44 3.63
N LEU E 581 -13.08 -52.43 3.79
CA LEU E 581 -11.97 -52.21 2.87
C LEU E 581 -11.04 -53.40 2.85
N LEU E 582 -10.76 -53.97 4.02
CA LEU E 582 -9.93 -55.15 4.12
C LEU E 582 -10.57 -56.31 3.35
N ALA E 583 -11.86 -56.50 3.53
CA ALA E 583 -12.59 -57.55 2.83
C ALA E 583 -12.48 -57.38 1.31
N SER E 584 -12.75 -56.18 0.81
CA SER E 584 -12.59 -55.90 -0.61
C SER E 584 -11.14 -56.12 -1.05
N PHE E 585 -10.21 -55.75 -0.17
CA PHE E 585 -8.79 -55.87 -0.45
C PHE E 585 -8.35 -57.31 -0.63
N GLU E 586 -8.69 -58.16 0.33
CA GLU E 586 -8.25 -59.56 0.31
C GLU E 586 -8.70 -60.31 -0.94
N LYS E 587 -9.89 -59.99 -1.45
CA LYS E 587 -10.42 -60.70 -2.61
C LYS E 587 -10.07 -60.05 -3.95
N HIS E 588 -9.26 -58.99 -3.92
CA HIS E 588 -8.96 -58.23 -5.13
C HIS E 588 -7.86 -58.92 -5.95
N PRO E 589 -7.96 -58.86 -7.30
CA PRO E 589 -6.99 -59.55 -8.16
C PRO E 589 -5.53 -59.10 -8.00
N LEU E 590 -5.33 -57.86 -7.59
CA LEU E 590 -4.00 -57.28 -7.48
C LEU E 590 -3.42 -57.41 -6.08
N ARG E 591 -4.16 -58.06 -5.19
CA ARG E 591 -3.77 -58.21 -3.79
C ARG E 591 -2.35 -58.72 -3.59
N HIS E 592 -1.96 -59.72 -4.38
CA HIS E 592 -0.71 -60.42 -4.17
C HIS E 592 0.51 -59.52 -4.41
N HIS E 593 0.28 -58.37 -5.01
CA HIS E 593 1.37 -57.43 -5.27
C HIS E 593 1.70 -56.60 -4.03
N PHE E 594 0.89 -56.73 -2.99
CA PHE E 594 1.01 -55.90 -1.79
C PHE E 594 1.29 -56.74 -0.55
N PRO E 595 1.85 -56.12 0.50
CA PRO E 595 2.29 -56.84 1.71
C PRO E 595 1.13 -57.46 2.50
N PRO E 596 1.44 -58.35 3.45
CA PRO E 596 0.41 -58.90 4.35
C PRO E 596 -0.22 -57.81 5.22
N PHE E 597 -1.46 -58.01 5.63
CA PHE E 597 -2.15 -57.03 6.45
C PHE E 597 -1.52 -56.97 7.84
N ALA E 598 -1.11 -55.77 8.24
CA ALA E 598 -0.39 -55.59 9.49
C ALA E 598 -1.33 -55.68 10.68
N GLY E 599 -2.63 -55.61 10.42
CA GLY E 599 -3.62 -55.74 11.47
C GLY E 599 -4.14 -54.38 11.87
N PHE E 600 -5.22 -54.39 12.65
CA PHE E 600 -5.77 -53.18 13.23
C PHE E 600 -5.08 -52.86 14.56
N ARG E 601 -4.76 -51.59 14.77
CA ARG E 601 -4.11 -51.16 16.00
C ARG E 601 -4.82 -50.01 16.66
N VAL E 602 -5.35 -50.27 17.85
CA VAL E 602 -6.04 -49.26 18.61
C VAL E 602 -5.03 -48.28 19.21
N VAL E 603 -5.27 -46.98 19.02
CA VAL E 603 -4.38 -45.94 19.51
C VAL E 603 -5.21 -44.85 20.17
N GLU E 604 -4.67 -44.21 21.21
CA GLU E 604 -5.38 -43.11 21.86
C GLU E 604 -5.24 -41.82 21.05
N SER E 605 -6.26 -40.96 21.18
CA SER E 605 -6.30 -39.67 20.50
C SER E 605 -5.12 -38.75 20.82
N SER E 606 -4.67 -38.77 22.07
CA SER E 606 -3.64 -37.85 22.54
C SER E 606 -2.24 -38.13 21.96
N SER E 607 -2.13 -39.13 21.08
CA SER E 607 -0.88 -39.45 20.40
C SER E 607 -0.87 -38.98 18.95
N TYR E 608 -1.81 -39.49 18.16
CA TYR E 608 -1.85 -39.28 16.72
C TYR E 608 -2.13 -37.82 16.31
N TYR E 609 -3.10 -37.19 16.95
CA TYR E 609 -3.52 -35.85 16.57
C TYR E 609 -2.80 -34.75 17.35
N GLY E 610 -1.85 -35.13 18.19
CA GLY E 610 -1.21 -34.18 19.07
C GLY E 610 -2.10 -33.93 20.26
N LYS E 611 -1.88 -32.84 20.98
CA LYS E 611 -2.67 -32.55 22.18
C LYS E 611 -3.90 -31.69 21.86
N GLY E 612 -4.71 -31.45 22.89
CA GLY E 612 -5.93 -30.68 22.75
C GLY E 612 -6.92 -31.21 21.73
N TYR E 613 -6.96 -32.53 21.54
CA TYR E 613 -7.87 -33.13 20.58
C TYR E 613 -9.19 -33.61 21.22
N GLN E 614 -10.29 -33.34 20.53
CA GLN E 614 -11.63 -33.78 20.90
C GLN E 614 -12.36 -34.32 19.68
N ASP E 615 -12.77 -35.58 19.69
CA ASP E 615 -13.36 -36.18 18.50
C ASP E 615 -14.88 -36.25 18.64
N VAL E 616 -15.55 -36.23 17.49
CA VAL E 616 -17.01 -36.29 17.42
C VAL E 616 -17.43 -37.74 17.25
N GLU E 617 -18.40 -38.17 18.06
CA GLU E 617 -18.81 -39.56 18.10
C GLU E 617 -19.67 -39.95 16.90
N HIS E 618 -20.39 -38.99 16.32
CA HIS E 618 -21.21 -39.26 15.15
C HIS E 618 -21.29 -38.05 14.22
N ARG E 619 -21.27 -38.29 12.91
CA ARG E 619 -21.62 -37.25 11.96
C ARG E 619 -22.58 -37.81 10.93
N LYS E 620 -23.84 -37.41 11.04
CA LYS E 620 -24.89 -37.82 10.11
C LYS E 620 -25.56 -36.59 9.49
N PRO E 621 -25.41 -36.37 8.18
CA PRO E 621 -25.99 -35.16 7.61
C PRO E 621 -27.51 -35.20 7.43
N SER E 622 -28.17 -34.08 7.62
CA SER E 622 -29.51 -33.89 7.11
C SER E 622 -29.40 -33.49 5.65
N ILE E 623 -29.96 -34.30 4.76
CA ILE E 623 -29.98 -34.01 3.34
C ILE E 623 -31.33 -33.43 2.87
N ARG E 624 -32.18 -33.05 3.81
CA ARG E 624 -33.45 -32.38 3.48
C ARG E 624 -33.28 -31.23 2.49
N ASN E 625 -32.35 -30.32 2.80
CA ASN E 625 -32.09 -29.17 1.92
C ASN E 625 -31.64 -29.59 0.53
N ALA E 626 -30.80 -30.61 0.45
CA ALA E 626 -30.34 -31.11 -0.85
C ALA E 626 -31.53 -31.61 -1.66
N HIS E 627 -32.44 -32.33 -1.00
CA HIS E 627 -33.66 -32.80 -1.67
C HIS E 627 -34.50 -31.62 -2.13
N ARG E 628 -34.73 -30.66 -1.24
CA ARG E 628 -35.57 -29.52 -1.56
C ARG E 628 -35.01 -28.69 -2.73
N CYS E 629 -33.74 -28.33 -2.62
CA CYS E 629 -33.10 -27.44 -3.59
C CYS E 629 -32.65 -28.15 -4.85
N LEU E 630 -32.05 -29.32 -4.71
CA LEU E 630 -31.48 -30.04 -5.85
C LEU E 630 -32.33 -31.19 -6.42
N ASP E 631 -33.46 -31.50 -5.78
CA ASP E 631 -34.22 -32.71 -6.11
C ASP E 631 -33.29 -33.92 -6.12
N TRP E 632 -32.42 -33.99 -5.12
CA TRP E 632 -31.28 -34.91 -5.11
C TRP E 632 -31.33 -35.95 -3.99
N GLU E 633 -30.99 -37.19 -4.33
CA GLU E 633 -30.82 -38.25 -3.34
C GLU E 633 -29.60 -39.09 -3.71
N PRO E 634 -28.82 -39.52 -2.70
CA PRO E 634 -27.70 -40.38 -3.09
C PRO E 634 -28.18 -41.75 -3.58
N LYS E 635 -27.72 -42.15 -4.77
CA LYS E 635 -28.16 -43.39 -5.40
C LYS E 635 -27.24 -44.60 -5.23
N ILE E 636 -26.03 -44.40 -4.71
CA ILE E 636 -24.99 -45.44 -4.77
C ILE E 636 -24.81 -46.12 -3.41
N ASP E 637 -24.94 -47.44 -3.41
CA ASP E 637 -24.75 -48.23 -2.20
C ASP E 637 -23.29 -48.23 -1.75
N MET E 638 -23.09 -48.35 -0.44
CA MET E 638 -21.77 -48.31 0.20
C MET E 638 -20.73 -49.25 -0.46
N GLN E 639 -21.15 -50.48 -0.69
CA GLN E 639 -20.24 -51.54 -1.13
C GLN E 639 -19.59 -51.20 -2.46
N GLU E 640 -20.40 -50.69 -3.38
CA GLU E 640 -19.93 -50.30 -4.70
C GLU E 640 -18.91 -49.17 -4.62
N THR E 641 -19.18 -48.24 -3.71
CA THR E 641 -18.29 -47.10 -3.46
C THR E 641 -16.94 -47.59 -2.96
N ILE E 642 -16.98 -48.42 -1.91
CA ILE E 642 -15.78 -49.05 -1.38
C ILE E 642 -14.98 -49.75 -2.47
N ASP E 643 -15.67 -50.64 -3.20
CA ASP E 643 -15.01 -51.44 -4.24
C ASP E 643 -14.39 -50.58 -5.34
N GLU E 644 -15.15 -49.61 -5.84
CA GLU E 644 -14.65 -48.76 -6.92
C GLU E 644 -13.45 -47.95 -6.46
N THR E 645 -13.57 -47.37 -5.27
CA THR E 645 -12.49 -46.57 -4.72
C THR E 645 -11.22 -47.42 -4.57
N LEU E 646 -11.35 -48.53 -3.87
CA LEU E 646 -10.19 -49.40 -3.63
C LEU E 646 -9.58 -49.88 -4.95
N ASP E 647 -10.44 -50.37 -5.85
CA ASP E 647 -9.97 -50.88 -7.14
C ASP E 647 -9.17 -49.82 -7.87
N PHE E 648 -9.78 -48.66 -8.06
CA PHE E 648 -9.11 -47.60 -8.78
C PHE E 648 -7.77 -47.30 -8.12
N PHE E 649 -7.76 -47.13 -6.80
CA PHE E 649 -6.51 -46.83 -6.11
C PHE E 649 -5.44 -47.90 -6.33
N LEU E 650 -5.79 -49.17 -6.09
CA LEU E 650 -4.81 -50.25 -6.22
C LEU E 650 -4.24 -50.31 -7.63
N ARG E 651 -5.10 -50.10 -8.62
CA ARG E 651 -4.65 -50.12 -10.01
C ARG E 651 -3.73 -48.96 -10.41
N THR E 652 -3.77 -47.83 -9.70
CA THR E 652 -2.84 -46.73 -10.01
C THR E 652 -1.43 -46.98 -9.47
N VAL E 653 -1.33 -47.75 -8.40
CA VAL E 653 -0.03 -48.02 -7.76
C VAL E 653 0.99 -48.58 -8.75
N ASP E 654 2.20 -48.03 -8.70
CA ASP E 654 3.29 -48.55 -9.51
C ASP E 654 3.81 -49.83 -8.87
N LEU E 655 3.93 -50.87 -9.68
CA LEU E 655 4.42 -52.16 -9.21
C LEU E 655 5.72 -52.49 -9.93
N THR E 656 6.65 -53.12 -9.23
CA THR E 656 7.95 -53.48 -9.80
C THR E 656 8.73 -54.35 -8.84
N MET F 1 57.94 -35.67 39.79
CA MET F 1 58.00 -34.88 38.53
C MET F 1 56.94 -33.79 38.48
N LYS F 2 57.12 -32.86 37.54
CA LYS F 2 56.17 -31.79 37.27
C LYS F 2 55.46 -32.03 35.94
N THR F 3 54.15 -31.85 35.89
CA THR F 3 53.35 -32.09 34.69
C THR F 3 52.29 -31.05 34.37
N VAL F 4 52.01 -30.90 33.07
CA VAL F 4 50.79 -30.25 32.60
C VAL F 4 49.97 -31.34 31.91
N VAL F 5 48.74 -31.54 32.36
CA VAL F 5 47.92 -32.67 31.90
C VAL F 5 46.79 -32.23 31.00
N PHE F 6 46.55 -33.01 29.94
CA PHE F 6 45.39 -32.83 29.08
C PHE F 6 44.47 -34.02 29.27
N ALA F 7 43.28 -33.80 29.84
CA ALA F 7 42.44 -34.90 30.27
C ALA F 7 40.95 -34.66 30.03
N TYR F 8 40.23 -35.74 29.77
CA TYR F 8 38.77 -35.72 29.64
C TYR F 8 38.19 -37.10 30.00
N HIS F 9 36.94 -37.10 30.44
CA HIS F 9 36.19 -38.33 30.74
C HIS F 9 36.80 -39.23 31.84
N ASP F 10 36.56 -40.53 31.73
CA ASP F 10 36.97 -41.48 32.76
C ASP F 10 38.47 -41.71 32.73
N MET F 11 38.99 -41.91 31.54
CA MET F 11 40.42 -42.11 31.34
C MET F 11 41.17 -40.91 31.89
N GLY F 12 40.62 -39.73 31.67
CA GLY F 12 41.15 -38.51 32.24
C GLY F 12 41.18 -38.58 33.75
N CYS F 13 40.04 -38.92 34.35
CA CYS F 13 40.00 -39.07 35.81
C CYS F 13 41.00 -40.08 36.38
N LEU F 14 40.94 -41.32 35.91
CA LEU F 14 41.81 -42.38 36.40
C LEU F 14 43.27 -42.03 36.09
N GLY F 15 43.49 -41.38 34.95
CA GLY F 15 44.81 -40.90 34.60
C GLY F 15 45.33 -39.94 35.65
N ILE F 16 44.56 -38.89 35.95
CA ILE F 16 44.95 -37.91 36.95
C ILE F 16 45.18 -38.57 38.32
N GLU F 17 44.25 -39.43 38.73
CA GLU F 17 44.42 -40.14 39.99
C GLU F 17 45.70 -40.96 40.06
N ALA F 18 45.94 -41.74 39.01
CA ALA F 18 47.15 -42.53 38.92
C ALA F 18 48.38 -41.63 38.92
N LEU F 19 48.26 -40.48 38.26
CA LEU F 19 49.33 -39.50 38.18
C LEU F 19 49.68 -38.95 39.58
N LEU F 20 48.67 -38.56 40.34
CA LEU F 20 48.89 -38.05 41.69
C LEU F 20 49.42 -39.15 42.63
N ALA F 21 48.86 -40.35 42.51
CA ALA F 21 49.29 -41.49 43.33
C ALA F 21 50.75 -41.85 43.10
N ALA F 22 51.28 -41.47 41.95
CA ALA F 22 52.66 -41.75 41.59
C ALA F 22 53.61 -40.64 42.05
N GLY F 23 53.06 -39.61 42.70
CA GLY F 23 53.88 -38.55 43.25
C GLY F 23 54.23 -37.48 42.23
N TYR F 24 53.51 -37.45 41.11
CA TYR F 24 53.67 -36.38 40.14
C TYR F 24 53.07 -35.09 40.68
N GLU F 25 53.61 -33.96 40.23
CA GLU F 25 53.07 -32.66 40.56
C GLU F 25 52.32 -32.12 39.35
N ILE F 26 51.00 -32.03 39.46
CA ILE F 26 50.19 -31.55 38.36
C ILE F 26 50.02 -30.04 38.50
N SER F 27 50.66 -29.30 37.60
CA SER F 27 50.68 -27.85 37.67
C SER F 27 49.39 -27.28 37.13
N ALA F 28 48.87 -27.89 36.07
CA ALA F 28 47.58 -27.50 35.51
C ALA F 28 46.96 -28.63 34.70
N ILE F 29 45.65 -28.55 34.51
CA ILE F 29 44.90 -29.51 33.69
C ILE F 29 44.12 -28.76 32.63
N PHE F 30 44.19 -29.26 31.39
CA PHE F 30 43.39 -28.71 30.31
C PHE F 30 42.35 -29.73 29.88
N THR F 31 41.11 -29.29 29.73
CA THR F 31 39.99 -30.20 29.50
C THR F 31 38.93 -29.55 28.61
N HIS F 32 37.76 -30.16 28.53
CA HIS F 32 36.66 -29.65 27.72
C HIS F 32 35.38 -29.39 28.51
N THR F 33 34.52 -28.50 27.98
CA THR F 33 33.14 -28.38 28.44
C THR F 33 32.27 -29.49 27.84
N ASP F 34 31.14 -29.77 28.48
CA ASP F 34 30.24 -30.83 28.06
C ASP F 34 29.01 -30.37 27.24
N ASN F 35 28.72 -31.04 26.12
CA ASN F 35 27.45 -30.83 25.42
C ASN F 35 26.37 -31.57 26.20
N PRO F 36 25.12 -31.07 26.17
CA PRO F 36 24.08 -31.67 27.03
C PRO F 36 23.90 -33.19 26.82
N PHE F 41 27.12 -40.60 32.51
CA PHE F 41 27.92 -41.81 32.74
C PHE F 41 29.37 -41.47 33.01
N TYR F 42 29.89 -40.50 32.26
CA TYR F 42 31.30 -40.12 32.37
C TYR F 42 31.60 -39.30 33.62
N GLY F 43 32.74 -39.58 34.24
CA GLY F 43 33.24 -38.78 35.33
C GLY F 43 33.77 -37.46 34.82
N SER F 44 33.70 -36.42 35.66
CA SER F 44 34.19 -35.10 35.27
C SER F 44 35.64 -34.89 35.70
N VAL F 45 36.48 -34.50 34.76
CA VAL F 45 37.86 -34.15 35.04
C VAL F 45 37.88 -32.81 35.77
N ALA F 46 36.95 -31.94 35.40
CA ALA F 46 36.89 -30.61 35.98
C ALA F 46 36.58 -30.67 37.48
N ARG F 47 35.53 -31.43 37.85
CA ARG F 47 35.15 -31.58 39.25
C ARG F 47 36.29 -32.19 40.06
N LEU F 48 36.97 -33.17 39.48
CA LEU F 48 38.09 -33.82 40.13
C LEU F 48 39.22 -32.83 40.35
N ALA F 49 39.57 -32.09 39.30
CA ALA F 49 40.60 -31.06 39.40
C ALA F 49 40.22 -30.07 40.49
N ALA F 50 38.95 -29.68 40.51
CA ALA F 50 38.46 -28.73 41.48
C ALA F 50 38.60 -29.25 42.91
N GLU F 51 38.22 -30.49 43.12
CA GLU F 51 38.36 -31.12 44.43
C GLU F 51 39.79 -31.24 44.94
N ARG F 52 40.74 -31.46 44.03
CA ARG F 52 42.13 -31.66 44.42
C ARG F 52 42.92 -30.35 44.45
N GLY F 53 42.23 -29.24 44.21
CA GLY F 53 42.86 -27.93 44.26
C GLY F 53 43.85 -27.67 43.13
N ILE F 54 43.58 -28.25 41.97
CA ILE F 54 44.43 -28.10 40.79
C ILE F 54 43.81 -27.12 39.78
N PRO F 55 44.57 -26.10 39.36
CA PRO F 55 43.99 -25.19 38.35
C PRO F 55 43.63 -25.92 37.06
N VAL F 56 42.42 -25.68 36.57
CA VAL F 56 41.90 -26.37 35.40
C VAL F 56 41.32 -25.40 34.37
N TYR F 57 41.64 -25.62 33.09
CA TYR F 57 41.19 -24.74 32.02
C TYR F 57 40.53 -25.52 30.89
N ALA F 58 39.62 -24.86 30.17
CA ALA F 58 38.96 -25.46 29.02
C ALA F 58 38.79 -24.50 27.85
N PRO F 59 39.90 -23.99 27.30
CA PRO F 59 39.83 -23.19 26.08
C PRO F 59 39.42 -24.04 24.88
N ASP F 60 38.85 -23.41 23.85
CA ASP F 60 38.40 -24.13 22.66
C ASP F 60 39.58 -24.60 21.82
N ASN F 61 40.59 -23.73 21.72
CA ASN F 61 41.84 -24.05 21.05
C ASN F 61 43.00 -23.71 21.98
N VAL F 62 43.68 -24.73 22.47
CA VAL F 62 44.78 -24.54 23.42
C VAL F 62 46.02 -24.04 22.73
N ASN F 63 46.02 -24.16 21.41
CA ASN F 63 47.22 -23.82 20.64
C ASN F 63 47.34 -22.32 20.41
N HIS F 64 46.38 -21.54 20.87
CA HIS F 64 46.51 -20.08 20.88
C HIS F 64 47.79 -19.70 21.62
N PRO F 65 48.59 -18.79 21.03
CA PRO F 65 49.85 -18.37 21.68
C PRO F 65 49.79 -18.03 23.17
N LEU F 66 48.72 -17.40 23.65
CA LEU F 66 48.58 -17.10 25.07
C LEU F 66 48.73 -18.37 25.93
N TRP F 67 47.94 -19.39 25.59
CA TRP F 67 47.96 -20.66 26.31
C TRP F 67 49.29 -21.39 26.18
N VAL F 68 49.89 -21.32 25.00
CA VAL F 68 51.23 -21.88 24.79
C VAL F 68 52.19 -21.20 25.77
N GLU F 69 52.09 -19.87 25.82
CA GLU F 69 52.92 -19.09 26.72
C GLU F 69 52.70 -19.51 28.16
N ARG F 70 51.45 -19.63 28.59
CA ARG F 70 51.16 -20.00 29.97
C ARG F 70 51.67 -21.41 30.33
N ILE F 71 51.42 -22.38 29.46
CA ILE F 71 51.92 -23.74 29.67
C ILE F 71 53.45 -23.69 29.72
N ALA F 72 54.04 -22.87 28.87
CA ALA F 72 55.48 -22.67 28.92
C ALA F 72 55.90 -22.12 30.28
N GLN F 73 55.17 -21.12 30.77
CA GLN F 73 55.46 -20.52 32.07
C GLN F 73 55.42 -21.56 33.18
N LEU F 74 54.41 -22.42 33.18
CA LEU F 74 54.33 -23.49 34.16
C LEU F 74 55.55 -24.41 34.13
N SER F 75 56.20 -24.52 32.97
CA SER F 75 57.46 -25.27 32.86
C SER F 75 57.35 -26.72 33.32
N PRO F 76 56.57 -27.54 32.59
CA PRO F 76 56.41 -28.95 32.95
C PRO F 76 57.62 -29.79 32.56
N ASP F 77 57.88 -30.87 33.30
CA ASP F 77 58.93 -31.82 32.95
C ASP F 77 58.44 -32.80 31.87
N VAL F 78 57.20 -33.27 32.05
CA VAL F 78 56.58 -34.19 31.11
C VAL F 78 55.10 -33.85 30.94
N ILE F 79 54.55 -34.16 29.76
CA ILE F 79 53.15 -33.90 29.48
C ILE F 79 52.41 -35.22 29.30
N PHE F 80 51.16 -35.25 29.77
CA PHE F 80 50.32 -36.43 29.63
C PHE F 80 48.99 -36.05 29.00
N SER F 81 48.56 -36.88 28.06
CA SER F 81 47.25 -36.75 27.44
C SER F 81 46.40 -37.99 27.68
N PHE F 82 45.33 -37.80 28.46
CA PHE F 82 44.36 -38.85 28.69
C PHE F 82 43.01 -38.45 28.07
N TYR F 83 42.70 -39.04 26.93
CA TYR F 83 41.45 -38.84 26.23
C TYR F 83 41.10 -37.37 26.02
N TYR F 84 42.11 -36.55 25.83
CA TYR F 84 41.90 -35.18 25.38
C TYR F 84 41.45 -35.20 23.92
N ARG F 85 40.27 -34.65 23.65
CA ARG F 85 39.65 -34.77 22.32
C ARG F 85 40.20 -33.81 21.26
N HIS F 86 40.49 -32.57 21.63
CA HIS F 86 41.07 -31.60 20.71
C HIS F 86 42.52 -31.97 20.45
N LEU F 87 43.08 -31.48 19.35
CA LEU F 87 44.41 -31.92 18.94
C LEU F 87 45.47 -30.95 19.42
N ILE F 88 46.48 -31.50 20.10
CA ILE F 88 47.59 -30.72 20.63
C ILE F 88 48.75 -30.87 19.66
N TYR F 89 49.27 -29.77 19.13
CA TYR F 89 50.37 -29.86 18.17
C TYR F 89 51.69 -29.31 18.72
N ASP F 90 52.76 -29.71 18.04
CA ASP F 90 54.14 -29.77 18.56
C ASP F 90 54.62 -28.59 19.41
N GLU F 91 54.22 -27.38 19.04
CA GLU F 91 54.62 -26.18 19.76
C GLU F 91 54.49 -26.38 21.27
N ILE F 92 53.34 -26.92 21.70
CA ILE F 92 53.11 -27.20 23.10
C ILE F 92 53.80 -28.49 23.55
N LEU F 93 53.88 -29.47 22.65
CA LEU F 93 54.43 -30.77 23.01
C LEU F 93 55.91 -30.72 23.38
N GLN F 94 56.71 -29.96 22.64
CA GLN F 94 58.16 -29.99 22.89
C GLN F 94 58.60 -29.08 24.03
N LEU F 95 57.67 -28.43 24.72
CA LEU F 95 58.01 -27.62 25.88
C LEU F 95 58.48 -28.50 27.04
N ALA F 96 58.00 -29.75 27.06
CA ALA F 96 58.36 -30.68 28.12
C ALA F 96 59.57 -31.53 27.71
N PRO F 97 60.69 -31.44 28.46
CA PRO F 97 61.90 -32.16 28.09
C PRO F 97 61.78 -33.68 28.12
N ALA F 98 61.11 -34.21 29.13
CA ALA F 98 60.95 -35.66 29.27
C ALA F 98 59.98 -36.22 28.23
N GLY F 99 59.34 -35.34 27.47
CA GLY F 99 58.48 -35.74 26.38
C GLY F 99 57.00 -35.66 26.74
N ALA F 100 56.17 -36.20 25.86
CA ALA F 100 54.72 -36.20 26.05
C ALA F 100 54.15 -37.57 25.74
N PHE F 101 53.29 -38.05 26.64
CA PHE F 101 52.73 -39.37 26.48
C PHE F 101 51.21 -39.30 26.30
N ASN F 102 50.68 -40.25 25.53
CA ASN F 102 49.25 -40.33 25.27
C ASN F 102 48.71 -41.69 25.65
N LEU F 103 47.54 -41.68 26.29
CA LEU F 103 46.81 -42.90 26.65
C LEU F 103 45.72 -43.17 25.63
N HIS F 104 45.83 -44.29 24.92
CA HIS F 104 44.92 -44.65 23.84
C HIS F 104 44.22 -45.99 24.05
N GLY F 105 42.99 -46.09 23.57
CA GLY F 105 42.09 -47.18 23.90
C GLY F 105 42.10 -48.42 23.00
N SER F 106 43.21 -48.70 22.34
CA SER F 106 43.32 -49.88 21.50
C SER F 106 44.67 -50.55 21.60
N LEU F 107 44.86 -51.61 20.80
CA LEU F 107 46.17 -52.21 20.64
C LEU F 107 46.79 -51.50 19.46
N LEU F 108 47.75 -50.62 19.71
CA LEU F 108 48.36 -49.87 18.62
C LEU F 108 49.46 -50.72 18.02
N PRO F 109 49.78 -50.52 16.74
CA PRO F 109 49.31 -49.55 15.74
C PRO F 109 47.86 -49.74 15.26
N LYS F 110 47.23 -50.86 15.57
CA LYS F 110 45.84 -51.06 15.14
C LYS F 110 44.88 -50.06 15.80
N TYR F 111 43.86 -49.67 15.05
CA TYR F 111 42.80 -48.77 15.52
C TYR F 111 43.29 -47.43 16.04
N ARG F 112 44.36 -46.88 15.45
CA ARG F 112 44.81 -45.57 15.92
C ARG F 112 43.79 -44.59 15.35
N GLY F 113 43.19 -43.78 16.21
CA GLY F 113 42.18 -42.85 15.76
C GLY F 113 41.21 -42.59 16.89
N ARG F 114 39.98 -42.26 16.56
CA ARG F 114 39.00 -41.99 17.59
C ARG F 114 37.87 -43.03 17.59
N ALA F 115 37.22 -43.12 18.75
CA ALA F 115 36.23 -44.16 19.03
C ALA F 115 36.74 -45.59 18.85
N PRO F 116 37.92 -45.90 19.41
CA PRO F 116 38.40 -47.29 19.28
C PRO F 116 37.48 -48.27 19.98
N LEU F 117 36.90 -47.85 21.10
CA LEU F 117 35.95 -48.67 21.85
C LEU F 117 34.86 -49.21 20.95
N ASN F 118 34.24 -48.31 20.20
CA ASN F 118 33.13 -48.68 19.34
C ASN F 118 33.61 -49.45 18.10
N TRP F 119 34.69 -48.98 17.50
CA TRP F 119 35.21 -49.58 16.28
C TRP F 119 35.66 -51.03 16.45
N VAL F 120 36.34 -51.36 17.54
CA VAL F 120 36.74 -52.77 17.74
C VAL F 120 35.50 -53.65 17.92
N LEU F 121 34.42 -53.09 18.42
CA LEU F 121 33.17 -53.85 18.54
C LEU F 121 32.46 -54.00 17.19
N VAL F 122 32.36 -52.91 16.41
CA VAL F 122 31.76 -52.99 15.09
C VAL F 122 32.41 -54.08 14.24
N ASN F 123 33.74 -54.14 14.25
CA ASN F 123 34.48 -55.10 13.42
C ASN F 123 34.52 -56.51 14.01
N GLY F 124 34.03 -56.68 15.24
CA GLY F 124 33.93 -58.00 15.83
C GLY F 124 35.25 -58.59 16.28
N GLU F 125 36.11 -57.73 16.83
CA GLU F 125 37.43 -58.14 17.30
C GLU F 125 37.33 -58.96 18.59
N THR F 126 38.22 -59.93 18.77
CA THR F 126 38.19 -60.78 19.98
C THR F 126 38.99 -60.21 21.14
N GLU F 127 39.81 -59.21 20.88
CA GLU F 127 40.54 -58.55 21.95
C GLU F 127 40.96 -57.14 21.56
N THR F 128 41.31 -56.38 22.58
CA THR F 128 41.73 -55.00 22.45
C THR F 128 42.62 -54.69 23.65
N GLY F 129 42.91 -53.42 23.88
CA GLY F 129 43.65 -53.03 25.07
C GLY F 129 43.89 -51.54 25.16
N VAL F 130 44.81 -51.15 26.05
CA VAL F 130 45.16 -49.75 26.24
C VAL F 130 46.65 -49.57 26.02
N THR F 131 47.02 -48.45 25.39
CA THR F 131 48.40 -48.19 25.03
C THR F 131 48.85 -46.82 25.49
N LEU F 132 49.97 -46.77 26.20
CA LEU F 132 50.62 -45.52 26.54
C LEU F 132 51.81 -45.32 25.60
N HIS F 133 51.73 -44.28 24.77
CA HIS F 133 52.77 -44.06 23.76
C HIS F 133 53.25 -42.62 23.75
N ARG F 134 54.37 -42.38 23.07
CA ARG F 134 54.95 -41.06 22.99
C ARG F 134 54.23 -40.30 21.88
N MET F 135 54.11 -38.98 22.02
CA MET F 135 53.38 -38.20 21.02
C MET F 135 54.33 -37.58 20.02
N VAL F 136 53.86 -37.47 18.78
CA VAL F 136 54.64 -36.93 17.67
C VAL F 136 53.69 -36.24 16.70
N LYS F 137 54.23 -35.70 15.60
CA LYS F 137 53.45 -34.92 14.66
C LYS F 137 52.25 -35.71 14.14
N ARG F 138 52.46 -36.99 13.88
CA ARG F 138 51.40 -37.87 13.40
C ARG F 138 50.58 -38.39 14.58
N ALA F 139 49.26 -38.34 14.43
CA ALA F 139 48.36 -38.72 15.53
C ALA F 139 48.45 -40.20 15.89
N ASP F 140 48.73 -40.46 17.16
CA ASP F 140 48.77 -41.82 17.71
C ASP F 140 49.78 -42.74 17.04
N ALA F 141 50.78 -42.17 16.35
CA ALA F 141 51.77 -42.96 15.61
C ALA F 141 53.06 -43.19 16.39
N GLY F 142 53.21 -42.52 17.52
CA GLY F 142 54.48 -42.47 18.22
C GLY F 142 54.86 -43.77 18.92
N ALA F 143 56.06 -43.78 19.48
CA ALA F 143 56.61 -45.00 20.08
C ALA F 143 55.80 -45.49 21.28
N ILE F 144 55.52 -46.80 21.29
CA ILE F 144 54.74 -47.42 22.36
C ILE F 144 55.61 -47.70 23.59
N VAL F 145 55.27 -47.06 24.70
CA VAL F 145 55.97 -47.27 25.96
C VAL F 145 55.40 -48.45 26.77
N ALA F 146 54.09 -48.63 26.70
CA ALA F 146 53.40 -49.68 27.45
C ALA F 146 52.13 -50.13 26.75
N GLN F 147 51.76 -51.38 26.94
CA GLN F 147 50.52 -51.91 26.36
C GLN F 147 50.00 -53.05 27.23
N LEU F 148 48.68 -53.19 27.30
CA LEU F 148 48.05 -54.24 28.09
C LEU F 148 46.85 -54.83 27.35
N ARG F 149 46.85 -56.14 27.12
CA ARG F 149 45.79 -56.81 26.39
C ARG F 149 44.57 -57.14 27.27
N ILE F 150 43.38 -57.09 26.66
CA ILE F 150 42.14 -57.51 27.32
C ILE F 150 41.25 -58.30 26.35
N ALA F 151 40.64 -59.37 26.86
CA ALA F 151 39.73 -60.17 26.07
C ALA F 151 38.38 -59.49 25.95
N ILE F 152 37.80 -59.55 24.75
CA ILE F 152 36.44 -59.09 24.52
C ILE F 152 35.50 -60.30 24.56
N ALA F 153 34.60 -60.31 25.53
CA ALA F 153 33.65 -61.41 25.64
C ALA F 153 32.61 -61.28 24.54
N PRO F 154 32.04 -62.41 24.09
CA PRO F 154 31.01 -62.34 23.04
C PRO F 154 29.82 -61.48 23.46
N ASP F 155 29.53 -61.43 24.77
CA ASP F 155 28.38 -60.69 25.27
C ASP F 155 28.74 -59.27 25.73
N ASP F 156 29.99 -58.88 25.55
CA ASP F 156 30.40 -57.50 25.86
C ASP F 156 29.74 -56.50 24.93
N ILE F 157 29.31 -55.38 25.52
CA ILE F 157 28.79 -54.25 24.79
C ILE F 157 29.67 -53.05 25.09
N ALA F 158 29.37 -51.90 24.49
CA ALA F 158 30.23 -50.72 24.60
C ALA F 158 30.59 -50.35 26.04
N ILE F 159 29.59 -50.28 26.90
CA ILE F 159 29.80 -49.78 28.26
C ILE F 159 30.63 -50.76 29.10
N THR F 160 30.33 -52.05 29.00
CA THR F 160 31.06 -53.06 29.77
C THR F 160 32.53 -53.08 29.34
N LEU F 161 32.75 -53.04 28.04
CA LEU F 161 34.11 -53.00 27.49
C LEU F 161 34.78 -51.68 27.88
N HIS F 162 34.02 -50.60 27.92
CA HIS F 162 34.55 -49.31 28.36
C HIS F 162 35.13 -49.43 29.78
N HIS F 163 34.32 -49.97 30.69
CA HIS F 163 34.79 -50.18 32.06
C HIS F 163 36.00 -51.10 32.14
N LYS F 164 35.95 -52.19 31.37
CA LYS F 164 37.10 -53.09 31.27
C LYS F 164 38.36 -52.35 30.81
N LEU F 165 38.22 -51.52 29.78
CA LEU F 165 39.34 -50.72 29.29
C LEU F 165 39.88 -49.79 30.37
N CYS F 166 38.98 -49.10 31.06
CA CYS F 166 39.38 -48.23 32.16
C CYS F 166 40.16 -49.01 33.23
N HIS F 167 39.65 -50.17 33.60
CA HIS F 167 40.34 -51.04 34.56
C HIS F 167 41.76 -51.34 34.07
N ALA F 168 41.85 -51.79 32.82
CA ALA F 168 43.15 -52.09 32.21
C ALA F 168 44.07 -50.87 32.22
N ALA F 169 43.48 -49.70 31.94
CA ALA F 169 44.23 -48.45 31.92
C ALA F 169 44.75 -48.10 33.31
N ARG F 170 43.90 -48.24 34.31
CA ARG F 170 44.29 -47.95 35.69
C ARG F 170 45.49 -48.82 36.05
N GLN F 171 45.38 -50.10 35.71
CA GLN F 171 46.47 -51.05 35.93
C GLN F 171 47.76 -50.61 35.22
N LEU F 172 47.66 -50.39 33.92
CA LEU F 172 48.80 -49.97 33.11
C LEU F 172 49.47 -48.74 33.70
N LEU F 173 48.70 -47.67 33.88
CA LEU F 173 49.29 -46.44 34.39
C LEU F 173 49.93 -46.70 35.73
N GLU F 174 49.22 -47.39 36.62
CA GLU F 174 49.77 -47.68 37.94
C GLU F 174 51.15 -48.30 37.82
N GLN F 175 51.33 -49.30 36.95
CA GLN F 175 52.66 -49.92 36.86
C GLN F 175 53.71 -49.12 36.04
N THR F 176 53.35 -48.51 34.91
CA THR F 176 54.39 -47.84 34.10
C THR F 176 54.60 -46.35 34.38
N LEU F 177 53.73 -45.70 35.14
CA LEU F 177 53.94 -44.27 35.42
C LEU F 177 55.20 -44.04 36.27
N PRO F 178 55.41 -44.86 37.32
CA PRO F 178 56.65 -44.73 38.10
C PRO F 178 57.91 -44.87 37.24
N ALA F 179 57.87 -45.69 36.20
CA ALA F 179 59.02 -45.90 35.31
C ALA F 179 59.33 -44.65 34.50
N ILE F 180 58.28 -43.94 34.07
CA ILE F 180 58.43 -42.72 33.28
C ILE F 180 59.05 -41.65 34.17
N LYS F 181 58.76 -41.71 35.47
CA LYS F 181 59.26 -40.75 36.45
C LYS F 181 60.79 -40.81 36.55
N HIS F 182 61.37 -41.83 35.93
CA HIS F 182 62.79 -42.14 36.03
C HIS F 182 63.52 -41.98 34.68
N GLY F 183 63.00 -42.59 33.63
CA GLY F 183 63.69 -42.71 32.35
C GLY F 183 64.06 -44.16 32.04
N ASN F 184 63.38 -45.06 32.75
CA ASN F 184 63.53 -46.49 32.56
C ASN F 184 62.61 -47.03 31.47
N ILE F 185 62.17 -46.16 30.57
CA ILE F 185 61.20 -46.58 29.56
C ILE F 185 61.86 -47.16 28.34
N LEU F 186 61.28 -48.24 27.84
CA LEU F 186 61.65 -48.80 26.55
C LEU F 186 60.70 -48.23 25.51
N GLU F 187 61.19 -48.04 24.29
CA GLU F 187 60.35 -47.61 23.19
C GLU F 187 60.31 -48.67 22.10
N ILE F 188 59.16 -49.30 21.94
CA ILE F 188 58.97 -50.23 20.83
C ILE F 188 58.27 -49.42 19.76
N ALA F 189 58.98 -49.13 18.67
CA ALA F 189 58.44 -48.28 17.62
C ALA F 189 57.23 -48.93 16.94
N GLN F 190 56.29 -48.11 16.52
CA GLN F 190 55.11 -48.62 15.83
C GLN F 190 55.51 -48.90 14.40
N ARG F 191 55.03 -50.02 13.87
CA ARG F 191 55.32 -50.38 12.50
C ARG F 191 54.20 -49.84 11.64
N GLU F 192 54.52 -48.88 10.78
CA GLU F 192 53.53 -48.04 10.12
C GLU F 192 52.67 -48.85 9.15
N ASN F 193 53.19 -49.96 8.66
CA ASN F 193 52.45 -50.80 7.74
C ASN F 193 51.46 -51.70 8.49
N GLU F 194 51.53 -51.73 9.81
CA GLU F 194 50.59 -52.51 10.60
C GLU F 194 49.43 -51.64 11.09
N ALA F 195 49.50 -50.36 10.76
CA ALA F 195 48.53 -49.39 11.26
C ALA F 195 47.16 -49.45 10.59
N THR F 196 46.14 -49.16 11.38
CA THR F 196 44.78 -49.02 10.88
C THR F 196 44.18 -47.80 11.56
N CYS F 197 43.45 -46.99 10.80
CA CYS F 197 42.96 -45.72 11.33
C CYS F 197 41.47 -45.54 11.06
N PHE F 198 40.77 -45.07 12.08
CA PHE F 198 39.33 -44.83 11.99
C PHE F 198 38.98 -43.41 12.47
N GLY F 199 37.92 -42.86 11.89
CA GLY F 199 37.49 -41.50 12.18
C GLY F 199 36.31 -41.46 13.14
N ARG F 200 35.67 -40.30 13.21
CA ARG F 200 34.53 -40.09 14.09
C ARG F 200 33.31 -40.78 13.55
N ARG F 201 32.59 -41.48 14.42
CA ARG F 201 31.36 -42.14 14.03
C ARG F 201 30.24 -41.12 14.08
N THR F 202 29.37 -41.19 13.07
CA THR F 202 28.18 -40.37 13.02
C THR F 202 27.03 -41.36 13.19
N PRO F 203 25.89 -40.89 13.73
CA PRO F 203 24.79 -41.84 13.93
C PRO F 203 24.44 -42.61 12.65
N ASP F 204 24.66 -42.00 11.49
CA ASP F 204 24.41 -42.65 10.20
C ASP F 204 25.27 -43.91 9.99
N ASP F 205 26.33 -44.06 10.78
CA ASP F 205 27.17 -45.27 10.72
C ASP F 205 26.51 -46.46 11.41
N SER F 206 25.49 -46.19 12.22
CA SER F 206 24.84 -47.23 13.01
C SER F 206 23.60 -47.80 12.32
N PHE F 207 23.37 -47.37 11.08
CA PHE F 207 22.25 -47.88 10.30
C PHE F 207 22.45 -49.35 9.97
N LEU F 208 21.41 -50.16 10.24
CA LEU F 208 21.46 -51.60 10.00
C LEU F 208 21.09 -51.95 8.56
N GLU F 209 22.04 -52.55 7.84
CA GLU F 209 21.79 -53.01 6.48
C GLU F 209 21.62 -54.53 6.48
N TRP F 210 20.39 -54.98 6.22
CA TRP F 210 20.02 -56.38 6.45
C TRP F 210 20.59 -57.36 5.42
N HIS F 211 21.15 -56.84 4.35
CA HIS F 211 21.78 -57.69 3.35
C HIS F 211 23.12 -58.20 3.88
N LYS F 212 23.59 -57.60 4.97
CA LYS F 212 24.83 -58.01 5.61
C LYS F 212 24.56 -59.25 6.48
N PRO F 213 25.63 -59.97 6.87
CA PRO F 213 25.47 -61.12 7.77
C PRO F 213 24.91 -60.73 9.14
N ALA F 214 24.19 -61.65 9.78
CA ALA F 214 23.59 -61.39 11.09
C ALA F 214 24.64 -61.09 12.16
N SER F 215 25.81 -61.71 12.03
CA SER F 215 26.91 -61.51 12.97
C SER F 215 27.40 -60.07 12.96
N VAL F 216 27.56 -59.52 11.76
CA VAL F 216 28.02 -58.15 11.59
C VAL F 216 27.04 -57.17 12.24
N LEU F 217 25.75 -57.40 12.02
CA LEU F 217 24.70 -56.56 12.57
C LEU F 217 24.62 -56.70 14.10
N HIS F 218 24.69 -57.93 14.57
CA HIS F 218 24.75 -58.18 16.01
C HIS F 218 25.87 -57.36 16.63
N ASN F 219 27.05 -57.45 16.01
CA ASN F 219 28.20 -56.65 16.43
C ASN F 219 27.88 -55.14 16.37
N MET F 220 27.19 -54.71 15.33
CA MET F 220 26.74 -53.32 15.27
C MET F 220 25.91 -52.92 16.47
N VAL F 221 24.86 -53.68 16.79
CA VAL F 221 24.00 -53.28 17.89
C VAL F 221 24.79 -53.37 19.20
N ARG F 222 25.70 -54.34 19.31
CA ARG F 222 26.56 -54.42 20.48
C ARG F 222 27.46 -53.18 20.62
N ALA F 223 27.99 -52.71 19.50
CA ALA F 223 28.95 -51.61 19.49
C ALA F 223 28.36 -50.29 19.98
N VAL F 224 27.18 -49.92 19.49
CA VAL F 224 26.54 -48.65 19.84
C VAL F 224 25.45 -48.78 20.92
N ALA F 225 25.36 -49.94 21.56
CA ALA F 225 24.32 -50.20 22.55
C ALA F 225 24.30 -49.15 23.66
N ASP F 226 23.14 -48.97 24.28
CA ASP F 226 22.94 -48.01 25.37
C ASP F 226 24.05 -48.10 26.40
N PRO F 227 24.58 -46.95 26.85
CA PRO F 227 24.26 -45.51 26.71
C PRO F 227 24.47 -44.87 25.33
N TRP F 228 25.18 -45.51 24.41
CA TRP F 228 25.39 -44.92 23.08
C TRP F 228 24.07 -44.82 22.30
N PRO F 229 24.05 -44.04 21.21
CA PRO F 229 22.78 -43.78 20.50
C PRO F 229 22.06 -45.02 19.94
N GLY F 230 22.74 -46.16 19.81
CA GLY F 230 22.09 -47.39 19.38
C GLY F 230 22.02 -47.63 17.89
N ALA F 231 21.90 -48.89 17.51
CA ALA F 231 21.75 -49.28 16.10
C ALA F 231 20.28 -49.13 15.70
N PHE F 232 20.04 -48.67 14.47
CA PHE F 232 18.67 -48.35 14.05
C PHE F 232 18.35 -48.84 12.65
N SER F 233 17.06 -48.92 12.36
CA SER F 233 16.59 -49.24 11.02
C SER F 233 15.18 -48.63 10.87
N TYR F 234 14.53 -48.91 9.76
CA TYR F 234 13.23 -48.30 9.47
C TYR F 234 12.14 -49.29 9.10
N VAL F 235 10.94 -49.07 9.63
CA VAL F 235 9.74 -49.71 9.13
C VAL F 235 8.97 -48.62 8.39
N GLY F 236 8.96 -48.70 7.07
CA GLY F 236 8.45 -47.62 6.26
C GLY F 236 9.20 -46.33 6.62
N ASN F 237 8.45 -45.30 6.99
CA ASN F 237 9.05 -44.03 7.38
C ASN F 237 9.45 -44.00 8.86
N GLN F 238 8.97 -44.98 9.63
CA GLN F 238 9.19 -44.97 11.08
C GLN F 238 10.54 -45.56 11.45
N LYS F 239 11.34 -44.77 12.15
CA LYS F 239 12.66 -45.19 12.62
C LYS F 239 12.55 -45.95 13.92
N PHE F 240 13.32 -47.02 14.06
CA PHE F 240 13.35 -47.76 15.32
C PHE F 240 14.77 -48.19 15.64
N THR F 241 15.02 -48.37 16.94
CA THR F 241 16.34 -48.68 17.45
C THR F 241 16.35 -50.06 18.09
N VAL F 242 17.37 -50.83 17.75
CA VAL F 242 17.62 -52.14 18.34
C VAL F 242 18.61 -52.01 19.49
N TRP F 243 18.14 -52.20 20.72
CA TRP F 243 18.97 -52.09 21.92
C TRP F 243 19.75 -53.35 22.28
N SER F 244 19.12 -54.52 22.12
CA SER F 244 19.78 -55.80 22.39
C SER F 244 19.37 -56.80 21.30
N SER F 245 20.31 -57.61 20.86
CA SER F 245 20.08 -58.53 19.74
C SER F 245 20.65 -59.91 19.99
N ARG F 246 20.24 -60.87 19.16
CA ARG F 246 20.69 -62.25 19.28
C ARG F 246 20.94 -62.89 17.92
N VAL F 247 22.12 -63.45 17.71
CA VAL F 247 22.44 -64.07 16.43
C VAL F 247 21.85 -65.48 16.34
N HIS F 248 21.24 -65.78 15.21
CA HIS F 248 20.65 -67.09 14.94
C HIS F 248 21.35 -67.79 13.77
N PRO F 249 22.19 -68.80 14.06
CA PRO F 249 22.84 -69.46 12.92
C PRO F 249 21.82 -70.19 12.05
N HIS F 250 20.70 -70.60 12.67
CA HIS F 250 19.63 -71.23 11.93
C HIS F 250 19.12 -70.30 10.83
N ALA F 251 19.16 -70.80 9.60
CA ALA F 251 18.82 -69.98 8.44
C ALA F 251 17.32 -69.88 8.23
N SER F 252 16.94 -69.12 7.21
CA SER F 252 15.57 -69.04 6.77
C SER F 252 15.61 -68.80 5.26
N LYS F 253 14.70 -69.43 4.53
CA LYS F 253 14.63 -69.25 3.09
C LYS F 253 14.19 -67.83 2.77
N ALA F 254 13.68 -67.14 3.79
CA ALA F 254 13.21 -65.77 3.64
C ALA F 254 14.34 -64.85 3.18
N GLN F 255 14.02 -63.93 2.28
CA GLN F 255 15.00 -63.00 1.74
C GLN F 255 15.42 -61.98 2.79
N PRO F 256 16.65 -61.44 2.68
CA PRO F 256 17.14 -60.47 3.67
C PRO F 256 16.21 -59.28 3.84
N GLY F 257 15.92 -58.93 5.09
CA GLY F 257 15.07 -57.79 5.39
C GLY F 257 13.63 -58.18 5.74
N SER F 258 13.21 -59.39 5.42
CA SER F 258 11.86 -59.83 5.74
C SER F 258 11.73 -60.27 7.20
N VAL F 259 10.54 -60.15 7.77
CA VAL F 259 10.30 -60.57 9.16
C VAL F 259 9.90 -62.05 9.18
N ILE F 260 10.74 -62.85 9.83
CA ILE F 260 10.49 -64.29 9.93
C ILE F 260 9.40 -64.59 10.95
N SER F 261 9.51 -63.98 12.14
CA SER F 261 8.51 -64.16 13.18
C SER F 261 8.46 -62.93 14.09
N VAL F 262 7.29 -62.68 14.69
CA VAL F 262 7.14 -61.56 15.62
C VAL F 262 7.30 -61.96 17.09
N ALA F 263 7.32 -63.26 17.36
CA ALA F 263 7.40 -63.76 18.75
C ALA F 263 8.27 -65.00 18.86
N PRO F 264 9.59 -64.82 18.98
CA PRO F 264 10.37 -63.57 19.10
C PRO F 264 10.46 -62.80 17.78
N LEU F 265 10.88 -61.54 17.83
CA LEU F 265 11.03 -60.76 16.62
C LEU F 265 12.31 -61.18 15.92
N LEU F 266 12.18 -61.70 14.70
CA LEU F 266 13.29 -62.32 13.98
C LEU F 266 13.39 -61.77 12.57
N ILE F 267 14.53 -61.14 12.25
CA ILE F 267 14.74 -60.56 10.94
C ILE F 267 15.72 -61.39 10.12
N ALA F 268 15.32 -61.72 8.89
CA ALA F 268 16.19 -62.45 7.97
C ALA F 268 17.31 -61.55 7.46
N CYS F 269 18.54 -62.07 7.46
CA CYS F 269 19.70 -61.31 6.99
C CYS F 269 20.32 -61.96 5.76
N GLY F 270 21.40 -61.34 5.27
CA GLY F 270 22.15 -61.88 4.14
C GLY F 270 22.72 -63.23 4.50
N ASP F 271 23.13 -63.37 5.75
CA ASP F 271 23.54 -64.66 6.29
C ASP F 271 22.98 -64.79 7.70
N GLY F 272 22.22 -65.86 7.94
CA GLY F 272 21.58 -66.08 9.22
C GLY F 272 20.44 -65.09 9.44
N ALA F 273 19.91 -65.11 10.66
CA ALA F 273 18.86 -64.17 11.06
C ALA F 273 19.28 -63.46 12.34
N LEU F 274 18.73 -62.26 12.54
CA LEU F 274 18.99 -61.50 13.76
C LEU F 274 17.71 -61.39 14.58
N GLU F 275 17.75 -61.86 15.83
CA GLU F 275 16.65 -61.63 16.74
C GLU F 275 16.82 -60.29 17.44
N ILE F 276 15.74 -59.51 17.45
CA ILE F 276 15.68 -58.27 18.21
C ILE F 276 15.07 -58.57 19.57
N VAL F 277 15.91 -58.54 20.61
CA VAL F 277 15.50 -58.87 21.97
C VAL F 277 14.78 -57.71 22.63
N THR F 278 15.35 -56.52 22.50
CA THR F 278 14.72 -55.29 22.95
C THR F 278 14.99 -54.18 21.95
N GLY F 279 14.14 -53.17 21.95
CA GLY F 279 14.31 -52.03 21.05
C GLY F 279 13.28 -50.96 21.35
N GLN F 280 13.26 -49.91 20.55
CA GLN F 280 12.26 -48.85 20.73
C GLN F 280 11.84 -48.23 19.41
N ALA F 281 10.60 -47.77 19.37
CA ALA F 281 10.04 -47.12 18.19
C ALA F 281 10.20 -45.62 18.30
N GLY F 282 11.04 -45.05 17.44
CA GLY F 282 11.30 -43.63 17.48
C GLY F 282 11.89 -43.23 18.82
N ASP F 283 11.30 -42.20 19.42
CA ASP F 283 11.76 -41.69 20.72
C ASP F 283 10.99 -42.28 21.92
N GLY F 284 10.12 -43.24 21.65
CA GLY F 284 9.33 -43.86 22.71
C GLY F 284 10.20 -44.72 23.62
N ILE F 285 9.57 -45.39 24.58
CA ILE F 285 10.30 -46.19 25.55
C ILE F 285 10.73 -47.54 24.98
N THR F 286 11.77 -48.10 25.58
CA THR F 286 12.26 -49.44 25.25
C THR F 286 11.21 -50.49 25.59
N MET F 287 11.18 -51.57 24.81
CA MET F 287 10.27 -52.67 25.06
C MET F 287 10.84 -53.96 24.46
N GLN F 288 10.28 -55.10 24.85
CA GLN F 288 10.70 -56.38 24.28
C GLN F 288 10.32 -56.44 22.80
N GLY F 289 11.00 -57.31 22.07
CA GLY F 289 10.84 -57.41 20.62
C GLY F 289 9.44 -57.57 20.10
N SER F 290 8.68 -58.49 20.68
CA SER F 290 7.32 -58.76 20.23
C SER F 290 6.43 -57.53 20.33
N GLN F 291 6.52 -56.84 21.47
CA GLN F 291 5.74 -55.63 21.70
C GLN F 291 6.18 -54.54 20.72
N LEU F 292 7.49 -54.50 20.48
CA LEU F 292 8.07 -53.54 19.54
C LEU F 292 7.50 -53.82 18.15
N ALA F 293 7.41 -55.10 17.80
CA ALA F 293 6.79 -55.52 16.55
C ALA F 293 5.36 -55.03 16.51
N GLN F 294 4.62 -55.27 17.59
CA GLN F 294 3.23 -54.82 17.66
C GLN F 294 3.10 -53.32 17.45
N THR F 295 3.89 -52.51 18.15
CA THR F 295 3.76 -51.05 18.02
C THR F 295 4.29 -50.54 16.69
N LEU F 296 5.27 -51.24 16.11
CA LEU F 296 5.78 -50.86 14.78
C LEU F 296 4.86 -51.34 13.67
N GLY F 297 3.98 -52.28 14.00
CA GLY F 297 3.06 -52.83 13.02
C GLY F 297 3.63 -53.94 12.16
N LEU F 298 4.65 -54.64 12.67
CA LEU F 298 5.22 -55.76 11.92
C LEU F 298 4.39 -57.03 12.07
N VAL F 299 4.44 -57.84 11.01
CA VAL F 299 3.85 -59.17 11.01
C VAL F 299 4.78 -60.07 10.21
N GLN F 300 4.48 -61.36 10.14
CA GLN F 300 5.31 -62.27 9.37
C GLN F 300 5.27 -61.89 7.90
N GLY F 301 6.46 -61.79 7.31
CA GLY F 301 6.65 -61.37 5.93
C GLY F 301 6.44 -59.88 5.73
N SER F 302 7.04 -59.09 6.61
CA SER F 302 7.15 -57.64 6.46
C SER F 302 8.57 -57.19 6.16
N ARG F 303 8.76 -56.12 5.41
CA ARG F 303 10.11 -55.72 5.05
C ARG F 303 10.51 -54.37 5.64
N LEU F 304 11.78 -54.02 5.47
CA LEU F 304 12.35 -52.78 6.02
C LEU F 304 13.15 -52.02 4.95
N ARG F 314 11.62 -35.89 -9.82
CA ARG F 314 11.36 -34.74 -10.67
C ARG F 314 12.61 -33.97 -11.06
N ARG F 315 12.46 -33.06 -12.01
CA ARG F 315 13.57 -32.29 -12.53
C ARG F 315 13.80 -31.04 -11.67
N THR F 316 15.06 -30.65 -11.49
CA THR F 316 15.37 -29.42 -10.78
C THR F 316 14.98 -28.20 -11.63
N ARG F 317 14.21 -27.29 -11.04
CA ARG F 317 13.75 -26.09 -11.75
C ARG F 317 14.73 -24.93 -11.56
N VAL F 318 15.30 -24.47 -12.67
CA VAL F 318 16.26 -23.36 -12.66
C VAL F 318 15.63 -22.08 -13.20
N LEU F 319 15.61 -21.06 -12.34
CA LEU F 319 15.09 -19.75 -12.72
C LEU F 319 16.23 -18.79 -13.07
N ILE F 320 16.33 -18.40 -14.34
CA ILE F 320 17.34 -17.43 -14.76
C ILE F 320 16.72 -16.06 -15.06
N LEU F 321 17.09 -15.09 -14.24
CA LEU F 321 16.65 -13.72 -14.41
C LEU F 321 17.64 -12.95 -15.28
N GLY F 322 17.17 -12.38 -16.38
CA GLY F 322 18.03 -11.82 -17.39
C GLY F 322 18.59 -12.89 -18.31
N VAL F 323 17.73 -13.84 -18.68
CA VAL F 323 18.12 -15.00 -19.48
C VAL F 323 18.48 -14.62 -20.93
N ASN F 324 18.13 -13.41 -21.34
CA ASN F 324 18.27 -13.07 -22.75
C ASN F 324 19.63 -12.46 -23.04
N GLY F 325 20.53 -13.28 -23.55
CA GLY F 325 21.93 -12.88 -23.64
C GLY F 325 22.92 -14.02 -23.48
N PHE F 326 24.17 -13.64 -23.35
CA PHE F 326 25.34 -14.52 -23.36
C PHE F 326 25.22 -15.71 -22.39
N ILE F 327 25.27 -15.42 -21.09
CA ILE F 327 25.26 -16.47 -20.07
C ILE F 327 23.95 -17.22 -20.13
N GLY F 328 22.86 -16.49 -20.37
CA GLY F 328 21.56 -17.10 -20.51
C GLY F 328 21.54 -18.13 -21.64
N ASN F 329 22.03 -17.72 -22.80
CA ASN F 329 22.09 -18.61 -23.96
C ASN F 329 22.89 -19.87 -23.66
N HIS F 330 24.14 -19.69 -23.26
CA HIS F 330 25.02 -20.85 -23.06
C HIS F 330 24.59 -21.71 -21.87
N LEU F 331 24.15 -21.07 -20.79
CA LEU F 331 23.70 -21.81 -19.61
C LEU F 331 22.44 -22.60 -19.93
N THR F 332 21.52 -21.97 -20.66
CA THR F 332 20.31 -22.65 -21.08
C THR F 332 20.66 -23.86 -21.92
N GLU F 333 21.49 -23.65 -22.94
CA GLU F 333 21.96 -24.74 -23.80
C GLU F 333 22.55 -25.88 -22.96
N ARG F 334 23.48 -25.54 -22.08
CA ARG F 334 24.13 -26.54 -21.22
C ARG F 334 23.13 -27.31 -20.37
N LEU F 335 22.23 -26.60 -19.68
CA LEU F 335 21.26 -27.24 -18.79
C LEU F 335 20.28 -28.12 -19.56
N LEU F 336 19.87 -27.66 -20.74
CA LEU F 336 18.91 -28.40 -21.54
C LEU F 336 19.56 -29.59 -22.25
N ARG F 337 20.87 -29.53 -22.49
CA ARG F 337 21.61 -30.70 -22.94
C ARG F 337 21.33 -31.92 -22.05
N GLU F 338 21.34 -31.68 -20.73
CA GLU F 338 21.05 -32.73 -19.75
C GLU F 338 19.55 -32.99 -19.65
N ASP F 339 19.17 -34.16 -19.18
CA ASP F 339 17.75 -34.54 -19.11
C ASP F 339 17.03 -34.16 -17.81
N HIS F 340 17.76 -33.85 -16.75
CA HIS F 340 17.13 -33.69 -15.43
C HIS F 340 16.82 -32.24 -15.01
N TYR F 341 16.97 -31.27 -15.92
CA TYR F 341 16.66 -29.86 -15.62
C TYR F 341 15.44 -29.31 -16.37
N GLU F 342 14.72 -28.43 -15.67
CA GLU F 342 13.64 -27.63 -16.26
C GLU F 342 14.05 -26.16 -16.16
N VAL F 343 14.18 -25.48 -17.30
CA VAL F 343 14.70 -24.12 -17.32
C VAL F 343 13.59 -23.09 -17.50
N TYR F 344 13.50 -22.13 -16.57
CA TYR F 344 12.60 -20.99 -16.75
C TYR F 344 13.37 -19.70 -17.02
N GLY F 345 13.38 -19.29 -18.29
CA GLY F 345 13.96 -18.02 -18.68
C GLY F 345 13.08 -16.82 -18.36
N LEU F 346 13.62 -15.84 -17.63
CA LEU F 346 12.89 -14.62 -17.37
C LEU F 346 13.60 -13.42 -17.98
N ASP F 347 12.88 -12.61 -18.73
CA ASP F 347 13.45 -11.41 -19.35
C ASP F 347 12.37 -10.61 -20.06
N ILE F 348 12.75 -9.43 -20.55
CA ILE F 348 11.82 -8.53 -21.23
C ILE F 348 11.83 -8.73 -22.75
N GLY F 349 12.74 -9.58 -23.22
CA GLY F 349 12.78 -9.95 -24.63
C GLY F 349 13.41 -11.33 -24.76
N SER F 350 13.02 -12.05 -25.82
CA SER F 350 13.52 -13.41 -26.06
C SER F 350 14.55 -13.65 -27.19
N ASP F 351 14.93 -12.62 -27.96
CA ASP F 351 15.64 -12.87 -29.23
C ASP F 351 16.91 -13.75 -29.10
N ALA F 352 17.76 -13.44 -28.14
CA ALA F 352 19.04 -14.12 -28.00
C ALA F 352 18.85 -15.59 -27.65
N ILE F 353 17.78 -15.89 -26.92
CA ILE F 353 17.45 -17.26 -26.55
C ILE F 353 16.38 -17.85 -27.46
N SER F 354 16.04 -17.15 -28.53
CA SER F 354 14.87 -17.49 -29.36
C SER F 354 14.76 -18.95 -29.82
N ARG F 355 15.88 -19.64 -30.01
CA ARG F 355 15.83 -21.02 -30.50
C ARG F 355 15.39 -22.02 -29.43
N PHE F 356 15.37 -21.57 -28.18
CA PHE F 356 14.94 -22.45 -27.07
C PHE F 356 13.46 -22.27 -26.72
N LEU F 357 12.78 -21.34 -27.38
CA LEU F 357 11.40 -21.03 -27.04
C LEU F 357 10.47 -22.22 -27.28
N ASN F 358 10.83 -23.08 -28.22
CA ASN F 358 10.01 -24.24 -28.57
C ASN F 358 10.37 -25.48 -27.76
N HIS F 359 11.46 -25.41 -27.01
CA HIS F 359 11.96 -26.58 -26.28
C HIS F 359 10.95 -26.95 -25.19
N PRO F 360 10.58 -28.25 -25.11
CA PRO F 360 9.52 -28.64 -24.17
C PRO F 360 9.82 -28.24 -22.72
N HIS F 361 11.09 -28.35 -22.34
CA HIS F 361 11.54 -28.05 -20.99
C HIS F 361 12.11 -26.64 -20.78
N PHE F 362 12.03 -25.78 -21.78
CA PHE F 362 12.33 -24.35 -21.58
C PHE F 362 11.03 -23.55 -21.50
N HIS F 363 10.98 -22.62 -20.55
CA HIS F 363 9.81 -21.75 -20.36
C HIS F 363 10.22 -20.30 -20.26
N PHE F 364 9.78 -19.52 -21.23
CA PHE F 364 10.05 -18.10 -21.20
C PHE F 364 9.01 -17.49 -20.26
N VAL F 365 9.50 -16.75 -19.27
CA VAL F 365 8.65 -16.07 -18.30
C VAL F 365 8.85 -14.59 -18.51
N GLU F 366 7.80 -13.90 -18.89
CA GLU F 366 7.92 -12.51 -19.21
C GLU F 366 8.04 -11.69 -17.92
N GLY F 367 9.10 -10.87 -17.81
CA GLY F 367 9.27 -10.08 -16.61
C GLY F 367 10.48 -9.16 -16.55
N ASP F 368 10.40 -8.19 -15.66
CA ASP F 368 11.42 -7.16 -15.44
C ASP F 368 11.57 -6.95 -13.93
N ILE F 369 12.77 -7.17 -13.39
CA ILE F 369 12.96 -7.16 -11.93
C ILE F 369 12.86 -5.77 -11.31
N SER F 370 12.88 -4.73 -12.13
CA SER F 370 12.73 -3.36 -11.64
C SER F 370 11.26 -3.05 -11.38
N ILE F 371 10.39 -3.88 -11.93
CA ILE F 371 8.95 -3.67 -11.84
C ILE F 371 8.30 -4.21 -10.55
N HIS F 372 8.97 -5.11 -9.84
CA HIS F 372 8.43 -5.66 -8.59
C HIS F 372 7.07 -6.32 -8.81
N SER F 373 7.07 -7.47 -9.46
CA SER F 373 5.84 -8.18 -9.76
C SER F 373 5.59 -9.45 -8.96
N GLU F 374 4.31 -9.74 -8.75
CA GLU F 374 3.89 -10.90 -7.98
C GLU F 374 4.27 -12.19 -8.69
N TRP F 375 4.24 -12.18 -10.02
CA TRP F 375 4.61 -13.36 -10.80
C TRP F 375 6.08 -13.75 -10.66
N ILE F 376 6.96 -12.77 -10.51
CA ILE F 376 8.37 -13.05 -10.25
C ILE F 376 8.50 -13.75 -8.90
N GLU F 377 7.88 -13.19 -7.87
CA GLU F 377 7.87 -13.82 -6.56
C GLU F 377 7.34 -15.25 -6.66
N TYR F 378 6.23 -15.40 -7.37
CA TYR F 378 5.67 -16.71 -7.61
C TYR F 378 6.68 -17.67 -8.26
N HIS F 379 7.33 -17.23 -9.35
CA HIS F 379 8.28 -18.10 -10.01
C HIS F 379 9.48 -18.41 -9.12
N VAL F 380 9.84 -17.49 -8.23
CA VAL F 380 10.87 -17.82 -7.24
C VAL F 380 10.34 -18.94 -6.33
N LYS F 381 9.09 -18.82 -5.87
CA LYS F 381 8.50 -19.92 -5.10
C LYS F 381 8.47 -21.23 -5.91
N LYS F 382 8.06 -21.16 -7.16
CA LYS F 382 7.86 -22.35 -7.98
C LYS F 382 9.14 -23.12 -8.20
N CYS F 383 10.27 -22.42 -8.27
CA CYS F 383 11.52 -23.05 -8.68
C CYS F 383 12.38 -23.47 -7.50
N ASP F 384 13.54 -24.02 -7.83
CA ASP F 384 14.47 -24.61 -6.89
C ASP F 384 15.70 -23.73 -6.74
N VAL F 385 16.38 -23.51 -7.86
CA VAL F 385 17.58 -22.67 -7.92
C VAL F 385 17.32 -21.38 -8.70
N VAL F 386 17.95 -20.29 -8.25
CA VAL F 386 17.73 -18.97 -8.81
C VAL F 386 19.05 -18.31 -9.24
N LEU F 387 19.06 -17.76 -10.45
CA LEU F 387 20.26 -17.14 -11.00
C LEU F 387 20.00 -15.71 -11.49
N PRO F 388 20.20 -14.71 -10.62
CA PRO F 388 19.95 -13.29 -10.92
C PRO F 388 21.04 -12.62 -11.76
N LEU F 389 20.92 -12.69 -13.09
CA LEU F 389 21.92 -12.11 -13.99
C LEU F 389 21.69 -10.66 -14.39
N VAL F 390 20.60 -10.05 -13.96
CA VAL F 390 20.35 -8.65 -14.33
C VAL F 390 21.23 -7.71 -13.50
N ALA F 391 22.00 -6.86 -14.19
CA ALA F 391 22.80 -5.81 -13.56
C ALA F 391 23.53 -4.96 -14.60
N ILE F 392 23.89 -3.74 -14.22
CA ILE F 392 24.64 -2.86 -15.11
C ILE F 392 26.12 -3.02 -14.78
N ALA F 393 26.85 -3.69 -15.67
CA ALA F 393 28.27 -3.97 -15.46
C ALA F 393 29.20 -3.02 -16.21
N THR F 394 28.65 -2.06 -16.94
CA THR F 394 29.43 -1.21 -17.83
C THR F 394 30.05 -0.03 -17.08
N PRO F 395 31.40 0.02 -16.98
CA PRO F 395 32.08 1.01 -16.13
C PRO F 395 31.70 2.48 -16.34
N ILE F 396 31.61 2.91 -17.60
CA ILE F 396 31.32 4.31 -17.91
C ILE F 396 30.00 4.72 -17.25
N GLU F 397 29.07 3.77 -17.11
CA GLU F 397 27.78 4.07 -16.51
C GLU F 397 27.86 4.28 -15.00
N TYR F 398 28.93 3.77 -14.37
CA TYR F 398 29.09 3.95 -12.93
C TYR F 398 29.15 5.43 -12.57
N THR F 399 29.95 6.18 -13.31
CA THR F 399 30.10 7.62 -13.07
C THR F 399 28.98 8.43 -13.71
N ARG F 400 28.50 7.99 -14.87
CA ARG F 400 27.50 8.76 -15.62
C ARG F 400 26.11 8.59 -14.99
N ASN F 401 25.80 7.38 -14.54
CA ASN F 401 24.50 7.10 -13.91
C ASN F 401 24.62 6.21 -12.67
N PRO F 402 25.34 6.69 -11.63
CA PRO F 402 25.60 5.92 -10.41
C PRO F 402 24.34 5.46 -9.66
N LEU F 403 23.35 6.34 -9.56
CA LEU F 403 22.16 6.03 -8.80
C LEU F 403 21.36 4.91 -9.45
N ARG F 404 21.31 4.89 -10.77
CA ARG F 404 20.61 3.82 -11.48
C ARG F 404 21.36 2.51 -11.32
N VAL F 405 22.69 2.58 -11.45
CA VAL F 405 23.54 1.41 -11.24
C VAL F 405 23.26 0.85 -9.85
N PHE F 406 23.25 1.72 -8.85
CA PHE F 406 23.00 1.30 -7.48
C PHE F 406 21.59 0.75 -7.31
N GLU F 407 20.60 1.45 -7.85
CA GLU F 407 19.20 1.03 -7.72
C GLU F 407 18.99 -0.37 -8.28
N LEU F 408 19.48 -0.61 -9.49
CA LEU F 408 19.31 -1.91 -10.14
C LEU F 408 20.23 -2.99 -9.57
N ASP F 409 21.51 -2.68 -9.42
CA ASP F 409 22.48 -3.70 -9.05
C ASP F 409 22.34 -4.14 -7.60
N PHE F 410 21.95 -3.21 -6.73
CA PHE F 410 21.82 -3.52 -5.31
C PHE F 410 20.37 -3.83 -4.91
N GLU F 411 19.50 -2.84 -4.99
CA GLU F 411 18.17 -2.94 -4.38
C GLU F 411 17.28 -4.01 -5.02
N GLU F 412 17.19 -3.98 -6.35
CA GLU F 412 16.30 -4.89 -7.06
C GLU F 412 16.74 -6.34 -6.88
N ASN F 413 18.04 -6.59 -6.91
CA ASN F 413 18.57 -7.93 -6.70
C ASN F 413 18.42 -8.38 -5.24
N LEU F 414 18.51 -7.43 -4.33
CA LEU F 414 18.30 -7.71 -2.92
C LEU F 414 16.88 -8.22 -2.72
N ARG F 415 15.94 -7.59 -3.40
CA ARG F 415 14.56 -8.07 -3.40
C ARG F 415 14.49 -9.57 -3.74
N ILE F 416 15.16 -9.96 -4.84
CA ILE F 416 15.22 -11.36 -5.28
C ILE F 416 15.83 -12.26 -4.20
N ILE F 417 16.96 -11.83 -3.64
CA ILE F 417 17.59 -12.57 -2.57
C ILE F 417 16.60 -12.81 -1.43
N ARG F 418 15.88 -11.77 -1.03
CA ARG F 418 14.90 -11.91 0.05
C ARG F 418 13.74 -12.84 -0.33
N TYR F 419 13.29 -12.82 -1.59
CA TYR F 419 12.37 -13.88 -2.03
C TYR F 419 12.97 -15.27 -1.79
N CYS F 420 14.22 -15.43 -2.20
CA CYS F 420 14.89 -16.71 -2.01
C CYS F 420 14.98 -17.12 -0.53
N VAL F 421 15.30 -16.20 0.38
CA VAL F 421 15.31 -16.58 1.80
C VAL F 421 13.88 -16.91 2.24
N LYS F 422 12.91 -16.10 1.81
CA LYS F 422 11.52 -16.29 2.24
C LYS F 422 11.00 -17.68 1.88
N TYR F 423 11.23 -18.10 0.64
CA TYR F 423 10.72 -19.38 0.18
C TYR F 423 11.74 -20.52 0.30
N ARG F 424 12.88 -20.25 0.94
CA ARG F 424 13.90 -21.27 1.19
C ARG F 424 14.39 -21.94 -0.08
N LYS F 425 14.86 -21.13 -1.01
CA LYS F 425 15.39 -21.60 -2.27
C LYS F 425 16.89 -21.33 -2.35
N ARG F 426 17.58 -22.11 -3.16
CA ARG F 426 19.02 -21.93 -3.36
C ARG F 426 19.28 -20.81 -4.35
N ILE F 427 20.20 -19.92 -4.01
CA ILE F 427 20.59 -18.83 -4.91
C ILE F 427 22.05 -18.94 -5.31
N ILE F 428 22.29 -18.89 -6.61
CA ILE F 428 23.65 -18.82 -7.16
C ILE F 428 23.88 -17.43 -7.72
N PHE F 429 24.70 -16.63 -7.04
CA PHE F 429 24.75 -15.21 -7.32
C PHE F 429 26.03 -14.76 -8.04
N PRO F 430 25.88 -14.01 -9.15
CA PRO F 430 27.03 -13.48 -9.88
C PRO F 430 27.66 -12.29 -9.15
N SER F 431 28.60 -12.56 -8.24
CA SER F 431 29.46 -11.51 -7.70
C SER F 431 30.41 -11.04 -8.80
N THR F 432 31.30 -10.10 -8.51
CA THR F 432 32.20 -9.56 -9.53
C THR F 432 33.65 -9.53 -9.07
N SER F 433 34.55 -9.71 -10.04
CA SER F 433 35.99 -9.66 -9.76
C SER F 433 36.42 -8.23 -9.41
N GLU F 434 35.58 -7.26 -9.78
CA GLU F 434 35.86 -5.87 -9.49
C GLU F 434 35.82 -5.63 -7.98
N VAL F 435 35.29 -6.61 -7.24
CA VAL F 435 35.19 -6.54 -5.79
C VAL F 435 36.57 -6.45 -5.12
N TYR F 436 37.56 -7.07 -5.74
CA TYR F 436 38.92 -7.06 -5.20
C TYR F 436 39.52 -5.66 -5.30
N GLY F 437 39.10 -4.91 -6.32
CA GLY F 437 39.56 -3.55 -6.50
C GLY F 437 41.07 -3.46 -6.66
N MET F 438 41.71 -2.67 -5.81
CA MET F 438 43.12 -2.37 -5.93
C MET F 438 44.03 -3.34 -5.18
N CYS F 439 43.45 -4.44 -4.71
CA CYS F 439 44.21 -5.46 -3.96
C CYS F 439 45.54 -5.79 -4.62
N SER F 440 46.59 -5.90 -3.81
CA SER F 440 47.94 -6.04 -4.32
C SER F 440 48.40 -7.49 -4.44
N ASP F 441 47.59 -8.42 -3.96
CA ASP F 441 47.94 -9.85 -4.03
C ASP F 441 48.13 -10.29 -5.48
N LYS F 442 49.06 -11.22 -5.68
CA LYS F 442 49.32 -11.75 -7.02
C LYS F 442 48.09 -12.52 -7.50
N TYR F 443 47.47 -13.24 -6.58
CA TYR F 443 46.25 -13.97 -6.85
C TYR F 443 45.12 -13.46 -5.97
N PHE F 444 44.01 -13.07 -6.58
CA PHE F 444 42.85 -12.63 -5.82
C PHE F 444 42.19 -13.87 -5.21
N ASP F 445 42.16 -13.93 -3.88
CA ASP F 445 41.71 -15.11 -3.18
C ASP F 445 40.37 -14.83 -2.54
N GLU F 446 39.38 -15.64 -2.90
CA GLU F 446 38.01 -15.43 -2.46
C GLU F 446 37.91 -15.40 -0.95
N ASP F 447 38.67 -16.28 -0.29
CA ASP F 447 38.57 -16.47 1.14
C ASP F 447 39.59 -15.69 1.98
N HIS F 448 40.53 -15.02 1.31
CA HIS F 448 41.67 -14.43 2.00
C HIS F 448 41.94 -12.98 1.61
N SER F 449 42.10 -12.72 0.32
CA SER F 449 42.44 -11.38 -0.17
C SER F 449 41.57 -10.26 0.42
N ASN F 450 42.24 -9.21 0.88
CA ASN F 450 41.55 -8.01 1.33
C ASN F 450 41.02 -7.22 0.13
N LEU F 451 39.99 -6.43 0.37
CA LEU F 451 39.34 -5.66 -0.69
C LEU F 451 39.63 -4.17 -0.55
N ILE F 452 40.24 -3.59 -1.58
CA ILE F 452 40.71 -2.21 -1.52
C ILE F 452 40.03 -1.32 -2.55
N VAL F 453 39.44 -0.22 -2.07
CA VAL F 453 38.82 0.78 -2.92
C VAL F 453 39.36 2.17 -2.59
N GLY F 454 39.09 3.13 -3.45
CA GLY F 454 39.51 4.50 -3.24
C GLY F 454 38.59 5.28 -2.30
N PRO F 455 38.91 6.57 -2.08
CA PRO F 455 38.05 7.44 -1.27
C PRO F 455 36.66 7.60 -1.87
N VAL F 456 35.70 8.07 -1.07
CA VAL F 456 34.33 8.30 -1.52
C VAL F 456 34.30 9.25 -2.73
N ASN F 457 35.28 10.15 -2.79
CA ASN F 457 35.36 11.13 -3.88
C ASN F 457 35.79 10.50 -5.21
N LYS F 458 36.01 9.18 -5.20
CA LYS F 458 36.33 8.42 -6.40
C LYS F 458 35.17 7.49 -6.71
N PRO F 459 34.12 8.03 -7.37
CA PRO F 459 32.81 7.37 -7.47
C PRO F 459 32.73 6.08 -8.29
N ARG F 460 33.72 5.79 -9.13
CA ARG F 460 33.66 4.57 -9.94
C ARG F 460 33.53 3.33 -9.08
N TRP F 461 33.96 3.42 -7.82
CA TRP F 461 33.93 2.30 -6.90
C TRP F 461 32.53 1.99 -6.40
N ILE F 462 31.55 2.83 -6.73
CA ILE F 462 30.19 2.62 -6.27
C ILE F 462 29.68 1.24 -6.71
N TYR F 463 30.08 0.79 -7.88
CA TYR F 463 29.69 -0.52 -8.38
C TYR F 463 30.31 -1.64 -7.56
N SER F 464 31.63 -1.57 -7.41
CA SER F 464 32.38 -2.59 -6.69
C SER F 464 31.85 -2.77 -5.27
N VAL F 465 31.66 -1.66 -4.57
CA VAL F 465 31.23 -1.68 -3.18
C VAL F 465 29.77 -2.13 -3.07
N SER F 466 28.95 -1.72 -4.04
CA SER F 466 27.57 -2.16 -4.10
C SER F 466 27.51 -3.68 -4.20
N LYS F 467 28.33 -4.23 -5.10
CA LYS F 467 28.38 -5.66 -5.31
C LYS F 467 28.93 -6.39 -4.08
N GLN F 468 29.92 -5.80 -3.43
CA GLN F 468 30.52 -6.39 -2.24
C GLN F 468 29.52 -6.51 -1.10
N LEU F 469 28.80 -5.42 -0.86
CA LEU F 469 27.86 -5.39 0.26
C LEU F 469 26.77 -6.42 0.05
N LEU F 470 26.35 -6.58 -1.21
CA LEU F 470 25.37 -7.58 -1.56
C LEU F 470 25.88 -8.97 -1.21
N ASP F 471 27.15 -9.24 -1.55
CA ASP F 471 27.77 -10.50 -1.19
C ASP F 471 27.73 -10.70 0.33
N ARG F 472 27.98 -9.64 1.08
CA ARG F 472 27.98 -9.70 2.54
C ARG F 472 26.58 -9.92 3.14
N VAL F 473 25.55 -9.35 2.51
CA VAL F 473 24.19 -9.56 2.99
C VAL F 473 23.79 -11.00 2.73
N ILE F 474 24.10 -11.53 1.55
CA ILE F 474 23.82 -12.92 1.25
C ILE F 474 24.52 -13.80 2.28
N TRP F 475 25.75 -13.43 2.61
CA TRP F 475 26.53 -14.17 3.59
C TRP F 475 25.78 -14.20 4.93
N ALA F 476 25.38 -13.02 5.40
CA ALA F 476 24.65 -12.89 6.67
C ALA F 476 23.40 -13.78 6.67
N TYR F 477 22.60 -13.68 5.62
CA TYR F 477 21.44 -14.54 5.48
C TYR F 477 21.81 -16.00 5.55
N GLY F 478 23.04 -16.32 5.12
CA GLY F 478 23.48 -17.70 5.10
C GLY F 478 23.66 -18.19 6.52
N GLU F 479 24.29 -17.35 7.34
CA GLU F 479 24.60 -17.70 8.71
C GLU F 479 23.35 -17.75 9.57
N LYS F 480 22.61 -16.65 9.54
CA LYS F 480 21.52 -16.44 10.47
C LYS F 480 20.20 -17.08 10.04
N GLU F 481 19.81 -16.95 8.77
CA GLU F 481 18.54 -17.52 8.30
C GLU F 481 18.64 -18.82 7.49
N GLY F 482 19.85 -19.35 7.32
CA GLY F 482 20.02 -20.64 6.68
C GLY F 482 19.81 -20.65 5.19
N LEU F 483 20.02 -19.51 4.55
CA LEU F 483 19.95 -19.43 3.09
C LEU F 483 21.05 -20.28 2.46
N GLN F 484 20.67 -21.15 1.53
CA GLN F 484 21.64 -21.90 0.75
C GLN F 484 22.10 -21.06 -0.42
N PHE F 485 23.38 -20.75 -0.48
CA PHE F 485 23.87 -19.86 -1.52
C PHE F 485 25.22 -20.30 -2.05
N THR F 486 25.51 -19.88 -3.28
CA THR F 486 26.84 -19.97 -3.83
C THR F 486 27.11 -18.68 -4.61
N LEU F 487 28.24 -18.04 -4.32
CA LEU F 487 28.66 -16.87 -5.06
C LEU F 487 29.73 -17.27 -6.08
N PHE F 488 29.65 -16.74 -7.30
CA PHE F 488 30.69 -16.96 -8.30
C PHE F 488 31.12 -15.63 -8.94
N ARG F 489 32.42 -15.51 -9.22
CA ARG F 489 32.97 -14.30 -9.85
C ARG F 489 33.59 -14.59 -11.21
N PRO F 490 32.91 -14.17 -12.30
CA PRO F 490 33.47 -14.40 -13.64
C PRO F 490 34.61 -13.43 -13.97
N PHE F 491 35.65 -13.90 -14.64
CA PHE F 491 36.71 -13.01 -15.13
C PHE F 491 36.69 -12.96 -16.65
N ASN F 492 36.18 -11.86 -17.21
CA ASN F 492 36.18 -11.63 -18.66
C ASN F 492 35.75 -12.85 -19.49
N TRP F 493 34.57 -13.39 -19.23
CA TRP F 493 34.05 -14.48 -20.05
C TRP F 493 33.86 -13.99 -21.47
N MET F 494 34.17 -14.86 -22.42
CA MET F 494 34.02 -14.53 -23.82
C MET F 494 33.78 -15.79 -24.65
N GLY F 495 33.14 -15.61 -25.80
CA GLY F 495 32.78 -16.70 -26.67
C GLY F 495 31.81 -16.21 -27.72
N PRO F 496 31.05 -17.11 -28.35
CA PRO F 496 30.01 -16.68 -29.29
C PRO F 496 28.84 -15.96 -28.61
N ARG F 497 28.10 -15.16 -29.36
CA ARG F 497 26.85 -14.56 -28.88
C ARG F 497 27.07 -13.60 -27.71
N LEU F 498 28.00 -12.67 -27.86
CA LEU F 498 28.30 -11.71 -26.80
C LEU F 498 27.09 -10.84 -26.47
N ASP F 499 26.95 -10.44 -25.21
CA ASP F 499 25.96 -9.44 -24.86
C ASP F 499 26.29 -8.14 -25.57
N ASN F 500 25.28 -7.38 -25.94
CA ASN F 500 25.47 -6.03 -26.45
C ASN F 500 26.05 -5.10 -25.39
N LEU F 501 26.76 -4.07 -25.83
CA LEU F 501 27.41 -3.13 -24.92
C LEU F 501 26.43 -2.37 -24.02
N ASN F 502 25.19 -2.17 -24.47
CA ASN F 502 24.22 -1.41 -23.69
C ASN F 502 23.39 -2.31 -22.78
N ALA F 503 23.70 -3.61 -22.77
CA ALA F 503 22.88 -4.59 -22.08
C ALA F 503 23.07 -4.56 -20.56
N ALA F 504 21.95 -4.74 -19.87
CA ALA F 504 21.84 -4.71 -18.41
C ALA F 504 22.05 -6.08 -17.77
N ARG F 505 22.61 -7.03 -18.52
CA ARG F 505 22.85 -8.38 -18.02
C ARG F 505 24.32 -8.70 -17.74
N ILE F 506 24.56 -9.61 -16.79
CA ILE F 506 25.92 -10.03 -16.45
C ILE F 506 26.35 -10.91 -17.61
N GLY F 507 27.64 -10.93 -17.94
CA GLY F 507 27.98 -11.22 -19.31
C GLY F 507 29.41 -11.36 -19.78
N SER F 508 29.55 -11.06 -21.06
CA SER F 508 30.79 -11.11 -21.81
C SER F 508 31.64 -9.88 -21.57
N SER F 509 32.96 -10.06 -21.62
CA SER F 509 33.91 -8.98 -21.44
C SER F 509 33.65 -7.84 -22.41
N ARG F 510 33.53 -6.64 -21.86
CA ARG F 510 33.21 -5.46 -22.65
C ARG F 510 34.39 -5.02 -23.50
N ALA F 511 35.60 -5.21 -22.97
CA ALA F 511 36.82 -4.78 -23.66
C ALA F 511 36.91 -5.44 -25.04
N ILE F 512 36.77 -6.75 -25.09
CA ILE F 512 36.87 -7.47 -26.35
C ILE F 512 35.71 -7.15 -27.29
N THR F 513 34.53 -6.96 -26.72
CA THR F 513 33.37 -6.59 -27.52
C THR F 513 33.68 -5.28 -28.23
N GLN F 514 34.20 -4.33 -27.44
CA GLN F 514 34.58 -3.02 -27.94
C GLN F 514 35.67 -3.12 -29.01
N LEU F 515 36.72 -3.90 -28.74
CA LEU F 515 37.80 -4.08 -29.71
C LEU F 515 37.29 -4.69 -31.02
N ILE F 516 36.48 -5.74 -30.92
CA ILE F 516 35.91 -6.36 -32.12
C ILE F 516 35.06 -5.35 -32.87
N LEU F 517 34.27 -4.57 -32.14
CA LEU F 517 33.45 -3.52 -32.75
C LEU F 517 34.31 -2.43 -33.40
N ASN F 518 35.45 -2.13 -32.80
CA ASN F 518 36.41 -1.22 -33.41
C ASN F 518 36.90 -1.76 -34.73
N LEU F 519 37.33 -3.02 -34.73
CA LEU F 519 37.80 -3.67 -35.96
C LEU F 519 36.71 -3.76 -37.03
N VAL F 520 35.49 -4.07 -36.60
CA VAL F 520 34.35 -4.20 -37.51
C VAL F 520 33.91 -2.85 -38.11
N GLU F 521 33.85 -1.82 -37.28
CA GLU F 521 33.37 -0.50 -37.75
C GLU F 521 34.46 0.33 -38.38
N GLY F 522 35.71 -0.08 -38.21
CA GLY F 522 36.85 0.68 -38.71
C GLY F 522 37.15 1.91 -37.86
N SER F 523 36.72 1.89 -36.61
CA SER F 523 37.12 2.92 -35.65
C SER F 523 38.39 2.47 -34.93
N PRO F 524 39.16 3.41 -34.38
CA PRO F 524 40.43 3.06 -33.74
C PRO F 524 40.26 2.32 -32.42
N ILE F 525 41.27 1.54 -32.04
CA ILE F 525 41.29 0.89 -30.73
C ILE F 525 41.91 1.85 -29.71
N LYS F 526 41.11 2.25 -28.74
CA LYS F 526 41.57 3.20 -27.72
C LYS F 526 42.28 2.47 -26.60
N LEU F 527 43.53 2.84 -26.37
CA LEU F 527 44.29 2.31 -25.25
C LEU F 527 44.32 3.37 -24.14
N ILE F 528 43.58 3.13 -23.08
CA ILE F 528 43.45 4.13 -22.02
C ILE F 528 44.68 4.09 -21.12
N ASP F 529 45.36 5.23 -21.02
CA ASP F 529 46.65 5.36 -20.35
C ASP F 529 47.67 4.35 -20.92
N GLY F 530 47.58 4.11 -22.22
CA GLY F 530 48.51 3.23 -22.91
C GLY F 530 48.01 1.80 -22.97
N GLY F 531 46.92 1.53 -22.26
CA GLY F 531 46.33 0.20 -22.24
C GLY F 531 47.30 -0.83 -21.70
N LYS F 532 48.05 -0.44 -20.67
CA LYS F 532 49.07 -1.30 -20.08
C LYS F 532 48.51 -2.20 -18.98
N GLN F 533 47.30 -1.91 -18.54
CA GLN F 533 46.66 -2.69 -17.48
C GLN F 533 46.30 -4.07 -18.02
N LYS F 534 46.64 -5.10 -17.24
CA LYS F 534 46.50 -6.49 -17.69
C LYS F 534 45.26 -7.17 -17.11
N ARG F 535 44.62 -7.98 -17.95
CA ARG F 535 43.39 -8.68 -17.58
C ARG F 535 43.52 -10.18 -17.88
N CYS F 536 42.69 -11.00 -17.22
CA CYS F 536 42.63 -12.43 -17.49
C CYS F 536 41.32 -12.78 -18.19
N PHE F 537 41.42 -13.60 -19.24
CA PHE F 537 40.28 -13.92 -20.10
C PHE F 537 39.95 -15.40 -20.10
N THR F 538 38.66 -15.71 -20.28
CA THR F 538 38.16 -17.08 -20.13
C THR F 538 37.19 -17.47 -21.24
N ASP F 539 37.46 -18.60 -21.89
CA ASP F 539 36.54 -19.14 -22.88
C ASP F 539 35.24 -19.55 -22.20
N ILE F 540 34.13 -19.24 -22.84
CA ILE F 540 32.81 -19.47 -22.25
C ILE F 540 32.48 -20.94 -22.02
N ARG F 541 33.12 -21.82 -22.78
CA ARG F 541 32.93 -23.26 -22.62
C ARG F 541 33.36 -23.68 -21.20
N ASP F 542 34.55 -23.22 -20.80
CA ASP F 542 35.08 -23.44 -19.46
C ASP F 542 34.21 -22.80 -18.39
N GLY F 543 33.90 -21.52 -18.58
CA GLY F 543 33.09 -20.77 -17.63
C GLY F 543 31.75 -21.42 -17.37
N ILE F 544 31.05 -21.76 -18.45
CA ILE F 544 29.73 -22.37 -18.34
C ILE F 544 29.83 -23.78 -17.80
N GLU F 545 30.91 -24.48 -18.15
CA GLU F 545 31.17 -25.76 -17.48
C GLU F 545 31.21 -25.56 -15.97
N ALA F 546 32.04 -24.62 -15.51
CA ALA F 546 32.16 -24.33 -14.09
C ALA F 546 30.82 -23.97 -13.46
N LEU F 547 30.10 -23.05 -14.09
CA LEU F 547 28.81 -22.62 -13.57
C LEU F 547 27.82 -23.77 -13.50
N TYR F 548 27.83 -24.61 -14.53
CA TYR F 548 27.01 -25.81 -14.55
C TYR F 548 27.36 -26.71 -13.39
N ARG F 549 28.66 -26.91 -13.15
CA ARG F 549 29.10 -27.69 -12.02
C ARG F 549 28.62 -27.10 -10.71
N ILE F 550 28.62 -25.77 -10.61
CA ILE F 550 28.08 -25.13 -9.43
C ILE F 550 26.59 -25.47 -9.28
N ILE F 551 25.83 -25.38 -10.37
CA ILE F 551 24.42 -25.76 -10.32
C ILE F 551 24.24 -27.22 -9.90
N GLU F 552 25.06 -28.11 -10.45
CA GLU F 552 25.02 -29.52 -10.09
C GLU F 552 25.20 -29.71 -8.58
N ASN F 553 26.18 -29.01 -8.03
CA ASN F 553 26.47 -29.04 -6.60
C ASN F 553 26.68 -30.46 -6.04
N ALA F 554 27.56 -31.22 -6.69
CA ALA F 554 27.87 -32.57 -6.24
C ALA F 554 28.41 -32.58 -4.82
N GLY F 555 27.79 -33.38 -3.96
CA GLY F 555 28.23 -33.51 -2.57
C GLY F 555 28.00 -32.28 -1.72
N ASN F 556 27.17 -31.35 -2.20
CA ASN F 556 26.91 -30.09 -1.48
C ASN F 556 28.20 -29.34 -1.14
N ARG F 557 29.20 -29.49 -2.01
CA ARG F 557 30.51 -28.90 -1.76
C ARG F 557 30.55 -27.40 -2.03
N CYS F 558 29.52 -26.89 -2.70
CA CYS F 558 29.45 -25.45 -3.02
C CYS F 558 28.66 -24.61 -2.01
N ASP F 559 28.12 -25.24 -0.98
CA ASP F 559 27.27 -24.51 -0.04
C ASP F 559 28.08 -23.50 0.76
N GLY F 560 27.66 -22.24 0.67
CA GLY F 560 28.34 -21.17 1.38
C GLY F 560 29.66 -20.78 0.76
N GLU F 561 29.97 -21.37 -0.39
CA GLU F 561 31.25 -21.13 -1.05
C GLU F 561 31.22 -19.93 -2.01
N ILE F 562 32.36 -19.26 -2.09
CA ILE F 562 32.58 -18.20 -3.07
C ILE F 562 33.66 -18.65 -4.06
N ILE F 563 33.30 -18.71 -5.35
CA ILE F 563 34.14 -19.33 -6.37
C ILE F 563 34.49 -18.39 -7.54
N ASN F 564 35.77 -18.05 -7.68
CA ASN F 564 36.24 -17.39 -8.90
C ASN F 564 36.13 -18.35 -10.07
N ILE F 565 35.61 -17.87 -11.21
CA ILE F 565 35.69 -18.63 -12.45
C ILE F 565 36.45 -17.81 -13.48
N GLY F 566 37.67 -18.23 -13.78
CA GLY F 566 38.54 -17.51 -14.69
C GLY F 566 39.73 -18.36 -15.06
N ASN F 567 40.48 -17.91 -16.07
CA ASN F 567 41.71 -18.60 -16.45
C ASN F 567 42.92 -17.71 -16.16
N PRO F 568 43.69 -18.05 -15.12
CA PRO F 568 44.86 -17.22 -14.79
C PRO F 568 46.01 -17.35 -15.80
N GLU F 569 46.05 -18.44 -16.57
CA GLU F 569 47.11 -18.60 -17.55
C GLU F 569 46.87 -17.70 -18.75
N ASN F 570 45.62 -17.28 -18.92
CA ASN F 570 45.29 -16.36 -20.01
C ASN F 570 45.40 -14.97 -19.43
N GLU F 571 46.45 -14.23 -19.79
CA GLU F 571 46.62 -12.88 -19.25
C GLU F 571 47.16 -11.96 -20.33
N ALA F 572 46.47 -10.84 -20.54
CA ALA F 572 46.90 -9.88 -21.56
C ALA F 572 46.44 -8.46 -21.25
N SER F 573 47.26 -7.49 -21.65
CA SER F 573 46.88 -6.09 -21.60
C SER F 573 45.91 -5.81 -22.75
N ILE F 574 45.18 -4.70 -22.64
CA ILE F 574 44.26 -4.32 -23.72
C ILE F 574 45.06 -4.13 -25.00
N GLU F 575 46.29 -3.65 -24.87
CA GLU F 575 47.18 -3.51 -26.03
C GLU F 575 47.51 -4.86 -26.66
N GLU F 576 47.98 -5.79 -25.84
CA GLU F 576 48.33 -7.13 -26.30
C GLU F 576 47.11 -7.81 -26.90
N LEU F 577 45.99 -7.68 -26.21
CA LEU F 577 44.73 -8.20 -26.67
C LEU F 577 44.39 -7.61 -28.04
N GLY F 578 44.54 -6.29 -28.14
CA GLY F 578 44.36 -5.58 -29.39
C GLY F 578 45.19 -6.15 -30.52
N GLU F 579 46.50 -6.30 -30.28
CA GLU F 579 47.39 -6.87 -31.29
C GLU F 579 46.97 -8.29 -31.67
N MET F 580 46.60 -9.11 -30.68
CA MET F 580 46.14 -10.47 -30.95
C MET F 580 44.90 -10.49 -31.84
N LEU F 581 43.88 -9.74 -31.43
CA LEU F 581 42.62 -9.66 -32.19
C LEU F 581 42.84 -9.11 -33.60
N LEU F 582 43.69 -8.08 -33.70
CA LEU F 582 44.04 -7.50 -34.99
C LEU F 582 44.73 -8.55 -35.86
N ALA F 583 45.67 -9.28 -35.26
CA ALA F 583 46.39 -10.35 -35.96
C ALA F 583 45.42 -11.41 -36.48
N SER F 584 44.53 -11.88 -35.61
CA SER F 584 43.52 -12.85 -36.02
C SER F 584 42.61 -12.25 -37.09
N PHE F 585 42.30 -10.96 -36.94
CA PHE F 585 41.43 -10.23 -37.86
C PHE F 585 41.98 -10.13 -39.29
N GLU F 586 43.23 -9.65 -39.41
CA GLU F 586 43.83 -9.42 -40.72
C GLU F 586 43.84 -10.67 -41.60
N LYS F 587 44.04 -11.82 -40.98
CA LYS F 587 44.17 -13.08 -41.70
C LYS F 587 42.84 -13.82 -41.88
N HIS F 588 41.74 -13.22 -41.46
CA HIS F 588 40.44 -13.88 -41.48
C HIS F 588 39.82 -13.83 -42.89
N PRO F 589 39.11 -14.90 -43.30
CA PRO F 589 38.57 -14.95 -44.66
C PRO F 589 37.59 -13.84 -45.04
N LEU F 590 36.88 -13.29 -44.06
CA LEU F 590 35.86 -12.27 -44.30
C LEU F 590 36.40 -10.85 -44.17
N ARG F 591 37.71 -10.75 -43.91
CA ARG F 591 38.37 -9.48 -43.66
C ARG F 591 38.07 -8.38 -44.68
N HIS F 592 38.05 -8.73 -45.96
CA HIS F 592 37.97 -7.74 -47.03
C HIS F 592 36.66 -6.95 -47.04
N HIS F 593 35.65 -7.44 -46.31
CA HIS F 593 34.37 -6.74 -46.20
C HIS F 593 34.41 -5.63 -45.14
N PHE F 594 35.51 -5.52 -44.42
CA PHE F 594 35.62 -4.60 -43.31
C PHE F 594 36.71 -3.55 -43.55
N PRO F 595 36.61 -2.38 -42.90
CA PRO F 595 37.49 -1.25 -43.18
C PRO F 595 38.96 -1.47 -42.82
N PRO F 596 39.85 -0.58 -43.28
CA PRO F 596 41.24 -0.63 -42.83
C PRO F 596 41.33 -0.39 -41.34
N PHE F 597 42.36 -0.92 -40.68
CA PHE F 597 42.49 -0.73 -39.24
C PHE F 597 42.78 0.74 -38.99
N ALA F 598 41.96 1.36 -38.13
CA ALA F 598 42.06 2.80 -37.89
C ALA F 598 43.23 3.13 -37.00
N GLY F 599 43.81 2.11 -36.37
CA GLY F 599 45.01 2.28 -35.57
C GLY F 599 44.74 2.35 -34.08
N PHE F 600 45.82 2.24 -33.31
CA PHE F 600 45.77 2.38 -31.87
C PHE F 600 45.89 3.86 -31.47
N ARG F 601 45.12 4.24 -30.47
CA ARG F 601 45.07 5.61 -29.96
C ARG F 601 45.30 5.64 -28.46
N VAL F 602 46.40 6.24 -28.04
CA VAL F 602 46.69 6.38 -26.62
C VAL F 602 45.76 7.47 -26.08
N VAL F 603 45.03 7.16 -25.01
CA VAL F 603 44.05 8.10 -24.45
C VAL F 603 44.16 8.16 -22.93
N GLU F 604 43.89 9.33 -22.36
CA GLU F 604 43.90 9.49 -20.90
C GLU F 604 42.60 9.01 -20.24
N SER F 605 42.72 8.61 -18.98
CA SER F 605 41.58 8.15 -18.18
C SER F 605 40.47 9.17 -18.12
N SER F 606 40.84 10.44 -18.03
CA SER F 606 39.89 11.52 -17.87
C SER F 606 39.01 11.73 -19.11
N SER F 607 39.25 10.93 -20.14
CA SER F 607 38.44 10.96 -21.36
C SER F 607 37.47 9.77 -21.39
N GLN F 614 39.81 6.02 -12.29
CA GLN F 614 40.75 5.21 -11.51
C GLN F 614 40.66 3.71 -11.85
N ASP F 615 41.53 3.22 -12.71
CA ASP F 615 41.42 1.82 -13.14
C ASP F 615 42.48 0.98 -12.44
N VAL F 616 42.33 -0.34 -12.54
CA VAL F 616 43.25 -1.29 -11.89
C VAL F 616 44.34 -1.80 -12.84
N GLU F 617 45.58 -1.79 -12.37
CA GLU F 617 46.73 -2.16 -13.20
C GLU F 617 46.85 -3.67 -13.42
N HIS F 618 46.36 -4.49 -12.49
CA HIS F 618 46.40 -5.94 -12.66
C HIS F 618 45.22 -6.64 -11.96
N ARG F 619 44.68 -7.67 -12.60
CA ARG F 619 43.74 -8.59 -11.96
C ARG F 619 44.05 -10.06 -12.33
N LYS F 620 44.51 -10.86 -11.37
CA LYS F 620 44.73 -12.30 -11.64
C LYS F 620 43.96 -13.21 -10.66
N PRO F 621 43.00 -14.02 -11.15
CA PRO F 621 42.20 -14.85 -10.24
C PRO F 621 42.90 -16.07 -9.66
N SER F 622 42.62 -16.37 -8.39
CA SER F 622 42.90 -17.69 -7.82
C SER F 622 41.75 -18.64 -8.14
N ILE F 623 42.04 -19.72 -8.86
CA ILE F 623 41.00 -20.70 -9.17
C ILE F 623 41.05 -21.91 -8.22
N ARG F 624 41.84 -21.81 -7.17
CA ARG F 624 41.92 -22.86 -6.14
C ARG F 624 40.54 -23.35 -5.69
N ASN F 625 39.67 -22.39 -5.36
CA ASN F 625 38.31 -22.65 -4.88
C ASN F 625 37.49 -23.46 -5.88
N ALA F 626 37.61 -23.09 -7.14
CA ALA F 626 36.90 -23.76 -8.22
C ALA F 626 37.33 -25.21 -8.32
N HIS F 627 38.64 -25.44 -8.25
CA HIS F 627 39.20 -26.79 -8.24
C HIS F 627 38.72 -27.57 -7.00
N ARG F 628 38.80 -26.94 -5.84
CA ARG F 628 38.44 -27.59 -4.59
C ARG F 628 37.00 -28.07 -4.63
N CYS F 629 36.08 -27.18 -4.99
CA CYS F 629 34.65 -27.51 -4.99
C CYS F 629 34.18 -28.27 -6.23
N LEU F 630 34.60 -27.81 -7.41
CA LEU F 630 34.09 -28.32 -8.68
C LEU F 630 34.94 -29.36 -9.44
N ASP F 631 36.12 -29.69 -8.94
CA ASP F 631 37.07 -30.52 -9.69
C ASP F 631 37.30 -29.94 -11.09
N TRP F 632 37.45 -28.62 -11.15
CA TRP F 632 37.40 -27.87 -12.41
C TRP F 632 38.72 -27.22 -12.80
N GLU F 633 39.03 -27.28 -14.09
CA GLU F 633 40.20 -26.58 -14.63
C GLU F 633 39.86 -25.95 -15.97
N PRO F 634 40.35 -24.73 -16.24
CA PRO F 634 40.11 -24.19 -17.58
C PRO F 634 40.92 -24.95 -18.63
N LYS F 635 40.27 -25.41 -19.70
CA LYS F 635 40.92 -26.23 -20.71
C LYS F 635 41.40 -25.48 -21.95
N ILE F 636 40.97 -24.24 -22.13
CA ILE F 636 41.10 -23.56 -23.42
C ILE F 636 42.18 -22.49 -23.45
N ASP F 637 43.08 -22.61 -24.42
CA ASP F 637 44.14 -21.64 -24.66
C ASP F 637 43.61 -20.31 -25.18
N MET F 638 44.32 -19.23 -24.84
CA MET F 638 43.93 -17.86 -25.20
C MET F 638 43.60 -17.70 -26.69
N GLN F 639 44.47 -18.23 -27.54
CA GLN F 639 44.37 -18.01 -28.97
C GLN F 639 43.09 -18.58 -29.56
N GLU F 640 42.72 -19.79 -29.13
CA GLU F 640 41.50 -20.43 -29.60
C GLU F 640 40.27 -19.63 -29.19
N THR F 641 40.32 -19.08 -27.97
CA THR F 641 39.24 -18.25 -27.46
C THR F 641 39.09 -17.03 -28.37
N ILE F 642 40.21 -16.34 -28.59
CA ILE F 642 40.26 -15.19 -29.49
C ILE F 642 39.67 -15.53 -30.86
N ASP F 643 40.17 -16.60 -31.47
CA ASP F 643 39.75 -16.98 -32.81
C ASP F 643 38.26 -17.32 -32.88
N GLU F 644 37.76 -18.10 -31.93
CA GLU F 644 36.36 -18.50 -31.94
C GLU F 644 35.45 -17.28 -31.75
N THR F 645 35.79 -16.43 -30.78
CA THR F 645 35.01 -15.23 -30.54
C THR F 645 34.99 -14.33 -31.78
N LEU F 646 36.18 -13.99 -32.28
CA LEU F 646 36.28 -13.11 -33.44
C LEU F 646 35.54 -13.71 -34.64
N ASP F 647 35.78 -14.99 -34.91
CA ASP F 647 35.13 -15.67 -36.02
C ASP F 647 33.62 -15.57 -35.92
N PHE F 648 33.06 -16.02 -34.80
CA PHE F 648 31.61 -16.00 -34.63
C PHE F 648 31.06 -14.59 -34.80
N PHE F 649 31.71 -13.61 -34.16
CA PHE F 649 31.24 -12.23 -34.28
C PHE F 649 31.24 -11.76 -35.75
N LEU F 650 32.36 -11.97 -36.45
CA LEU F 650 32.45 -11.56 -37.85
C LEU F 650 31.41 -12.25 -38.71
N ARG F 651 31.10 -13.51 -38.42
CA ARG F 651 30.09 -14.24 -39.21
C ARG F 651 28.69 -13.63 -39.07
N THR F 652 28.45 -12.88 -38.00
CA THR F 652 27.15 -12.25 -37.77
C THR F 652 26.87 -11.00 -38.62
N VAL F 653 27.90 -10.26 -39.00
CA VAL F 653 27.71 -9.00 -39.74
C VAL F 653 26.94 -9.17 -41.05
N ASP F 654 25.93 -8.32 -41.22
CA ASP F 654 25.17 -8.23 -42.46
C ASP F 654 25.94 -7.40 -43.48
N LEU F 655 26.01 -7.88 -44.71
CA LEU F 655 26.73 -7.16 -45.76
C LEU F 655 25.72 -6.68 -46.80
N THR F 656 25.99 -5.51 -47.37
CA THR F 656 25.16 -4.87 -48.40
C THR F 656 25.48 -3.38 -48.45
S1 DTT G . 1.15 13.30 16.34
S1 DTT G . 2.28 15.53 12.83
C1 DTT G . 2.62 13.39 15.28
C1 DTT G . 2.39 13.80 13.36
C2 DTT G . 2.40 12.99 13.82
C2 DTT G . 1.08 13.22 13.90
O2 DTT G . 2.30 14.15 13.02
O2 DTT G . 1.07 13.34 15.30
C3 DTT G . 1.18 12.09 13.59
C3 DTT G . 0.88 11.75 13.52
O3 DTT G . 0.01 12.83 13.84
O3 DTT G . -0.30 11.27 14.14
C4 DTT G . 1.11 11.55 12.16
C4 DTT G . 0.78 11.54 12.01
S4 DTT G . -0.17 10.30 11.80
S4 DTT G . -0.27 10.14 11.55
HS1 DTT G . 1.22 14.24 16.52
HS1 DTT G . 2.95 15.77 13.47
H11 DTT G . 3.00 14.41 15.30
H11 DTT G . 3.15 13.71 14.13
H12 DTT G . 3.39 12.75 15.70
H12 DTT G . 2.72 13.19 12.52
H2 DTT G . 3.27 12.43 13.50
H2 DTT G . 0.25 13.80 13.48
HO2 DTT G . 1.48 14.13 12.50
HO2 DTT G . 0.94 12.45 15.71
H3 DTT G . 1.23 11.24 14.28
H3 DTT G . 1.74 11.18 13.89
HO3 DTT G . -0.55 12.82 13.03
HO3 DTT G . -0.90 10.91 13.46
H41 DTT G . 0.97 12.38 11.48
H41 DTT G . 0.38 12.44 11.55
H42 DTT G . 2.08 11.10 11.91
H42 DTT G . 1.78 11.39 11.61
HS2 DTT G . 0.29 10.06 11.00
HS2 DTT G . 0.30 9.55 12.05
C ACT H . -59.75 18.47 -3.07
O ACT H . -60.10 17.52 -2.34
OXT ACT H . -60.50 18.73 -4.03
CH3 ACT H . -58.50 19.26 -2.78
H1 ACT H . -58.38 20.04 -3.52
H2 ACT H . -57.64 18.59 -2.81
H3 ACT H . -58.57 19.71 -1.78
S1 DTT I . -0.22 -10.51 -12.64
S1 DTT I . -0.29 -10.66 -12.79
C1 DTT I . 0.38 -12.17 -13.03
C1 DTT I . 0.40 -12.32 -13.07
C2 DTT I . 0.96 -12.30 -14.44
C2 DTT I . 0.87 -12.55 -14.50
O2 DTT I . -0.03 -11.92 -15.39
O2 DTT I . 0.00 -11.85 -15.38
C3 DTT I . 1.44 -13.72 -14.75
C3 DTT I . 0.89 -14.03 -14.88
O3 DTT I . 0.37 -14.62 -14.63
O3 DTT I . 1.08 -14.16 -16.27
C4 DTT I . 2.04 -13.82 -16.14
C4 DTT I . 1.99 -14.78 -14.13
S4 DTT I . 0.79 -14.02 -17.45
S4 DTT I . 1.70 -16.57 -13.99
HS1 DTT I . 0.41 -10.46 -11.92
HS1 DTT I . 0.38 -10.48 -12.14
H11 DTT I . -0.44 -12.89 -12.92
H11 DTT I . -0.34 -13.07 -12.81
H12 DTT I . 1.15 -12.45 -12.31
H12 DTT I . 1.25 -12.46 -12.40
H2 DTT I . 1.81 -11.62 -14.53
H2 DTT I . 1.88 -12.15 -14.61
HO2 DTT I . -0.17 -12.65 -16.02
HO2 DTT I . -0.38 -12.49 -16.03
H3 DTT I . 2.21 -13.97 -14.03
H3 DTT I . -0.07 -14.47 -14.59
HO3 DTT I . 0.25 -15.10 -15.47
HO3 DTT I . 1.88 -14.71 -16.43
H41 DTT I . 2.63 -12.94 -16.35
H41 DTT I . 2.08 -14.37 -13.12
H42 DTT I . 2.71 -14.68 -16.18
H42 DTT I . 2.95 -14.62 -14.64
HS2 DTT I . 1.44 -14.44 -18.02
HS2 DTT I . 2.30 -16.61 -13.24
C ACT J . 36.40 -45.88 25.88
O ACT J . 36.37 -46.58 26.91
OXT ACT J . 35.39 -45.18 25.64
CH3 ACT J . 37.62 -45.87 25.02
H1 ACT J . 37.47 -45.18 24.19
H2 ACT J . 37.80 -46.87 24.63
H3 ACT J . 38.48 -45.55 25.61
#